data_2KB2
#
_entry.id   2KB2
#
loop_
_entity.id
_entity.type
_entity.pdbx_description
1 polymer BlrP1
2 non-polymer 'FLAVIN MONONUCLEOTIDE'
#
_entity_poly.entity_id   1
_entity_poly.type   'polypeptide(L)'
_entity_poly.pdbx_seq_one_letter_code
;GEFMLTTLIYRSQVHPDRPPVDLDALVHRASSKNLPLGITGILLFNGLQFFQVLEGTEEALESLFSEIQSDPRHRDVVEL
MRDYSAYRRFHGTGMRILDLRLFETDGALEEILRFSTFGVTEPVNDRMFRLLSAFIADGGRYCLPEPL
;
_entity_poly.pdbx_strand_id   A
#
loop_
_chem_comp.id
_chem_comp.type
_chem_comp.name
_chem_comp.formula
FMN non-polymer 'FLAVIN MONONUCLEOTIDE' 'C17 H21 N4 O9 P'
#
# COMPACT_ATOMS: atom_id res chain seq x y z
N GLY A 1 19.90 -18.18 -1.36
CA GLY A 1 19.32 -18.91 -0.20
C GLY A 1 17.89 -18.50 0.08
N GLU A 2 17.27 -19.15 1.06
CA GLU A 2 15.89 -18.85 1.44
C GLU A 2 15.85 -17.91 2.63
N PHE A 3 15.44 -16.67 2.38
CA PHE A 3 15.36 -15.66 3.44
C PHE A 3 13.92 -15.41 3.84
N MET A 4 13.71 -15.09 5.10
CA MET A 4 12.37 -14.83 5.64
C MET A 4 11.73 -13.63 4.96
N LEU A 5 10.42 -13.50 5.12
CA LEU A 5 9.67 -12.40 4.53
C LEU A 5 9.67 -11.16 5.42
N THR A 6 9.14 -10.08 4.88
CA THR A 6 9.07 -8.81 5.57
C THR A 6 7.95 -7.96 4.97
N THR A 7 7.42 -7.00 5.73
CA THR A 7 6.36 -6.15 5.21
C THR A 7 6.70 -4.67 5.32
N LEU A 8 7.12 -4.09 4.21
CA LEU A 8 7.42 -2.68 4.17
C LEU A 8 6.19 -1.95 3.69
N ILE A 9 5.89 -0.83 4.30
CA ILE A 9 4.72 -0.06 3.91
C ILE A 9 5.07 1.42 3.87
N TYR A 10 4.56 2.14 2.88
CA TYR A 10 4.88 3.56 2.75
C TYR A 10 3.71 4.34 2.19
N ARG A 11 3.80 5.67 2.27
CA ARG A 11 2.75 6.53 1.76
C ARG A 11 3.32 7.84 1.24
N SER A 12 2.86 8.25 0.06
CA SER A 12 3.32 9.47 -0.56
C SER A 12 2.15 10.39 -0.85
N GLN A 13 2.34 11.26 -1.84
CA GLN A 13 1.28 12.17 -2.24
C GLN A 13 1.00 12.05 -3.73
N VAL A 14 0.79 13.21 -4.34
CA VAL A 14 0.50 13.30 -5.75
C VAL A 14 0.53 14.77 -6.17
N HIS A 15 0.11 15.07 -7.40
CA HIS A 15 0.07 16.43 -7.87
C HIS A 15 -1.30 17.05 -7.58
N PRO A 16 -1.43 17.78 -6.46
CA PRO A 16 -2.69 18.44 -6.07
C PRO A 16 -3.19 19.42 -7.11
N ASP A 17 -2.31 19.79 -8.03
CA ASP A 17 -2.66 20.74 -9.08
C ASP A 17 -2.85 20.06 -10.43
N ARG A 18 -2.02 19.05 -10.72
CA ARG A 18 -2.09 18.33 -11.98
C ARG A 18 -3.24 17.31 -11.97
N PRO A 19 -3.58 16.72 -13.14
CA PRO A 19 -4.69 15.76 -13.25
C PRO A 19 -4.44 14.46 -12.48
N PRO A 20 -5.49 13.60 -12.39
CA PRO A 20 -5.42 12.32 -11.68
C PRO A 20 -4.34 11.38 -12.21
N VAL A 21 -4.09 10.30 -11.45
CA VAL A 21 -3.10 9.31 -11.81
C VAL A 21 -3.70 8.15 -12.60
N ASP A 22 -2.86 7.49 -13.39
CA ASP A 22 -3.29 6.35 -14.18
C ASP A 22 -3.25 5.10 -13.31
N LEU A 23 -4.01 5.15 -12.23
CA LEU A 23 -4.11 4.07 -11.25
C LEU A 23 -4.42 2.70 -11.85
N ASP A 24 -4.53 2.63 -13.15
CA ASP A 24 -4.76 1.37 -13.83
C ASP A 24 -3.46 0.90 -14.41
N ALA A 25 -2.77 1.85 -15.01
CA ALA A 25 -1.48 1.64 -15.63
C ALA A 25 -0.36 1.74 -14.61
N LEU A 26 -0.65 2.46 -13.53
CA LEU A 26 0.29 2.70 -12.45
C LEU A 26 0.55 1.42 -11.66
N VAL A 27 -0.52 0.69 -11.39
CA VAL A 27 -0.44 -0.55 -10.64
C VAL A 27 -0.10 -1.72 -11.56
N HIS A 28 -0.54 -1.64 -12.81
CA HIS A 28 -0.29 -2.69 -13.78
C HIS A 28 1.21 -2.95 -13.95
N ARG A 29 1.95 -1.90 -14.30
CA ARG A 29 3.39 -2.00 -14.49
C ARG A 29 4.08 -2.41 -13.19
N ALA A 30 3.43 -2.16 -12.06
CA ALA A 30 4.00 -2.50 -10.76
C ALA A 30 3.89 -3.99 -10.49
N SER A 31 2.68 -4.52 -10.61
CA SER A 31 2.43 -5.94 -10.38
C SER A 31 3.35 -6.81 -11.23
N SER A 32 3.54 -6.43 -12.49
CA SER A 32 4.38 -7.17 -13.39
C SER A 32 5.80 -7.30 -12.86
N LYS A 33 6.24 -6.32 -12.07
CA LYS A 33 7.58 -6.33 -11.50
C LYS A 33 7.64 -7.11 -10.19
N ASN A 34 6.72 -6.81 -9.29
CA ASN A 34 6.67 -7.45 -7.98
C ASN A 34 6.34 -8.94 -8.06
N LEU A 35 5.46 -9.30 -8.99
CA LEU A 35 5.06 -10.69 -9.14
C LEU A 35 6.27 -11.62 -9.27
N PRO A 36 7.11 -11.42 -10.30
CA PRO A 36 8.29 -12.25 -10.51
C PRO A 36 9.34 -12.03 -9.43
N LEU A 37 9.31 -10.84 -8.84
CA LEU A 37 10.24 -10.47 -7.79
C LEU A 37 9.93 -11.21 -6.50
N GLY A 38 8.69 -11.68 -6.40
CA GLY A 38 8.26 -12.41 -5.22
C GLY A 38 7.55 -11.51 -4.23
N ILE A 39 7.36 -10.26 -4.63
CA ILE A 39 6.71 -9.27 -3.78
C ILE A 39 5.20 -9.30 -3.98
N THR A 40 4.47 -8.81 -2.97
CA THR A 40 3.02 -8.76 -3.02
C THR A 40 2.50 -7.57 -2.22
N GLY A 41 1.29 -7.12 -2.50
CA GLY A 41 0.77 -6.00 -1.77
C GLY A 41 -0.42 -5.32 -2.40
N ILE A 42 -0.68 -4.09 -1.97
CA ILE A 42 -1.80 -3.30 -2.46
C ILE A 42 -1.49 -1.81 -2.38
N LEU A 43 -1.98 -1.05 -3.34
CA LEU A 43 -1.78 0.38 -3.38
C LEU A 43 -3.09 1.12 -3.10
N LEU A 44 -2.97 2.40 -2.78
CA LEU A 44 -4.15 3.21 -2.49
C LEU A 44 -4.00 4.63 -3.01
N PHE A 45 -5.14 5.28 -3.24
CA PHE A 45 -5.15 6.65 -3.72
C PHE A 45 -6.41 7.35 -3.20
N ASN A 46 -6.26 8.58 -2.70
CA ASN A 46 -7.39 9.31 -2.17
C ASN A 46 -7.52 10.66 -2.85
N GLY A 47 -6.76 10.84 -3.92
CA GLY A 47 -6.80 12.09 -4.64
C GLY A 47 -5.72 13.05 -4.20
N LEU A 48 -4.90 12.59 -3.25
CA LEU A 48 -3.82 13.42 -2.75
C LEU A 48 -2.62 12.57 -2.36
N GLN A 49 -2.88 11.36 -1.85
CA GLN A 49 -1.79 10.48 -1.41
C GLN A 49 -1.86 9.08 -2.01
N PHE A 50 -0.76 8.34 -1.79
CA PHE A 50 -0.63 6.96 -2.24
C PHE A 50 -0.17 6.08 -1.10
N PHE A 51 -0.94 5.06 -0.77
CA PHE A 51 -0.57 4.16 0.32
C PHE A 51 -0.28 2.78 -0.23
N GLN A 52 0.91 2.25 0.03
CA GLN A 52 1.26 0.94 -0.48
C GLN A 52 1.64 -0.02 0.62
N VAL A 53 1.14 -1.24 0.49
CA VAL A 53 1.42 -2.29 1.44
C VAL A 53 2.30 -3.31 0.77
N LEU A 54 3.59 -3.23 1.05
CA LEU A 54 4.52 -4.14 0.46
C LEU A 54 4.89 -5.25 1.42
N GLU A 55 4.78 -6.48 0.93
CA GLU A 55 5.11 -7.64 1.74
C GLU A 55 5.90 -8.66 0.92
N GLY A 56 7.15 -8.85 1.32
CA GLY A 56 8.03 -9.77 0.65
C GLY A 56 9.41 -9.73 1.26
N THR A 57 10.41 -10.23 0.54
CA THR A 57 11.77 -10.23 1.05
C THR A 57 12.23 -8.80 1.32
N GLU A 58 12.74 -8.59 2.54
CA GLU A 58 13.22 -7.28 2.97
C GLU A 58 14.15 -6.65 1.94
N GLU A 59 15.01 -7.46 1.34
CA GLU A 59 15.95 -6.97 0.34
C GLU A 59 15.23 -6.33 -0.83
N ALA A 60 14.07 -6.87 -1.14
CA ALA A 60 13.26 -6.37 -2.24
C ALA A 60 12.44 -5.16 -1.82
N LEU A 61 11.94 -5.18 -0.59
CA LEU A 61 11.13 -4.09 -0.07
C LEU A 61 11.92 -2.78 -0.06
N GLU A 62 13.18 -2.86 0.34
CA GLU A 62 14.03 -1.67 0.41
C GLU A 62 14.25 -1.08 -0.98
N SER A 63 14.80 -1.90 -1.88
CA SER A 63 15.08 -1.47 -3.25
C SER A 63 13.82 -0.93 -3.92
N LEU A 64 12.72 -1.66 -3.74
CA LEU A 64 11.44 -1.29 -4.33
C LEU A 64 11.05 0.09 -3.83
N PHE A 65 10.81 0.15 -2.54
CA PHE A 65 10.45 1.39 -1.86
C PHE A 65 11.40 2.51 -2.25
N SER A 66 12.65 2.16 -2.55
CA SER A 66 13.64 3.15 -2.96
C SER A 66 13.37 3.60 -4.38
N GLU A 67 12.82 2.70 -5.19
CA GLU A 67 12.48 3.00 -6.56
C GLU A 67 11.29 3.94 -6.58
N ILE A 68 10.48 3.81 -5.54
CA ILE A 68 9.29 4.60 -5.36
C ILE A 68 9.62 6.07 -5.09
N GLN A 69 10.46 6.33 -4.09
CA GLN A 69 10.81 7.70 -3.76
C GLN A 69 11.58 8.36 -4.90
N SER A 70 11.98 7.55 -5.88
CA SER A 70 12.71 8.06 -7.04
C SER A 70 11.74 8.42 -8.17
N ASP A 71 10.45 8.22 -7.90
CA ASP A 71 9.41 8.52 -8.88
C ASP A 71 9.04 10.00 -8.84
N PRO A 72 8.64 10.58 -9.99
CA PRO A 72 8.28 11.99 -10.08
C PRO A 72 6.78 12.26 -9.90
N ARG A 73 5.96 11.20 -9.93
CA ARG A 73 4.53 11.37 -9.78
C ARG A 73 4.18 11.91 -8.39
N HIS A 74 4.20 11.02 -7.40
CA HIS A 74 3.91 11.41 -6.02
C HIS A 74 4.99 12.38 -5.52
N ARG A 75 5.24 12.41 -4.21
CA ARG A 75 6.26 13.32 -3.68
C ARG A 75 6.73 12.96 -2.27
N ASP A 76 5.79 12.94 -1.33
CA ASP A 76 6.12 12.69 0.07
C ASP A 76 6.01 11.23 0.48
N VAL A 77 6.63 10.35 -0.27
CA VAL A 77 6.63 8.93 0.07
C VAL A 77 7.54 8.69 1.27
N VAL A 78 6.95 8.23 2.36
CA VAL A 78 7.69 7.99 3.58
C VAL A 78 7.45 6.57 4.07
N GLU A 79 8.53 5.91 4.52
CA GLU A 79 8.43 4.55 5.02
C GLU A 79 7.53 4.52 6.24
N LEU A 80 6.35 3.93 6.06
CA LEU A 80 5.39 3.80 7.13
C LEU A 80 5.71 2.63 8.04
N MET A 81 6.16 1.56 7.42
CA MET A 81 6.48 0.33 8.13
C MET A 81 7.56 -0.51 7.50
N ARG A 82 7.92 -1.52 8.25
CA ARG A 82 8.93 -2.50 7.85
C ARG A 82 9.15 -3.48 8.98
N ASP A 83 8.34 -4.52 8.97
CA ASP A 83 8.38 -5.55 10.01
C ASP A 83 8.63 -6.93 9.43
N TYR A 84 9.33 -7.76 10.20
CA TYR A 84 9.64 -9.12 9.78
C TYR A 84 8.37 -9.95 9.65
N SER A 85 8.39 -10.91 8.74
CA SER A 85 7.24 -11.79 8.52
C SER A 85 7.67 -13.15 8.01
N ALA A 86 6.72 -14.08 8.00
CA ALA A 86 7.00 -15.44 7.55
C ALA A 86 5.89 -15.96 6.63
N TYR A 87 4.97 -15.08 6.27
CA TYR A 87 3.86 -15.45 5.41
C TYR A 87 3.38 -14.28 4.57
N ARG A 88 2.60 -14.59 3.54
CA ARG A 88 2.07 -13.57 2.63
C ARG A 88 0.57 -13.40 2.82
N ARG A 89 0.14 -12.17 3.10
CA ARG A 89 -1.28 -11.89 3.29
C ARG A 89 -2.02 -11.92 1.96
N PHE A 90 -1.42 -11.31 0.93
CA PHE A 90 -2.03 -11.29 -0.40
C PHE A 90 -1.45 -12.40 -1.28
N HIS A 91 -2.14 -13.53 -1.32
CA HIS A 91 -1.70 -14.66 -2.12
C HIS A 91 -2.31 -14.64 -3.52
N GLY A 92 -1.57 -14.11 -4.48
CA GLY A 92 -2.07 -14.05 -5.85
C GLY A 92 -2.11 -12.65 -6.41
N THR A 93 -2.23 -11.66 -5.53
CA THR A 93 -2.28 -10.26 -5.97
C THR A 93 -0.95 -9.55 -5.70
N GLY A 94 -0.14 -9.44 -6.75
CA GLY A 94 1.15 -8.78 -6.61
C GLY A 94 1.02 -7.32 -6.26
N MET A 95 0.26 -6.59 -7.07
CA MET A 95 0.05 -5.15 -6.85
C MET A 95 -1.39 -4.78 -7.23
N ARG A 96 -2.07 -4.01 -6.38
CA ARG A 96 -3.45 -3.61 -6.68
C ARG A 96 -3.81 -2.30 -6.00
N ILE A 97 -3.86 -1.23 -6.76
CA ILE A 97 -4.19 0.08 -6.23
C ILE A 97 -5.66 0.13 -5.80
N LEU A 98 -5.98 1.10 -4.96
CA LEU A 98 -7.34 1.28 -4.47
C LEU A 98 -7.77 2.73 -4.54
N ASP A 99 -8.42 3.11 -5.63
CA ASP A 99 -8.91 4.46 -5.78
C ASP A 99 -9.98 4.72 -4.73
N LEU A 100 -9.54 5.14 -3.55
CA LEU A 100 -10.46 5.41 -2.47
C LEU A 100 -11.48 6.45 -2.86
N ARG A 101 -11.15 7.24 -3.87
CA ARG A 101 -12.05 8.27 -4.37
C ARG A 101 -13.36 7.61 -4.80
N LEU A 102 -13.30 6.30 -4.99
CA LEU A 102 -14.45 5.52 -5.39
C LEU A 102 -15.20 4.98 -4.18
N PHE A 103 -14.45 4.45 -3.20
CA PHE A 103 -15.05 3.89 -2.00
C PHE A 103 -14.97 4.87 -0.83
N GLU A 104 -14.91 4.31 0.38
CA GLU A 104 -14.83 5.10 1.59
C GLU A 104 -13.96 4.39 2.61
N THR A 105 -14.09 4.76 3.87
CA THR A 105 -13.30 4.14 4.92
C THR A 105 -13.63 2.66 5.05
N ASP A 106 -14.89 2.35 5.34
CA ASP A 106 -15.30 0.95 5.47
C ASP A 106 -15.42 0.30 4.11
N GLY A 107 -15.67 1.13 3.10
CA GLY A 107 -15.78 0.62 1.75
C GLY A 107 -14.45 0.12 1.23
N ALA A 108 -13.50 1.04 1.10
CA ALA A 108 -12.17 0.69 0.62
C ALA A 108 -11.60 -0.47 1.41
N LEU A 109 -11.68 -0.38 2.74
CA LEU A 109 -11.17 -1.44 3.58
C LEU A 109 -11.79 -2.78 3.19
N GLU A 110 -13.07 -2.75 2.79
CA GLU A 110 -13.75 -3.96 2.36
C GLU A 110 -13.12 -4.50 1.08
N GLU A 111 -12.74 -3.58 0.20
CA GLU A 111 -12.07 -3.94 -1.05
C GLU A 111 -10.91 -4.87 -0.77
N ILE A 112 -9.97 -4.35 0.01
CA ILE A 112 -8.80 -5.14 0.37
C ILE A 112 -9.22 -6.54 0.82
N LEU A 113 -10.06 -6.59 1.85
CA LEU A 113 -10.54 -7.84 2.41
C LEU A 113 -11.06 -8.82 1.35
N ARG A 114 -11.98 -8.35 0.51
CA ARG A 114 -12.59 -9.20 -0.52
C ARG A 114 -11.55 -9.89 -1.39
N PHE A 115 -10.42 -9.24 -1.66
CA PHE A 115 -9.39 -9.85 -2.49
C PHE A 115 -8.09 -10.06 -1.73
N SER A 116 -8.13 -9.85 -0.42
CA SER A 116 -6.94 -10.01 0.41
C SER A 116 -6.83 -11.43 0.95
N THR A 117 -7.98 -12.07 1.16
CA THR A 117 -8.03 -13.42 1.68
C THR A 117 -7.25 -13.53 3.00
N PHE A 118 -7.03 -12.37 3.63
CA PHE A 118 -6.32 -12.30 4.89
C PHE A 118 -6.81 -13.38 5.87
N GLY A 119 -5.96 -14.36 6.10
CA GLY A 119 -6.29 -15.45 7.01
C GLY A 119 -5.24 -15.60 8.09
N VAL A 120 -4.49 -14.52 8.32
CA VAL A 120 -3.44 -14.51 9.31
C VAL A 120 -4.00 -14.72 10.71
N THR A 121 -3.15 -14.52 11.72
CA THR A 121 -3.56 -14.68 13.10
C THR A 121 -4.72 -13.75 13.43
N GLU A 122 -4.51 -12.46 13.21
CA GLU A 122 -5.53 -11.46 13.47
C GLU A 122 -5.11 -10.11 12.88
N PRO A 123 -5.90 -9.57 11.92
CA PRO A 123 -5.58 -8.28 11.29
C PRO A 123 -5.68 -7.14 12.29
N VAL A 124 -6.10 -7.47 13.52
CA VAL A 124 -6.26 -6.49 14.58
C VAL A 124 -4.97 -5.70 14.84
N ASN A 125 -4.06 -6.32 15.60
CA ASN A 125 -2.80 -5.66 15.94
C ASN A 125 -1.80 -5.74 14.79
N ASP A 126 -2.29 -6.08 13.61
CA ASP A 126 -1.44 -6.18 12.43
C ASP A 126 -0.78 -4.84 12.13
N ARG A 127 0.55 -4.81 12.24
CA ARG A 127 1.32 -3.59 11.97
C ARG A 127 0.92 -2.95 10.64
N MET A 128 0.71 -3.80 9.65
CA MET A 128 0.31 -3.33 8.32
C MET A 128 -1.07 -2.70 8.35
N PHE A 129 -2.03 -3.44 8.89
CA PHE A 129 -3.41 -2.97 8.98
C PHE A 129 -3.48 -1.63 9.71
N ARG A 130 -2.56 -1.41 10.65
CA ARG A 130 -2.50 -0.17 11.39
C ARG A 130 -2.47 1.01 10.43
N LEU A 131 -1.60 0.89 9.44
CA LEU A 131 -1.42 1.91 8.42
C LEU A 131 -2.54 1.83 7.39
N LEU A 132 -2.78 0.62 6.90
CA LEU A 132 -3.81 0.36 5.91
C LEU A 132 -5.13 1.06 6.27
N SER A 133 -5.67 0.74 7.44
CA SER A 133 -6.93 1.33 7.89
C SER A 133 -6.76 2.79 8.27
N ALA A 134 -5.53 3.20 8.57
CA ALA A 134 -5.27 4.59 8.93
C ALA A 134 -5.39 5.49 7.69
N PHE A 135 -5.05 4.93 6.54
CA PHE A 135 -5.13 5.66 5.29
C PHE A 135 -6.57 5.64 4.80
N ILE A 136 -7.22 4.52 5.04
CA ILE A 136 -8.61 4.34 4.66
C ILE A 136 -9.51 5.20 5.55
N ALA A 137 -9.06 5.38 6.78
CA ALA A 137 -9.78 6.14 7.78
C ALA A 137 -9.49 7.64 7.72
N ASP A 138 -8.22 7.97 7.85
CA ASP A 138 -7.80 9.36 7.85
C ASP A 138 -7.34 9.85 6.48
N GLY A 139 -6.70 8.96 5.74
CA GLY A 139 -6.22 9.32 4.41
C GLY A 139 -5.27 10.50 4.43
N GLY A 140 -4.86 10.92 5.63
CA GLY A 140 -3.94 12.03 5.75
C GLY A 140 -4.53 13.21 6.51
N ARG A 141 -3.94 13.50 7.68
CA ARG A 141 -4.39 14.60 8.52
C ARG A 141 -5.88 14.55 8.77
N TYR A 142 -6.27 13.92 9.88
CA TYR A 142 -7.67 13.80 10.24
C TYR A 142 -8.22 15.14 10.71
N CYS A 143 -9.46 15.13 11.20
CA CYS A 143 -10.11 16.34 11.69
C CYS A 143 -11.44 16.01 12.36
N LEU A 144 -11.62 14.74 12.72
CA LEU A 144 -12.84 14.30 13.38
C LEU A 144 -12.79 14.56 14.88
N PRO A 145 -11.73 14.08 15.58
CA PRO A 145 -11.60 14.27 17.03
C PRO A 145 -11.02 15.64 17.36
N GLU A 146 -11.33 16.12 18.57
CA GLU A 146 -10.86 17.43 19.03
C GLU A 146 -11.26 18.53 18.05
N PRO A 147 -12.40 19.19 18.30
CA PRO A 147 -12.91 20.26 17.45
C PRO A 147 -12.37 21.63 17.85
N LEU A 148 -12.84 22.67 17.17
CA LEU A 148 -12.41 24.03 17.46
C LEU A 148 -12.97 24.51 18.79
N1 FMN B . 6.75 -0.37 -9.24
C2 FMN B . 6.84 -1.55 -8.54
O2 FMN B . 7.48 -2.51 -8.91
N3 FMN B . 6.15 -1.68 -7.28
C4 FMN B . 5.39 -0.69 -6.73
O4 FMN B . 4.83 -0.88 -5.64
C4A FMN B . 5.28 0.56 -7.47
N5 FMN B . 4.56 1.57 -7.01
C5A FMN B . 4.48 2.73 -7.74
C6 FMN B . 3.67 3.84 -7.23
C7 FMN B . 3.54 5.03 -7.90
C7M FMN B . 2.69 6.20 -7.34
C8 FMN B . 4.24 5.22 -9.19
C8M FMN B . 4.14 6.51 -9.98
C9 FMN B . 5.02 4.16 -9.70
C9A FMN B . 5.16 2.93 -9.03
N10 FMN B . 5.93 1.82 -9.48
C10 FMN B . 6.02 0.63 -8.77
C1' FMN B . 6.67 1.90 -10.77
C2' FMN B . 5.77 1.52 -11.96
O2' FMN B . 5.32 0.19 -11.78
C3' FMN B . 6.38 1.75 -13.32
O3' FMN B . 7.76 1.39 -13.26
C4' FMN B . 6.16 3.13 -13.92
O4' FMN B . 4.75 3.36 -13.99
C5' FMN B . 6.84 3.42 -15.24
O5' FMN B . 7.61 2.29 -15.69
P FMN B . 8.53 2.36 -16.97
O1P FMN B . 9.56 3.45 -16.74
O2P FMN B . 7.66 2.58 -18.17
O3P FMN B . 9.25 0.97 -16.99
HN3 FMN B . 6.11 -2.57 -6.87
H6 FMN B . 3.07 3.69 -6.34
HM71 FMN B . 2.56 6.08 -6.27
HM72 FMN B . 1.71 6.20 -7.82
HM73 FMN B . 3.19 7.14 -7.54
HM81 FMN B . 4.91 6.53 -10.74
HM82 FMN B . 3.17 6.57 -10.45
HM83 FMN B . 4.27 7.35 -9.31
H9 FMN B . 5.53 4.29 -10.64
H1'1 FMN B . 7.51 1.22 -10.73
H1'2 FMN B . 7.02 2.91 -10.91
H2' FMN B . 4.90 2.15 -11.89
HO2' FMN B . 6.05 -0.42 -11.91
H3' FMN B . 5.90 1.04 -13.99
HO3' FMN B . 8.24 2.04 -12.75
H4' FMN B . 6.55 3.83 -13.20
HO4' FMN B . 4.29 2.63 -13.58
H5'1 FMN B . 7.51 4.26 -15.11
H5'2 FMN B . 6.10 3.66 -15.98
N GLY A 1 16.29 -19.92 -2.22
CA GLY A 1 14.96 -20.60 -2.26
C GLY A 1 14.09 -20.24 -1.08
N GLU A 2 14.46 -20.69 0.11
CA GLU A 2 13.70 -20.42 1.32
C GLU A 2 14.37 -19.30 2.12
N PHE A 3 13.67 -18.18 2.25
CA PHE A 3 14.18 -17.04 3.00
C PHE A 3 13.07 -16.29 3.70
N MET A 4 13.43 -15.53 4.73
CA MET A 4 12.47 -14.76 5.50
C MET A 4 11.78 -13.71 4.64
N LEU A 5 10.66 -13.20 5.14
CA LEU A 5 9.89 -12.18 4.43
C LEU A 5 9.80 -10.92 5.27
N THR A 6 9.20 -9.90 4.70
CA THR A 6 9.05 -8.61 5.37
C THR A 6 7.89 -7.82 4.77
N THR A 7 7.33 -6.89 5.54
CA THR A 7 6.22 -6.08 5.06
C THR A 7 6.52 -4.60 5.19
N LEU A 8 7.02 -4.01 4.12
CA LEU A 8 7.32 -2.60 4.10
C LEU A 8 6.10 -1.84 3.61
N ILE A 9 5.69 -0.84 4.35
CA ILE A 9 4.55 -0.05 3.99
C ILE A 9 4.91 1.44 3.99
N TYR A 10 4.40 2.19 3.03
CA TYR A 10 4.72 3.62 2.95
C TYR A 10 3.54 4.42 2.46
N ARG A 11 3.67 5.73 2.53
CA ARG A 11 2.63 6.62 2.05
C ARG A 11 3.22 7.91 1.54
N SER A 12 2.78 8.32 0.37
CA SER A 12 3.26 9.54 -0.26
C SER A 12 2.10 10.45 -0.58
N GLN A 13 2.30 11.35 -1.54
CA GLN A 13 1.26 12.25 -1.95
C GLN A 13 1.05 12.15 -3.46
N VAL A 14 0.89 13.31 -4.07
CA VAL A 14 0.68 13.40 -5.50
C VAL A 14 0.84 14.85 -5.93
N HIS A 15 0.63 15.12 -7.21
CA HIS A 15 0.76 16.47 -7.72
C HIS A 15 -0.62 17.14 -7.83
N PRO A 16 -1.01 17.92 -6.80
CA PRO A 16 -2.30 18.62 -6.78
C PRO A 16 -2.50 19.49 -8.01
N ASP A 17 -1.41 19.75 -8.70
CA ASP A 17 -1.43 20.58 -9.90
C ASP A 17 -1.59 19.73 -11.16
N ARG A 18 -1.02 18.52 -11.13
CA ARG A 18 -1.10 17.60 -12.26
C ARG A 18 -2.48 16.95 -12.33
N PRO A 19 -2.79 16.24 -13.44
CA PRO A 19 -4.08 15.58 -13.62
C PRO A 19 -4.14 14.23 -12.88
N PRO A 20 -5.28 13.53 -12.93
CA PRO A 20 -5.45 12.24 -12.24
C PRO A 20 -4.36 11.24 -12.59
N VAL A 21 -4.21 10.21 -11.75
CA VAL A 21 -3.21 9.18 -11.97
C VAL A 21 -3.76 8.02 -12.77
N ASP A 22 -2.87 7.33 -13.48
CA ASP A 22 -3.26 6.18 -14.25
C ASP A 22 -3.25 4.95 -13.36
N LEU A 23 -4.06 5.04 -12.31
CA LEU A 23 -4.19 3.99 -11.30
C LEU A 23 -4.51 2.62 -11.89
N ASP A 24 -4.56 2.52 -13.19
CA ASP A 24 -4.79 1.27 -13.86
C ASP A 24 -3.47 0.75 -14.37
N ALA A 25 -2.74 1.67 -14.96
CA ALA A 25 -1.43 1.42 -15.53
C ALA A 25 -0.35 1.53 -14.46
N LEU A 26 -0.63 2.35 -13.45
CA LEU A 26 0.28 2.59 -12.36
C LEU A 26 0.51 1.33 -11.54
N VAL A 27 -0.57 0.61 -11.31
CA VAL A 27 -0.52 -0.62 -10.54
C VAL A 27 -0.16 -1.83 -11.41
N HIS A 28 -0.70 -1.85 -12.63
CA HIS A 28 -0.45 -2.93 -13.56
C HIS A 28 1.05 -3.23 -13.70
N ARG A 29 1.79 -2.21 -14.09
CA ARG A 29 3.25 -2.35 -14.27
C ARG A 29 3.93 -2.80 -12.98
N ALA A 30 3.29 -2.56 -11.84
CA ALA A 30 3.86 -2.95 -10.55
C ALA A 30 3.65 -4.43 -10.27
N SER A 31 2.40 -4.85 -10.21
CA SER A 31 2.05 -6.24 -9.93
C SER A 31 2.83 -7.22 -10.81
N SER A 32 3.10 -6.81 -12.05
CA SER A 32 3.82 -7.66 -12.99
C SER A 32 5.30 -7.82 -12.60
N LYS A 33 5.87 -6.76 -12.03
CA LYS A 33 7.27 -6.79 -11.62
C LYS A 33 7.44 -7.38 -10.21
N ASN A 34 6.43 -7.19 -9.37
CA ASN A 34 6.47 -7.69 -8.00
C ASN A 34 6.16 -9.18 -7.93
N LEU A 35 5.30 -9.65 -8.83
CA LEU A 35 4.90 -11.04 -8.84
C LEU A 35 6.10 -11.99 -8.93
N PRO A 36 6.89 -11.93 -10.02
CA PRO A 36 8.06 -12.80 -10.20
C PRO A 36 9.14 -12.51 -9.19
N LEU A 37 9.12 -11.29 -8.67
CA LEU A 37 10.10 -10.84 -7.68
C LEU A 37 9.83 -11.43 -6.31
N GLY A 38 8.58 -11.83 -6.10
CA GLY A 38 8.19 -12.41 -4.82
C GLY A 38 7.55 -11.39 -3.92
N ILE A 39 7.40 -10.18 -4.44
CA ILE A 39 6.79 -9.09 -3.70
C ILE A 39 5.27 -9.14 -3.83
N THR A 40 4.58 -8.61 -2.82
CA THR A 40 3.12 -8.61 -2.85
C THR A 40 2.58 -7.40 -2.10
N GLY A 41 1.34 -7.02 -2.38
CA GLY A 41 0.78 -5.90 -1.69
C GLY A 41 -0.40 -5.26 -2.37
N ILE A 42 -0.66 -4.02 -1.97
CA ILE A 42 -1.77 -3.24 -2.50
C ILE A 42 -1.46 -1.75 -2.43
N LEU A 43 -2.10 -0.97 -3.29
CA LEU A 43 -1.90 0.46 -3.32
C LEU A 43 -3.19 1.20 -2.99
N LEU A 44 -3.06 2.48 -2.65
CA LEU A 44 -4.21 3.31 -2.32
C LEU A 44 -4.05 4.72 -2.84
N PHE A 45 -5.18 5.36 -3.12
CA PHE A 45 -5.20 6.72 -3.61
C PHE A 45 -6.46 7.43 -3.14
N ASN A 46 -6.32 8.63 -2.61
CA ASN A 46 -7.46 9.37 -2.12
C ASN A 46 -7.58 10.71 -2.84
N GLY A 47 -6.84 10.82 -3.93
CA GLY A 47 -6.86 12.04 -4.70
C GLY A 47 -5.73 12.97 -4.34
N LEU A 48 -4.92 12.57 -3.37
CA LEU A 48 -3.80 13.38 -2.93
C LEU A 48 -2.63 12.52 -2.47
N GLN A 49 -2.92 11.42 -1.80
CA GLN A 49 -1.86 10.54 -1.29
C GLN A 49 -1.90 9.13 -1.87
N PHE A 50 -0.77 8.43 -1.74
CA PHE A 50 -0.63 7.05 -2.20
C PHE A 50 -0.13 6.16 -1.07
N PHE A 51 -1.00 5.29 -0.57
CA PHE A 51 -0.63 4.39 0.51
C PHE A 51 -0.34 3.02 -0.06
N GLN A 52 0.79 2.43 0.27
CA GLN A 52 1.13 1.13 -0.29
C GLN A 52 1.55 0.11 0.74
N VAL A 53 0.83 -1.00 0.74
CA VAL A 53 1.15 -2.11 1.62
C VAL A 53 2.04 -3.06 0.84
N LEU A 54 3.33 -3.00 1.09
CA LEU A 54 4.27 -3.84 0.36
C LEU A 54 4.80 -4.97 1.24
N GLU A 55 4.95 -6.15 0.63
CA GLU A 55 5.45 -7.32 1.34
C GLU A 55 6.56 -7.99 0.54
N GLY A 56 7.30 -8.89 1.18
CA GLY A 56 8.39 -9.57 0.51
C GLY A 56 9.70 -9.41 1.26
N THR A 57 10.76 -9.99 0.72
CA THR A 57 12.07 -9.91 1.34
C THR A 57 12.50 -8.46 1.52
N GLU A 58 13.11 -8.18 2.67
CA GLU A 58 13.56 -6.83 3.00
C GLU A 58 14.45 -6.27 1.89
N GLU A 59 15.21 -7.14 1.24
CA GLU A 59 16.08 -6.72 0.16
C GLU A 59 15.29 -6.17 -1.01
N ALA A 60 14.13 -6.75 -1.23
CA ALA A 60 13.25 -6.33 -2.32
C ALA A 60 12.46 -5.09 -1.91
N LEU A 61 12.02 -5.06 -0.65
CA LEU A 61 11.25 -3.92 -0.16
C LEU A 61 12.07 -2.63 -0.16
N GLU A 62 13.32 -2.73 0.27
CA GLU A 62 14.20 -1.57 0.31
C GLU A 62 14.35 -0.96 -1.08
N SER A 63 14.85 -1.78 -2.00
CA SER A 63 15.07 -1.35 -3.38
C SER A 63 13.78 -0.82 -4.01
N LEU A 64 12.69 -1.55 -3.83
CA LEU A 64 11.40 -1.18 -4.39
C LEU A 64 10.98 0.16 -3.84
N PHE A 65 10.78 0.19 -2.55
CA PHE A 65 10.39 1.40 -1.83
C PHE A 65 11.31 2.56 -2.20
N SER A 66 12.56 2.24 -2.55
CA SER A 66 13.52 3.27 -2.95
C SER A 66 13.22 3.72 -4.38
N GLU A 67 12.69 2.81 -5.18
CA GLU A 67 12.32 3.14 -6.55
C GLU A 67 11.13 4.06 -6.52
N ILE A 68 10.34 3.89 -5.47
CA ILE A 68 9.15 4.67 -5.25
C ILE A 68 9.50 6.14 -5.02
N GLN A 69 10.30 6.41 -4.00
CA GLN A 69 10.65 7.80 -3.69
C GLN A 69 11.38 8.45 -4.87
N SER A 70 11.75 7.64 -5.85
CA SER A 70 12.44 8.14 -7.04
C SER A 70 11.43 8.43 -8.15
N ASP A 71 10.15 8.45 -7.80
CA ASP A 71 9.10 8.70 -8.76
C ASP A 71 8.66 10.17 -8.69
N PRO A 72 8.29 10.76 -9.85
CA PRO A 72 7.87 12.16 -9.93
C PRO A 72 6.39 12.38 -9.62
N ARG A 73 5.57 11.36 -9.84
CA ARG A 73 4.14 11.46 -9.59
C ARG A 73 3.88 11.92 -8.15
N HIS A 74 3.96 10.98 -7.20
CA HIS A 74 3.76 11.32 -5.79
C HIS A 74 4.89 12.25 -5.34
N ARG A 75 5.17 12.31 -4.04
CA ARG A 75 6.25 13.17 -3.57
C ARG A 75 6.73 12.88 -2.16
N ASP A 76 5.84 13.03 -1.18
CA ASP A 76 6.22 12.84 0.23
C ASP A 76 6.11 11.39 0.70
N VAL A 77 6.69 10.48 -0.05
CA VAL A 77 6.67 9.07 0.36
C VAL A 77 7.52 8.89 1.61
N VAL A 78 6.90 8.28 2.60
CA VAL A 78 7.56 8.03 3.87
C VAL A 78 7.33 6.60 4.33
N GLU A 79 8.39 5.95 4.82
CA GLU A 79 8.30 4.58 5.28
C GLU A 79 7.42 4.47 6.52
N LEU A 80 6.27 3.86 6.34
CA LEU A 80 5.30 3.67 7.41
C LEU A 80 5.57 2.38 8.19
N MET A 81 6.00 1.34 7.47
CA MET A 81 6.26 0.05 8.09
C MET A 81 7.33 -0.73 7.38
N ARG A 82 7.70 -1.82 8.03
CA ARG A 82 8.70 -2.76 7.55
C ARG A 82 9.01 -3.75 8.65
N ASP A 83 8.27 -4.84 8.63
CA ASP A 83 8.41 -5.88 9.64
C ASP A 83 8.55 -7.26 9.01
N TYR A 84 9.36 -8.09 9.64
CA TYR A 84 9.61 -9.44 9.16
C TYR A 84 8.33 -10.25 9.13
N SER A 85 8.32 -11.31 8.32
CA SER A 85 7.16 -12.18 8.19
C SER A 85 7.58 -13.58 7.78
N ALA A 86 6.61 -14.47 7.68
CA ALA A 86 6.87 -15.86 7.31
C ALA A 86 5.92 -16.34 6.23
N TYR A 87 5.10 -15.42 5.72
CA TYR A 87 4.13 -15.77 4.68
C TYR A 87 3.63 -14.52 3.95
N ARG A 88 2.92 -14.75 2.85
CA ARG A 88 2.38 -13.66 2.05
C ARG A 88 0.85 -13.61 2.14
N ARG A 89 0.31 -12.43 2.34
CA ARG A 89 -1.13 -12.24 2.46
C ARG A 89 -1.77 -12.05 1.09
N PHE A 90 -1.25 -11.09 0.32
CA PHE A 90 -1.78 -10.81 -1.01
C PHE A 90 -1.11 -11.71 -2.05
N HIS A 91 -0.90 -12.96 -1.69
CA HIS A 91 -0.26 -13.93 -2.59
C HIS A 91 -1.00 -14.03 -3.92
N GLY A 92 -2.30 -13.73 -3.91
CA GLY A 92 -3.09 -13.79 -5.13
C GLY A 92 -3.15 -12.46 -5.85
N THR A 93 -2.35 -11.51 -5.40
CA THR A 93 -2.32 -10.18 -6.00
C THR A 93 -1.01 -9.45 -5.66
N GLY A 94 -0.09 -9.41 -6.61
CA GLY A 94 1.18 -8.75 -6.40
C GLY A 94 1.03 -7.29 -6.04
N MET A 95 0.11 -6.62 -6.73
CA MET A 95 -0.15 -5.19 -6.48
C MET A 95 -1.52 -4.81 -7.01
N ARG A 96 -2.26 -4.02 -6.24
CA ARG A 96 -3.60 -3.59 -6.64
C ARG A 96 -3.98 -2.28 -5.99
N ILE A 97 -3.94 -1.20 -6.76
CA ILE A 97 -4.29 0.12 -6.26
C ILE A 97 -5.73 0.18 -5.79
N LEU A 98 -6.03 1.16 -4.96
CA LEU A 98 -7.37 1.34 -4.42
C LEU A 98 -7.79 2.80 -4.48
N ASP A 99 -8.43 3.18 -5.58
CA ASP A 99 -8.91 4.55 -5.73
C ASP A 99 -9.97 4.83 -4.68
N LEU A 100 -9.56 5.25 -3.51
CA LEU A 100 -10.48 5.54 -2.43
C LEU A 100 -11.51 6.57 -2.88
N ARG A 101 -11.16 7.33 -3.91
CA ARG A 101 -12.07 8.33 -4.46
C ARG A 101 -13.37 7.66 -4.88
N LEU A 102 -13.33 6.35 -4.97
CA LEU A 102 -14.48 5.56 -5.36
C LEU A 102 -15.23 5.04 -4.13
N PHE A 103 -14.49 4.52 -3.16
CA PHE A 103 -15.10 3.98 -1.94
C PHE A 103 -14.99 4.97 -0.79
N GLU A 104 -14.91 4.42 0.43
CA GLU A 104 -14.80 5.22 1.63
C GLU A 104 -13.97 4.49 2.66
N THR A 105 -14.14 4.85 3.92
CA THR A 105 -13.40 4.19 4.99
C THR A 105 -13.71 2.70 5.05
N ASP A 106 -14.98 2.37 5.26
CA ASP A 106 -15.40 0.99 5.34
C ASP A 106 -15.49 0.35 3.96
N GLY A 107 -15.70 1.17 2.95
CA GLY A 107 -15.80 0.68 1.59
C GLY A 107 -14.45 0.22 1.06
N ALA A 108 -13.45 1.07 1.24
CA ALA A 108 -12.10 0.76 0.78
C ALA A 108 -11.52 -0.41 1.56
N LEU A 109 -11.61 -0.35 2.88
CA LEU A 109 -11.09 -1.41 3.72
C LEU A 109 -11.67 -2.75 3.26
N GLU A 110 -12.98 -2.75 3.04
CA GLU A 110 -13.68 -3.94 2.58
C GLU A 110 -13.08 -4.43 1.26
N GLU A 111 -12.64 -3.48 0.42
CA GLU A 111 -12.02 -3.83 -0.86
C GLU A 111 -10.84 -4.75 -0.63
N ILE A 112 -9.90 -4.29 0.17
CA ILE A 112 -8.72 -5.07 0.49
C ILE A 112 -9.11 -6.50 0.85
N LEU A 113 -10.07 -6.63 1.76
CA LEU A 113 -10.53 -7.94 2.22
C LEU A 113 -11.16 -8.77 1.10
N ARG A 114 -12.03 -8.15 0.31
CA ARG A 114 -12.75 -8.84 -0.76
C ARG A 114 -11.84 -9.49 -1.78
N PHE A 115 -10.65 -8.93 -2.03
CA PHE A 115 -9.75 -9.49 -3.02
C PHE A 115 -8.43 -9.91 -2.40
N SER A 116 -8.44 -10.12 -1.10
CA SER A 116 -7.25 -10.54 -0.39
C SER A 116 -7.58 -11.67 0.56
N THR A 117 -6.55 -12.41 0.97
CA THR A 117 -6.74 -13.52 1.89
C THR A 117 -5.88 -13.34 3.13
N PHE A 118 -6.35 -12.48 4.02
CA PHE A 118 -5.68 -12.18 5.26
C PHE A 118 -5.93 -13.27 6.30
N GLY A 119 -5.53 -14.49 5.97
CA GLY A 119 -5.71 -15.61 6.88
C GLY A 119 -4.69 -15.61 7.99
N VAL A 120 -4.15 -14.43 8.28
CA VAL A 120 -3.16 -14.27 9.33
C VAL A 120 -3.70 -14.72 10.68
N THR A 121 -2.89 -14.55 11.72
CA THR A 121 -3.30 -14.91 13.06
C THR A 121 -4.39 -13.96 13.56
N GLU A 122 -4.05 -12.68 13.62
CA GLU A 122 -5.00 -11.66 14.07
C GLU A 122 -4.72 -10.33 13.36
N PRO A 123 -5.57 -9.93 12.40
CA PRO A 123 -5.39 -8.68 11.68
C PRO A 123 -5.56 -7.47 12.60
N VAL A 124 -5.98 -7.74 13.82
CA VAL A 124 -6.17 -6.70 14.82
C VAL A 124 -4.89 -5.94 15.08
N ASN A 125 -3.97 -6.58 15.80
CA ASN A 125 -2.69 -5.98 16.14
C ASN A 125 -1.79 -5.84 14.92
N ASP A 126 -2.25 -6.37 13.78
CA ASP A 126 -1.48 -6.30 12.55
C ASP A 126 -1.07 -4.86 12.23
N ARG A 127 0.22 -4.59 12.37
CA ARG A 127 0.76 -3.25 12.12
C ARG A 127 0.41 -2.77 10.71
N MET A 128 0.42 -3.69 9.75
CA MET A 128 0.09 -3.33 8.37
C MET A 128 -1.33 -2.80 8.29
N PHE A 129 -2.23 -3.48 8.97
CA PHE A 129 -3.64 -3.09 8.98
C PHE A 129 -3.82 -1.76 9.72
N ARG A 130 -2.94 -1.50 10.68
CA ARG A 130 -3.01 -0.25 11.43
C ARG A 130 -2.87 0.93 10.47
N LEU A 131 -1.90 0.83 9.58
CA LEU A 131 -1.65 1.85 8.58
C LEU A 131 -2.75 1.83 7.52
N LEU A 132 -3.01 0.63 7.02
CA LEU A 132 -4.02 0.42 6.00
C LEU A 132 -5.34 1.10 6.37
N SER A 133 -5.86 0.79 7.55
CA SER A 133 -7.11 1.38 8.01
C SER A 133 -6.94 2.84 8.41
N ALA A 134 -5.71 3.23 8.70
CA ALA A 134 -5.43 4.62 9.08
C ALA A 134 -5.47 5.52 7.86
N PHE A 135 -5.14 4.96 6.70
CA PHE A 135 -5.18 5.71 5.47
C PHE A 135 -6.60 5.69 4.91
N ILE A 136 -7.26 4.58 5.18
CA ILE A 136 -8.64 4.38 4.75
C ILE A 136 -9.55 5.28 5.59
N ALA A 137 -9.14 5.46 6.84
CA ALA A 137 -9.88 6.26 7.80
C ALA A 137 -9.49 7.74 7.76
N ASP A 138 -8.21 8.01 7.98
CA ASP A 138 -7.71 9.38 8.02
C ASP A 138 -7.13 9.83 6.69
N GLY A 139 -6.65 8.89 5.89
CA GLY A 139 -6.08 9.23 4.60
C GLY A 139 -7.04 10.00 3.72
N GLY A 140 -8.33 9.90 4.03
CA GLY A 140 -9.34 10.59 3.26
C GLY A 140 -9.43 12.07 3.61
N ARG A 141 -9.05 12.39 4.84
CA ARG A 141 -9.08 13.76 5.34
C ARG A 141 -10.40 14.45 5.02
N TYR A 142 -11.35 14.34 5.94
CA TYR A 142 -12.67 14.95 5.77
C TYR A 142 -12.56 16.47 5.73
N CYS A 143 -13.64 17.11 5.28
CA CYS A 143 -13.67 18.57 5.20
C CYS A 143 -14.45 19.14 6.37
N LEU A 144 -13.72 19.40 7.45
CA LEU A 144 -14.30 19.94 8.68
C LEU A 144 -15.45 19.05 9.21
N PRO A 145 -15.70 19.09 10.53
CA PRO A 145 -16.75 18.30 11.15
C PRO A 145 -18.09 19.02 11.18
N GLU A 146 -19.09 18.37 11.77
CA GLU A 146 -20.43 18.95 11.86
C GLU A 146 -20.40 20.29 12.59
N PRO A 147 -21.18 21.28 12.09
CA PRO A 147 -21.24 22.60 12.70
C PRO A 147 -22.27 22.68 13.81
N LEU A 148 -21.81 22.89 15.04
CA LEU A 148 -22.70 22.98 16.19
C LEU A 148 -23.58 24.22 16.10
N1 FMN B . 6.66 -0.24 -9.27
C2 FMN B . 6.76 -1.45 -8.65
O2 FMN B . 7.42 -2.37 -9.06
N3 FMN B . 6.04 -1.67 -7.41
C4 FMN B . 5.24 -0.74 -6.81
O4 FMN B . 4.67 -1.02 -5.76
C4A FMN B . 5.13 0.56 -7.48
N5 FMN B . 4.38 1.53 -6.98
C5A FMN B . 4.29 2.73 -7.64
C6 FMN B . 3.46 3.80 -7.08
C7 FMN B . 3.34 5.03 -7.68
C7M FMN B . 2.46 6.15 -7.08
C8 FMN B . 4.07 5.31 -8.95
C8M FMN B . 3.97 6.63 -9.65
C9 FMN B . 4.87 4.29 -9.49
C9A FMN B . 5.01 3.02 -8.89
N10 FMN B . 5.80 1.95 -9.40
C10 FMN B . 5.91 0.72 -8.76
C1' FMN B . 6.57 2.13 -10.65
C2' FMN B . 5.70 1.84 -11.88
O2' FMN B . 5.43 0.43 -11.92
C3' FMN B . 6.22 2.36 -13.20
O3' FMN B . 7.57 2.77 -13.03
C4' FMN B . 5.37 3.44 -13.86
O4' FMN B . 4.92 4.49 -13.01
C5' FMN B . 5.25 3.60 -15.36
O5' FMN B . 6.04 2.61 -16.04
P FMN B . 7.01 2.97 -17.23
O1P FMN B . 7.64 1.69 -17.72
O2P FMN B . 7.99 4.00 -16.75
O3P FMN B . 6.02 3.51 -18.33
HN3 FMN B . 6.08 -2.56 -7.00
H6 FMN B . 2.86 3.60 -6.22
HM71 FMN B . 2.31 5.95 -6.03
HM72 FMN B . 1.50 6.18 -7.59
HM73 FMN B . 2.95 7.10 -7.20
HM81 FMN B . 2.94 6.84 -9.88
HM82 FMN B . 4.36 7.41 -9.01
HM83 FMN B . 4.53 6.60 -10.57
H9 FMN B . 5.38 4.48 -10.42
H1'1 FMN B . 7.41 1.45 -10.65
H1'2 FMN B . 6.93 3.14 -10.71
H2' FMN B . 4.75 2.33 -11.71
HO2' FMN B . 4.65 0.28 -12.46
H3' FMN B . 6.22 1.53 -13.88
HO3' FMN B . 7.90 3.15 -13.85
H4' FMN B . 4.46 2.86 -13.78
HO4' FMN B . 4.34 4.12 -12.33
H5'1 FMN B . 5.60 4.58 -15.64
H5'2 FMN B . 4.21 3.48 -15.65
N GLY A 1 13.56 -25.37 0.72
CA GLY A 1 13.70 -24.34 1.80
C GLY A 1 13.21 -22.98 1.36
N GLU A 2 12.74 -22.19 2.32
CA GLU A 2 12.24 -20.85 2.04
C GLU A 2 13.04 -19.79 2.79
N PHE A 3 12.80 -18.53 2.46
CA PHE A 3 13.49 -17.42 3.10
C PHE A 3 12.51 -16.48 3.78
N MET A 4 12.97 -15.80 4.82
CA MET A 4 12.13 -14.86 5.57
C MET A 4 11.55 -13.78 4.67
N LEU A 5 10.47 -13.16 5.14
CA LEU A 5 9.80 -12.10 4.41
C LEU A 5 9.74 -10.84 5.24
N THR A 6 9.17 -9.80 4.68
CA THR A 6 9.05 -8.52 5.36
C THR A 6 7.90 -7.71 4.76
N THR A 7 7.35 -6.79 5.53
CA THR A 7 6.25 -5.96 5.05
C THR A 7 6.54 -4.49 5.20
N LEU A 8 7.08 -3.88 4.15
CA LEU A 8 7.37 -2.47 4.17
C LEU A 8 6.14 -1.71 3.66
N ILE A 9 5.69 -0.77 4.44
CA ILE A 9 4.54 0.02 4.06
C ILE A 9 4.91 1.49 4.07
N TYR A 10 4.36 2.25 3.15
CA TYR A 10 4.68 3.67 3.07
C TYR A 10 3.49 4.46 2.55
N ARG A 11 3.60 5.76 2.64
CA ARG A 11 2.56 6.64 2.14
C ARG A 11 3.19 7.89 1.55
N SER A 12 2.79 8.19 0.33
CA SER A 12 3.29 9.34 -0.38
C SER A 12 2.15 10.29 -0.64
N GLN A 13 2.33 11.19 -1.58
CA GLN A 13 1.29 12.12 -1.91
C GLN A 13 1.00 12.07 -3.39
N VAL A 14 0.95 13.23 -3.99
CA VAL A 14 0.66 13.37 -5.41
C VAL A 14 0.86 14.82 -5.84
N HIS A 15 0.56 15.11 -7.10
CA HIS A 15 0.69 16.46 -7.61
C HIS A 15 -0.68 17.15 -7.66
N PRO A 16 -1.05 17.90 -6.60
CA PRO A 16 -2.33 18.61 -6.55
C PRO A 16 -2.51 19.57 -7.70
N ASP A 17 -1.43 19.82 -8.42
CA ASP A 17 -1.44 20.73 -9.56
C ASP A 17 -1.58 19.98 -10.88
N ARG A 18 -1.08 18.74 -10.93
CA ARG A 18 -1.14 17.94 -12.13
C ARG A 18 -2.51 17.22 -12.26
N PRO A 19 -2.74 16.41 -13.32
CA PRO A 19 -4.01 15.72 -13.52
C PRO A 19 -4.05 14.36 -12.80
N PRO A 20 -5.20 13.65 -12.86
CA PRO A 20 -5.36 12.35 -12.20
C PRO A 20 -4.27 11.35 -12.59
N VAL A 21 -4.16 10.29 -11.80
CA VAL A 21 -3.16 9.24 -12.04
C VAL A 21 -3.75 8.09 -12.84
N ASP A 22 -2.88 7.36 -13.53
CA ASP A 22 -3.29 6.20 -14.31
C ASP A 22 -3.29 4.98 -13.41
N LEU A 23 -4.06 5.06 -12.34
CA LEU A 23 -4.19 4.01 -11.33
C LEU A 23 -4.49 2.64 -11.91
N ASP A 24 -4.57 2.53 -13.21
CA ASP A 24 -4.80 1.23 -13.86
C ASP A 24 -3.48 0.74 -14.40
N ALA A 25 -2.79 1.68 -15.00
CA ALA A 25 -1.49 1.45 -15.61
C ALA A 25 -0.38 1.57 -14.56
N LEU A 26 -0.66 2.37 -13.54
CA LEU A 26 0.28 2.64 -12.45
C LEU A 26 0.51 1.38 -11.64
N VAL A 27 -0.55 0.65 -11.38
CA VAL A 27 -0.49 -0.58 -10.61
C VAL A 27 -0.13 -1.78 -11.49
N HIS A 28 -0.67 -1.80 -12.71
CA HIS A 28 -0.41 -2.89 -13.64
C HIS A 28 1.08 -3.16 -13.77
N ARG A 29 1.83 -2.13 -14.15
CA ARG A 29 3.28 -2.26 -14.31
C ARG A 29 3.94 -2.81 -13.04
N ALA A 30 3.31 -2.59 -11.90
CA ALA A 30 3.84 -3.05 -10.62
C ALA A 30 3.56 -4.53 -10.39
N SER A 31 2.28 -4.90 -10.45
CA SER A 31 1.87 -6.28 -10.22
C SER A 31 2.66 -7.27 -11.07
N SER A 32 3.08 -6.83 -12.25
CA SER A 32 3.85 -7.69 -13.15
C SER A 32 5.28 -7.90 -12.68
N LYS A 33 5.83 -6.89 -11.99
CA LYS A 33 7.20 -6.96 -11.49
C LYS A 33 7.28 -7.67 -10.13
N ASN A 34 6.38 -7.27 -9.23
CA ASN A 34 6.35 -7.82 -7.87
C ASN A 34 6.02 -9.30 -7.87
N LEU A 35 5.05 -9.71 -8.68
CA LEU A 35 4.62 -11.10 -8.75
C LEU A 35 5.80 -12.06 -8.85
N PRO A 36 6.61 -11.95 -9.92
CA PRO A 36 7.77 -12.82 -10.13
C PRO A 36 8.87 -12.57 -9.11
N LEU A 37 8.90 -11.35 -8.58
CA LEU A 37 9.89 -10.95 -7.61
C LEU A 37 9.59 -11.57 -6.24
N GLY A 38 8.35 -11.97 -6.07
CA GLY A 38 7.93 -12.58 -4.82
C GLY A 38 7.32 -11.55 -3.89
N ILE A 39 7.18 -10.34 -4.41
CA ILE A 39 6.62 -9.21 -3.67
C ILE A 39 5.11 -9.18 -3.81
N THR A 40 4.43 -8.79 -2.74
CA THR A 40 2.97 -8.68 -2.76
C THR A 40 2.54 -7.44 -2.01
N GLY A 41 1.32 -6.98 -2.30
CA GLY A 41 0.84 -5.79 -1.62
C GLY A 41 -0.34 -5.13 -2.29
N ILE A 42 -0.59 -3.89 -1.89
CA ILE A 42 -1.71 -3.11 -2.41
C ILE A 42 -1.38 -1.62 -2.38
N LEU A 43 -2.06 -0.86 -3.23
CA LEU A 43 -1.87 0.58 -3.29
C LEU A 43 -3.17 1.30 -2.99
N LEU A 44 -3.06 2.58 -2.65
CA LEU A 44 -4.22 3.39 -2.33
C LEU A 44 -4.07 4.82 -2.86
N PHE A 45 -5.20 5.46 -3.11
CA PHE A 45 -5.21 6.83 -3.58
C PHE A 45 -6.47 7.54 -3.09
N ASN A 46 -6.32 8.74 -2.55
CA ASN A 46 -7.46 9.48 -2.03
C ASN A 46 -7.57 10.83 -2.73
N GLY A 47 -6.77 11.01 -3.78
CA GLY A 47 -6.78 12.25 -4.51
C GLY A 47 -5.65 13.16 -4.10
N LEU A 48 -4.84 12.69 -3.15
CA LEU A 48 -3.71 13.47 -2.68
C LEU A 48 -2.55 12.57 -2.26
N GLN A 49 -2.87 11.42 -1.67
CA GLN A 49 -1.81 10.53 -1.19
C GLN A 49 -1.91 9.10 -1.73
N PHE A 50 -0.73 8.48 -1.86
CA PHE A 50 -0.61 7.09 -2.30
C PHE A 50 -0.12 6.20 -1.15
N PHE A 51 -0.99 5.38 -0.61
CA PHE A 51 -0.61 4.48 0.49
C PHE A 51 -0.32 3.10 -0.07
N GLN A 52 0.83 2.52 0.28
CA GLN A 52 1.15 1.21 -0.26
C GLN A 52 1.60 0.22 0.80
N VAL A 53 0.93 -0.92 0.79
CA VAL A 53 1.27 -2.02 1.66
C VAL A 53 2.16 -2.97 0.88
N LEU A 54 3.44 -2.94 1.16
CA LEU A 54 4.37 -3.78 0.42
C LEU A 54 4.90 -4.92 1.29
N GLU A 55 5.01 -6.10 0.68
CA GLU A 55 5.50 -7.28 1.38
C GLU A 55 6.64 -7.91 0.58
N GLY A 56 7.36 -8.84 1.22
CA GLY A 56 8.48 -9.48 0.56
C GLY A 56 9.78 -9.32 1.32
N THR A 57 10.85 -9.90 0.80
CA THR A 57 12.15 -9.82 1.44
C THR A 57 12.59 -8.37 1.62
N GLU A 58 13.23 -8.10 2.75
CA GLU A 58 13.70 -6.76 3.07
C GLU A 58 14.55 -6.20 1.94
N GLU A 59 15.31 -7.07 1.30
CA GLU A 59 16.17 -6.66 0.18
C GLU A 59 15.34 -6.13 -0.98
N ALA A 60 14.18 -6.72 -1.17
CA ALA A 60 13.29 -6.32 -2.25
C ALA A 60 12.51 -5.07 -1.87
N LEU A 61 12.10 -4.98 -0.61
CA LEU A 61 11.34 -3.83 -0.14
C LEU A 61 12.19 -2.57 -0.18
N GLU A 62 13.44 -2.68 0.21
CA GLU A 62 14.34 -1.53 0.21
C GLU A 62 14.50 -0.95 -1.18
N SER A 63 14.97 -1.79 -2.10
CA SER A 63 15.18 -1.38 -3.49
C SER A 63 13.90 -0.83 -4.12
N LEU A 64 12.81 -1.56 -3.95
CA LEU A 64 11.54 -1.18 -4.50
C LEU A 64 11.10 0.15 -3.93
N PHE A 65 10.91 0.17 -2.63
CA PHE A 65 10.53 1.36 -1.92
C PHE A 65 11.41 2.54 -2.32
N SER A 66 12.67 2.25 -2.62
CA SER A 66 13.60 3.28 -3.04
C SER A 66 13.26 3.77 -4.45
N GLU A 67 12.71 2.87 -5.25
CA GLU A 67 12.31 3.21 -6.60
C GLU A 67 11.09 4.12 -6.55
N ILE A 68 10.34 3.94 -5.48
CA ILE A 68 9.13 4.70 -5.23
C ILE A 68 9.43 6.17 -4.95
N GLN A 69 10.34 6.43 -4.02
CA GLN A 69 10.68 7.79 -3.67
C GLN A 69 11.43 8.48 -4.80
N SER A 70 11.84 7.69 -5.80
CA SER A 70 12.55 8.23 -6.94
C SER A 70 11.60 8.43 -8.12
N ASP A 71 10.30 8.36 -7.84
CA ASP A 71 9.28 8.52 -8.86
C ASP A 71 8.77 9.97 -8.89
N PRO A 72 8.55 10.51 -10.11
CA PRO A 72 8.06 11.89 -10.28
C PRO A 72 6.54 12.00 -10.21
N ARG A 73 5.87 10.86 -10.18
CA ARG A 73 4.41 10.81 -10.12
C ARG A 73 3.93 11.31 -8.75
N HIS A 74 4.15 10.49 -7.71
CA HIS A 74 3.76 10.88 -6.36
C HIS A 74 4.89 11.67 -5.71
N ARG A 75 4.81 11.90 -4.41
CA ARG A 75 5.83 12.64 -3.70
C ARG A 75 5.76 12.37 -2.20
N ASP A 76 6.60 13.11 -1.48
CA ASP A 76 6.67 13.02 -0.02
C ASP A 76 6.42 11.62 0.54
N VAL A 77 6.87 10.60 -0.16
CA VAL A 77 6.70 9.24 0.34
C VAL A 77 7.42 9.09 1.67
N VAL A 78 6.81 8.34 2.58
CA VAL A 78 7.38 8.13 3.90
C VAL A 78 7.20 6.69 4.37
N GLU A 79 8.28 6.08 4.82
CA GLU A 79 8.24 4.70 5.30
C GLU A 79 7.36 4.60 6.54
N LEU A 80 6.22 3.97 6.38
CA LEU A 80 5.25 3.79 7.46
C LEU A 80 5.51 2.50 8.23
N MET A 81 5.99 1.49 7.52
CA MET A 81 6.24 0.19 8.12
C MET A 81 7.33 -0.58 7.41
N ARG A 82 7.70 -1.68 8.05
CA ARG A 82 8.71 -2.59 7.56
C ARG A 82 9.02 -3.59 8.65
N ASP A 83 8.33 -4.71 8.59
CA ASP A 83 8.47 -5.76 9.59
C ASP A 83 8.60 -7.14 8.96
N TYR A 84 9.39 -7.99 9.59
CA TYR A 84 9.61 -9.35 9.11
C TYR A 84 8.30 -10.13 9.04
N SER A 85 8.31 -11.23 8.30
CA SER A 85 7.14 -12.07 8.14
C SER A 85 7.53 -13.49 7.77
N ALA A 86 6.54 -14.36 7.69
CA ALA A 86 6.78 -15.76 7.36
C ALA A 86 5.84 -16.26 6.28
N TYR A 87 5.02 -15.36 5.75
CA TYR A 87 4.06 -15.72 4.71
C TYR A 87 3.51 -14.49 3.99
N ARG A 88 3.04 -14.69 2.77
CA ARG A 88 2.48 -13.61 1.98
C ARG A 88 0.95 -13.55 2.16
N ARG A 89 0.45 -12.37 2.51
CA ARG A 89 -0.97 -12.17 2.73
C ARG A 89 -1.72 -11.99 1.40
N PHE A 90 -1.20 -11.11 0.56
CA PHE A 90 -1.82 -10.83 -0.73
C PHE A 90 -1.40 -11.86 -1.78
N HIS A 91 -1.39 -13.13 -1.38
CA HIS A 91 -1.01 -14.21 -2.29
C HIS A 91 -1.84 -14.18 -3.57
N GLY A 92 -1.15 -13.95 -4.68
CA GLY A 92 -1.84 -13.90 -5.98
C GLY A 92 -1.88 -12.49 -6.54
N THR A 93 -2.10 -11.51 -5.67
CA THR A 93 -2.16 -10.12 -6.08
C THR A 93 -0.88 -9.38 -5.70
N GLY A 94 0.07 -9.32 -6.64
CA GLY A 94 1.32 -8.65 -6.38
C GLY A 94 1.14 -7.18 -6.04
N MET A 95 0.25 -6.51 -6.78
CA MET A 95 -0.03 -5.10 -6.56
C MET A 95 -1.43 -4.73 -7.05
N ARG A 96 -2.15 -3.94 -6.26
CA ARG A 96 -3.50 -3.54 -6.63
C ARG A 96 -3.87 -2.21 -5.98
N ILE A 97 -3.88 -1.15 -6.76
CA ILE A 97 -4.22 0.16 -6.25
C ILE A 97 -5.68 0.21 -5.78
N LEU A 98 -5.98 1.20 -4.95
CA LEU A 98 -7.31 1.37 -4.43
C LEU A 98 -7.74 2.83 -4.45
N ASP A 99 -8.39 3.22 -5.54
CA ASP A 99 -8.88 4.59 -5.65
C ASP A 99 -9.95 4.83 -4.59
N LEU A 100 -9.51 5.25 -3.42
CA LEU A 100 -10.43 5.50 -2.32
C LEU A 100 -11.49 6.52 -2.73
N ARG A 101 -11.18 7.31 -3.74
CA ARG A 101 -12.12 8.31 -4.24
C ARG A 101 -13.40 7.62 -4.69
N LEU A 102 -13.32 6.30 -4.84
CA LEU A 102 -14.45 5.49 -5.26
C LEU A 102 -15.19 4.93 -4.06
N PHE A 103 -14.45 4.42 -3.08
CA PHE A 103 -15.06 3.84 -1.88
C PHE A 103 -14.99 4.79 -0.70
N GLU A 104 -14.95 4.22 0.50
CA GLU A 104 -14.88 4.98 1.73
C GLU A 104 -13.99 4.28 2.73
N THR A 105 -14.17 4.60 4.00
CA THR A 105 -13.37 3.98 5.05
C THR A 105 -13.62 2.47 5.10
N ASP A 106 -14.87 2.09 5.33
CA ASP A 106 -15.23 0.68 5.41
C ASP A 106 -15.37 0.08 4.02
N GLY A 107 -15.65 0.94 3.04
CA GLY A 107 -15.81 0.49 1.67
C GLY A 107 -14.48 0.06 1.07
N ALA A 108 -13.48 0.93 1.21
CA ALA A 108 -12.15 0.65 0.70
C ALA A 108 -11.51 -0.51 1.45
N LEU A 109 -11.59 -0.46 2.78
CA LEU A 109 -11.03 -1.52 3.60
C LEU A 109 -11.57 -2.86 3.12
N GLU A 110 -12.89 -2.89 2.92
CA GLU A 110 -13.56 -4.10 2.45
C GLU A 110 -12.95 -4.57 1.13
N GLU A 111 -12.66 -3.61 0.24
CA GLU A 111 -12.05 -3.94 -1.05
C GLU A 111 -10.89 -4.88 -0.82
N ILE A 112 -9.96 -4.44 0.02
CA ILE A 112 -8.81 -5.25 0.37
C ILE A 112 -9.25 -6.67 0.71
N LEU A 113 -10.13 -6.78 1.70
CA LEU A 113 -10.65 -8.07 2.13
C LEU A 113 -11.19 -8.89 0.96
N ARG A 114 -11.77 -8.21 -0.02
CA ARG A 114 -12.35 -8.86 -1.18
C ARG A 114 -11.31 -9.58 -2.05
N PHE A 115 -10.11 -9.02 -2.17
CA PHE A 115 -9.08 -9.63 -3.00
C PHE A 115 -7.82 -9.96 -2.22
N SER A 116 -7.90 -9.84 -0.90
CA SER A 116 -6.74 -10.11 -0.06
C SER A 116 -6.92 -11.40 0.74
N THR A 117 -8.12 -11.61 1.27
CA THR A 117 -8.42 -12.79 2.07
C THR A 117 -7.39 -12.97 3.18
N PHE A 118 -7.55 -12.18 4.24
CA PHE A 118 -6.64 -12.21 5.38
C PHE A 118 -6.45 -13.64 5.89
N GLY A 119 -5.21 -14.10 5.86
CA GLY A 119 -4.89 -15.44 6.33
C GLY A 119 -4.01 -15.43 7.56
N VAL A 120 -3.79 -14.24 8.10
CA VAL A 120 -2.98 -14.07 9.29
C VAL A 120 -3.67 -14.62 10.53
N THR A 121 -3.06 -14.39 11.69
CA THR A 121 -3.64 -14.85 12.94
C THR A 121 -4.78 -13.94 13.38
N GLU A 122 -4.45 -12.68 13.64
CA GLU A 122 -5.43 -11.69 14.06
C GLU A 122 -5.12 -10.33 13.45
N PRO A 123 -5.99 -9.82 12.55
CA PRO A 123 -5.78 -8.52 11.91
C PRO A 123 -5.76 -7.39 12.94
N VAL A 124 -6.09 -7.73 14.17
CA VAL A 124 -6.11 -6.76 15.27
C VAL A 124 -4.77 -6.07 15.42
N ASN A 125 -3.80 -6.79 15.96
CA ASN A 125 -2.46 -6.25 16.17
C ASN A 125 -1.66 -6.19 14.88
N ASP A 126 -2.34 -6.34 13.75
CA ASP A 126 -1.68 -6.30 12.45
C ASP A 126 -1.14 -4.90 12.17
N ARG A 127 0.16 -4.73 12.39
CA ARG A 127 0.82 -3.44 12.18
C ARG A 127 0.49 -2.86 10.81
N MET A 128 0.42 -3.73 9.80
CA MET A 128 0.10 -3.29 8.44
C MET A 128 -1.30 -2.70 8.40
N PHE A 129 -2.23 -3.40 9.04
CA PHE A 129 -3.62 -2.96 9.08
C PHE A 129 -3.76 -1.65 9.83
N ARG A 130 -2.86 -1.40 10.77
CA ARG A 130 -2.88 -0.16 11.54
C ARG A 130 -2.77 1.02 10.60
N LEU A 131 -1.88 0.92 9.62
CA LEU A 131 -1.67 1.97 8.63
C LEU A 131 -2.77 1.91 7.58
N LEU A 132 -2.99 0.71 7.06
CA LEU A 132 -3.99 0.46 6.04
C LEU A 132 -5.33 1.13 6.38
N SER A 133 -5.87 0.78 7.54
CA SER A 133 -7.15 1.34 7.98
C SER A 133 -7.00 2.80 8.38
N ALA A 134 -5.78 3.23 8.68
CA ALA A 134 -5.54 4.61 9.07
C ALA A 134 -5.60 5.51 7.85
N PHE A 135 -5.22 4.97 6.71
CA PHE A 135 -5.26 5.72 5.46
C PHE A 135 -6.67 5.65 4.90
N ILE A 136 -7.29 4.49 5.11
CA ILE A 136 -8.64 4.26 4.67
C ILE A 136 -9.59 5.12 5.48
N ALA A 137 -9.22 5.35 6.73
CA ALA A 137 -10.01 6.13 7.67
C ALA A 137 -9.69 7.63 7.60
N ASP A 138 -8.44 7.96 7.84
CA ASP A 138 -8.00 9.35 7.86
C ASP A 138 -7.34 9.80 6.56
N GLY A 139 -6.73 8.86 5.85
CA GLY A 139 -6.07 9.19 4.61
C GLY A 139 -7.01 9.18 3.42
N GLY A 140 -8.30 9.35 3.69
CA GLY A 140 -9.28 9.35 2.61
C GLY A 140 -10.36 10.39 2.80
N ARG A 141 -10.29 11.13 3.91
CA ARG A 141 -11.25 12.17 4.23
C ARG A 141 -12.68 11.72 3.93
N TYR A 142 -13.27 11.01 4.89
CA TYR A 142 -14.63 10.51 4.74
C TYR A 142 -15.61 11.66 4.50
N CYS A 143 -16.69 11.36 3.79
CA CYS A 143 -17.71 12.36 3.48
C CYS A 143 -18.49 12.75 4.73
N LEU A 144 -18.48 14.04 5.06
CA LEU A 144 -19.18 14.55 6.23
C LEU A 144 -20.67 14.22 6.16
N PRO A 145 -21.30 13.94 7.31
CA PRO A 145 -22.73 13.61 7.37
C PRO A 145 -23.61 14.82 7.12
N GLU A 146 -24.93 14.61 7.20
CA GLU A 146 -25.89 15.69 6.98
C GLU A 146 -25.73 16.80 8.02
N PRO A 147 -25.43 18.03 7.59
CA PRO A 147 -25.26 19.17 8.50
C PRO A 147 -26.57 19.83 8.86
N LEU A 148 -26.51 20.90 9.63
CA LEU A 148 -27.70 21.62 10.06
C LEU A 148 -27.95 22.84 9.16
N1 FMN B . 6.38 -0.64 -9.45
C2 FMN B . 6.61 -1.77 -8.71
O2 FMN B . 7.22 -2.72 -9.14
N3 FMN B . 6.10 -1.86 -7.38
C4 FMN B . 5.39 -0.88 -6.75
O4 FMN B . 4.98 -1.04 -5.60
C4A FMN B . 5.14 0.34 -7.54
N5 FMN B . 4.45 1.36 -7.01
C5A FMN B . 4.24 2.48 -7.77
C6 FMN B . 3.48 3.61 -7.21
C7 FMN B . 3.23 4.75 -7.90
C7M FMN B . 2.44 5.92 -7.30
C8 FMN B . 3.73 4.88 -9.31
C8M FMN B . 3.47 6.11 -10.12
C9 FMN B . 4.45 3.82 -9.85
C9A FMN B . 4.72 2.63 -9.15
N10 FMN B . 5.45 1.52 -9.67
C10 FMN B . 5.69 0.38 -8.93
C1' FMN B . 6.00 1.57 -11.05
C2' FMN B . 7.38 2.22 -11.07
O2' FMN B . 7.41 3.14 -12.17
C3' FMN B . 8.56 1.27 -11.07
O3' FMN B . 8.84 0.89 -9.73
C4' FMN B . 9.81 1.74 -11.79
O4' FMN B . 10.58 2.74 -11.15
C5' FMN B . 10.40 1.01 -12.99
O5' FMN B . 9.61 -0.14 -13.32
P FMN B . 9.85 -0.99 -14.63
O1P FMN B . 8.76 -2.02 -14.72
O2P FMN B . 11.24 -1.56 -14.58
O3P FMN B . 9.67 0.08 -15.78
HN3 FMN B . 6.13 -2.73 -6.93
H6 FMN B . 2.93 3.45 -6.29
HM71 FMN B . 2.43 5.84 -6.22
HM72 FMN B . 1.41 5.92 -7.66
HM73 FMN B . 2.90 6.86 -7.57
HM81 FMN B . 3.89 6.97 -9.61
HM82 FMN B . 3.95 6.01 -11.08
HM83 FMN B . 2.42 6.25 -10.25
H9 FMN B . 4.82 3.91 -10.87
H1'1 FMN B . 5.32 2.13 -11.67
H1'2 FMN B . 6.08 0.55 -11.41
H2' FMN B . 7.45 2.81 -10.17
HO2' FMN B . 7.63 4.02 -11.83
H3' FMN B . 8.23 0.37 -11.58
HO3' FMN B . 8.29 1.40 -9.13
H4' FMN B . 9.27 2.44 -12.41
HO4' FMN B . 10.08 3.56 -11.11
H5'1 FMN B . 11.41 0.71 -12.76
H5'2 FMN B . 10.41 1.69 -13.84
N GLY A 1 17.36 -21.04 -2.00
CA GLY A 1 16.81 -19.74 -1.55
C GLY A 1 15.74 -19.91 -0.49
N GLU A 2 16.12 -19.68 0.77
CA GLU A 2 15.18 -19.82 1.88
C GLU A 2 15.36 -18.69 2.88
N PHE A 3 14.71 -17.56 2.61
CA PHE A 3 14.78 -16.40 3.48
C PHE A 3 13.39 -15.91 3.86
N MET A 4 13.24 -15.50 5.11
CA MET A 4 11.95 -15.03 5.62
C MET A 4 11.50 -13.76 4.88
N LEU A 5 10.21 -13.47 5.00
CA LEU A 5 9.62 -12.30 4.34
C LEU A 5 9.65 -11.07 5.25
N THR A 6 9.11 -9.98 4.73
CA THR A 6 9.07 -8.72 5.45
C THR A 6 7.94 -7.85 4.88
N THR A 7 7.45 -6.90 5.68
CA THR A 7 6.37 -6.03 5.22
C THR A 7 6.72 -4.55 5.36
N LEU A 8 7.13 -3.95 4.26
CA LEU A 8 7.44 -2.54 4.25
C LEU A 8 6.21 -1.79 3.80
N ILE A 9 5.91 -0.70 4.45
CA ILE A 9 4.75 0.09 4.08
C ILE A 9 5.11 1.56 4.09
N TYR A 10 4.53 2.33 3.19
CA TYR A 10 4.83 3.75 3.11
C TYR A 10 3.63 4.54 2.62
N ARG A 11 3.75 5.86 2.69
CA ARG A 11 2.70 6.74 2.22
C ARG A 11 3.32 7.98 1.60
N SER A 12 2.85 8.31 0.41
CA SER A 12 3.33 9.47 -0.31
C SER A 12 2.17 10.35 -0.66
N GLN A 13 2.39 11.28 -1.57
CA GLN A 13 1.33 12.15 -1.99
C GLN A 13 1.15 12.06 -3.50
N VAL A 14 0.99 13.21 -4.09
CA VAL A 14 0.80 13.34 -5.52
C VAL A 14 0.96 14.80 -5.92
N HIS A 15 0.79 15.10 -7.19
CA HIS A 15 0.92 16.48 -7.65
C HIS A 15 -0.46 17.14 -7.75
N PRO A 16 -0.83 17.96 -6.75
CA PRO A 16 -2.11 18.66 -6.72
C PRO A 16 -2.40 19.40 -8.02
N ASP A 17 -1.34 19.63 -8.78
CA ASP A 17 -1.43 20.32 -10.05
C ASP A 17 -1.67 19.34 -11.19
N ARG A 18 -0.89 18.26 -11.20
CA ARG A 18 -1.02 17.23 -12.24
C ARG A 18 -2.44 16.68 -12.33
N PRO A 19 -2.73 15.99 -13.44
CA PRO A 19 -4.04 15.37 -13.66
C PRO A 19 -4.18 14.06 -12.91
N PRO A 20 -5.36 13.41 -12.96
CA PRO A 20 -5.59 12.13 -12.27
C PRO A 20 -4.55 11.08 -12.64
N VAL A 21 -4.40 10.09 -11.77
CA VAL A 21 -3.43 9.02 -12.00
C VAL A 21 -4.04 7.85 -12.75
N ASP A 22 -3.21 7.14 -13.49
CA ASP A 22 -3.65 5.98 -14.22
C ASP A 22 -3.61 4.77 -13.30
N LEU A 23 -4.35 4.88 -12.20
CA LEU A 23 -4.43 3.85 -11.18
C LEU A 23 -4.79 2.47 -11.71
N ASP A 24 -4.90 2.35 -13.02
CA ASP A 24 -5.17 1.07 -13.65
C ASP A 24 -3.87 0.55 -14.23
N ALA A 25 -3.19 1.49 -14.88
CA ALA A 25 -1.91 1.23 -15.51
C ALA A 25 -0.76 1.36 -14.52
N LEU A 26 -0.99 2.17 -13.49
CA LEU A 26 -0.01 2.45 -12.46
C LEU A 26 0.25 1.21 -11.63
N VAL A 27 -0.83 0.50 -11.31
CA VAL A 27 -0.74 -0.71 -10.52
C VAL A 27 -0.44 -1.92 -11.40
N HIS A 28 -0.90 -1.87 -12.65
CA HIS A 28 -0.68 -2.98 -13.58
C HIS A 28 0.80 -3.29 -13.74
N ARG A 29 1.57 -2.28 -14.14
CA ARG A 29 3.00 -2.44 -14.33
C ARG A 29 3.70 -2.82 -13.02
N ALA A 30 3.05 -2.50 -11.91
CA ALA A 30 3.61 -2.81 -10.60
C ALA A 30 3.46 -4.28 -10.26
N SER A 31 2.22 -4.74 -10.19
CA SER A 31 1.93 -6.13 -9.87
C SER A 31 2.72 -7.08 -10.76
N SER A 32 3.01 -6.62 -11.97
CA SER A 32 3.77 -7.42 -12.93
C SER A 32 5.22 -7.59 -12.48
N LYS A 33 5.75 -6.57 -11.82
CA LYS A 33 7.12 -6.61 -11.33
C LYS A 33 7.23 -7.29 -9.97
N ASN A 34 6.31 -6.95 -9.08
CA ASN A 34 6.29 -7.50 -7.73
C ASN A 34 5.98 -9.00 -7.74
N LEU A 35 5.15 -9.43 -8.67
CA LEU A 35 4.78 -10.84 -8.76
C LEU A 35 6.01 -11.76 -8.83
N PRO A 36 6.86 -11.59 -9.86
CA PRO A 36 8.06 -12.42 -10.01
C PRO A 36 9.08 -12.13 -8.92
N LEU A 37 9.01 -10.92 -8.40
CA LEU A 37 9.91 -10.47 -7.34
C LEU A 37 9.58 -11.18 -6.02
N GLY A 38 8.37 -11.68 -5.93
CA GLY A 38 7.93 -12.37 -4.73
C GLY A 38 7.29 -11.40 -3.76
N ILE A 39 7.07 -10.19 -4.24
CA ILE A 39 6.47 -9.14 -3.45
C ILE A 39 4.95 -9.16 -3.53
N THR A 40 4.30 -8.90 -2.41
CA THR A 40 2.85 -8.86 -2.34
C THR A 40 2.40 -7.56 -1.68
N GLY A 41 1.23 -7.06 -2.04
CA GLY A 41 0.78 -5.83 -1.43
C GLY A 41 -0.39 -5.17 -2.12
N ILE A 42 -0.61 -3.92 -1.74
CA ILE A 42 -1.71 -3.13 -2.27
C ILE A 42 -1.36 -1.64 -2.26
N LEU A 43 -2.01 -0.88 -3.13
CA LEU A 43 -1.80 0.56 -3.21
C LEU A 43 -3.09 1.31 -2.88
N LEU A 44 -2.96 2.58 -2.58
CA LEU A 44 -4.11 3.40 -2.23
C LEU A 44 -3.98 4.81 -2.79
N PHE A 45 -5.12 5.43 -3.04
CA PHE A 45 -5.16 6.80 -3.54
C PHE A 45 -6.43 7.48 -3.07
N ASN A 46 -6.31 8.70 -2.54
CA ASN A 46 -7.46 9.42 -2.04
C ASN A 46 -7.59 10.77 -2.75
N GLY A 47 -6.80 10.92 -3.81
CA GLY A 47 -6.82 12.15 -4.58
C GLY A 47 -5.67 13.06 -4.23
N LEU A 48 -4.83 12.61 -3.33
CA LEU A 48 -3.67 13.40 -2.91
C LEU A 48 -2.54 12.51 -2.44
N GLN A 49 -2.86 11.44 -1.72
CA GLN A 49 -1.83 10.56 -1.18
C GLN A 49 -1.89 9.14 -1.70
N PHE A 50 -0.69 8.56 -1.87
CA PHE A 50 -0.54 7.16 -2.30
C PHE A 50 -0.01 6.30 -1.16
N PHE A 51 -0.86 5.44 -0.62
CA PHE A 51 -0.45 4.56 0.47
C PHE A 51 -0.16 3.17 -0.09
N GLN A 52 0.92 2.54 0.35
CA GLN A 52 1.25 1.23 -0.20
C GLN A 52 1.67 0.22 0.85
N VAL A 53 0.96 -0.90 0.87
CA VAL A 53 1.30 -2.00 1.77
C VAL A 53 2.18 -2.97 0.99
N LEU A 54 3.46 -2.94 1.25
CA LEU A 54 4.39 -3.81 0.55
C LEU A 54 4.84 -4.98 1.41
N GLU A 55 4.95 -6.14 0.78
CA GLU A 55 5.39 -7.35 1.45
C GLU A 55 6.53 -7.99 0.67
N GLY A 56 7.26 -8.91 1.31
CA GLY A 56 8.36 -9.56 0.64
C GLY A 56 9.66 -9.39 1.39
N THR A 57 10.74 -9.93 0.83
CA THR A 57 12.06 -9.84 1.45
C THR A 57 12.49 -8.40 1.61
N GLU A 58 13.08 -8.09 2.76
CA GLU A 58 13.55 -6.76 3.06
C GLU A 58 14.37 -6.21 1.90
N GLU A 59 15.23 -7.05 1.38
CA GLU A 59 16.09 -6.68 0.26
C GLU A 59 15.29 -6.16 -0.91
N ALA A 60 14.11 -6.74 -1.10
CA ALA A 60 13.22 -6.35 -2.19
C ALA A 60 12.42 -5.10 -1.81
N LEU A 61 12.01 -5.03 -0.56
CA LEU A 61 11.22 -3.89 -0.08
C LEU A 61 12.03 -2.60 -0.12
N GLU A 62 13.28 -2.67 0.34
CA GLU A 62 14.14 -1.51 0.37
C GLU A 62 14.31 -0.91 -1.03
N SER A 63 14.82 -1.72 -1.95
CA SER A 63 15.05 -1.30 -3.33
C SER A 63 13.77 -0.78 -3.97
N LEU A 64 12.69 -1.54 -3.83
CA LEU A 64 11.41 -1.18 -4.41
C LEU A 64 10.97 0.17 -3.87
N PHE A 65 10.78 0.20 -2.56
CA PHE A 65 10.42 1.40 -1.85
C PHE A 65 11.33 2.56 -2.23
N SER A 66 12.58 2.23 -2.57
CA SER A 66 13.54 3.25 -2.97
C SER A 66 13.25 3.72 -4.39
N GLU A 67 12.66 2.84 -5.18
CA GLU A 67 12.30 3.17 -6.54
C GLU A 67 11.09 4.09 -6.51
N ILE A 68 10.29 3.89 -5.47
CA ILE A 68 9.10 4.67 -5.23
C ILE A 68 9.43 6.13 -5.01
N GLN A 69 10.31 6.40 -4.06
CA GLN A 69 10.69 7.77 -3.76
C GLN A 69 11.45 8.40 -4.94
N SER A 70 11.82 7.57 -5.90
CA SER A 70 12.54 8.03 -7.08
C SER A 70 11.56 8.28 -8.24
N ASP A 71 10.27 8.16 -7.95
CA ASP A 71 9.23 8.37 -8.95
C ASP A 71 8.82 9.84 -9.03
N PRO A 72 8.37 10.30 -10.20
CA PRO A 72 7.97 11.69 -10.41
C PRO A 72 6.49 11.96 -10.08
N ARG A 73 5.65 10.93 -10.18
CA ARG A 73 4.23 11.10 -9.90
C ARG A 73 3.98 11.55 -8.46
N HIS A 74 3.91 10.59 -7.53
CA HIS A 74 3.68 10.92 -6.13
C HIS A 74 4.86 11.70 -5.57
N ARG A 75 4.85 11.91 -4.26
CA ARG A 75 5.92 12.66 -3.62
C ARG A 75 5.93 12.45 -2.11
N ASP A 76 6.86 13.12 -1.45
CA ASP A 76 7.00 13.07 -0.01
C ASP A 76 6.73 11.69 0.59
N VAL A 77 7.08 10.64 -0.12
CA VAL A 77 6.88 9.29 0.39
C VAL A 77 7.67 9.11 1.69
N VAL A 78 7.08 8.39 2.62
CA VAL A 78 7.71 8.14 3.92
C VAL A 78 7.49 6.70 4.36
N GLU A 79 8.56 6.06 4.84
CA GLU A 79 8.47 4.68 5.31
C GLU A 79 7.60 4.60 6.55
N LEU A 80 6.42 4.02 6.39
CA LEU A 80 5.47 3.86 7.48
C LEU A 80 5.73 2.60 8.29
N MET A 81 6.15 1.54 7.59
CA MET A 81 6.40 0.27 8.24
C MET A 81 7.51 -0.51 7.59
N ARG A 82 7.89 -1.56 8.29
CA ARG A 82 8.91 -2.48 7.86
C ARG A 82 9.19 -3.47 8.97
N ASP A 83 8.37 -4.49 8.98
CA ASP A 83 8.43 -5.53 10.01
C ASP A 83 8.70 -6.89 9.40
N TYR A 84 9.24 -7.80 10.20
CA TYR A 84 9.53 -9.15 9.73
C TYR A 84 8.26 -9.94 9.46
N SER A 85 8.32 -10.80 8.46
CA SER A 85 7.17 -11.63 8.08
C SER A 85 7.63 -12.97 7.51
N ALA A 86 6.68 -13.85 7.27
CA ALA A 86 6.99 -15.17 6.74
C ALA A 86 5.90 -15.70 5.82
N TYR A 87 4.95 -14.86 5.46
CA TYR A 87 3.84 -15.27 4.61
C TYR A 87 3.31 -14.13 3.76
N ARG A 88 2.97 -14.45 2.51
CA ARG A 88 2.40 -13.47 1.58
C ARG A 88 0.89 -13.41 1.75
N ARG A 89 0.41 -12.31 2.32
CA ARG A 89 -1.01 -12.14 2.58
C ARG A 89 -1.80 -11.80 1.30
N PHE A 90 -1.16 -11.11 0.37
CA PHE A 90 -1.80 -10.75 -0.89
C PHE A 90 -1.40 -11.70 -2.00
N HIS A 91 -1.46 -13.01 -1.70
CA HIS A 91 -1.09 -14.04 -2.68
C HIS A 91 -1.90 -13.89 -3.95
N GLY A 92 -1.23 -14.04 -5.09
CA GLY A 92 -1.90 -13.92 -6.37
C GLY A 92 -2.01 -12.48 -6.84
N THR A 93 -1.94 -11.55 -5.88
CA THR A 93 -2.04 -10.13 -6.19
C THR A 93 -0.77 -9.39 -5.75
N GLY A 94 0.21 -9.32 -6.64
CA GLY A 94 1.46 -8.64 -6.34
C GLY A 94 1.25 -7.19 -5.95
N MET A 95 0.27 -6.55 -6.57
CA MET A 95 -0.04 -5.15 -6.29
C MET A 95 -1.44 -4.80 -6.79
N ARG A 96 -2.18 -4.02 -6.02
CA ARG A 96 -3.53 -3.63 -6.40
C ARG A 96 -3.92 -2.30 -5.76
N ILE A 97 -3.91 -1.24 -6.55
CA ILE A 97 -4.27 0.09 -6.06
C ILE A 97 -5.72 0.14 -5.59
N LEU A 98 -6.04 1.14 -4.79
CA LEU A 98 -7.38 1.33 -4.28
C LEU A 98 -7.80 2.78 -4.34
N ASP A 99 -8.45 3.16 -5.42
CA ASP A 99 -8.94 4.53 -5.59
C ASP A 99 -9.99 4.81 -4.53
N LEU A 100 -9.55 5.26 -3.37
CA LEU A 100 -10.47 5.54 -2.28
C LEU A 100 -11.50 6.57 -2.70
N ARG A 101 -11.17 7.34 -3.74
CA ARG A 101 -12.08 8.35 -4.26
C ARG A 101 -13.38 7.68 -4.68
N LEU A 102 -13.33 6.36 -4.80
CA LEU A 102 -14.49 5.57 -5.20
C LEU A 102 -15.23 5.03 -3.98
N PHE A 103 -14.48 4.49 -3.03
CA PHE A 103 -15.07 3.92 -1.82
C PHE A 103 -14.96 4.87 -0.63
N GLU A 104 -14.93 4.30 0.57
CA GLU A 104 -14.82 5.06 1.80
C GLU A 104 -13.92 4.34 2.79
N THR A 105 -14.07 4.68 4.06
CA THR A 105 -13.26 4.05 5.09
C THR A 105 -13.50 2.54 5.14
N ASP A 106 -14.75 2.14 5.37
CA ASP A 106 -15.09 0.73 5.45
C ASP A 106 -15.26 0.14 4.05
N GLY A 107 -15.59 0.99 3.10
CA GLY A 107 -15.77 0.54 1.72
C GLY A 107 -14.44 0.11 1.11
N ALA A 108 -13.42 0.93 1.31
CA ALA A 108 -12.09 0.65 0.80
C ALA A 108 -11.47 -0.52 1.52
N LEU A 109 -11.66 -0.58 2.84
CA LEU A 109 -11.13 -1.66 3.63
C LEU A 109 -11.73 -2.98 3.17
N GLU A 110 -13.02 -2.96 2.85
CA GLU A 110 -13.71 -4.15 2.38
C GLU A 110 -13.10 -4.60 1.06
N GLU A 111 -12.69 -3.63 0.26
CA GLU A 111 -12.05 -3.91 -1.02
C GLU A 111 -10.87 -4.85 -0.81
N ILE A 112 -9.93 -4.41 0.03
CA ILE A 112 -8.77 -5.23 0.34
C ILE A 112 -9.19 -6.66 0.64
N LEU A 113 -10.03 -6.81 1.65
CA LEU A 113 -10.52 -8.11 2.06
C LEU A 113 -11.06 -8.91 0.87
N ARG A 114 -11.75 -8.21 -0.02
CA ARG A 114 -12.34 -8.82 -1.21
C ARG A 114 -11.30 -9.49 -2.11
N PHE A 115 -10.11 -8.90 -2.21
CA PHE A 115 -9.06 -9.46 -3.06
C PHE A 115 -7.80 -9.75 -2.27
N SER A 116 -7.95 -9.85 -0.97
CA SER A 116 -6.83 -10.13 -0.09
C SER A 116 -7.16 -11.29 0.83
N THR A 117 -6.29 -12.27 0.85
CA THR A 117 -6.50 -13.45 1.68
C THR A 117 -5.75 -13.32 2.99
N PHE A 118 -6.25 -12.44 3.85
CA PHE A 118 -5.67 -12.17 5.14
C PHE A 118 -6.04 -13.27 6.14
N GLY A 119 -5.85 -14.52 5.74
CA GLY A 119 -6.17 -15.65 6.61
C GLY A 119 -5.19 -15.78 7.77
N VAL A 120 -4.47 -14.70 8.06
CA VAL A 120 -3.50 -14.68 9.14
C VAL A 120 -4.17 -14.95 10.49
N THR A 121 -3.39 -14.87 11.55
CA THR A 121 -3.91 -15.09 12.89
C THR A 121 -4.99 -14.07 13.22
N GLU A 122 -4.60 -12.79 13.21
CA GLU A 122 -5.54 -11.70 13.49
C GLU A 122 -5.12 -10.43 12.76
N PRO A 123 -5.90 -10.01 11.74
CA PRO A 123 -5.59 -8.79 11.00
C PRO A 123 -5.73 -7.54 11.87
N VAL A 124 -6.28 -7.75 13.05
CA VAL A 124 -6.49 -6.67 14.02
C VAL A 124 -5.16 -6.00 14.40
N ASN A 125 -4.38 -6.71 15.21
CA ASN A 125 -3.10 -6.19 15.67
C ASN A 125 -2.07 -6.14 14.54
N ASP A 126 -2.48 -6.51 13.33
CA ASP A 126 -1.59 -6.49 12.19
C ASP A 126 -1.07 -5.07 11.95
N ARG A 127 0.21 -4.86 12.23
CA ARG A 127 0.83 -3.56 12.08
C ARG A 127 0.64 -3.02 10.66
N MET A 128 0.67 -3.91 9.66
CA MET A 128 0.49 -3.51 8.29
C MET A 128 -0.91 -2.98 8.04
N PHE A 129 -1.88 -3.55 8.75
CA PHE A 129 -3.27 -3.14 8.61
C PHE A 129 -3.53 -1.87 9.41
N ARG A 130 -2.73 -1.64 10.45
CA ARG A 130 -2.87 -0.46 11.28
C ARG A 130 -2.77 0.79 10.41
N LEU A 131 -1.75 0.81 9.56
CA LEU A 131 -1.54 1.92 8.64
C LEU A 131 -2.61 1.90 7.55
N LEU A 132 -2.82 0.73 6.98
CA LEU A 132 -3.80 0.53 5.93
C LEU A 132 -5.14 1.16 6.31
N SER A 133 -5.61 0.89 7.52
CA SER A 133 -6.87 1.43 7.99
C SER A 133 -6.72 2.86 8.46
N ALA A 134 -5.50 3.25 8.81
CA ALA A 134 -5.24 4.61 9.26
C ALA A 134 -5.28 5.57 8.08
N PHE A 135 -4.96 5.04 6.90
CA PHE A 135 -5.00 5.81 5.67
C PHE A 135 -6.42 5.84 5.15
N ILE A 136 -7.06 4.68 5.25
CA ILE A 136 -8.43 4.52 4.83
C ILE A 136 -9.33 5.41 5.69
N ALA A 137 -8.91 5.55 6.94
CA ALA A 137 -9.65 6.33 7.93
C ALA A 137 -9.29 7.81 7.92
N ASP A 138 -8.02 8.10 8.12
CA ASP A 138 -7.53 9.48 8.18
C ASP A 138 -6.91 9.96 6.88
N GLY A 139 -6.23 9.06 6.19
CA GLY A 139 -5.60 9.43 4.93
C GLY A 139 -4.23 10.05 5.14
N GLY A 140 -4.04 10.72 6.28
CA GLY A 140 -2.76 11.34 6.58
C GLY A 140 -2.85 12.85 6.65
N ARG A 141 -3.88 13.42 6.05
CA ARG A 141 -4.09 14.84 6.04
C ARG A 141 -5.13 15.22 7.08
N TYR A 142 -4.63 15.55 8.26
CA TYR A 142 -5.49 15.94 9.38
C TYR A 142 -6.40 17.11 9.00
N CYS A 143 -7.29 17.48 9.93
CA CYS A 143 -8.22 18.57 9.71
C CYS A 143 -8.95 18.94 11.00
N LEU A 144 -8.54 18.33 12.09
CA LEU A 144 -9.15 18.56 13.39
C LEU A 144 -8.91 20.01 13.86
N PRO A 145 -7.65 20.49 13.84
CA PRO A 145 -7.32 21.86 14.29
C PRO A 145 -8.03 22.93 13.46
N GLU A 146 -8.22 24.09 14.05
CA GLU A 146 -8.88 25.21 13.37
C GLU A 146 -8.11 26.52 13.60
N PRO A 147 -7.33 26.97 12.59
CA PRO A 147 -6.55 28.20 12.71
C PRO A 147 -7.40 29.38 13.18
N LEU A 148 -6.90 30.07 14.21
CA LEU A 148 -7.61 31.22 14.76
C LEU A 148 -7.56 32.41 13.81
N1 FMN B . 6.27 -0.56 -9.51
C2 FMN B . 6.48 -1.70 -8.76
O2 FMN B . 7.08 -2.66 -9.17
N3 FMN B . 5.96 -1.76 -7.42
C4 FMN B . 5.27 -0.76 -6.81
O4 FMN B . 4.86 -0.91 -5.65
C4A FMN B . 5.04 0.45 -7.61
N5 FMN B . 4.37 1.49 -7.09
C5A FMN B . 4.18 2.62 -7.87
C6 FMN B . 3.44 3.76 -7.31
C7 FMN B . 3.20 4.91 -8.02
C7M FMN B . 2.43 6.09 -7.42
C8 FMN B . 3.71 5.02 -9.41
C8M FMN B . 3.48 6.25 -10.24
C9 FMN B . 4.43 3.94 -9.96
C9A FMN B . 4.67 2.74 -9.24
N10 FMN B . 5.39 1.62 -9.75
C10 FMN B . 5.60 0.46 -9.00
C1' FMN B . 5.93 1.62 -11.13
C2' FMN B . 7.43 1.98 -11.13
O2' FMN B . 7.62 3.12 -10.31
C3' FMN B . 8.06 2.13 -12.49
O3' FMN B . 7.06 2.51 -13.42
C4' FMN B . 8.89 0.95 -12.97
O4' FMN B . 8.21 -0.30 -13.04
C5' FMN B . 10.25 1.09 -13.63
O5' FMN B . 10.61 2.48 -13.73
P FMN B . 10.56 3.27 -15.10
O1P FMN B . 11.40 2.51 -16.09
O2P FMN B . 11.01 4.68 -14.86
O3P FMN B . 9.05 3.18 -15.52
HN3 FMN B . 6.01 -2.62 -6.95
H6 FMN B . 2.93 3.63 -6.37
HM71 FMN B . 2.46 6.03 -6.34
HM72 FMN B . 1.40 6.06 -7.74
HM73 FMN B . 2.88 7.02 -7.72
HM81 FMN B . 2.46 6.59 -10.13
HM82 FMN B . 4.15 7.05 -9.91
HM83 FMN B . 3.68 6.03 -11.29
H9 FMN B . 4.78 4.01 -10.98
H1'1 FMN B . 5.39 2.34 -11.72
H1'2 FMN B . 5.80 0.64 -11.55
H2' FMN B . 7.93 1.16 -10.64
HO2' FMN B . 8.34 3.64 -10.66
H3' FMN B . 8.75 2.96 -12.42
HO3' FMN B . 7.39 3.22 -13.98
H4' FMN B . 9.31 0.76 -12.00
HO4' FMN B . 7.45 -0.29 -12.45
H5'1 FMN B . 10.20 0.67 -14.62
H5'2 FMN B . 10.98 0.58 -13.05
N GLY A 1 17.97 -23.50 -0.52
CA GLY A 1 17.91 -22.02 -0.63
C GLY A 1 16.55 -21.45 -0.32
N GLU A 2 16.47 -20.61 0.71
CA GLU A 2 15.20 -20.00 1.11
C GLU A 2 15.44 -18.85 2.08
N PHE A 3 14.58 -17.84 2.02
CA PHE A 3 14.70 -16.68 2.89
C PHE A 3 13.33 -16.24 3.40
N MET A 4 13.32 -15.60 4.57
CA MET A 4 12.09 -15.14 5.18
C MET A 4 11.48 -13.97 4.40
N LEU A 5 10.37 -13.43 4.92
CA LEU A 5 9.69 -12.32 4.28
C LEU A 5 9.67 -11.08 5.17
N THR A 6 9.09 -10.02 4.65
CA THR A 6 9.01 -8.75 5.37
C THR A 6 7.88 -7.90 4.79
N THR A 7 7.34 -6.98 5.58
CA THR A 7 6.26 -6.13 5.10
C THR A 7 6.60 -4.65 5.23
N LEU A 8 6.98 -4.04 4.11
CA LEU A 8 7.30 -2.64 4.06
C LEU A 8 6.06 -1.89 3.61
N ILE A 9 5.75 -0.81 4.30
CA ILE A 9 4.58 -0.02 3.94
C ILE A 9 4.93 1.46 3.95
N TYR A 10 4.47 2.20 2.95
CA TYR A 10 4.77 3.62 2.87
C TYR A 10 3.58 4.42 2.37
N ARG A 11 3.70 5.74 2.45
CA ARG A 11 2.65 6.62 1.98
C ARG A 11 3.24 7.90 1.45
N SER A 12 2.80 8.30 0.27
CA SER A 12 3.27 9.51 -0.36
C SER A 12 2.13 10.44 -0.66
N GLN A 13 2.35 11.32 -1.61
CA GLN A 13 1.32 12.25 -2.02
C GLN A 13 1.13 12.21 -3.53
N VAL A 14 0.98 13.39 -4.12
CA VAL A 14 0.78 13.52 -5.55
C VAL A 14 0.88 14.98 -5.95
N HIS A 15 0.61 15.28 -7.21
CA HIS A 15 0.65 16.65 -7.69
C HIS A 15 -0.75 17.27 -7.68
N PRO A 16 -1.11 17.96 -6.58
CA PRO A 16 -2.44 18.60 -6.46
C PRO A 16 -2.75 19.52 -7.63
N ASP A 17 -1.72 19.86 -8.38
CA ASP A 17 -1.86 20.74 -9.54
C ASP A 17 -2.08 19.93 -10.82
N ARG A 18 -1.40 18.79 -10.92
CA ARG A 18 -1.53 17.93 -12.09
C ARG A 18 -2.86 17.19 -12.08
N PRO A 19 -3.22 16.48 -13.17
CA PRO A 19 -4.48 15.74 -13.27
C PRO A 19 -4.42 14.41 -12.53
N PRO A 20 -5.53 13.65 -12.50
CA PRO A 20 -5.58 12.34 -11.82
C PRO A 20 -4.48 11.39 -12.25
N VAL A 21 -4.28 10.34 -11.47
CA VAL A 21 -3.25 9.33 -11.77
C VAL A 21 -3.82 8.18 -12.58
N ASP A 22 -2.95 7.54 -13.35
CA ASP A 22 -3.35 6.39 -14.15
C ASP A 22 -3.29 5.14 -13.29
N LEU A 23 -4.07 5.16 -12.22
CA LEU A 23 -4.15 4.07 -11.25
C LEU A 23 -4.45 2.71 -11.88
N ASP A 24 -4.51 2.67 -13.18
CA ASP A 24 -4.71 1.41 -13.88
C ASP A 24 -3.39 0.96 -14.45
N ALA A 25 -2.71 1.94 -15.01
CA ALA A 25 -1.40 1.75 -15.61
C ALA A 25 -0.30 1.85 -14.56
N LEU A 26 -0.58 2.63 -13.52
CA LEU A 26 0.35 2.87 -12.42
C LEU A 26 0.62 1.58 -11.66
N VAL A 27 -0.45 0.83 -11.42
CA VAL A 27 -0.37 -0.42 -10.69
C VAL A 27 -0.02 -1.58 -11.62
N HIS A 28 -0.45 -1.48 -12.89
CA HIS A 28 -0.19 -2.52 -13.87
C HIS A 28 1.30 -2.83 -13.96
N ARG A 29 2.09 -1.79 -14.26
CA ARG A 29 3.54 -1.95 -14.40
C ARG A 29 4.17 -2.50 -13.11
N ALA A 30 3.53 -2.25 -11.97
CA ALA A 30 4.05 -2.71 -10.69
C ALA A 30 3.74 -4.18 -10.45
N SER A 31 2.45 -4.54 -10.52
CA SER A 31 2.01 -5.90 -10.29
C SER A 31 2.79 -6.90 -11.13
N SER A 32 3.14 -6.50 -12.35
CA SER A 32 3.89 -7.36 -13.25
C SER A 32 5.33 -7.58 -12.76
N LYS A 33 5.85 -6.60 -12.04
CA LYS A 33 7.22 -6.67 -11.53
C LYS A 33 7.29 -7.40 -10.18
N ASN A 34 6.35 -7.12 -9.30
CA ASN A 34 6.33 -7.73 -7.97
C ASN A 34 5.89 -9.19 -8.01
N LEU A 35 5.02 -9.52 -8.96
CA LEU A 35 4.52 -10.88 -9.09
C LEU A 35 5.67 -11.89 -9.19
N PRO A 36 6.51 -11.78 -10.23
CA PRO A 36 7.65 -12.69 -10.43
C PRO A 36 8.70 -12.55 -9.34
N LEU A 37 8.76 -11.35 -8.77
CA LEU A 37 9.70 -11.04 -7.70
C LEU A 37 9.32 -11.74 -6.41
N GLY A 38 8.05 -12.09 -6.29
CA GLY A 38 7.55 -12.76 -5.11
C GLY A 38 6.95 -11.79 -4.13
N ILE A 39 6.89 -10.53 -4.55
CA ILE A 39 6.33 -9.46 -3.74
C ILE A 39 4.82 -9.38 -3.89
N THR A 40 4.13 -9.17 -2.79
CA THR A 40 2.68 -9.04 -2.80
C THR A 40 2.26 -7.78 -2.06
N GLY A 41 1.17 -7.17 -2.49
CA GLY A 41 0.72 -5.97 -1.83
C GLY A 41 -0.48 -5.32 -2.45
N ILE A 42 -0.73 -4.08 -2.04
CA ILE A 42 -1.84 -3.29 -2.52
C ILE A 42 -1.51 -1.81 -2.42
N LEU A 43 -1.97 -1.03 -3.38
CA LEU A 43 -1.72 0.39 -3.39
C LEU A 43 -3.01 1.15 -3.07
N LEU A 44 -2.88 2.43 -2.75
CA LEU A 44 -4.05 3.25 -2.41
C LEU A 44 -3.92 4.67 -2.94
N PHE A 45 -5.06 5.29 -3.18
CA PHE A 45 -5.11 6.67 -3.65
C PHE A 45 -6.38 7.33 -3.14
N ASN A 46 -6.24 8.54 -2.60
CA ASN A 46 -7.40 9.25 -2.06
C ASN A 46 -7.56 10.58 -2.77
N GLY A 47 -6.79 10.76 -3.83
CA GLY A 47 -6.87 12.00 -4.59
C GLY A 47 -5.75 12.95 -4.24
N LEU A 48 -4.90 12.53 -3.31
CA LEU A 48 -3.79 13.37 -2.88
C LEU A 48 -2.59 12.51 -2.46
N GLN A 49 -2.86 11.40 -1.79
CA GLN A 49 -1.79 10.54 -1.31
C GLN A 49 -1.82 9.13 -1.90
N PHE A 50 -0.74 8.38 -1.67
CA PHE A 50 -0.60 7.01 -2.14
C PHE A 50 -0.11 6.10 -1.01
N PHE A 51 -0.98 5.22 -0.54
CA PHE A 51 -0.61 4.29 0.53
C PHE A 51 -0.30 2.93 -0.07
N GLN A 52 0.89 2.42 0.18
CA GLN A 52 1.29 1.14 -0.40
C GLN A 52 1.68 0.10 0.63
N VAL A 53 1.00 -1.04 0.57
CA VAL A 53 1.30 -2.17 1.43
C VAL A 53 2.18 -3.13 0.65
N LEU A 54 3.41 -3.30 1.10
CA LEU A 54 4.33 -4.17 0.39
C LEU A 54 4.72 -5.39 1.22
N GLU A 55 4.72 -6.55 0.58
CA GLU A 55 5.09 -7.80 1.24
C GLU A 55 6.19 -8.50 0.45
N GLY A 56 7.14 -9.08 1.17
CA GLY A 56 8.24 -9.77 0.52
C GLY A 56 9.56 -9.57 1.25
N THR A 57 10.64 -10.09 0.69
CA THR A 57 11.95 -9.97 1.31
C THR A 57 12.32 -8.51 1.51
N GLU A 58 12.83 -8.21 2.70
CA GLU A 58 13.23 -6.85 3.06
C GLU A 58 14.16 -6.25 2.00
N GLU A 59 14.97 -7.10 1.39
CA GLU A 59 15.90 -6.64 0.37
C GLU A 59 15.16 -6.09 -0.83
N ALA A 60 14.05 -6.73 -1.16
CA ALA A 60 13.22 -6.31 -2.28
C ALA A 60 12.39 -5.08 -1.91
N LEU A 61 11.89 -5.08 -0.68
CA LEU A 61 11.09 -3.96 -0.18
C LEU A 61 11.89 -2.68 -0.16
N GLU A 62 13.14 -2.78 0.30
CA GLU A 62 14.02 -1.62 0.37
C GLU A 62 14.23 -1.02 -1.01
N SER A 63 14.76 -1.84 -1.91
CA SER A 63 15.01 -1.43 -3.29
C SER A 63 13.76 -0.86 -3.94
N LEU A 64 12.64 -1.54 -3.73
CA LEU A 64 11.37 -1.14 -4.30
C LEU A 64 11.00 0.23 -3.78
N PHE A 65 10.76 0.28 -2.48
CA PHE A 65 10.40 1.51 -1.80
C PHE A 65 11.37 2.63 -2.16
N SER A 66 12.60 2.27 -2.49
CA SER A 66 13.60 3.26 -2.86
C SER A 66 13.36 3.72 -4.29
N GLU A 67 12.81 2.82 -5.11
CA GLU A 67 12.50 3.13 -6.49
C GLU A 67 11.31 4.08 -6.51
N ILE A 68 10.48 3.94 -5.48
CA ILE A 68 9.30 4.73 -5.31
C ILE A 68 9.64 6.20 -5.04
N GLN A 69 10.44 6.43 -4.00
CA GLN A 69 10.80 7.80 -3.64
C GLN A 69 11.57 8.48 -4.77
N SER A 70 11.97 7.70 -5.77
CA SER A 70 12.71 8.23 -6.91
C SER A 70 11.75 8.56 -8.07
N ASP A 71 10.45 8.53 -7.77
CA ASP A 71 9.42 8.80 -8.77
C ASP A 71 8.97 10.26 -8.70
N PRO A 72 8.50 10.82 -9.85
CA PRO A 72 8.07 12.23 -9.92
C PRO A 72 6.59 12.45 -9.56
N ARG A 73 5.73 11.50 -9.91
CA ARG A 73 4.30 11.62 -9.63
C ARG A 73 4.04 12.05 -8.18
N HIS A 74 4.10 11.10 -7.25
CA HIS A 74 3.89 11.40 -5.85
C HIS A 74 5.01 12.32 -5.35
N ARG A 75 5.25 12.35 -4.04
CA ARG A 75 6.32 13.22 -3.51
C ARG A 75 6.75 12.87 -2.09
N ASP A 76 5.80 12.94 -1.16
CA ASP A 76 6.09 12.70 0.26
C ASP A 76 6.00 11.24 0.66
N VAL A 77 6.64 10.37 -0.08
CA VAL A 77 6.65 8.94 0.24
C VAL A 77 7.57 8.70 1.43
N VAL A 78 6.96 8.34 2.54
CA VAL A 78 7.69 8.07 3.76
C VAL A 78 7.43 6.64 4.23
N GLU A 79 8.47 6.00 4.75
CA GLU A 79 8.35 4.62 5.21
C GLU A 79 7.46 4.54 6.44
N LEU A 80 6.29 3.95 6.26
CA LEU A 80 5.31 3.79 7.32
C LEU A 80 5.60 2.54 8.15
N MET A 81 6.07 1.49 7.48
CA MET A 81 6.35 0.23 8.16
C MET A 81 7.43 -0.58 7.48
N ARG A 82 7.79 -1.64 8.19
CA ARG A 82 8.78 -2.61 7.76
C ARG A 82 9.02 -3.60 8.88
N ASP A 83 8.18 -4.62 8.89
CA ASP A 83 8.24 -5.66 9.91
C ASP A 83 8.58 -7.02 9.30
N TYR A 84 9.26 -7.85 10.07
CA TYR A 84 9.63 -9.17 9.61
C TYR A 84 8.43 -10.07 9.44
N SER A 85 8.53 -11.03 8.52
CA SER A 85 7.44 -11.95 8.25
C SER A 85 7.98 -13.26 7.68
N ALA A 86 7.08 -14.20 7.43
CA ALA A 86 7.46 -15.50 6.90
C ALA A 86 6.41 -16.05 5.94
N TYR A 87 5.43 -15.24 5.60
CA TYR A 87 4.36 -15.68 4.70
C TYR A 87 3.71 -14.50 3.98
N ARG A 88 3.10 -14.80 2.83
CA ARG A 88 2.41 -13.79 2.03
C ARG A 88 0.91 -13.81 2.31
N ARG A 89 0.29 -12.63 2.31
CA ARG A 89 -1.14 -12.54 2.58
C ARG A 89 -1.93 -12.29 1.29
N PHE A 90 -1.40 -11.40 0.44
CA PHE A 90 -2.07 -11.09 -0.82
C PHE A 90 -1.67 -12.09 -1.90
N HIS A 91 -1.65 -13.37 -1.52
CA HIS A 91 -1.27 -14.44 -2.43
C HIS A 91 -2.04 -14.34 -3.74
N GLY A 92 -1.30 -14.12 -4.83
CA GLY A 92 -1.93 -14.00 -6.14
C GLY A 92 -1.85 -12.59 -6.69
N THR A 93 -2.22 -11.61 -5.87
CA THR A 93 -2.18 -10.22 -6.28
C THR A 93 -0.90 -9.54 -5.82
N GLY A 94 0.08 -9.50 -6.71
CA GLY A 94 1.36 -8.88 -6.39
C GLY A 94 1.24 -7.41 -6.05
N MET A 95 0.32 -6.72 -6.72
CA MET A 95 0.10 -5.30 -6.49
C MET A 95 -1.24 -4.87 -7.08
N ARG A 96 -2.02 -4.11 -6.32
CA ARG A 96 -3.34 -3.66 -6.77
C ARG A 96 -3.75 -2.36 -6.08
N ILE A 97 -3.69 -1.26 -6.81
CA ILE A 97 -4.07 0.04 -6.28
C ILE A 97 -5.53 0.05 -5.82
N LEU A 98 -5.86 1.01 -4.98
CA LEU A 98 -7.22 1.15 -4.47
C LEU A 98 -7.68 2.60 -4.55
N ASP A 99 -8.30 2.95 -5.68
CA ASP A 99 -8.81 4.30 -5.86
C ASP A 99 -9.86 4.59 -4.81
N LEU A 100 -9.42 5.07 -3.66
CA LEU A 100 -10.34 5.37 -2.57
C LEU A 100 -11.40 6.37 -3.00
N ARG A 101 -11.08 7.17 -4.02
CA ARG A 101 -12.02 8.15 -4.54
C ARG A 101 -13.31 7.46 -4.94
N LEU A 102 -13.23 6.13 -5.07
CA LEU A 102 -14.37 5.31 -5.44
C LEU A 102 -15.10 4.79 -4.21
N PHE A 103 -14.34 4.28 -3.23
CA PHE A 103 -14.94 3.73 -2.01
C PHE A 103 -14.83 4.71 -0.85
N GLU A 104 -14.80 4.15 0.35
CA GLU A 104 -14.70 4.93 1.57
C GLU A 104 -13.89 4.18 2.61
N THR A 105 -14.08 4.50 3.88
CA THR A 105 -13.36 3.82 4.93
C THR A 105 -13.71 2.34 4.96
N ASP A 106 -14.98 2.03 5.15
CA ASP A 106 -15.44 0.64 5.20
C ASP A 106 -15.52 0.04 3.80
N GLY A 107 -15.69 0.90 2.81
CA GLY A 107 -15.79 0.45 1.44
C GLY A 107 -14.46 -0.01 0.90
N ALA A 108 -13.43 0.80 1.11
CA ALA A 108 -12.08 0.48 0.65
C ALA A 108 -11.51 -0.70 1.41
N LEU A 109 -11.61 -0.64 2.74
CA LEU A 109 -11.11 -1.72 3.57
C LEU A 109 -11.69 -3.04 3.08
N GLU A 110 -12.99 -3.04 2.86
CA GLU A 110 -13.68 -4.24 2.37
C GLU A 110 -13.06 -4.71 1.06
N GLU A 111 -12.68 -3.76 0.21
CA GLU A 111 -12.04 -4.10 -1.06
C GLU A 111 -10.89 -5.04 -0.82
N ILE A 112 -9.96 -4.62 0.02
CA ILE A 112 -8.82 -5.44 0.36
C ILE A 112 -9.28 -6.85 0.71
N LEU A 113 -10.22 -6.96 1.64
CA LEU A 113 -10.75 -8.25 2.07
C LEU A 113 -11.27 -9.10 0.91
N ARG A 114 -12.06 -8.49 0.02
CA ARG A 114 -12.66 -9.22 -1.10
C ARG A 114 -11.65 -9.84 -2.06
N PHE A 115 -10.50 -9.21 -2.24
CA PHE A 115 -9.50 -9.75 -3.16
C PHE A 115 -8.22 -10.12 -2.42
N SER A 116 -8.30 -10.17 -1.11
CA SER A 116 -7.15 -10.54 -0.30
C SER A 116 -7.56 -11.55 0.76
N THR A 117 -6.58 -12.07 1.48
CA THR A 117 -6.84 -13.05 2.52
C THR A 117 -5.97 -12.81 3.74
N PHE A 118 -6.56 -12.20 4.77
CA PHE A 118 -5.85 -11.90 6.00
C PHE A 118 -5.44 -13.18 6.70
N GLY A 119 -6.33 -13.69 7.51
CA GLY A 119 -6.06 -14.92 8.25
C GLY A 119 -4.75 -14.84 9.02
N VAL A 120 -4.32 -13.62 9.30
CA VAL A 120 -3.09 -13.37 10.03
C VAL A 120 -3.29 -13.48 11.52
N THR A 121 -4.38 -14.13 11.87
CA THR A 121 -4.80 -14.34 13.25
C THR A 121 -5.77 -13.24 13.70
N GLU A 122 -5.39 -12.00 13.44
CA GLU A 122 -6.23 -10.87 13.81
C GLU A 122 -5.68 -9.57 13.21
N PRO A 123 -6.55 -8.76 12.56
CA PRO A 123 -6.14 -7.49 11.95
C PRO A 123 -5.67 -6.49 13.00
N VAL A 124 -5.95 -6.82 14.26
CA VAL A 124 -5.57 -5.97 15.38
C VAL A 124 -4.07 -5.67 15.39
N ASN A 125 -3.30 -6.59 15.96
CA ASN A 125 -1.85 -6.44 16.05
C ASN A 125 -1.21 -6.33 14.66
N ASP A 126 -2.01 -6.51 13.61
CA ASP A 126 -1.50 -6.42 12.25
C ASP A 126 -0.95 -5.02 11.99
N ARG A 127 0.36 -4.88 12.16
CA ARG A 127 1.04 -3.61 11.94
C ARG A 127 0.66 -2.99 10.59
N MET A 128 0.45 -3.86 9.61
CA MET A 128 0.08 -3.41 8.27
C MET A 128 -1.33 -2.82 8.27
N PHE A 129 -2.23 -3.45 9.01
CA PHE A 129 -3.61 -2.99 9.10
C PHE A 129 -3.68 -1.68 9.87
N ARG A 130 -2.73 -1.46 10.76
CA ARG A 130 -2.69 -0.23 11.54
C ARG A 130 -2.63 0.97 10.60
N LEU A 131 -1.79 0.86 9.57
CA LEU A 131 -1.63 1.89 8.58
C LEU A 131 -2.75 1.80 7.55
N LEU A 132 -2.93 0.59 7.04
CA LEU A 132 -3.96 0.30 6.04
C LEU A 132 -5.29 0.97 6.38
N SER A 133 -5.82 0.64 7.56
CA SER A 133 -7.10 1.20 8.00
C SER A 133 -6.95 2.68 8.33
N ALA A 134 -5.73 3.11 8.59
CA ALA A 134 -5.48 4.52 8.93
C ALA A 134 -5.57 5.39 7.68
N PHE A 135 -5.22 4.84 6.54
CA PHE A 135 -5.31 5.57 5.27
C PHE A 135 -6.73 5.46 4.75
N ILE A 136 -7.34 4.33 5.05
CA ILE A 136 -8.70 4.06 4.65
C ILE A 136 -9.64 4.95 5.46
N ALA A 137 -9.25 5.17 6.71
CA ALA A 137 -10.01 5.98 7.65
C ALA A 137 -9.69 7.47 7.55
N ASP A 138 -8.41 7.80 7.76
CA ASP A 138 -7.95 9.18 7.74
C ASP A 138 -7.32 9.59 6.42
N GLY A 139 -6.82 8.63 5.67
CA GLY A 139 -6.19 8.94 4.40
C GLY A 139 -7.13 9.64 3.46
N GLY A 140 -8.43 9.52 3.71
CA GLY A 140 -9.42 10.15 2.86
C GLY A 140 -10.21 11.22 3.60
N ARG A 141 -10.10 11.22 4.92
CA ARG A 141 -10.80 12.18 5.76
C ARG A 141 -12.25 12.35 5.31
N TYR A 142 -13.08 11.36 5.60
CA TYR A 142 -14.49 11.38 5.24
C TYR A 142 -15.23 12.47 6.00
N CYS A 143 -16.18 13.12 5.33
CA CYS A 143 -16.97 14.18 5.95
C CYS A 143 -18.45 13.84 5.94
N LEU A 144 -18.76 12.56 5.79
CA LEU A 144 -20.14 12.10 5.78
C LEU A 144 -20.92 12.56 7.02
N PRO A 145 -20.44 12.20 8.23
CA PRO A 145 -21.10 12.61 9.49
C PRO A 145 -21.14 14.12 9.66
N GLU A 146 -22.03 14.58 10.54
CA GLU A 146 -22.17 16.01 10.81
C GLU A 146 -21.70 16.35 12.23
N PRO A 147 -20.65 17.18 12.36
CA PRO A 147 -20.12 17.57 13.67
C PRO A 147 -20.93 18.69 14.31
N LEU A 148 -20.37 19.30 15.36
CA LEU A 148 -21.04 20.38 16.05
C LEU A 148 -20.09 21.57 16.27
N1 FMN B . 6.83 -0.02 -9.25
C2 FMN B . 6.90 -1.24 -8.62
O2 FMN B . 7.58 -2.15 -9.02
N3 FMN B . 6.14 -1.47 -7.42
C4 FMN B . 5.32 -0.53 -6.84
O4 FMN B . 4.70 -0.81 -5.81
C4A FMN B . 5.24 0.77 -7.51
N5 FMN B . 4.47 1.74 -7.03
C5A FMN B . 4.41 2.95 -7.68
C6 FMN B . 3.56 4.02 -7.15
C7 FMN B . 3.45 5.25 -7.75
C7M FMN B . 2.56 6.36 -7.17
C8 FMN B . 4.24 5.52 -9.00
C8M FMN B . 4.16 6.85 -9.70
C9 FMN B . 5.05 4.51 -9.52
C9A FMN B . 5.16 3.24 -8.90
N10 FMN B . 5.97 2.17 -9.40
C10 FMN B . 6.06 0.94 -8.76
C1' FMN B . 6.78 2.35 -10.63
C2' FMN B . 5.94 2.09 -11.88
O2' FMN B . 5.57 0.71 -11.91
C3' FMN B . 6.55 2.54 -13.19
O3' FMN B . 7.60 1.64 -13.55
C4' FMN B . 7.00 3.99 -13.26
O4' FMN B . 8.07 4.36 -12.41
C5' FMN B . 6.55 4.96 -14.35
O5' FMN B . 5.68 4.28 -15.27
P FMN B . 4.43 5.01 -15.91
O1P FMN B . 4.94 6.17 -16.73
O2P FMN B . 3.48 5.41 -14.80
O3P FMN B . 3.83 3.92 -16.86
HN3 FMN B . 6.13 -2.37 -7.04
H6 FMN B . 2.96 3.82 -6.28
HM71 FMN B . 2.41 6.19 -6.12
HM72 FMN B . 1.59 6.36 -7.68
HM73 FMN B . 3.03 7.32 -7.32
HM81 FMN B . 4.45 7.63 -9.02
HM82 FMN B . 4.82 6.84 -10.55
HM83 FMN B . 3.14 7.03 -10.02
H9 FMN B . 5.63 4.72 -10.40
H1'1 FMN B . 7.61 1.65 -10.61
H1'2 FMN B . 7.17 3.36 -10.66
H2' FMN B . 5.04 2.66 -11.76
HO2' FMN B . 4.86 0.56 -11.27
H3' FMN B . 5.78 2.42 -13.95
HO3' FMN B . 7.27 0.98 -14.17
H4' FMN B . 6.23 4.33 -12.57
HO4' FMN B . 8.27 5.30 -12.53
H5'1 FMN B . 7.42 5.32 -14.88
H5'2 FMN B . 6.02 5.78 -13.89
N GLY A 1 16.57 -25.05 2.24
CA GLY A 1 16.52 -23.81 3.07
C GLY A 1 15.90 -22.65 2.32
N GLU A 2 14.79 -22.13 2.85
CA GLU A 2 14.10 -21.02 2.24
C GLU A 2 14.47 -19.71 2.92
N PHE A 3 13.90 -18.60 2.44
CA PHE A 3 14.18 -17.29 3.01
C PHE A 3 12.89 -16.63 3.49
N MET A 4 12.97 -15.98 4.65
CA MET A 4 11.81 -15.31 5.25
C MET A 4 11.38 -14.10 4.42
N LEU A 5 10.33 -13.42 4.89
CA LEU A 5 9.79 -12.25 4.21
C LEU A 5 9.77 -11.04 5.13
N THR A 6 9.19 -9.96 4.65
CA THR A 6 9.08 -8.71 5.38
C THR A 6 7.94 -7.87 4.81
N THR A 7 7.39 -6.96 5.61
CA THR A 7 6.30 -6.10 5.12
C THR A 7 6.61 -4.63 5.30
N LEU A 8 7.08 -4.01 4.22
CA LEU A 8 7.36 -2.60 4.23
C LEU A 8 6.16 -1.84 3.72
N ILE A 9 5.77 -0.80 4.42
CA ILE A 9 4.62 0.00 4.01
C ILE A 9 5.03 1.47 3.99
N TYR A 10 4.45 2.27 3.09
CA TYR A 10 4.81 3.69 3.01
C TYR A 10 3.66 4.56 2.52
N ARG A 11 3.82 5.87 2.72
CA ARG A 11 2.82 6.84 2.27
C ARG A 11 3.48 8.03 1.62
N SER A 12 2.94 8.39 0.47
CA SER A 12 3.44 9.53 -0.29
C SER A 12 2.29 10.45 -0.63
N GLN A 13 2.48 11.27 -1.65
CA GLN A 13 1.42 12.17 -2.09
C GLN A 13 1.21 12.05 -3.59
N VAL A 14 1.05 13.20 -4.22
CA VAL A 14 0.82 13.28 -5.65
C VAL A 14 0.95 14.73 -6.10
N HIS A 15 0.71 14.98 -7.38
CA HIS A 15 0.80 16.32 -7.91
C HIS A 15 -0.57 16.99 -7.94
N PRO A 16 -0.90 17.79 -6.91
CA PRO A 16 -2.20 18.50 -6.84
C PRO A 16 -2.45 19.34 -8.09
N ASP A 17 -1.38 19.64 -8.80
CA ASP A 17 -1.45 20.43 -10.01
C ASP A 17 -1.72 19.54 -11.24
N ARG A 18 -0.95 18.46 -11.34
CA ARG A 18 -1.09 17.51 -12.44
C ARG A 18 -2.49 16.88 -12.44
N PRO A 19 -2.85 16.12 -13.50
CA PRO A 19 -4.15 15.47 -13.59
C PRO A 19 -4.20 14.15 -12.80
N PRO A 20 -5.37 13.48 -12.76
CA PRO A 20 -5.52 12.22 -12.03
C PRO A 20 -4.48 11.18 -12.40
N VAL A 21 -4.30 10.18 -11.54
CA VAL A 21 -3.34 9.12 -11.78
C VAL A 21 -3.97 7.98 -12.56
N ASP A 22 -3.13 7.28 -13.32
CA ASP A 22 -3.58 6.13 -14.08
C ASP A 22 -3.55 4.90 -13.20
N LEU A 23 -4.29 4.99 -12.10
CA LEU A 23 -4.39 3.93 -11.10
C LEU A 23 -4.73 2.56 -11.68
N ASP A 24 -4.85 2.47 -12.98
CA ASP A 24 -5.10 1.23 -13.65
C ASP A 24 -3.81 0.72 -14.23
N ALA A 25 -3.12 1.66 -14.84
CA ALA A 25 -1.83 1.41 -15.47
C ALA A 25 -0.70 1.52 -14.45
N LEU A 26 -0.95 2.30 -13.41
CA LEU A 26 0.02 2.55 -12.35
C LEU A 26 0.28 1.28 -11.56
N VAL A 27 -0.78 0.53 -11.32
CA VAL A 27 -0.67 -0.72 -10.57
C VAL A 27 -0.30 -1.89 -11.49
N HIS A 28 -0.80 -1.85 -12.71
CA HIS A 28 -0.53 -2.90 -13.69
C HIS A 28 0.97 -3.15 -13.83
N ARG A 29 1.69 -2.11 -14.23
CA ARG A 29 3.14 -2.21 -14.42
C ARG A 29 3.85 -2.53 -13.12
N ALA A 30 3.21 -2.24 -12.00
CA ALA A 30 3.79 -2.51 -10.69
C ALA A 30 3.72 -4.00 -10.34
N SER A 31 2.49 -4.51 -10.28
CA SER A 31 2.27 -5.92 -9.96
C SER A 31 3.11 -6.82 -10.86
N SER A 32 3.35 -6.36 -12.08
CA SER A 32 4.14 -7.12 -13.05
C SER A 32 5.59 -7.24 -12.59
N LYS A 33 6.07 -6.23 -11.87
CA LYS A 33 7.44 -6.23 -11.38
C LYS A 33 7.56 -6.95 -10.03
N ASN A 34 6.60 -6.70 -9.15
CA ASN A 34 6.61 -7.31 -7.81
C ASN A 34 6.30 -8.81 -7.88
N LEU A 35 5.56 -9.22 -8.90
CA LEU A 35 5.20 -10.63 -9.05
C LEU A 35 6.46 -11.51 -9.12
N PRO A 36 7.31 -11.30 -10.14
CA PRO A 36 8.53 -12.09 -10.31
C PRO A 36 9.54 -11.82 -9.21
N LEU A 37 9.43 -10.64 -8.61
CA LEU A 37 10.32 -10.22 -7.53
C LEU A 37 10.01 -10.99 -6.26
N GLY A 38 8.79 -11.52 -6.16
CA GLY A 38 8.40 -12.26 -4.99
C GLY A 38 7.65 -11.39 -4.01
N ILE A 39 7.42 -10.16 -4.42
CA ILE A 39 6.72 -9.18 -3.60
C ILE A 39 5.21 -9.22 -3.85
N THR A 40 4.44 -8.87 -2.83
CA THR A 40 2.99 -8.84 -2.92
C THR A 40 2.47 -7.68 -2.10
N GLY A 41 1.30 -7.14 -2.48
CA GLY A 41 0.77 -6.02 -1.74
C GLY A 41 -0.47 -5.40 -2.35
N ILE A 42 -0.72 -4.17 -1.92
CA ILE A 42 -1.86 -3.40 -2.37
C ILE A 42 -1.55 -1.90 -2.26
N LEU A 43 -2.00 -1.14 -3.23
CA LEU A 43 -1.76 0.30 -3.24
C LEU A 43 -3.04 1.05 -2.91
N LEU A 44 -2.91 2.35 -2.61
CA LEU A 44 -4.07 3.17 -2.27
C LEU A 44 -3.92 4.59 -2.80
N PHE A 45 -5.07 5.22 -3.05
CA PHE A 45 -5.11 6.60 -3.53
C PHE A 45 -6.38 7.28 -3.03
N ASN A 46 -6.26 8.47 -2.49
CA ASN A 46 -7.42 9.18 -1.96
C ASN A 46 -7.60 10.51 -2.68
N GLY A 47 -6.79 10.73 -3.70
CA GLY A 47 -6.88 11.96 -4.46
C GLY A 47 -5.73 12.90 -4.19
N LEU A 48 -4.83 12.50 -3.31
CA LEU A 48 -3.67 13.32 -2.97
C LEU A 48 -2.50 12.46 -2.52
N GLN A 49 -2.79 11.40 -1.78
CA GLN A 49 -1.73 10.54 -1.27
C GLN A 49 -1.79 9.11 -1.82
N PHE A 50 -0.70 8.37 -1.62
CA PHE A 50 -0.60 6.98 -2.07
C PHE A 50 -0.12 6.09 -0.92
N PHE A 51 -0.97 5.20 -0.46
CA PHE A 51 -0.60 4.29 0.61
C PHE A 51 -0.28 2.92 0.02
N GLN A 52 0.88 2.39 0.32
CA GLN A 52 1.28 1.11 -0.27
C GLN A 52 1.67 0.07 0.76
N VAL A 53 0.97 -1.06 0.73
CA VAL A 53 1.27 -2.18 1.60
C VAL A 53 2.18 -3.13 0.86
N LEU A 54 3.46 -3.05 1.12
CA LEU A 54 4.41 -3.90 0.45
C LEU A 54 4.90 -5.00 1.38
N GLU A 55 4.87 -6.23 0.89
CA GLU A 55 5.32 -7.36 1.70
C GLU A 55 6.06 -8.38 0.86
N GLY A 56 7.34 -8.52 1.17
CA GLY A 56 8.21 -9.44 0.50
C GLY A 56 9.59 -9.41 1.12
N THR A 57 10.57 -10.02 0.45
CA THR A 57 11.93 -10.02 0.97
C THR A 57 12.39 -8.60 1.27
N GLU A 58 12.90 -8.41 2.49
CA GLU A 58 13.37 -7.10 2.94
C GLU A 58 14.28 -6.45 1.90
N GLU A 59 15.14 -7.26 1.29
CA GLU A 59 16.07 -6.75 0.28
C GLU A 59 15.32 -6.15 -0.89
N ALA A 60 14.18 -6.75 -1.20
CA ALA A 60 13.33 -6.29 -2.29
C ALA A 60 12.52 -5.06 -1.87
N LEU A 61 12.04 -5.06 -0.63
CA LEU A 61 11.25 -3.94 -0.13
C LEU A 61 12.06 -2.65 -0.13
N GLU A 62 13.33 -2.75 0.26
CA GLU A 62 14.22 -1.60 0.29
C GLU A 62 14.37 -1.00 -1.10
N SER A 63 14.86 -1.82 -2.03
CA SER A 63 15.07 -1.40 -3.41
C SER A 63 13.78 -0.86 -4.04
N LEU A 64 12.70 -1.61 -3.85
CA LEU A 64 11.40 -1.23 -4.39
C LEU A 64 11.00 0.13 -3.85
N PHE A 65 10.80 0.16 -2.55
CA PHE A 65 10.43 1.36 -1.84
C PHE A 65 11.38 2.52 -2.21
N SER A 66 12.62 2.17 -2.54
CA SER A 66 13.61 3.17 -2.94
C SER A 66 13.32 3.64 -4.36
N GLU A 67 12.78 2.74 -5.17
CA GLU A 67 12.44 3.07 -6.54
C GLU A 67 11.26 4.02 -6.52
N ILE A 68 10.45 3.85 -5.50
CA ILE A 68 9.26 4.66 -5.28
C ILE A 68 9.63 6.12 -5.06
N GLN A 69 10.45 6.38 -4.05
CA GLN A 69 10.83 7.76 -3.75
C GLN A 69 11.53 8.42 -4.93
N SER A 70 11.88 7.62 -5.94
CA SER A 70 12.54 8.14 -7.13
C SER A 70 11.54 8.39 -8.25
N ASP A 71 10.25 8.39 -7.89
CA ASP A 71 9.18 8.61 -8.86
C ASP A 71 8.71 10.08 -8.82
N PRO A 72 8.25 10.61 -9.97
CA PRO A 72 7.79 12.00 -10.07
C PRO A 72 6.33 12.20 -9.68
N ARG A 73 5.48 11.21 -9.96
CA ARG A 73 4.06 11.32 -9.63
C ARG A 73 3.86 11.76 -8.19
N HIS A 74 3.97 10.82 -7.25
CA HIS A 74 3.83 11.17 -5.84
C HIS A 74 5.00 12.08 -5.43
N ARG A 75 5.31 12.17 -4.15
CA ARG A 75 6.41 13.03 -3.74
C ARG A 75 6.90 12.79 -2.31
N ASP A 76 6.02 12.99 -1.34
CA ASP A 76 6.37 12.84 0.06
C ASP A 76 6.26 11.41 0.56
N VAL A 77 6.82 10.47 -0.17
CA VAL A 77 6.80 9.07 0.26
C VAL A 77 7.57 8.93 1.55
N VAL A 78 7.04 8.14 2.46
CA VAL A 78 7.68 7.93 3.75
C VAL A 78 7.45 6.51 4.27
N GLU A 79 8.52 5.89 4.75
CA GLU A 79 8.43 4.53 5.27
C GLU A 79 7.52 4.47 6.49
N LEU A 80 6.37 3.86 6.30
CA LEU A 80 5.38 3.69 7.35
C LEU A 80 5.65 2.43 8.16
N MET A 81 6.05 1.38 7.44
CA MET A 81 6.31 0.11 8.06
C MET A 81 7.42 -0.65 7.39
N ARG A 82 7.80 -1.74 8.05
CA ARG A 82 8.82 -2.65 7.60
C ARG A 82 9.13 -3.62 8.72
N ASP A 83 8.32 -4.64 8.78
CA ASP A 83 8.42 -5.66 9.82
C ASP A 83 8.72 -7.02 9.22
N TYR A 84 9.46 -7.82 9.97
CA TYR A 84 9.82 -9.15 9.51
C TYR A 84 8.60 -10.06 9.39
N SER A 85 8.68 -11.01 8.47
CA SER A 85 7.60 -11.95 8.22
C SER A 85 8.14 -13.27 7.71
N ALA A 86 7.24 -14.22 7.50
CA ALA A 86 7.63 -15.54 7.02
C ALA A 86 6.67 -16.07 5.97
N TYR A 87 5.71 -15.24 5.58
CA TYR A 87 4.73 -15.64 4.58
C TYR A 87 3.99 -14.44 4.00
N ARG A 88 3.67 -14.52 2.71
CA ARG A 88 2.95 -13.45 2.02
C ARG A 88 1.45 -13.66 2.17
N ARG A 89 0.71 -12.58 2.34
CA ARG A 89 -0.74 -12.66 2.52
C ARG A 89 -1.50 -12.34 1.23
N PHE A 90 -1.07 -11.31 0.50
CA PHE A 90 -1.74 -10.93 -0.74
C PHE A 90 -1.33 -11.85 -1.88
N HIS A 91 -1.05 -13.11 -1.57
CA HIS A 91 -0.64 -14.09 -2.56
C HIS A 91 -1.61 -14.09 -3.75
N GLY A 92 -1.06 -13.98 -4.95
CA GLY A 92 -1.88 -13.96 -6.14
C GLY A 92 -2.11 -12.55 -6.65
N THR A 93 -1.70 -11.57 -5.86
CA THR A 93 -1.85 -10.16 -6.23
C THR A 93 -0.58 -9.38 -5.89
N GLY A 94 0.40 -9.42 -6.80
CA GLY A 94 1.65 -8.72 -6.59
C GLY A 94 1.45 -7.27 -6.15
N MET A 95 0.46 -6.61 -6.75
CA MET A 95 0.16 -5.22 -6.43
C MET A 95 -1.21 -4.83 -6.97
N ARG A 96 -1.99 -4.09 -6.17
CA ARG A 96 -3.32 -3.69 -6.58
C ARG A 96 -3.75 -2.40 -5.90
N ILE A 97 -3.75 -1.29 -6.64
CA ILE A 97 -4.15 0.00 -6.11
C ILE A 97 -5.60 -0.01 -5.64
N LEU A 98 -5.92 0.97 -4.79
CA LEU A 98 -7.26 1.11 -4.27
C LEU A 98 -7.75 2.55 -4.42
N ASP A 99 -8.33 2.83 -5.58
CA ASP A 99 -8.86 4.15 -5.85
C ASP A 99 -9.93 4.51 -4.83
N LEU A 100 -9.50 5.02 -3.68
CA LEU A 100 -10.41 5.38 -2.60
C LEU A 100 -11.43 6.41 -3.06
N ARG A 101 -11.09 7.17 -4.10
CA ARG A 101 -12.00 8.17 -4.64
C ARG A 101 -13.33 7.51 -5.00
N LEU A 102 -13.31 6.19 -5.07
CA LEU A 102 -14.48 5.40 -5.38
C LEU A 102 -15.17 4.90 -4.12
N PHE A 103 -14.38 4.39 -3.17
CA PHE A 103 -14.92 3.87 -1.92
C PHE A 103 -14.81 4.89 -0.80
N GLU A 104 -14.72 4.38 0.43
CA GLU A 104 -14.61 5.22 1.62
C GLU A 104 -13.84 4.47 2.69
N THR A 105 -14.04 4.86 3.93
CA THR A 105 -13.35 4.20 5.03
C THR A 105 -13.76 2.73 5.13
N ASP A 106 -15.05 2.49 5.31
CA ASP A 106 -15.57 1.13 5.43
C ASP A 106 -15.68 0.49 4.05
N GLY A 107 -15.77 1.33 3.03
CA GLY A 107 -15.88 0.83 1.66
C GLY A 107 -14.57 0.29 1.14
N ALA A 108 -13.53 1.10 1.25
CA ALA A 108 -12.20 0.72 0.80
C ALA A 108 -11.70 -0.48 1.59
N LEU A 109 -11.80 -0.41 2.91
CA LEU A 109 -11.37 -1.51 3.75
C LEU A 109 -12.08 -2.79 3.30
N GLU A 110 -13.37 -2.64 3.02
CA GLU A 110 -14.18 -3.76 2.54
C GLU A 110 -13.58 -4.33 1.26
N GLU A 111 -12.96 -3.46 0.47
CA GLU A 111 -12.33 -3.88 -0.79
C GLU A 111 -11.23 -4.90 -0.51
N ILE A 112 -10.26 -4.48 0.30
CA ILE A 112 -9.15 -5.34 0.67
C ILE A 112 -9.68 -6.71 1.11
N LEU A 113 -10.85 -6.71 1.72
CA LEU A 113 -11.47 -7.95 2.18
C LEU A 113 -12.17 -8.66 1.03
N ARG A 114 -12.68 -7.89 0.07
CA ARG A 114 -13.33 -8.47 -1.10
C ARG A 114 -12.44 -9.57 -1.66
N PHE A 115 -11.17 -9.23 -1.89
CA PHE A 115 -10.21 -10.21 -2.35
C PHE A 115 -9.56 -10.86 -1.12
N SER A 116 -9.78 -10.19 0.01
CA SER A 116 -9.29 -10.62 1.32
C SER A 116 -7.81 -11.00 1.32
N THR A 117 -7.54 -12.30 1.37
CA THR A 117 -6.17 -12.81 1.43
C THR A 117 -5.52 -12.44 2.75
N PHE A 118 -6.31 -11.87 3.66
CA PHE A 118 -5.83 -11.48 4.96
C PHE A 118 -6.19 -12.53 6.01
N GLY A 119 -6.02 -13.79 5.64
CA GLY A 119 -6.33 -14.89 6.55
C GLY A 119 -5.29 -15.07 7.62
N VAL A 120 -4.63 -13.97 8.01
CA VAL A 120 -3.61 -14.00 9.02
C VAL A 120 -4.20 -14.37 10.38
N THR A 121 -3.38 -14.26 11.43
CA THR A 121 -3.83 -14.58 12.78
C THR A 121 -4.99 -13.68 13.18
N GLU A 122 -4.70 -12.38 13.25
CA GLU A 122 -5.71 -11.38 13.62
C GLU A 122 -5.38 -10.02 13.01
N PRO A 123 -6.26 -9.46 12.17
CA PRO A 123 -6.04 -8.15 11.55
C PRO A 123 -5.96 -7.04 12.60
N VAL A 124 -6.29 -7.40 13.84
CA VAL A 124 -6.26 -6.46 14.95
C VAL A 124 -4.87 -5.85 15.13
N ASN A 125 -3.97 -6.63 15.72
CA ASN A 125 -2.61 -6.16 15.97
C ASN A 125 -1.79 -6.15 14.69
N ASP A 126 -2.41 -6.51 13.57
CA ASP A 126 -1.74 -6.52 12.29
C ASP A 126 -1.11 -5.16 11.98
N ARG A 127 0.21 -5.09 12.15
CA ARG A 127 0.96 -3.86 11.91
C ARG A 127 0.59 -3.21 10.58
N MET A 128 0.38 -4.02 9.55
CA MET A 128 0.02 -3.51 8.24
C MET A 128 -1.37 -2.90 8.26
N PHE A 129 -2.31 -3.57 8.92
CA PHE A 129 -3.68 -3.09 8.99
C PHE A 129 -3.75 -1.80 9.79
N ARG A 130 -2.84 -1.64 10.75
CA ARG A 130 -2.81 -0.42 11.54
C ARG A 130 -2.69 0.79 10.63
N LEU A 131 -1.87 0.64 9.60
CA LEU A 131 -1.65 1.68 8.61
C LEU A 131 -2.76 1.67 7.56
N LEU A 132 -3.01 0.48 7.02
CA LEU A 132 -4.04 0.28 6.00
C LEU A 132 -5.34 0.97 6.39
N SER A 133 -5.88 0.59 7.54
CA SER A 133 -7.11 1.15 8.04
C SER A 133 -6.93 2.61 8.43
N ALA A 134 -5.69 3.02 8.66
CA ALA A 134 -5.40 4.41 9.02
C ALA A 134 -5.48 5.31 7.80
N PHE A 135 -5.16 4.78 6.63
CA PHE A 135 -5.24 5.54 5.40
C PHE A 135 -6.67 5.49 4.88
N ILE A 136 -7.33 4.39 5.20
CA ILE A 136 -8.70 4.17 4.82
C ILE A 136 -9.60 5.06 5.68
N ALA A 137 -9.19 5.22 6.93
CA ALA A 137 -9.91 6.00 7.92
C ALA A 137 -9.53 7.47 7.91
N ASP A 138 -8.23 7.74 8.11
CA ASP A 138 -7.72 9.10 8.18
C ASP A 138 -7.20 9.61 6.85
N GLY A 139 -6.83 8.70 5.95
CA GLY A 139 -6.32 9.10 4.65
C GLY A 139 -7.17 10.19 4.02
N GLY A 140 -8.47 10.16 4.30
CA GLY A 140 -9.38 11.16 3.76
C GLY A 140 -9.85 12.13 4.83
N ARG A 141 -8.90 12.59 5.65
CA ARG A 141 -9.20 13.52 6.73
C ARG A 141 -8.13 14.60 6.81
N TYR A 142 -8.44 15.78 6.29
CA TYR A 142 -7.51 16.90 6.30
C TYR A 142 -7.05 17.22 7.72
N CYS A 143 -5.79 17.65 7.84
CA CYS A 143 -5.21 17.99 9.14
C CYS A 143 -6.10 18.97 9.91
N LEU A 144 -6.43 20.09 9.27
CA LEU A 144 -7.27 21.11 9.89
C LEU A 144 -8.55 20.50 10.48
N PRO A 145 -9.32 21.29 11.24
CA PRO A 145 -10.56 20.85 11.88
C PRO A 145 -11.81 21.23 11.10
N GLU A 146 -12.96 20.78 11.58
CA GLU A 146 -14.24 21.07 10.94
C GLU A 146 -14.71 22.49 11.29
N PRO A 147 -15.47 23.11 10.38
CA PRO A 147 -15.98 24.47 10.57
C PRO A 147 -17.09 24.53 11.62
N LEU A 148 -16.70 24.78 12.87
CA LEU A 148 -17.66 24.87 13.98
C LEU A 148 -18.47 23.58 14.09
N1 FMN B . 6.57 -0.36 -9.34
C2 FMN B . 6.69 -1.54 -8.64
O2 FMN B . 7.32 -2.48 -9.03
N3 FMN B . 6.03 -1.67 -7.37
C4 FMN B . 5.28 -0.69 -6.77
O4 FMN B . 4.75 -0.89 -5.68
C4A FMN B . 5.14 0.57 -7.52
N5 FMN B . 4.43 1.58 -7.04
C5A FMN B . 4.32 2.73 -7.76
C6 FMN B . 3.52 3.85 -7.23
C7 FMN B . 3.36 5.03 -7.89
C7M FMN B . 2.53 6.20 -7.32
C8 FMN B . 4.03 5.22 -9.22
C8M FMN B . 3.90 6.51 -10.00
C9 FMN B . 4.78 4.17 -9.74
C9A FMN B . 4.96 2.94 -9.06
N10 FMN B . 5.72 1.83 -9.55
C10 FMN B . 5.85 0.64 -8.84
C1' FMN B . 6.41 1.92 -10.86
C2' FMN B . 5.49 1.48 -12.00
O2' FMN B . 5.34 0.07 -11.95
C3' FMN B . 5.88 1.98 -13.38
O3' FMN B . 4.74 1.90 -14.22
C4' FMN B . 7.10 1.33 -14.00
O4' FMN B . 7.02 -0.08 -14.24
C5' FMN B . 8.25 2.11 -14.59
O5' FMN B . 8.00 3.53 -14.50
P FMN B . 8.51 4.54 -15.58
O1P FMN B . 7.80 4.23 -16.88
O2P FMN B . 10.00 4.45 -15.67
O3P FMN B . 8.01 5.94 -15.04
HN3 FMN B . 6.05 -2.54 -6.93
H6 FMN B . 2.96 3.69 -6.32
HM71 FMN B . 2.51 6.13 -6.24
HM72 FMN B . 1.51 6.14 -7.68
HM73 FMN B . 2.96 7.15 -7.61
HM81 FMN B . 4.12 7.34 -9.36
HM82 FMN B . 4.60 6.50 -10.83
HM83 FMN B . 2.89 6.59 -10.38
H9 FMN B . 5.27 4.30 -10.69
H1'1 FMN B . 7.28 1.27 -10.84
H1'2 FMN B . 6.73 2.94 -11.02
H2' FMN B . 4.52 1.91 -11.79
HO2' FMN B . 6.21 -0.34 -11.89
H3' FMN B . 6.11 3.03 -13.28
HO3' FMN B . 4.95 2.27 -15.08
H4' FMN B . 7.60 1.21 -13.04
HO4' FMN B . 7.73 -0.52 -13.79
H5'1 FMN B . 8.35 1.84 -15.64
H5'2 FMN B . 9.16 1.87 -14.06
N GLY A 1 17.11 -20.39 -1.96
CA GLY A 1 16.58 -20.96 -0.70
C GLY A 1 15.41 -20.17 -0.14
N GLU A 2 14.48 -20.85 0.51
CA GLU A 2 13.31 -20.21 1.08
C GLU A 2 13.70 -19.34 2.27
N PHE A 3 13.61 -18.03 2.09
CA PHE A 3 13.96 -17.09 3.15
C PHE A 3 12.74 -16.28 3.57
N MET A 4 12.66 -15.98 4.87
CA MET A 4 11.55 -15.22 5.42
C MET A 4 11.37 -13.88 4.70
N LEU A 5 10.13 -13.39 4.70
CA LEU A 5 9.81 -12.12 4.04
C LEU A 5 9.84 -10.96 5.01
N THR A 6 9.27 -9.88 4.52
CA THR A 6 9.18 -8.63 5.27
C THR A 6 8.04 -7.78 4.71
N THR A 7 7.50 -6.87 5.50
CA THR A 7 6.40 -6.03 5.05
C THR A 7 6.70 -4.55 5.17
N LEU A 8 7.14 -3.94 4.06
CA LEU A 8 7.42 -2.54 3.99
C LEU A 8 6.17 -1.79 3.57
N ILE A 9 5.75 -0.85 4.39
CA ILE A 9 4.57 -0.08 4.07
C ILE A 9 4.91 1.40 4.11
N TYR A 10 4.45 2.16 3.12
CA TYR A 10 4.75 3.58 3.06
C TYR A 10 3.56 4.37 2.57
N ARG A 11 3.68 5.69 2.66
CA ARG A 11 2.64 6.58 2.19
C ARG A 11 3.25 7.84 1.63
N SER A 12 2.79 8.21 0.45
CA SER A 12 3.28 9.39 -0.23
C SER A 12 2.13 10.32 -0.52
N GLN A 13 2.33 11.21 -1.47
CA GLN A 13 1.29 12.13 -1.84
C GLN A 13 1.03 12.03 -3.34
N VAL A 14 0.96 13.17 -3.97
CA VAL A 14 0.70 13.27 -5.39
C VAL A 14 0.90 14.71 -5.86
N HIS A 15 0.71 14.94 -7.14
CA HIS A 15 0.87 16.28 -7.69
C HIS A 15 -0.48 16.98 -7.83
N PRO A 16 -0.85 17.81 -6.83
CA PRO A 16 -2.13 18.54 -6.85
C PRO A 16 -2.24 19.43 -8.07
N ASP A 17 -1.11 19.69 -8.69
CA ASP A 17 -1.05 20.53 -9.87
C ASP A 17 -1.28 19.69 -11.13
N ARG A 18 -0.83 18.44 -11.10
CA ARG A 18 -0.99 17.54 -12.23
C ARG A 18 -2.39 16.92 -12.25
N PRO A 19 -2.77 16.24 -13.35
CA PRO A 19 -4.09 15.62 -13.48
C PRO A 19 -4.14 14.26 -12.78
N PRO A 20 -5.32 13.58 -12.80
CA PRO A 20 -5.49 12.28 -12.15
C PRO A 20 -4.40 11.27 -12.54
N VAL A 21 -4.26 10.23 -11.73
CA VAL A 21 -3.27 9.20 -11.97
C VAL A 21 -3.86 8.03 -12.76
N ASP A 22 -3.00 7.34 -13.50
CA ASP A 22 -3.42 6.18 -14.26
C ASP A 22 -3.38 4.96 -13.36
N LEU A 23 -4.15 5.03 -12.30
CA LEU A 23 -4.26 3.98 -11.28
C LEU A 23 -4.56 2.60 -11.85
N ASP A 24 -4.64 2.50 -13.15
CA ASP A 24 -4.87 1.24 -13.80
C ASP A 24 -3.55 0.74 -14.35
N ALA A 25 -2.85 1.67 -14.96
CA ALA A 25 -1.55 1.44 -15.55
C ALA A 25 -0.44 1.57 -14.51
N LEU A 26 -0.72 2.37 -13.50
CA LEU A 26 0.21 2.63 -12.42
C LEU A 26 0.47 1.37 -11.61
N VAL A 27 -0.60 0.63 -11.34
CA VAL A 27 -0.52 -0.60 -10.58
C VAL A 27 -0.17 -1.79 -11.46
N HIS A 28 -0.78 -1.85 -12.64
CA HIS A 28 -0.55 -2.94 -13.58
C HIS A 28 0.94 -3.22 -13.76
N ARG A 29 1.68 -2.18 -14.16
CA ARG A 29 3.11 -2.32 -14.38
C ARG A 29 3.84 -2.79 -13.13
N ALA A 30 3.26 -2.53 -11.97
CA ALA A 30 3.87 -2.93 -10.71
C ALA A 30 3.64 -4.41 -10.40
N SER A 31 2.37 -4.79 -10.29
CA SER A 31 2.00 -6.18 -9.99
C SER A 31 2.71 -7.17 -10.90
N SER A 32 2.98 -6.75 -12.14
CA SER A 32 3.64 -7.62 -13.10
C SER A 32 5.11 -7.85 -12.72
N LYS A 33 5.73 -6.85 -12.12
CA LYS A 33 7.12 -6.94 -11.70
C LYS A 33 7.26 -7.57 -10.32
N ASN A 34 6.37 -7.21 -9.41
CA ASN A 34 6.39 -7.71 -8.04
C ASN A 34 6.05 -9.21 -8.00
N LEU A 35 5.12 -9.62 -8.85
CA LEU A 35 4.69 -11.02 -8.89
C LEU A 35 5.87 -11.97 -9.01
N PRO A 36 6.67 -11.87 -10.09
CA PRO A 36 7.82 -12.74 -10.31
C PRO A 36 8.92 -12.50 -9.28
N LEU A 37 8.94 -11.28 -8.76
CA LEU A 37 9.94 -10.88 -7.76
C LEU A 37 9.63 -11.52 -6.41
N GLY A 38 8.38 -11.90 -6.23
CA GLY A 38 7.97 -12.51 -4.98
C GLY A 38 7.34 -11.50 -4.05
N ILE A 39 7.21 -10.27 -4.54
CA ILE A 39 6.64 -9.19 -3.78
C ILE A 39 5.13 -9.16 -3.90
N THR A 40 4.45 -8.79 -2.83
CA THR A 40 3.00 -8.70 -2.82
C THR A 40 2.54 -7.46 -2.11
N GLY A 41 1.32 -7.01 -2.38
CA GLY A 41 0.83 -5.83 -1.71
C GLY A 41 -0.35 -5.17 -2.38
N ILE A 42 -0.59 -3.93 -1.96
CA ILE A 42 -1.70 -3.14 -2.48
C ILE A 42 -1.37 -1.65 -2.41
N LEU A 43 -2.04 -0.86 -3.24
CA LEU A 43 -1.83 0.57 -3.27
C LEU A 43 -3.12 1.32 -2.97
N LEU A 44 -3.01 2.59 -2.65
CA LEU A 44 -4.16 3.40 -2.32
C LEU A 44 -4.03 4.82 -2.85
N PHE A 45 -5.17 5.45 -3.10
CA PHE A 45 -5.20 6.81 -3.59
C PHE A 45 -6.48 7.49 -3.09
N ASN A 46 -6.35 8.69 -2.53
CA ASN A 46 -7.50 9.39 -2.00
C ASN A 46 -7.65 10.74 -2.69
N GLY A 47 -6.83 10.95 -3.73
CA GLY A 47 -6.88 12.19 -4.45
C GLY A 47 -5.72 13.09 -4.11
N LEU A 48 -4.89 12.65 -3.18
CA LEU A 48 -3.74 13.43 -2.77
C LEU A 48 -2.57 12.55 -2.33
N GLN A 49 -2.89 11.43 -1.67
CA GLN A 49 -1.84 10.54 -1.16
C GLN A 49 -1.92 9.12 -1.69
N PHE A 50 -0.75 8.49 -1.79
CA PHE A 50 -0.63 7.10 -2.22
C PHE A 50 -0.13 6.22 -1.08
N PHE A 51 -0.98 5.33 -0.57
CA PHE A 51 -0.57 4.44 0.51
C PHE A 51 -0.29 3.06 -0.05
N GLN A 52 0.83 2.45 0.33
CA GLN A 52 1.17 1.15 -0.21
C GLN A 52 1.60 0.14 0.83
N VAL A 53 0.94 -1.00 0.78
CA VAL A 53 1.27 -2.12 1.64
C VAL A 53 2.15 -3.07 0.85
N LEU A 54 3.44 -3.06 1.12
CA LEU A 54 4.36 -3.89 0.37
C LEU A 54 4.86 -5.06 1.21
N GLU A 55 4.95 -6.23 0.57
CA GLU A 55 5.42 -7.43 1.24
C GLU A 55 6.54 -8.07 0.44
N GLY A 56 7.37 -8.85 1.11
CA GLY A 56 8.49 -9.50 0.43
C GLY A 56 9.79 -9.34 1.19
N THR A 57 10.84 -9.96 0.68
CA THR A 57 12.14 -9.88 1.31
C THR A 57 12.58 -8.45 1.50
N GLU A 58 13.26 -8.18 2.62
CA GLU A 58 13.75 -6.85 2.94
C GLU A 58 14.56 -6.27 1.79
N GLU A 59 15.25 -7.15 1.07
CA GLU A 59 16.07 -6.73 -0.06
C GLU A 59 15.21 -6.18 -1.19
N ALA A 60 14.04 -6.75 -1.33
CA ALA A 60 13.10 -6.33 -2.36
C ALA A 60 12.37 -5.06 -1.94
N LEU A 61 11.99 -5.01 -0.67
CA LEU A 61 11.28 -3.84 -0.14
C LEU A 61 12.16 -2.61 -0.15
N GLU A 62 13.39 -2.74 0.30
CA GLU A 62 14.32 -1.62 0.34
C GLU A 62 14.47 -0.99 -1.05
N SER A 63 14.90 -1.81 -1.99
CA SER A 63 15.11 -1.37 -3.36
C SER A 63 13.84 -0.80 -4.00
N LEU A 64 12.74 -1.53 -3.85
CA LEU A 64 11.46 -1.12 -4.42
C LEU A 64 11.01 0.19 -3.82
N PHE A 65 10.87 0.19 -2.52
CA PHE A 65 10.46 1.37 -1.78
C PHE A 65 11.37 2.55 -2.12
N SER A 66 12.62 2.24 -2.42
CA SER A 66 13.59 3.28 -2.78
C SER A 66 13.32 3.77 -4.20
N GLU A 67 12.70 2.92 -5.02
CA GLU A 67 12.37 3.28 -6.38
C GLU A 67 11.16 4.20 -6.35
N ILE A 68 10.35 3.99 -5.34
CA ILE A 68 9.14 4.75 -5.12
C ILE A 68 9.47 6.21 -4.83
N GLN A 69 10.37 6.45 -3.90
CA GLN A 69 10.72 7.82 -3.57
C GLN A 69 11.46 8.49 -4.72
N SER A 70 11.85 7.70 -5.71
CA SER A 70 12.56 8.20 -6.87
C SER A 70 11.59 8.45 -8.03
N ASP A 71 10.29 8.38 -7.74
CA ASP A 71 9.26 8.59 -8.75
C ASP A 71 8.84 10.06 -8.80
N PRO A 72 8.41 10.55 -9.99
CA PRO A 72 7.99 11.94 -10.17
C PRO A 72 6.53 12.19 -9.81
N ARG A 73 5.66 11.21 -10.07
CA ARG A 73 4.24 11.36 -9.80
C ARG A 73 3.99 11.74 -8.33
N HIS A 74 3.90 10.73 -7.46
CA HIS A 74 3.66 11.01 -6.04
C HIS A 74 4.84 11.75 -5.43
N ARG A 75 4.78 11.97 -4.13
CA ARG A 75 5.83 12.68 -3.44
C ARG A 75 5.75 12.46 -1.94
N ASP A 76 6.67 13.09 -1.22
CA ASP A 76 6.71 13.01 0.23
C ASP A 76 6.50 11.60 0.76
N VAL A 77 6.93 10.60 -0.01
CA VAL A 77 6.80 9.23 0.45
C VAL A 77 7.63 9.04 1.71
N VAL A 78 7.04 8.36 2.69
CA VAL A 78 7.70 8.11 3.95
C VAL A 78 7.43 6.70 4.43
N GLU A 79 8.47 6.01 4.89
CA GLU A 79 8.30 4.65 5.38
C GLU A 79 7.40 4.64 6.60
N LEU A 80 6.35 3.86 6.50
CA LEU A 80 5.36 3.73 7.56
C LEU A 80 5.58 2.47 8.37
N MET A 81 6.00 1.41 7.69
CA MET A 81 6.23 0.14 8.33
C MET A 81 7.32 -0.67 7.67
N ARG A 82 7.70 -1.72 8.37
CA ARG A 82 8.70 -2.66 7.91
C ARG A 82 8.97 -3.68 8.98
N ASP A 83 8.35 -4.82 8.80
CA ASP A 83 8.45 -5.91 9.76
C ASP A 83 8.67 -7.25 9.08
N TYR A 84 9.43 -8.11 9.73
CA TYR A 84 9.73 -9.43 9.21
C TYR A 84 8.45 -10.26 9.05
N SER A 85 8.54 -11.34 8.29
CA SER A 85 7.40 -12.22 8.06
C SER A 85 7.84 -13.53 7.44
N ALA A 86 6.91 -14.45 7.32
CA ALA A 86 7.19 -15.76 6.74
C ALA A 86 6.10 -16.20 5.79
N TYR A 87 5.18 -15.30 5.49
CA TYR A 87 4.07 -15.61 4.60
C TYR A 87 3.55 -14.35 3.90
N ARG A 88 2.97 -14.54 2.72
CA ARG A 88 2.42 -13.44 1.95
C ARG A 88 0.90 -13.42 2.06
N ARG A 89 0.33 -12.22 2.16
CA ARG A 89 -1.12 -12.07 2.29
C ARG A 89 -1.80 -11.89 0.93
N PHE A 90 -1.24 -11.03 0.09
CA PHE A 90 -1.81 -10.77 -1.23
C PHE A 90 -1.17 -11.68 -2.27
N HIS A 91 -0.99 -12.95 -1.94
CA HIS A 91 -0.38 -13.91 -2.84
C HIS A 91 -1.08 -13.95 -4.19
N GLY A 92 -2.39 -13.73 -4.18
CA GLY A 92 -3.14 -13.75 -5.41
C GLY A 92 -3.05 -12.44 -6.18
N THR A 93 -2.50 -11.41 -5.54
CA THR A 93 -2.35 -10.10 -6.16
C THR A 93 -1.05 -9.43 -5.73
N GLY A 94 -0.08 -9.39 -6.64
CA GLY A 94 1.20 -8.77 -6.33
C GLY A 94 1.06 -7.30 -5.99
N MET A 95 0.17 -6.60 -6.69
CA MET A 95 -0.07 -5.18 -6.45
C MET A 95 -1.44 -4.77 -6.98
N ARG A 96 -2.17 -3.98 -6.20
CA ARG A 96 -3.50 -3.54 -6.61
C ARG A 96 -3.87 -2.21 -5.94
N ILE A 97 -3.84 -1.14 -6.71
CA ILE A 97 -4.17 0.18 -6.20
C ILE A 97 -5.62 0.23 -5.73
N LEU A 98 -5.94 1.21 -4.90
CA LEU A 98 -7.29 1.37 -4.39
C LEU A 98 -7.75 2.81 -4.48
N ASP A 99 -8.37 3.16 -5.60
CA ASP A 99 -8.90 4.51 -5.79
C ASP A 99 -9.96 4.77 -4.73
N LEU A 100 -9.53 5.22 -3.56
CA LEU A 100 -10.44 5.49 -2.46
C LEU A 100 -11.52 6.48 -2.87
N ARG A 101 -11.22 7.30 -3.87
CA ARG A 101 -12.19 8.27 -4.37
C ARG A 101 -13.46 7.57 -4.79
N LEU A 102 -13.37 6.25 -4.94
CA LEU A 102 -14.50 5.43 -5.33
C LEU A 102 -15.23 4.86 -4.11
N PHE A 103 -14.47 4.36 -3.14
CA PHE A 103 -15.07 3.78 -1.94
C PHE A 103 -14.98 4.74 -0.76
N GLU A 104 -14.94 4.17 0.44
CA GLU A 104 -14.87 4.93 1.67
C GLU A 104 -14.02 4.19 2.68
N THR A 105 -14.19 4.51 3.96
CA THR A 105 -13.42 3.85 5.00
C THR A 105 -13.72 2.35 5.04
N ASP A 106 -14.97 2.00 5.25
CA ASP A 106 -15.38 0.60 5.32
C ASP A 106 -15.53 0.01 3.92
N GLY A 107 -15.76 0.88 2.95
CA GLY A 107 -15.91 0.43 1.58
C GLY A 107 -14.59 0.00 0.98
N ALA A 108 -13.57 0.83 1.17
CA ALA A 108 -12.24 0.54 0.66
C ALA A 108 -11.61 -0.62 1.41
N LEU A 109 -11.68 -0.59 2.73
CA LEU A 109 -11.12 -1.66 3.55
C LEU A 109 -11.67 -2.99 3.07
N GLU A 110 -12.98 -3.06 2.89
CA GLU A 110 -13.63 -4.27 2.42
C GLU A 110 -13.04 -4.69 1.08
N GLU A 111 -12.75 -3.71 0.22
CA GLU A 111 -12.16 -4.00 -1.09
C GLU A 111 -10.99 -4.95 -0.91
N ILE A 112 -10.05 -4.52 -0.08
CA ILE A 112 -8.88 -5.33 0.23
C ILE A 112 -9.30 -6.75 0.56
N LEU A 113 -10.21 -6.89 1.53
CA LEU A 113 -10.71 -8.19 1.93
C LEU A 113 -11.28 -8.97 0.75
N ARG A 114 -11.85 -8.24 -0.22
CA ARG A 114 -12.46 -8.86 -1.39
C ARG A 114 -11.44 -9.55 -2.29
N PHE A 115 -10.22 -9.02 -2.37
CA PHE A 115 -9.20 -9.61 -3.22
C PHE A 115 -7.97 -10.00 -2.42
N SER A 116 -8.13 -10.03 -1.11
CA SER A 116 -7.05 -10.39 -0.21
C SER A 116 -7.52 -11.41 0.81
N THR A 117 -6.57 -12.03 1.51
CA THR A 117 -6.90 -13.02 2.51
C THR A 117 -6.07 -12.82 3.78
N PHE A 118 -6.69 -12.22 4.78
CA PHE A 118 -6.02 -11.95 6.05
C PHE A 118 -5.92 -13.22 6.88
N GLY A 119 -5.08 -14.15 6.42
CA GLY A 119 -4.90 -15.41 7.14
C GLY A 119 -4.07 -15.24 8.39
N VAL A 120 -3.74 -13.99 8.71
CA VAL A 120 -2.96 -13.68 9.89
C VAL A 120 -3.70 -14.07 11.16
N THR A 121 -3.02 -14.00 12.30
CA THR A 121 -3.63 -14.33 13.57
C THR A 121 -4.86 -13.46 13.80
N GLU A 122 -4.64 -12.15 13.82
CA GLU A 122 -5.71 -11.18 14.01
C GLU A 122 -5.36 -9.86 13.33
N PRO A 123 -6.26 -9.33 12.47
CA PRO A 123 -6.03 -8.07 11.78
C PRO A 123 -5.99 -6.90 12.75
N VAL A 124 -6.31 -7.18 14.00
CA VAL A 124 -6.31 -6.17 15.05
C VAL A 124 -4.93 -5.56 15.25
N ASN A 125 -4.05 -6.33 15.90
CA ASN A 125 -2.70 -5.88 16.16
C ASN A 125 -1.85 -5.87 14.90
N ASP A 126 -2.45 -6.31 13.78
CA ASP A 126 -1.75 -6.35 12.51
C ASP A 126 -1.14 -4.99 12.19
N ARG A 127 0.17 -4.87 12.41
CA ARG A 127 0.88 -3.63 12.17
C ARG A 127 0.58 -3.05 10.79
N MET A 128 0.49 -3.91 9.78
CA MET A 128 0.19 -3.46 8.42
C MET A 128 -1.20 -2.83 8.36
N PHE A 129 -2.16 -3.51 8.96
CA PHE A 129 -3.54 -3.04 8.97
C PHE A 129 -3.67 -1.72 9.73
N ARG A 130 -2.81 -1.52 10.72
CA ARG A 130 -2.84 -0.28 11.50
C ARG A 130 -2.75 0.92 10.58
N LEU A 131 -1.89 0.82 9.57
CA LEU A 131 -1.71 1.87 8.59
C LEU A 131 -2.80 1.81 7.54
N LEU A 132 -2.97 0.62 6.97
CA LEU A 132 -3.97 0.38 5.94
C LEU A 132 -5.31 1.03 6.28
N SER A 133 -5.88 0.66 7.43
CA SER A 133 -7.16 1.22 7.86
C SER A 133 -7.02 2.67 8.28
N ALA A 134 -5.80 3.10 8.60
CA ALA A 134 -5.57 4.49 8.99
C ALA A 134 -5.65 5.40 7.77
N PHE A 135 -5.27 4.86 6.61
CA PHE A 135 -5.34 5.61 5.37
C PHE A 135 -6.75 5.52 4.82
N ILE A 136 -7.35 4.35 5.04
CA ILE A 136 -8.71 4.09 4.62
C ILE A 136 -9.67 4.96 5.43
N ALA A 137 -9.29 5.18 6.69
CA ALA A 137 -10.08 5.96 7.63
C ALA A 137 -9.78 7.45 7.55
N ASP A 138 -8.53 7.81 7.76
CA ASP A 138 -8.10 9.20 7.76
C ASP A 138 -7.58 9.65 6.40
N GLY A 139 -6.89 8.76 5.71
CA GLY A 139 -6.34 9.09 4.40
C GLY A 139 -5.63 10.44 4.38
N GLY A 140 -4.81 10.69 5.39
CA GLY A 140 -4.08 11.94 5.47
C GLY A 140 -4.99 13.15 5.37
N ARG A 141 -5.60 13.52 6.48
CA ARG A 141 -6.50 14.68 6.52
C ARG A 141 -5.70 15.98 6.52
N TYR A 142 -5.50 16.56 7.69
CA TYR A 142 -4.77 17.79 7.84
C TYR A 142 -3.57 17.62 8.77
N CYS A 143 -2.79 18.68 8.93
CA CYS A 143 -1.61 18.64 9.79
C CYS A 143 -1.39 19.98 10.49
N LEU A 144 -2.26 20.94 10.18
CA LEU A 144 -2.19 22.28 10.76
C LEU A 144 -1.85 22.24 12.26
N PRO A 145 -2.65 21.54 13.10
CA PRO A 145 -2.38 21.46 14.55
C PRO A 145 -0.93 21.06 14.86
N GLU A 146 -0.45 21.50 16.02
CA GLU A 146 0.91 21.18 16.44
C GLU A 146 1.02 19.72 16.90
N PRO A 147 1.75 18.88 16.14
CA PRO A 147 1.93 17.47 16.48
C PRO A 147 3.07 17.24 17.46
N LEU A 148 3.06 16.07 18.10
CA LEU A 148 4.08 15.72 19.07
C LEU A 148 4.73 14.37 18.73
N1 FMN B . 6.69 -0.25 -9.35
C2 FMN B . 6.78 -1.46 -8.71
O2 FMN B . 7.45 -2.37 -9.10
N3 FMN B . 6.06 -1.65 -7.47
C4 FMN B . 5.26 -0.72 -6.89
O4 FMN B . 4.68 -0.98 -5.84
C4A FMN B . 5.15 0.57 -7.59
N5 FMN B . 4.39 1.54 -7.09
C5A FMN B . 4.31 2.74 -7.76
C6 FMN B . 3.48 3.82 -7.23
C7 FMN B . 3.35 5.04 -7.85
C7M FMN B . 2.47 6.16 -7.27
C8 FMN B . 4.08 5.29 -9.12
C8M FMN B . 3.97 6.61 -9.85
C9 FMN B . 4.89 4.27 -9.65
C9A FMN B . 5.03 3.02 -9.02
N10 FMN B . 5.84 1.94 -9.51
C10 FMN B . 5.93 0.72 -8.85
C1' FMN B . 6.60 2.09 -10.78
C2' FMN B . 5.73 1.79 -11.99
O2' FMN B . 5.37 0.41 -11.96
C3' FMN B . 6.31 2.20 -13.33
O3' FMN B . 5.23 2.42 -14.24
C4' FMN B . 7.38 1.30 -13.90
O4' FMN B . 7.01 -0.05 -14.12
C5' FMN B . 8.67 1.81 -14.49
O5' FMN B . 8.72 3.25 -14.42
P FMN B . 8.48 4.16 -15.69
O1P FMN B . 8.75 5.59 -15.28
O2P FMN B . 7.10 3.91 -16.20
O3P FMN B . 9.60 3.68 -16.70
HN3 FMN B . 6.10 -2.54 -7.05
H6 FMN B . 2.88 3.62 -6.35
HM71 FMN B . 2.33 6.00 -6.21
HM72 FMN B . 1.50 6.15 -7.75
HM73 FMN B . 2.94 7.12 -7.41
HM81 FMN B . 4.30 7.41 -9.20
HM82 FMN B . 4.59 6.58 -10.73
HM83 FMN B . 2.95 6.79 -10.13
H9 FMN B . 5.42 4.46 -10.56
H1'1 FMN B . 7.44 1.41 -10.75
H1'2 FMN B . 6.96 3.11 -10.84
H2' FMN B . 4.81 2.34 -11.86
HO2' FMN B . 5.36 0.06 -12.86
H3' FMN B . 6.77 3.16 -13.18
HO3' FMN B . 4.70 1.61 -14.31
H4' FMN B . 7.82 1.11 -12.94
HO4' FMN B . 7.27 -0.31 -15.00
H5'1 FMN B . 8.74 1.50 -15.52
H5'2 FMN B . 9.51 1.41 -13.93
N GLY A 1 20.64 -18.98 7.20
CA GLY A 1 19.63 -19.30 6.15
C GLY A 1 18.22 -19.00 6.59
N GLU A 2 17.33 -19.98 6.43
CA GLU A 2 15.93 -19.83 6.81
C GLU A 2 15.30 -18.64 6.11
N PHE A 3 14.83 -18.86 4.87
CA PHE A 3 14.21 -17.82 4.09
C PHE A 3 12.97 -17.26 4.79
N MET A 4 12.89 -15.93 4.87
CA MET A 4 11.78 -15.26 5.52
C MET A 4 11.19 -14.15 4.64
N LEU A 5 10.14 -13.52 5.15
CA LEU A 5 9.47 -12.44 4.44
C LEU A 5 9.44 -11.18 5.29
N THR A 6 8.87 -10.12 4.73
CA THR A 6 8.78 -8.85 5.41
C THR A 6 7.66 -8.00 4.82
N THR A 7 7.12 -7.08 5.59
CA THR A 7 6.04 -6.22 5.12
C THR A 7 6.40 -4.76 5.29
N LEU A 8 6.91 -4.14 4.24
CA LEU A 8 7.24 -2.75 4.27
C LEU A 8 6.06 -1.97 3.74
N ILE A 9 5.63 -0.98 4.49
CA ILE A 9 4.50 -0.18 4.07
C ILE A 9 4.89 1.29 4.06
N TYR A 10 4.36 2.06 3.12
CA TYR A 10 4.70 3.46 3.04
C TYR A 10 3.55 4.26 2.46
N ARG A 11 3.66 5.57 2.53
CA ARG A 11 2.63 6.43 1.99
C ARG A 11 3.24 7.72 1.47
N SER A 12 2.81 8.09 0.27
CA SER A 12 3.30 9.30 -0.37
C SER A 12 2.16 10.24 -0.65
N GLN A 13 2.36 11.11 -1.61
CA GLN A 13 1.33 12.04 -2.01
C GLN A 13 1.06 11.93 -3.49
N VAL A 14 0.95 13.08 -4.13
CA VAL A 14 0.69 13.13 -5.57
C VAL A 14 0.78 14.57 -6.06
N HIS A 15 0.35 14.81 -7.30
CA HIS A 15 0.38 16.13 -7.87
C HIS A 15 -0.95 16.86 -7.66
N PRO A 16 -1.07 17.65 -6.59
CA PRO A 16 -2.30 18.41 -6.31
C PRO A 16 -2.61 19.43 -7.39
N ASP A 17 -1.66 19.64 -8.27
CA ASP A 17 -1.81 20.60 -9.36
C ASP A 17 -1.98 19.90 -10.71
N ARG A 18 -1.20 18.85 -10.94
CA ARG A 18 -1.26 18.11 -12.20
C ARG A 18 -2.57 17.28 -12.27
N PRO A 19 -2.81 16.54 -13.39
CA PRO A 19 -4.04 15.75 -13.54
C PRO A 19 -3.99 14.44 -12.74
N PRO A 20 -5.11 13.68 -12.73
CA PRO A 20 -5.20 12.43 -11.99
C PRO A 20 -4.16 11.39 -12.39
N VAL A 21 -4.05 10.33 -11.60
CA VAL A 21 -3.10 9.26 -11.84
C VAL A 21 -3.73 8.14 -12.66
N ASP A 22 -2.89 7.43 -13.40
CA ASP A 22 -3.34 6.29 -14.19
C ASP A 22 -3.32 5.06 -13.32
N LEU A 23 -4.10 5.11 -12.25
CA LEU A 23 -4.22 4.04 -11.27
C LEU A 23 -4.52 2.68 -11.88
N ASP A 24 -4.60 2.61 -13.19
CA ASP A 24 -4.82 1.37 -13.87
C ASP A 24 -3.51 0.88 -14.42
N ALA A 25 -2.80 1.84 -15.00
CA ALA A 25 -1.50 1.62 -15.60
C ALA A 25 -0.40 1.72 -14.55
N LEU A 26 -0.70 2.44 -13.48
CA LEU A 26 0.22 2.66 -12.38
C LEU A 26 0.46 1.37 -11.62
N VAL A 27 -0.61 0.64 -11.39
CA VAL A 27 -0.54 -0.62 -10.66
C VAL A 27 -0.18 -1.76 -11.60
N HIS A 28 -0.54 -1.61 -12.88
CA HIS A 28 -0.26 -2.63 -13.87
C HIS A 28 1.23 -2.91 -13.98
N ARG A 29 1.99 -1.87 -14.29
CA ARG A 29 3.45 -2.00 -14.42
C ARG A 29 4.08 -2.45 -13.10
N ALA A 30 3.39 -2.19 -12.00
CA ALA A 30 3.90 -2.56 -10.68
C ALA A 30 3.76 -4.05 -10.42
N SER A 31 2.52 -4.53 -10.40
CA SER A 31 2.24 -5.93 -10.15
C SER A 31 3.07 -6.83 -11.05
N SER A 32 3.30 -6.38 -12.28
CA SER A 32 4.09 -7.15 -13.25
C SER A 32 5.53 -7.30 -12.80
N LYS A 33 6.03 -6.31 -12.06
CA LYS A 33 7.40 -6.34 -11.57
C LYS A 33 7.52 -7.09 -10.24
N ASN A 34 6.58 -6.82 -9.35
CA ASN A 34 6.57 -7.44 -8.02
C ASN A 34 6.25 -8.93 -8.06
N LEU A 35 5.30 -9.31 -8.91
CA LEU A 35 4.90 -10.71 -9.02
C LEU A 35 6.11 -11.64 -9.18
N PRO A 36 6.90 -11.46 -10.26
CA PRO A 36 8.07 -12.30 -10.51
C PRO A 36 9.18 -12.06 -9.50
N LEU A 37 9.18 -10.86 -8.93
CA LEU A 37 10.18 -10.47 -7.93
C LEU A 37 9.93 -11.16 -6.60
N GLY A 38 8.69 -11.58 -6.41
CA GLY A 38 8.33 -12.25 -5.17
C GLY A 38 7.67 -11.31 -4.19
N ILE A 39 7.45 -10.08 -4.63
CA ILE A 39 6.83 -9.06 -3.81
C ILE A 39 5.31 -9.14 -3.90
N THR A 40 4.62 -8.64 -2.89
CA THR A 40 3.17 -8.65 -2.88
C THR A 40 2.64 -7.45 -2.11
N GLY A 41 1.39 -7.08 -2.35
CA GLY A 41 0.84 -5.95 -1.65
C GLY A 41 -0.34 -5.31 -2.33
N ILE A 42 -0.63 -4.08 -1.94
CA ILE A 42 -1.74 -3.32 -2.47
C ILE A 42 -1.45 -1.82 -2.41
N LEU A 43 -2.09 -1.06 -3.27
CA LEU A 43 -1.90 0.38 -3.31
C LEU A 43 -3.20 1.10 -3.00
N LEU A 44 -3.09 2.37 -2.64
CA LEU A 44 -4.24 3.18 -2.31
C LEU A 44 -4.11 4.61 -2.81
N PHE A 45 -5.24 5.25 -3.07
CA PHE A 45 -5.26 6.62 -3.55
C PHE A 45 -6.52 7.32 -3.05
N ASN A 46 -6.36 8.53 -2.51
CA ASN A 46 -7.50 9.27 -2.00
C ASN A 46 -7.63 10.61 -2.72
N GLY A 47 -6.80 10.80 -3.73
CA GLY A 47 -6.83 12.02 -4.50
C GLY A 47 -5.68 12.94 -4.15
N LEU A 48 -4.86 12.53 -3.19
CA LEU A 48 -3.72 13.34 -2.77
C LEU A 48 -2.56 12.45 -2.35
N GLN A 49 -2.85 11.31 -1.74
CA GLN A 49 -1.80 10.42 -1.27
C GLN A 49 -1.86 9.01 -1.88
N PHE A 50 -0.76 8.28 -1.69
CA PHE A 50 -0.64 6.90 -2.17
C PHE A 50 -0.16 5.99 -1.04
N PHE A 51 -1.07 5.19 -0.51
CA PHE A 51 -0.72 4.28 0.57
C PHE A 51 -0.37 2.93 -0.03
N GLN A 52 0.81 2.42 0.24
CA GLN A 52 1.21 1.17 -0.37
C GLN A 52 1.67 0.12 0.63
N VAL A 53 0.90 -0.96 0.70
CA VAL A 53 1.24 -2.07 1.57
C VAL A 53 2.12 -3.03 0.80
N LEU A 54 3.39 -3.05 1.12
CA LEU A 54 4.33 -3.92 0.43
C LEU A 54 4.76 -5.09 1.30
N GLU A 55 4.91 -6.24 0.66
CA GLU A 55 5.32 -7.46 1.35
C GLU A 55 6.41 -8.17 0.57
N GLY A 56 7.11 -9.07 1.23
CA GLY A 56 8.18 -9.80 0.58
C GLY A 56 9.50 -9.67 1.34
N THR A 57 10.56 -10.24 0.78
CA THR A 57 11.87 -10.17 1.43
C THR A 57 12.29 -8.72 1.67
N GLU A 58 12.82 -8.49 2.87
CA GLU A 58 13.25 -7.16 3.27
C GLU A 58 14.19 -6.53 2.24
N GLU A 59 14.86 -7.37 1.47
CA GLU A 59 15.79 -6.89 0.44
C GLU A 59 15.03 -6.32 -0.75
N ALA A 60 13.92 -6.95 -1.07
CA ALA A 60 13.09 -6.53 -2.19
C ALA A 60 12.31 -5.27 -1.81
N LEU A 61 11.81 -5.24 -0.58
CA LEU A 61 11.05 -4.09 -0.09
C LEU A 61 11.90 -2.82 -0.11
N GLU A 62 13.13 -2.94 0.37
CA GLU A 62 14.04 -1.80 0.42
C GLU A 62 14.27 -1.23 -0.97
N SER A 63 14.78 -2.06 -1.86
CA SER A 63 15.07 -1.65 -3.24
C SER A 63 13.83 -1.08 -3.92
N LEU A 64 12.72 -1.79 -3.81
CA LEU A 64 11.47 -1.37 -4.42
C LEU A 64 11.06 -0.01 -3.88
N PHE A 65 10.79 0.01 -2.59
CA PHE A 65 10.41 1.22 -1.89
C PHE A 65 11.38 2.36 -2.20
N SER A 66 12.63 2.01 -2.47
CA SER A 66 13.63 3.01 -2.81
C SER A 66 13.42 3.50 -4.23
N GLU A 67 12.89 2.62 -5.09
CA GLU A 67 12.61 2.97 -6.46
C GLU A 67 11.42 3.90 -6.49
N ILE A 68 10.55 3.70 -5.51
CA ILE A 68 9.35 4.49 -5.35
C ILE A 68 9.65 5.95 -5.06
N GLN A 69 10.49 6.21 -4.06
CA GLN A 69 10.82 7.59 -3.72
C GLN A 69 11.55 8.29 -4.87
N SER A 70 11.97 7.50 -5.85
CA SER A 70 12.68 8.05 -7.01
C SER A 70 11.70 8.33 -8.16
N ASP A 71 10.40 8.27 -7.84
CA ASP A 71 9.36 8.51 -8.84
C ASP A 71 8.91 9.98 -8.79
N PRO A 72 8.48 10.54 -9.95
CA PRO A 72 8.04 11.93 -10.04
C PRO A 72 6.56 12.14 -9.70
N ARG A 73 5.74 11.12 -9.93
CA ARG A 73 4.31 11.22 -9.65
C ARG A 73 4.05 11.70 -8.22
N HIS A 74 4.06 10.77 -7.27
CA HIS A 74 3.84 11.12 -5.87
C HIS A 74 4.99 11.99 -5.37
N ARG A 75 5.23 12.02 -4.06
CA ARG A 75 6.32 12.84 -3.54
C ARG A 75 6.72 12.49 -2.10
N ASP A 76 5.78 12.60 -1.17
CA ASP A 76 6.06 12.35 0.24
C ASP A 76 6.01 10.89 0.64
N VAL A 77 6.59 10.03 -0.17
CA VAL A 77 6.63 8.60 0.16
C VAL A 77 7.53 8.40 1.37
N VAL A 78 6.90 8.03 2.46
CA VAL A 78 7.58 7.80 3.71
C VAL A 78 7.31 6.39 4.24
N GLU A 79 8.36 5.75 4.75
CA GLU A 79 8.25 4.39 5.27
C GLU A 79 7.35 4.36 6.50
N LEU A 80 6.18 3.75 6.34
CA LEU A 80 5.21 3.62 7.41
C LEU A 80 5.47 2.36 8.23
N MET A 81 5.92 1.31 7.56
CA MET A 81 6.20 0.04 8.22
C MET A 81 7.25 -0.78 7.51
N ARG A 82 7.61 -1.84 8.20
CA ARG A 82 8.60 -2.80 7.72
C ARG A 82 8.88 -3.80 8.82
N ASP A 83 8.07 -4.84 8.84
CA ASP A 83 8.15 -5.89 9.85
C ASP A 83 8.37 -7.26 9.22
N TYR A 84 9.02 -8.14 9.96
CA TYR A 84 9.27 -9.49 9.48
C TYR A 84 7.99 -10.31 9.41
N SER A 85 7.88 -11.13 8.36
CA SER A 85 6.69 -11.97 8.17
C SER A 85 7.10 -13.37 7.75
N ALA A 86 6.09 -14.23 7.55
CA ALA A 86 6.36 -15.61 7.17
C ALA A 86 5.49 -16.08 6.00
N TYR A 87 4.59 -15.21 5.53
CA TYR A 87 3.72 -15.58 4.42
C TYR A 87 3.06 -14.35 3.79
N ARG A 88 2.85 -14.42 2.48
CA ARG A 88 2.23 -13.34 1.72
C ARG A 88 0.71 -13.38 1.87
N ARG A 89 0.10 -12.20 2.02
CA ARG A 89 -1.35 -12.12 2.17
C ARG A 89 -2.00 -11.74 0.85
N PHE A 90 -1.24 -11.10 -0.03
CA PHE A 90 -1.74 -10.70 -1.35
C PHE A 90 -1.06 -11.51 -2.44
N HIS A 91 -0.75 -12.77 -2.14
CA HIS A 91 -0.07 -13.67 -3.06
C HIS A 91 -0.58 -13.52 -4.50
N GLY A 92 -1.82 -13.96 -4.74
CA GLY A 92 -2.38 -13.89 -6.06
C GLY A 92 -2.89 -12.51 -6.45
N THR A 93 -2.01 -11.50 -6.34
CA THR A 93 -2.40 -10.14 -6.69
C THR A 93 -1.20 -9.27 -6.96
N GLY A 94 -0.16 -9.53 -6.21
CA GLY A 94 1.09 -8.77 -6.33
C GLY A 94 0.92 -7.32 -5.93
N MET A 95 0.18 -6.58 -6.76
CA MET A 95 -0.09 -5.17 -6.51
C MET A 95 -1.46 -4.79 -7.05
N ARG A 96 -2.22 -4.02 -6.28
CA ARG A 96 -3.55 -3.59 -6.68
C ARG A 96 -3.94 -2.28 -6.04
N ILE A 97 -3.92 -1.20 -6.81
CA ILE A 97 -4.28 0.10 -6.29
C ILE A 97 -5.74 0.13 -5.84
N LEU A 98 -6.05 1.08 -4.98
CA LEU A 98 -7.39 1.22 -4.46
C LEU A 98 -7.84 2.68 -4.49
N ASP A 99 -8.45 3.06 -5.60
CA ASP A 99 -8.97 4.42 -5.73
C ASP A 99 -10.05 4.65 -4.68
N LEU A 100 -9.63 5.07 -3.50
CA LEU A 100 -10.56 5.30 -2.41
C LEU A 100 -11.63 6.31 -2.83
N ARG A 101 -11.33 7.09 -3.86
CA ARG A 101 -12.28 8.07 -4.37
C ARG A 101 -13.55 7.37 -4.82
N LEU A 102 -13.45 6.04 -4.96
CA LEU A 102 -14.57 5.22 -5.38
C LEU A 102 -15.32 4.67 -4.17
N PHE A 103 -14.58 4.18 -3.18
CA PHE A 103 -15.18 3.61 -1.98
C PHE A 103 -15.13 4.58 -0.81
N GLU A 104 -15.09 4.03 0.40
CA GLU A 104 -15.04 4.82 1.61
C GLU A 104 -14.13 4.14 2.62
N THR A 105 -14.31 4.49 3.89
CA THR A 105 -13.51 3.90 4.95
C THR A 105 -13.76 2.40 5.03
N ASP A 106 -15.00 2.01 5.27
CA ASP A 106 -15.35 0.60 5.38
C ASP A 106 -15.49 -0.02 3.99
N GLY A 107 -15.76 0.82 3.00
CA GLY A 107 -15.91 0.35 1.64
C GLY A 107 -14.59 -0.09 1.04
N ALA A 108 -13.57 0.77 1.19
CA ALA A 108 -12.25 0.47 0.67
C ALA A 108 -11.63 -0.69 1.42
N LEU A 109 -11.73 -0.66 2.74
CA LEU A 109 -11.21 -1.72 3.58
C LEU A 109 -11.74 -3.06 3.10
N GLU A 110 -13.07 -3.11 2.92
CA GLU A 110 -13.72 -4.32 2.46
C GLU A 110 -13.12 -4.79 1.13
N GLU A 111 -12.82 -3.82 0.25
CA GLU A 111 -12.23 -4.13 -1.05
C GLU A 111 -11.05 -5.08 -0.84
N ILE A 112 -10.11 -4.63 -0.02
CA ILE A 112 -8.94 -5.42 0.31
C ILE A 112 -9.36 -6.85 0.66
N LEU A 113 -10.29 -6.98 1.60
CA LEU A 113 -10.79 -8.28 2.02
C LEU A 113 -11.39 -9.07 0.86
N ARG A 114 -11.95 -8.34 -0.12
CA ARG A 114 -12.58 -8.96 -1.27
C ARG A 114 -11.60 -9.71 -2.17
N PHE A 115 -10.38 -9.20 -2.30
CA PHE A 115 -9.38 -9.84 -3.15
C PHE A 115 -8.19 -10.30 -2.34
N SER A 116 -8.29 -10.15 -1.02
CA SER A 116 -7.23 -10.56 -0.13
C SER A 116 -7.78 -11.47 0.95
N THR A 117 -6.88 -12.18 1.62
CA THR A 117 -7.29 -13.09 2.68
C THR A 117 -6.38 -12.93 3.89
N PHE A 118 -6.83 -12.15 4.86
CA PHE A 118 -6.07 -11.89 6.06
C PHE A 118 -5.80 -13.18 6.83
N GLY A 119 -4.67 -13.81 6.52
CA GLY A 119 -4.29 -15.04 7.18
C GLY A 119 -3.43 -14.79 8.40
N VAL A 120 -3.02 -13.53 8.56
CA VAL A 120 -2.18 -13.13 9.68
C VAL A 120 -2.89 -13.41 11.00
N THR A 121 -2.14 -13.33 12.09
CA THR A 121 -2.68 -13.59 13.43
C THR A 121 -3.96 -12.79 13.66
N GLU A 122 -3.79 -11.48 13.84
CA GLU A 122 -4.92 -10.59 14.07
C GLU A 122 -4.70 -9.23 13.41
N PRO A 123 -5.67 -8.77 12.59
CA PRO A 123 -5.55 -7.47 11.91
C PRO A 123 -5.52 -6.34 12.91
N VAL A 124 -5.83 -6.66 14.16
CA VAL A 124 -5.84 -5.68 15.24
C VAL A 124 -4.47 -5.04 15.42
N ASN A 125 -3.56 -5.75 16.10
CA ASN A 125 -2.23 -5.25 16.35
C ASN A 125 -1.36 -5.35 15.10
N ASP A 126 -1.96 -5.83 14.01
CA ASP A 126 -1.24 -5.98 12.75
C ASP A 126 -0.67 -4.64 12.30
N ARG A 127 0.65 -4.52 12.37
CA ARG A 127 1.35 -3.30 11.99
C ARG A 127 0.90 -2.79 10.62
N MET A 128 0.46 -3.71 9.76
CA MET A 128 0.01 -3.33 8.43
C MET A 128 -1.38 -2.70 8.49
N PHE A 129 -2.33 -3.43 9.04
CA PHE A 129 -3.71 -2.95 9.14
C PHE A 129 -3.76 -1.62 9.90
N ARG A 130 -2.84 -1.43 10.83
CA ARG A 130 -2.80 -0.18 11.60
C ARG A 130 -2.73 1.01 10.66
N LEU A 131 -1.91 0.88 9.63
CA LEU A 131 -1.75 1.92 8.62
C LEU A 131 -2.86 1.83 7.59
N LEU A 132 -3.04 0.61 7.08
CA LEU A 132 -4.07 0.33 6.07
C LEU A 132 -5.40 1.01 6.41
N SER A 133 -5.94 0.69 7.58
CA SER A 133 -7.21 1.27 8.02
C SER A 133 -7.06 2.73 8.41
N ALA A 134 -5.84 3.15 8.72
CA ALA A 134 -5.59 4.54 9.09
C ALA A 134 -5.64 5.45 7.86
N PHE A 135 -5.29 4.89 6.72
CA PHE A 135 -5.33 5.63 5.47
C PHE A 135 -6.73 5.57 4.90
N ILE A 136 -7.37 4.43 5.14
CA ILE A 136 -8.74 4.22 4.71
C ILE A 136 -9.67 5.11 5.51
N ALA A 137 -9.28 5.30 6.77
CA ALA A 137 -10.05 6.11 7.72
C ALA A 137 -9.70 7.59 7.66
N ASP A 138 -8.43 7.90 7.87
CA ASP A 138 -7.96 9.28 7.91
C ASP A 138 -7.27 9.71 6.61
N GLY A 139 -6.75 8.74 5.86
CA GLY A 139 -6.06 9.05 4.62
C GLY A 139 -6.89 9.92 3.70
N GLY A 140 -8.20 9.95 3.93
CA GLY A 140 -9.08 10.78 3.12
C GLY A 140 -9.78 11.85 3.92
N ARG A 141 -9.03 12.57 4.75
CA ARG A 141 -9.58 13.63 5.57
C ARG A 141 -9.43 14.98 4.89
N TYR A 142 -10.35 15.28 3.98
CA TYR A 142 -10.34 16.53 3.24
C TYR A 142 -10.19 17.73 4.19
N CYS A 143 -9.47 18.75 3.73
CA CYS A 143 -9.23 19.94 4.54
C CYS A 143 -10.14 21.09 4.10
N LEU A 144 -10.66 21.01 2.88
CA LEU A 144 -11.54 22.03 2.35
C LEU A 144 -12.80 22.18 3.21
N PRO A 145 -13.56 21.07 3.43
CA PRO A 145 -14.78 21.11 4.24
C PRO A 145 -14.49 21.51 5.69
N GLU A 146 -15.37 22.33 6.25
CA GLU A 146 -15.22 22.79 7.63
C GLU A 146 -15.83 21.79 8.61
N PRO A 147 -15.17 21.55 9.76
CA PRO A 147 -15.65 20.62 10.77
C PRO A 147 -16.73 21.23 11.66
N LEU A 148 -17.95 21.35 11.12
CA LEU A 148 -19.06 21.92 11.87
C LEU A 148 -20.39 21.46 11.28
N1 FMN B . 6.64 -0.53 -9.25
C2 FMN B . 6.75 -1.71 -8.57
O2 FMN B . 7.37 -2.66 -8.96
N3 FMN B . 6.07 -1.85 -7.29
C4 FMN B . 5.32 -0.88 -6.72
O4 FMN B . 4.78 -1.09 -5.62
C4A FMN B . 5.20 0.40 -7.45
N5 FMN B . 4.49 1.41 -6.97
C5A FMN B . 4.40 2.58 -7.68
C6 FMN B . 3.60 3.70 -7.16
C7 FMN B . 3.48 4.90 -7.82
C7M FMN B . 2.65 6.06 -7.24
C8 FMN B . 4.17 5.08 -9.13
C8M FMN B . 4.07 6.37 -9.90
C9 FMN B . 4.92 4.02 -9.65
C9A FMN B . 5.07 2.78 -8.98
N10 FMN B . 5.83 1.67 -9.46
C10 FMN B . 5.93 0.48 -8.77
C1' FMN B . 6.54 1.76 -10.75
C2' FMN B . 5.62 1.42 -11.92
O2' FMN B . 5.37 0.02 -11.91
C3' FMN B . 6.06 1.91 -13.28
O3' FMN B . 7.42 2.34 -13.19
C4' FMN B . 5.18 2.95 -13.93
O4' FMN B . 4.64 3.94 -13.06
C5' FMN B . 5.09 3.16 -15.42
O5' FMN B . 5.96 2.24 -16.10
P FMN B . 7.28 2.70 -16.85
O1P FMN B . 8.21 3.26 -15.80
O2P FMN B . 6.89 3.69 -17.92
O3P FMN B . 7.87 1.36 -17.42
HN3 FMN B . 6.08 -2.73 -6.87
H6 FMN B . 2.99 3.53 -6.29
HM71 FMN B . 2.55 5.94 -6.18
HM72 FMN B . 1.66 6.06 -7.70
HM73 FMN B . 3.14 7.00 -7.46
HM81 FMN B . 4.50 7.16 -9.32
HM82 FMN B . 4.62 6.27 -10.83
HM83 FMN B . 3.04 6.58 -10.10
H9 FMN B . 5.44 4.16 -10.59
H1'1 FMN B . 7.36 1.07 -10.74
H1'2 FMN B . 6.91 2.77 -10.88
H2' FMN B . 4.67 1.90 -11.71
HO2' FMN B . 6.19 -0.45 -11.73
H3' FMN B . 6.06 1.05 -13.93
HO3' FMN B . 7.47 3.29 -13.25
H4' FMN B . 4.30 2.33 -13.89
HO4' FMN B . 4.06 3.53 -12.42
H5'1 FMN B . 5.39 4.16 -15.66
H5'2 FMN B . 4.08 2.98 -15.75
N GLY A 1 20.02 -19.10 -0.75
CA GLY A 1 19.37 -19.55 0.50
C GLY A 1 18.07 -18.82 0.77
N GLU A 2 17.10 -19.53 1.36
CA GLU A 2 15.80 -18.95 1.67
C GLU A 2 15.93 -17.81 2.68
N PHE A 3 15.46 -16.63 2.31
CA PHE A 3 15.53 -15.47 3.17
C PHE A 3 14.13 -15.09 3.68
N MET A 4 14.05 -14.74 4.96
CA MET A 4 12.78 -14.37 5.58
C MET A 4 12.10 -13.24 4.80
N LEU A 5 10.80 -13.10 5.02
CA LEU A 5 10.01 -12.06 4.38
C LEU A 5 10.00 -10.80 5.21
N THR A 6 9.39 -9.76 4.67
CA THR A 6 9.30 -8.48 5.33
C THR A 6 8.12 -7.69 4.77
N THR A 7 7.60 -6.74 5.54
CA THR A 7 6.47 -5.94 5.08
C THR A 7 6.75 -4.45 5.22
N LEU A 8 7.24 -3.84 4.14
CA LEU A 8 7.50 -2.43 4.14
C LEU A 8 6.25 -1.71 3.66
N ILE A 9 5.87 -0.66 4.37
CA ILE A 9 4.69 0.09 4.00
C ILE A 9 4.98 1.57 4.03
N TYR A 10 4.46 2.33 3.06
CA TYR A 10 4.72 3.76 3.02
C TYR A 10 3.51 4.53 2.57
N ARG A 11 3.62 5.84 2.69
CA ARG A 11 2.57 6.74 2.25
C ARG A 11 3.20 8.00 1.66
N SER A 12 2.80 8.32 0.45
CA SER A 12 3.33 9.48 -0.24
C SER A 12 2.21 10.42 -0.60
N GLN A 13 2.45 11.28 -1.57
CA GLN A 13 1.42 12.20 -2.02
C GLN A 13 1.22 12.08 -3.52
N VAL A 14 1.08 13.22 -4.16
CA VAL A 14 0.85 13.29 -5.59
C VAL A 14 0.95 14.75 -6.04
N HIS A 15 0.68 15.00 -7.31
CA HIS A 15 0.74 16.34 -7.84
C HIS A 15 -0.64 17.00 -7.84
N PRO A 16 -0.97 17.79 -6.79
CA PRO A 16 -2.26 18.48 -6.69
C PRO A 16 -2.52 19.38 -7.88
N ASP A 17 -1.45 19.69 -8.59
CA ASP A 17 -1.55 20.55 -9.78
C ASP A 17 -1.81 19.72 -11.03
N ARG A 18 -1.28 18.50 -11.05
CA ARG A 18 -1.46 17.60 -12.18
C ARG A 18 -2.85 16.95 -12.15
N PRO A 19 -3.25 16.26 -13.24
CA PRO A 19 -4.55 15.59 -13.32
C PRO A 19 -4.53 14.25 -12.59
N PRO A 20 -5.68 13.53 -12.57
CA PRO A 20 -5.77 12.23 -11.90
C PRO A 20 -4.67 11.27 -12.34
N VAL A 21 -4.41 10.26 -11.50
CA VAL A 21 -3.39 9.28 -11.79
C VAL A 21 -3.93 8.11 -12.60
N ASP A 22 -3.05 7.46 -13.35
CA ASP A 22 -3.43 6.31 -14.14
C ASP A 22 -3.36 5.07 -13.27
N LEU A 23 -4.09 5.12 -12.16
CA LEU A 23 -4.18 4.06 -11.17
C LEU A 23 -4.49 2.69 -11.75
N ASP A 24 -4.59 2.59 -13.05
CA ASP A 24 -4.82 1.31 -13.70
C ASP A 24 -3.51 0.86 -14.29
N ALA A 25 -2.85 1.81 -14.90
CA ALA A 25 -1.56 1.61 -15.53
C ALA A 25 -0.42 1.74 -14.51
N LEU A 26 -0.68 2.55 -13.49
CA LEU A 26 0.28 2.82 -12.43
C LEU A 26 0.56 1.56 -11.62
N VAL A 27 -0.49 0.81 -11.34
CA VAL A 27 -0.38 -0.42 -10.59
C VAL A 27 -0.04 -1.60 -11.51
N HIS A 28 -0.54 -1.55 -12.74
CA HIS A 28 -0.29 -2.61 -13.71
C HIS A 28 1.20 -2.92 -13.82
N ARG A 29 1.98 -1.89 -14.16
CA ARG A 29 3.42 -2.05 -14.29
C ARG A 29 4.06 -2.54 -12.99
N ALA A 30 3.37 -2.30 -11.88
CA ALA A 30 3.88 -2.70 -10.57
C ALA A 30 3.66 -4.18 -10.29
N SER A 31 2.40 -4.59 -10.25
CA SER A 31 2.03 -5.98 -9.99
C SER A 31 2.86 -6.93 -10.85
N SER A 32 3.09 -6.55 -12.09
CA SER A 32 3.84 -7.36 -13.02
C SER A 32 5.29 -7.54 -12.57
N LYS A 33 5.83 -6.56 -11.85
CA LYS A 33 7.20 -6.63 -11.37
C LYS A 33 7.30 -7.35 -10.03
N ASN A 34 6.46 -6.97 -9.09
CA ASN A 34 6.47 -7.55 -7.75
C ASN A 34 6.07 -9.03 -7.76
N LEU A 35 5.15 -9.40 -8.64
CA LEU A 35 4.70 -10.79 -8.72
C LEU A 35 5.88 -11.75 -8.88
N PRO A 36 6.67 -11.61 -9.96
CA PRO A 36 7.82 -12.47 -10.22
C PRO A 36 8.93 -12.25 -9.20
N LEU A 37 8.96 -11.05 -8.65
CA LEU A 37 9.96 -10.67 -7.67
C LEU A 37 9.72 -11.40 -6.34
N GLY A 38 8.49 -11.85 -6.16
CA GLY A 38 8.13 -12.56 -4.95
C GLY A 38 7.46 -11.63 -3.96
N ILE A 39 7.29 -10.38 -4.37
CA ILE A 39 6.67 -9.36 -3.53
C ILE A 39 5.16 -9.36 -3.70
N THR A 40 4.46 -8.89 -2.67
CA THR A 40 3.01 -8.82 -2.68
C THR A 40 2.55 -7.54 -1.99
N GLY A 41 1.34 -7.10 -2.28
CA GLY A 41 0.86 -5.90 -1.64
C GLY A 41 -0.35 -5.27 -2.30
N ILE A 42 -0.57 -4.01 -1.93
CA ILE A 42 -1.69 -3.23 -2.44
C ILE A 42 -1.35 -1.74 -2.40
N LEU A 43 -1.95 -0.98 -3.30
CA LEU A 43 -1.74 0.46 -3.35
C LEU A 43 -3.02 1.19 -3.00
N LEU A 44 -2.89 2.47 -2.66
CA LEU A 44 -4.04 3.29 -2.30
C LEU A 44 -3.91 4.70 -2.85
N PHE A 45 -5.06 5.33 -3.07
CA PHE A 45 -5.10 6.70 -3.56
C PHE A 45 -6.36 7.38 -3.05
N ASN A 46 -6.21 8.58 -2.51
CA ASN A 46 -7.34 9.32 -1.97
C ASN A 46 -7.49 10.64 -2.69
N GLY A 47 -6.75 10.79 -3.77
CA GLY A 47 -6.80 12.01 -4.55
C GLY A 47 -5.65 12.94 -4.23
N LEU A 48 -4.78 12.50 -3.34
CA LEU A 48 -3.63 13.31 -2.95
C LEU A 48 -2.45 12.45 -2.53
N GLN A 49 -2.73 11.33 -1.85
CA GLN A 49 -1.65 10.47 -1.35
C GLN A 49 -1.71 9.03 -1.89
N PHE A 50 -0.57 8.33 -1.77
CA PHE A 50 -0.47 6.93 -2.18
C PHE A 50 0.01 6.07 -1.02
N PHE A 51 -0.85 5.20 -0.55
CA PHE A 51 -0.49 4.30 0.54
C PHE A 51 -0.21 2.92 -0.03
N GLN A 52 0.97 2.40 0.22
CA GLN A 52 1.31 1.11 -0.35
C GLN A 52 1.76 0.10 0.69
N VAL A 53 1.09 -1.04 0.67
CA VAL A 53 1.44 -2.14 1.57
C VAL A 53 2.34 -3.11 0.82
N LEU A 54 3.62 -3.03 1.10
CA LEU A 54 4.57 -3.92 0.45
C LEU A 54 4.98 -5.05 1.37
N GLU A 55 4.97 -6.26 0.84
CA GLU A 55 5.36 -7.43 1.64
C GLU A 55 6.17 -8.40 0.79
N GLY A 56 7.43 -8.52 1.18
CA GLY A 56 8.35 -9.41 0.49
C GLY A 56 9.73 -9.35 1.13
N THR A 57 10.72 -9.94 0.48
CA THR A 57 12.07 -9.93 1.02
C THR A 57 12.53 -8.49 1.27
N GLU A 58 13.10 -8.27 2.45
CA GLU A 58 13.58 -6.95 2.85
C GLU A 58 14.48 -6.34 1.79
N GLU A 59 15.28 -7.18 1.14
CA GLU A 59 16.18 -6.72 0.10
C GLU A 59 15.42 -6.11 -1.06
N ALA A 60 14.25 -6.67 -1.33
CA ALA A 60 13.39 -6.19 -2.40
C ALA A 60 12.62 -4.95 -1.98
N LEU A 61 12.16 -4.93 -0.73
CA LEU A 61 11.40 -3.81 -0.20
C LEU A 61 12.23 -2.53 -0.22
N GLU A 62 13.48 -2.64 0.21
CA GLU A 62 14.38 -1.49 0.24
C GLU A 62 14.55 -0.89 -1.15
N SER A 63 15.04 -1.71 -2.06
CA SER A 63 15.27 -1.29 -3.44
C SER A 63 14.01 -0.76 -4.09
N LEU A 64 12.92 -1.50 -3.94
CA LEU A 64 11.64 -1.14 -4.51
C LEU A 64 11.20 0.21 -3.98
N PHE A 65 10.97 0.24 -2.68
CA PHE A 65 10.57 1.44 -1.98
C PHE A 65 11.46 2.61 -2.36
N SER A 66 12.73 2.32 -2.63
CA SER A 66 13.68 3.36 -3.02
C SER A 66 13.40 3.81 -4.45
N GLU A 67 12.87 2.90 -5.26
CA GLU A 67 12.53 3.21 -6.64
C GLU A 67 11.31 4.11 -6.64
N ILE A 68 10.49 3.92 -5.63
CA ILE A 68 9.27 4.68 -5.44
C ILE A 68 9.57 6.14 -5.20
N GLN A 69 10.36 6.44 -4.18
CA GLN A 69 10.68 7.81 -3.84
C GLN A 69 11.35 8.55 -5.00
N SER A 70 11.72 7.80 -6.04
CA SER A 70 12.36 8.39 -7.23
C SER A 70 11.35 8.51 -8.37
N ASP A 71 10.07 8.40 -8.03
CA ASP A 71 9.00 8.49 -9.01
C ASP A 71 8.48 9.93 -9.15
N PRO A 72 7.95 10.29 -10.33
CA PRO A 72 7.43 11.62 -10.60
C PRO A 72 5.92 11.76 -10.35
N ARG A 73 5.32 10.73 -9.78
CA ARG A 73 3.89 10.75 -9.50
C ARG A 73 3.63 11.37 -8.13
N HIS A 74 4.05 10.67 -7.09
CA HIS A 74 3.89 11.16 -5.72
C HIS A 74 5.03 12.13 -5.41
N ARG A 75 5.38 12.28 -4.13
CA ARG A 75 6.46 13.18 -3.77
C ARG A 75 7.00 12.95 -2.36
N ASP A 76 6.13 13.08 -1.37
CA ASP A 76 6.52 12.94 0.03
C ASP A 76 6.36 11.53 0.59
N VAL A 77 6.88 10.54 -0.12
CA VAL A 77 6.82 9.17 0.36
C VAL A 77 7.63 9.03 1.64
N VAL A 78 7.09 8.29 2.58
CA VAL A 78 7.75 8.06 3.87
C VAL A 78 7.52 6.63 4.34
N GLU A 79 8.58 5.98 4.80
CA GLU A 79 8.46 4.61 5.28
C GLU A 79 7.59 4.54 6.53
N LEU A 80 6.41 3.99 6.36
CA LEU A 80 5.46 3.82 7.45
C LEU A 80 5.72 2.54 8.22
N MET A 81 6.20 1.54 7.49
CA MET A 81 6.47 0.25 8.07
C MET A 81 7.54 -0.50 7.31
N ARG A 82 7.95 -1.61 7.93
CA ARG A 82 8.94 -2.51 7.40
C ARG A 82 9.35 -3.47 8.50
N ASP A 83 8.63 -4.57 8.53
CA ASP A 83 8.82 -5.59 9.56
C ASP A 83 8.96 -6.99 8.97
N TYR A 84 9.77 -7.81 9.61
CA TYR A 84 9.99 -9.17 9.16
C TYR A 84 8.70 -9.98 9.19
N SER A 85 8.60 -10.97 8.32
CA SER A 85 7.41 -11.80 8.24
C SER A 85 7.74 -13.16 7.63
N ALA A 86 6.73 -14.03 7.59
CA ALA A 86 6.90 -15.37 7.05
C ALA A 86 5.72 -15.78 6.19
N TYR A 87 4.84 -14.82 5.91
CA TYR A 87 3.66 -15.10 5.12
C TYR A 87 3.29 -13.91 4.23
N ARG A 88 2.52 -14.19 3.18
CA ARG A 88 2.08 -13.16 2.25
C ARG A 88 0.56 -13.07 2.24
N ARG A 89 0.02 -12.02 2.87
CA ARG A 89 -1.42 -11.83 2.94
C ARG A 89 -2.06 -11.75 1.56
N PHE A 90 -1.34 -11.19 0.60
CA PHE A 90 -1.87 -11.06 -0.76
C PHE A 90 -1.22 -12.08 -1.70
N HIS A 91 -1.31 -13.35 -1.32
CA HIS A 91 -0.73 -14.43 -2.13
C HIS A 91 -1.42 -14.53 -3.48
N GLY A 92 -2.44 -13.72 -3.70
CA GLY A 92 -3.16 -13.75 -4.97
C GLY A 92 -3.06 -12.45 -5.74
N THR A 93 -2.37 -11.47 -5.16
CA THR A 93 -2.21 -10.17 -5.81
C THR A 93 -0.89 -9.52 -5.38
N GLY A 94 0.01 -9.35 -6.34
CA GLY A 94 1.30 -8.74 -6.05
C GLY A 94 1.20 -7.25 -5.75
N MET A 95 0.24 -6.58 -6.39
CA MET A 95 0.03 -5.15 -6.20
C MET A 95 -1.29 -4.74 -6.84
N ARG A 96 -2.11 -3.99 -6.11
CA ARG A 96 -3.41 -3.54 -6.62
C ARG A 96 -3.86 -2.26 -5.95
N ILE A 97 -3.77 -1.14 -6.67
CA ILE A 97 -4.17 0.14 -6.14
C ILE A 97 -5.63 0.15 -5.72
N LEU A 98 -5.98 1.13 -4.88
CA LEU A 98 -7.34 1.27 -4.38
C LEU A 98 -7.79 2.72 -4.43
N ASP A 99 -8.43 3.10 -5.53
CA ASP A 99 -8.95 4.45 -5.68
C ASP A 99 -10.00 4.71 -4.61
N LEU A 100 -9.56 5.14 -3.43
CA LEU A 100 -10.49 5.40 -2.34
C LEU A 100 -11.54 6.42 -2.75
N ARG A 101 -11.21 7.21 -3.76
CA ARG A 101 -12.14 8.22 -4.26
C ARG A 101 -13.45 7.54 -4.68
N LEU A 102 -13.39 6.22 -4.81
CA LEU A 102 -14.56 5.44 -5.20
C LEU A 102 -15.29 4.90 -3.97
N PHE A 103 -14.53 4.33 -3.03
CA PHE A 103 -15.13 3.76 -1.82
C PHE A 103 -15.03 4.73 -0.64
N GLU A 104 -14.96 4.17 0.56
CA GLU A 104 -14.88 4.96 1.77
C GLU A 104 -13.97 4.26 2.77
N THR A 105 -14.10 4.61 4.04
CA THR A 105 -13.29 4.00 5.07
C THR A 105 -13.57 2.50 5.17
N ASP A 106 -14.82 2.13 5.45
CA ASP A 106 -15.20 0.74 5.58
C ASP A 106 -15.34 0.09 4.20
N GLY A 107 -15.62 0.91 3.20
CA GLY A 107 -15.78 0.39 1.85
C GLY A 107 -14.46 -0.05 1.26
N ALA A 108 -13.46 0.84 1.33
CA ALA A 108 -12.14 0.56 0.81
C ALA A 108 -11.51 -0.61 1.55
N LEU A 109 -11.56 -0.58 2.87
CA LEU A 109 -11.00 -1.64 3.69
C LEU A 109 -11.56 -2.98 3.23
N GLU A 110 -12.87 -3.01 3.02
CA GLU A 110 -13.55 -4.20 2.55
C GLU A 110 -12.98 -4.66 1.21
N GLU A 111 -12.56 -3.69 0.39
CA GLU A 111 -11.97 -4.00 -0.91
C GLU A 111 -10.76 -4.90 -0.73
N ILE A 112 -9.80 -4.42 0.05
CA ILE A 112 -8.59 -5.17 0.34
C ILE A 112 -8.93 -6.61 0.69
N LEU A 113 -9.73 -6.79 1.75
CA LEU A 113 -10.13 -8.11 2.20
C LEU A 113 -10.80 -8.91 1.10
N ARG A 114 -11.58 -8.21 0.27
CA ARG A 114 -12.30 -8.85 -0.83
C ARG A 114 -11.36 -9.64 -1.73
N PHE A 115 -10.20 -9.07 -2.02
CA PHE A 115 -9.22 -9.73 -2.87
C PHE A 115 -7.97 -10.09 -2.09
N SER A 116 -8.13 -10.18 -0.79
CA SER A 116 -7.02 -10.53 0.08
C SER A 116 -7.23 -11.91 0.68
N THR A 117 -6.19 -12.46 1.24
CA THR A 117 -6.26 -13.78 1.84
C THR A 117 -5.57 -13.80 3.20
N PHE A 118 -5.82 -12.75 3.98
CA PHE A 118 -5.25 -12.60 5.30
C PHE A 118 -5.52 -13.83 6.16
N GLY A 119 -4.58 -14.77 6.16
CA GLY A 119 -4.72 -15.98 6.93
C GLY A 119 -4.72 -15.71 8.42
N VAL A 120 -4.14 -14.57 8.80
CA VAL A 120 -4.08 -14.18 10.20
C VAL A 120 -5.48 -14.06 10.79
N THR A 121 -5.58 -14.08 12.10
CA THR A 121 -6.86 -13.93 12.74
C THR A 121 -7.14 -12.48 13.00
N GLU A 122 -8.23 -12.00 12.43
CA GLU A 122 -8.64 -10.61 12.54
C GLU A 122 -7.52 -9.67 12.10
N PRO A 123 -7.89 -8.53 11.51
CA PRO A 123 -6.91 -7.54 11.03
C PRO A 123 -6.31 -6.75 12.19
N VAL A 124 -6.81 -7.00 13.40
CA VAL A 124 -6.34 -6.30 14.59
C VAL A 124 -4.83 -6.40 14.76
N ASN A 125 -4.35 -7.57 15.13
CA ASN A 125 -2.92 -7.79 15.34
C ASN A 125 -2.16 -7.84 14.01
N ASP A 126 -2.06 -6.69 13.36
CA ASP A 126 -1.36 -6.59 12.09
C ASP A 126 -0.82 -5.17 11.88
N ARG A 127 0.47 -4.99 12.17
CA ARG A 127 1.12 -3.69 12.02
C ARG A 127 0.79 -3.05 10.68
N MET A 128 0.67 -3.88 9.65
CA MET A 128 0.34 -3.40 8.31
C MET A 128 -1.04 -2.78 8.32
N PHE A 129 -2.01 -3.53 8.82
CA PHE A 129 -3.39 -3.07 8.87
C PHE A 129 -3.51 -1.78 9.68
N ARG A 130 -2.64 -1.61 10.68
CA ARG A 130 -2.65 -0.41 11.50
C ARG A 130 -2.55 0.82 10.61
N LEU A 131 -1.71 0.72 9.58
CA LEU A 131 -1.52 1.79 8.63
C LEU A 131 -2.63 1.77 7.58
N LEU A 132 -2.84 0.58 7.02
CA LEU A 132 -3.87 0.36 6.01
C LEU A 132 -5.18 1.03 6.37
N SER A 133 -5.73 0.66 7.52
CA SER A 133 -6.99 1.24 7.99
C SER A 133 -6.83 2.68 8.41
N ALA A 134 -5.60 3.09 8.72
CA ALA A 134 -5.34 4.46 9.12
C ALA A 134 -5.39 5.38 7.92
N PHE A 135 -5.03 4.84 6.76
CA PHE A 135 -5.07 5.61 5.52
C PHE A 135 -6.47 5.57 4.96
N ILE A 136 -7.13 4.45 5.19
CA ILE A 136 -8.50 4.25 4.76
C ILE A 136 -9.43 5.13 5.58
N ALA A 137 -9.03 5.31 6.84
CA ALA A 137 -9.79 6.10 7.80
C ALA A 137 -9.44 7.58 7.75
N ASP A 138 -8.16 7.88 7.97
CA ASP A 138 -7.68 9.25 7.99
C ASP A 138 -7.03 9.68 6.68
N GLY A 139 -6.48 8.72 5.95
CA GLY A 139 -5.82 9.04 4.70
C GLY A 139 -6.77 9.65 3.69
N GLY A 140 -8.06 9.34 3.82
CA GLY A 140 -9.05 9.87 2.90
C GLY A 140 -9.91 10.93 3.54
N ARG A 141 -10.09 10.83 4.86
CA ARG A 141 -10.91 11.79 5.60
C ARG A 141 -10.18 12.26 6.85
N TYR A 142 -9.57 13.43 6.74
CA TYR A 142 -8.82 14.03 7.84
C TYR A 142 -9.72 14.45 8.99
N CYS A 143 -10.34 15.61 8.84
CA CYS A 143 -11.22 16.15 9.89
C CYS A 143 -10.39 16.48 11.13
N LEU A 144 -9.07 16.34 10.96
CA LEU A 144 -8.10 16.60 12.03
C LEU A 144 -8.42 15.81 13.31
N PRO A 145 -7.41 15.61 14.17
CA PRO A 145 -7.57 14.89 15.43
C PRO A 145 -8.09 15.78 16.55
N GLU A 146 -8.95 15.20 17.40
CA GLU A 146 -9.52 15.94 18.51
C GLU A 146 -9.12 15.30 19.84
N PRO A 147 -8.10 15.86 20.52
CA PRO A 147 -7.63 15.33 21.80
C PRO A 147 -8.59 15.64 22.95
N LEU A 148 -9.34 14.62 23.38
CA LEU A 148 -10.29 14.78 24.46
C LEU A 148 -9.59 14.77 25.82
N1 FMN B . 6.70 -0.78 -9.43
C2 FMN B . 6.84 -1.90 -8.65
O2 FMN B . 7.42 -2.88 -9.00
N3 FMN B . 6.25 -1.92 -7.33
C4 FMN B . 5.55 -0.89 -6.79
O4 FMN B . 5.08 -1.00 -5.65
C4A FMN B . 5.40 0.32 -7.62
N5 FMN B . 4.73 1.38 -7.18
C5A FMN B . 4.61 2.48 -7.99
C6 FMN B . 3.86 3.66 -7.51
C7 FMN B . 3.71 4.79 -8.27
C7M FMN B . 2.93 6.04 -7.76
C8 FMN B . 4.31 4.85 -9.63
C8M FMN B . 4.17 6.06 -10.52
C9 FMN B . 5.01 3.74 -10.10
C9A FMN B . 5.18 2.56 -9.33
N10 FMN B . 5.90 1.40 -9.77
C10 FMN B . 6.03 0.28 -8.97
C1' FMN B . 6.52 1.37 -11.11
C2' FMN B . 7.91 2.00 -11.09
O2' FMN B . 8.09 2.76 -12.28
C3' FMN B . 9.06 1.05 -10.82
O3' FMN B . 9.90 1.61 -9.81
C4' FMN B . 9.85 0.61 -12.05
O4' FMN B . 9.28 -0.47 -12.79
C5' FMN B . 10.95 1.43 -12.67
O5' FMN B . 11.15 2.65 -11.93
P FMN B . 12.33 3.65 -12.26
O1P FMN B . 12.10 4.16 -13.67
O2P FMN B . 13.64 2.95 -12.06
O3P FMN B . 12.10 4.83 -11.25
HN3 FMN B . 6.26 -2.77 -6.85
H6 FMN B . 3.25 3.56 -6.63
HM71 FMN B . 2.86 5.99 -6.67
HM72 FMN B . 1.94 6.04 -8.18
HM73 FMN B . 3.45 6.94 -8.04
HM81 FMN B . 4.59 6.91 -10.01
HM82 FMN B . 4.69 5.89 -11.45
HM83 FMN B . 3.13 6.24 -10.71
H9 FMN B . 5.46 3.79 -11.08
H1'1 FMN B . 5.90 1.92 -11.80
H1'2 FMN B . 6.60 0.34 -11.44
H2' FMN B . 7.92 2.72 -10.27
HO2' FMN B . 7.72 3.63 -12.16
H3' FMN B . 8.62 0.16 -10.40
HO3' FMN B . 9.37 1.82 -9.04
H4' FMN B . 10.52 -0.01 -11.49
HO4' FMN B . 8.98 -1.14 -12.18
H5'1 FMN B . 10.70 1.67 -13.69
H5'2 FMN B . 11.87 0.85 -12.65
N GLY A 1 19.15 -22.04 4.88
CA GLY A 1 18.03 -21.28 5.50
C GLY A 1 17.22 -20.50 4.48
N GLU A 2 15.92 -20.37 4.74
CA GLU A 2 15.04 -19.65 3.84
C GLU A 2 14.91 -18.18 4.25
N PHE A 3 15.19 -17.27 3.32
CA PHE A 3 15.11 -15.86 3.58
C PHE A 3 13.71 -15.46 4.02
N MET A 4 13.62 -14.93 5.22
CA MET A 4 12.34 -14.49 5.79
C MET A 4 11.73 -13.38 4.95
N LEU A 5 10.42 -13.22 5.08
CA LEU A 5 9.69 -12.18 4.37
C LEU A 5 9.68 -10.90 5.17
N THR A 6 9.07 -9.87 4.60
CA THR A 6 8.99 -8.58 5.26
C THR A 6 7.83 -7.76 4.71
N THR A 7 7.34 -6.82 5.49
CA THR A 7 6.23 -5.98 5.05
C THR A 7 6.57 -4.51 5.18
N LEU A 8 6.96 -3.89 4.07
CA LEU A 8 7.27 -2.49 4.05
C LEU A 8 6.05 -1.72 3.59
N ILE A 9 5.68 -0.69 4.32
CA ILE A 9 4.53 0.09 3.96
C ILE A 9 4.89 1.58 3.97
N TYR A 10 4.33 2.34 3.02
CA TYR A 10 4.64 3.77 2.93
C TYR A 10 3.44 4.58 2.50
N ARG A 11 3.60 5.89 2.57
CA ARG A 11 2.56 6.80 2.14
C ARG A 11 3.20 8.05 1.56
N SER A 12 2.78 8.39 0.36
CA SER A 12 3.30 9.54 -0.35
C SER A 12 2.17 10.49 -0.69
N GLN A 13 2.40 11.31 -1.70
CA GLN A 13 1.38 12.24 -2.14
C GLN A 13 1.21 12.18 -3.64
N VAL A 14 1.08 13.33 -4.24
CA VAL A 14 0.90 13.46 -5.67
C VAL A 14 1.05 14.92 -6.07
N HIS A 15 0.81 15.23 -7.34
CA HIS A 15 0.92 16.59 -7.82
C HIS A 15 -0.44 17.28 -7.84
N PRO A 16 -0.78 18.02 -6.76
CA PRO A 16 -2.05 18.73 -6.67
C PRO A 16 -2.30 19.66 -7.85
N ASP A 17 -1.24 19.92 -8.59
CA ASP A 17 -1.32 20.78 -9.77
C ASP A 17 -1.56 19.97 -11.04
N ARG A 18 -0.98 18.76 -11.09
CA ARG A 18 -1.14 17.89 -12.25
C ARG A 18 -2.49 17.18 -12.22
N PRO A 19 -2.86 16.44 -13.29
CA PRO A 19 -4.13 15.73 -13.36
C PRO A 19 -4.09 14.40 -12.61
N PRO A 20 -5.22 13.68 -12.54
CA PRO A 20 -5.30 12.40 -11.83
C PRO A 20 -4.24 11.39 -12.28
N VAL A 21 -4.01 10.39 -11.44
CA VAL A 21 -3.01 9.36 -11.72
C VAL A 21 -3.61 8.22 -12.53
N ASP A 22 -2.76 7.54 -13.30
CA ASP A 22 -3.19 6.40 -14.10
C ASP A 22 -3.21 5.16 -13.24
N LEU A 23 -3.99 5.24 -12.16
CA LEU A 23 -4.15 4.17 -11.19
C LEU A 23 -4.51 2.82 -11.78
N ASP A 24 -4.59 2.75 -13.09
CA ASP A 24 -4.86 1.49 -13.76
C ASP A 24 -3.56 0.96 -14.32
N ALA A 25 -2.84 1.89 -14.91
CA ALA A 25 -1.54 1.63 -15.51
C ALA A 25 -0.43 1.69 -14.47
N LEU A 26 -0.70 2.46 -13.41
CA LEU A 26 0.25 2.66 -12.32
C LEU A 26 0.45 1.38 -11.53
N VAL A 27 -0.65 0.69 -11.28
CA VAL A 27 -0.61 -0.56 -10.54
C VAL A 27 -0.29 -1.73 -11.45
N HIS A 28 -0.64 -1.60 -12.72
CA HIS A 28 -0.38 -2.64 -13.70
C HIS A 28 1.12 -2.97 -13.77
N ARG A 29 1.92 -1.95 -14.05
CA ARG A 29 3.37 -2.13 -14.14
C ARG A 29 3.95 -2.64 -12.83
N ALA A 30 3.23 -2.41 -11.75
CA ALA A 30 3.66 -2.84 -10.42
C ALA A 30 3.42 -4.33 -10.22
N SER A 31 2.15 -4.72 -10.22
CA SER A 31 1.77 -6.12 -10.04
C SER A 31 2.56 -7.03 -10.97
N SER A 32 3.02 -6.49 -12.08
CA SER A 32 3.79 -7.25 -13.05
C SER A 32 5.24 -7.42 -12.62
N LYS A 33 5.78 -6.42 -11.94
CA LYS A 33 7.17 -6.47 -11.47
C LYS A 33 7.27 -7.18 -10.12
N ASN A 34 6.46 -6.73 -9.18
CA ASN A 34 6.43 -7.28 -7.82
C ASN A 34 6.18 -8.79 -7.83
N LEU A 35 5.28 -9.24 -8.71
CA LEU A 35 4.94 -10.66 -8.78
C LEU A 35 6.19 -11.53 -8.89
N PRO A 36 6.98 -11.36 -9.97
CA PRO A 36 8.21 -12.14 -10.17
C PRO A 36 9.27 -11.76 -9.16
N LEU A 37 9.13 -10.57 -8.60
CA LEU A 37 10.04 -10.05 -7.60
C LEU A 37 9.89 -10.79 -6.29
N GLY A 38 8.70 -11.32 -6.07
CA GLY A 38 8.40 -12.04 -4.85
C GLY A 38 7.63 -11.16 -3.90
N ILE A 39 7.34 -9.96 -4.37
CA ILE A 39 6.60 -8.97 -3.60
C ILE A 39 5.09 -9.16 -3.76
N THR A 40 4.35 -8.76 -2.73
CA THR A 40 2.90 -8.85 -2.75
C THR A 40 2.33 -7.71 -1.94
N GLY A 41 1.27 -7.08 -2.45
CA GLY A 41 0.71 -5.98 -1.71
C GLY A 41 -0.46 -5.30 -2.39
N ILE A 42 -0.71 -4.07 -1.97
CA ILE A 42 -1.80 -3.27 -2.48
C ILE A 42 -1.47 -1.79 -2.39
N LEU A 43 -2.05 -1.00 -3.28
CA LEU A 43 -1.82 0.44 -3.29
C LEU A 43 -3.11 1.19 -2.97
N LEU A 44 -2.97 2.46 -2.62
CA LEU A 44 -4.12 3.29 -2.26
C LEU A 44 -3.96 4.71 -2.79
N PHE A 45 -5.09 5.36 -3.02
CA PHE A 45 -5.10 6.73 -3.51
C PHE A 45 -6.36 7.43 -2.99
N ASN A 46 -6.20 8.65 -2.49
CA ASN A 46 -7.32 9.40 -1.96
C ASN A 46 -7.45 10.73 -2.67
N GLY A 47 -6.81 10.81 -3.83
CA GLY A 47 -6.86 12.04 -4.60
C GLY A 47 -5.71 12.97 -4.28
N LEU A 48 -4.81 12.51 -3.43
CA LEU A 48 -3.66 13.32 -3.05
C LEU A 48 -2.49 12.46 -2.61
N GLN A 49 -2.75 11.36 -1.91
CA GLN A 49 -1.68 10.51 -1.40
C GLN A 49 -1.73 9.08 -1.93
N PHE A 50 -0.64 8.35 -1.70
CA PHE A 50 -0.53 6.94 -2.10
C PHE A 50 -0.09 6.08 -0.93
N PHE A 51 -0.97 5.22 -0.46
CA PHE A 51 -0.64 4.33 0.64
C PHE A 51 -0.37 2.95 0.07
N GLN A 52 0.84 2.43 0.28
CA GLN A 52 1.18 1.14 -0.28
C GLN A 52 1.60 0.12 0.75
N VAL A 53 0.91 -1.01 0.74
CA VAL A 53 1.25 -2.12 1.61
C VAL A 53 2.10 -3.09 0.82
N LEU A 54 3.37 -3.16 1.16
CA LEU A 54 4.29 -4.03 0.45
C LEU A 54 4.71 -5.23 1.29
N GLU A 55 4.79 -6.38 0.64
CA GLU A 55 5.21 -7.61 1.29
C GLU A 55 6.33 -8.24 0.48
N GLY A 56 7.19 -9.00 1.14
CA GLY A 56 8.28 -9.63 0.44
C GLY A 56 9.58 -9.49 1.19
N THR A 57 10.65 -10.09 0.66
CA THR A 57 11.95 -10.03 1.30
C THR A 57 12.38 -8.59 1.51
N GLU A 58 12.98 -8.33 2.67
CA GLU A 58 13.44 -6.99 3.03
C GLU A 58 14.33 -6.40 1.95
N GLU A 59 15.00 -7.27 1.20
CA GLU A 59 15.89 -6.83 0.12
C GLU A 59 15.10 -6.26 -1.04
N ALA A 60 13.95 -6.85 -1.30
CA ALA A 60 13.09 -6.42 -2.39
C ALA A 60 12.33 -5.15 -2.00
N LEU A 61 11.85 -5.11 -0.76
CA LEU A 61 11.11 -3.95 -0.27
C LEU A 61 11.98 -2.71 -0.28
N GLU A 62 13.24 -2.88 0.09
CA GLU A 62 14.18 -1.77 0.12
C GLU A 62 14.38 -1.15 -1.26
N SER A 63 14.84 -1.98 -2.20
CA SER A 63 15.08 -1.55 -3.56
C SER A 63 13.82 -0.99 -4.21
N LEU A 64 12.72 -1.70 -4.01
CA LEU A 64 11.44 -1.31 -4.57
C LEU A 64 11.03 0.04 -4.03
N PHE A 65 10.81 0.07 -2.74
CA PHE A 65 10.45 1.29 -2.04
C PHE A 65 11.36 2.44 -2.42
N SER A 66 12.61 2.12 -2.75
CA SER A 66 13.57 3.12 -3.17
C SER A 66 13.27 3.60 -4.58
N GLU A 67 12.72 2.69 -5.39
CA GLU A 67 12.35 3.01 -6.75
C GLU A 67 11.14 3.93 -6.73
N ILE A 68 10.36 3.77 -5.69
CA ILE A 68 9.16 4.54 -5.46
C ILE A 68 9.48 6.01 -5.21
N GLN A 69 10.33 6.28 -4.23
CA GLN A 69 10.68 7.66 -3.90
C GLN A 69 11.40 8.33 -5.06
N SER A 70 11.78 7.54 -6.05
CA SER A 70 12.47 8.08 -7.23
C SER A 70 11.48 8.30 -8.37
N ASP A 71 10.19 8.22 -8.06
CA ASP A 71 9.14 8.42 -9.05
C ASP A 71 8.71 9.89 -9.12
N PRO A 72 8.38 10.38 -10.33
CA PRO A 72 7.97 11.77 -10.52
C PRO A 72 6.46 11.99 -10.41
N ARG A 73 5.75 11.06 -9.78
CA ARG A 73 4.31 11.20 -9.61
C ARG A 73 3.98 11.75 -8.23
N HIS A 74 4.20 10.94 -7.21
CA HIS A 74 3.97 11.35 -5.83
C HIS A 74 5.09 12.28 -5.39
N ARG A 75 5.38 12.32 -4.08
CA ARG A 75 6.45 13.19 -3.60
C ARG A 75 6.91 12.85 -2.19
N ASP A 76 5.98 12.91 -1.23
CA ASP A 76 6.31 12.67 0.17
C ASP A 76 6.18 11.22 0.59
N VAL A 77 6.74 10.31 -0.19
CA VAL A 77 6.71 8.90 0.17
C VAL A 77 7.63 8.65 1.35
N VAL A 78 7.02 8.26 2.45
CA VAL A 78 7.76 7.99 3.67
C VAL A 78 7.47 6.59 4.18
N GLU A 79 8.50 5.92 4.68
CA GLU A 79 8.34 4.56 5.18
C GLU A 79 7.47 4.53 6.43
N LEU A 80 6.27 3.99 6.26
CA LEU A 80 5.32 3.86 7.35
C LEU A 80 5.58 2.59 8.14
N MET A 81 6.06 1.57 7.43
CA MET A 81 6.33 0.29 8.04
C MET A 81 7.43 -0.47 7.32
N ARG A 82 7.85 -1.52 7.97
CA ARG A 82 8.88 -2.42 7.48
C ARG A 82 9.23 -3.40 8.58
N ASP A 83 8.55 -4.52 8.53
CA ASP A 83 8.71 -5.55 9.56
C ASP A 83 8.87 -6.94 8.96
N TYR A 84 9.66 -7.77 9.61
CA TYR A 84 9.89 -9.13 9.16
C TYR A 84 8.59 -9.93 9.16
N SER A 85 8.58 -11.05 8.46
CA SER A 85 7.40 -11.90 8.37
C SER A 85 7.76 -13.29 7.89
N ALA A 86 6.79 -14.19 7.94
CA ALA A 86 6.99 -15.56 7.51
C ALA A 86 5.85 -16.05 6.63
N TYR A 87 4.93 -15.14 6.30
CA TYR A 87 3.79 -15.49 5.48
C TYR A 87 3.27 -14.28 4.69
N ARG A 88 2.83 -14.53 3.47
CA ARG A 88 2.30 -13.48 2.60
C ARG A 88 0.85 -13.19 2.93
N ARG A 89 0.59 -12.00 3.48
CA ARG A 89 -0.79 -11.60 3.82
C ARG A 89 -1.65 -11.50 2.57
N PHE A 90 -1.02 -11.18 1.45
CA PHE A 90 -1.71 -11.06 0.18
C PHE A 90 -1.30 -12.18 -0.76
N HIS A 91 -2.26 -13.04 -1.12
CA HIS A 91 -1.98 -14.16 -2.00
C HIS A 91 -2.62 -13.94 -3.37
N GLY A 92 -1.80 -14.05 -4.42
CA GLY A 92 -2.30 -13.87 -5.78
C GLY A 92 -2.45 -12.41 -6.17
N THR A 93 -2.17 -11.52 -5.23
CA THR A 93 -2.28 -10.08 -5.49
C THR A 93 -0.93 -9.38 -5.32
N GLY A 94 -0.15 -9.34 -6.39
CA GLY A 94 1.15 -8.69 -6.33
C GLY A 94 1.03 -7.22 -5.99
N MET A 95 -0.01 -6.58 -6.52
CA MET A 95 -0.24 -5.16 -6.27
C MET A 95 -1.59 -4.75 -6.86
N ARG A 96 -2.34 -3.94 -6.10
CA ARG A 96 -3.64 -3.46 -6.55
C ARG A 96 -3.99 -2.13 -5.92
N ILE A 97 -3.90 -1.06 -6.70
CA ILE A 97 -4.24 0.25 -6.19
C ILE A 97 -5.69 0.29 -5.73
N LEU A 98 -6.01 1.26 -4.89
CA LEU A 98 -7.35 1.40 -4.38
C LEU A 98 -7.80 2.85 -4.35
N ASP A 99 -8.41 3.30 -5.44
CA ASP A 99 -8.92 4.65 -5.52
C ASP A 99 -10.00 4.84 -4.47
N LEU A 100 -9.60 5.24 -3.27
CA LEU A 100 -10.54 5.41 -2.18
C LEU A 100 -11.62 6.41 -2.56
N ARG A 101 -11.32 7.28 -3.53
CA ARG A 101 -12.29 8.26 -4.00
C ARG A 101 -13.55 7.54 -4.48
N LEU A 102 -13.40 6.24 -4.71
CA LEU A 102 -14.50 5.41 -5.16
C LEU A 102 -15.24 4.79 -3.99
N PHE A 103 -14.48 4.27 -3.02
CA PHE A 103 -15.08 3.64 -1.85
C PHE A 103 -15.01 4.54 -0.62
N GLU A 104 -14.94 3.92 0.55
CA GLU A 104 -14.87 4.65 1.80
C GLU A 104 -14.00 3.91 2.80
N THR A 105 -14.15 4.21 4.07
CA THR A 105 -13.36 3.57 5.10
C THR A 105 -13.64 2.05 5.15
N ASP A 106 -14.89 1.69 5.39
CA ASP A 106 -15.27 0.29 5.46
C ASP A 106 -15.36 -0.29 4.06
N GLY A 107 -15.60 0.58 3.10
CA GLY A 107 -15.70 0.14 1.72
C GLY A 107 -14.35 -0.32 1.19
N ALA A 108 -13.43 0.64 1.07
CA ALA A 108 -12.08 0.37 0.59
C ALA A 108 -11.49 -0.83 1.30
N LEU A 109 -11.69 -0.89 2.61
CA LEU A 109 -11.19 -1.98 3.41
C LEU A 109 -11.74 -3.31 2.90
N GLU A 110 -13.02 -3.32 2.56
CA GLU A 110 -13.65 -4.52 2.03
C GLU A 110 -12.99 -4.93 0.73
N GLU A 111 -12.65 -3.95 -0.11
CA GLU A 111 -11.97 -4.20 -1.38
C GLU A 111 -10.79 -5.13 -1.16
N ILE A 112 -9.88 -4.68 -0.31
CA ILE A 112 -8.70 -5.46 0.02
C ILE A 112 -9.07 -6.90 0.32
N LEU A 113 -9.93 -7.09 1.31
CA LEU A 113 -10.38 -8.41 1.71
C LEU A 113 -10.94 -9.20 0.53
N ARG A 114 -11.69 -8.51 -0.32
CA ARG A 114 -12.32 -9.12 -1.48
C ARG A 114 -11.31 -9.82 -2.42
N PHE A 115 -10.12 -9.26 -2.57
CA PHE A 115 -9.12 -9.85 -3.46
C PHE A 115 -7.88 -10.25 -2.69
N SER A 116 -8.01 -10.29 -1.37
CA SER A 116 -6.91 -10.66 -0.52
C SER A 116 -7.32 -11.83 0.36
N THR A 117 -6.35 -12.65 0.75
CA THR A 117 -6.63 -13.81 1.57
C THR A 117 -5.87 -13.75 2.88
N PHE A 118 -5.93 -12.58 3.51
CA PHE A 118 -5.28 -12.33 4.79
C PHE A 118 -5.43 -13.54 5.71
N GLY A 119 -6.63 -13.73 6.21
CA GLY A 119 -6.93 -14.84 7.10
C GLY A 119 -5.82 -15.17 8.08
N VAL A 120 -5.06 -14.16 8.48
CA VAL A 120 -3.97 -14.34 9.42
C VAL A 120 -4.51 -14.41 10.85
N THR A 121 -3.61 -14.30 11.82
CA THR A 121 -4.01 -14.33 13.23
C THR A 121 -5.14 -13.36 13.49
N GLU A 122 -4.80 -12.07 13.51
CA GLU A 122 -5.78 -11.01 13.74
C GLU A 122 -5.34 -9.73 13.03
N PRO A 123 -6.14 -9.25 12.06
CA PRO A 123 -5.82 -8.04 11.32
C PRO A 123 -5.58 -6.84 12.24
N VAL A 124 -6.28 -6.84 13.37
CA VAL A 124 -6.16 -5.78 14.34
C VAL A 124 -4.76 -5.72 14.94
N ASN A 125 -4.15 -6.89 15.13
CA ASN A 125 -2.82 -6.97 15.70
C ASN A 125 -1.76 -6.86 14.60
N ASP A 126 -2.23 -6.73 13.36
CA ASP A 126 -1.33 -6.62 12.22
C ASP A 126 -0.88 -5.17 12.01
N ARG A 127 0.41 -4.93 12.20
CA ARG A 127 0.98 -3.59 12.04
C ARG A 127 0.61 -2.98 10.70
N MET A 128 0.50 -3.81 9.67
CA MET A 128 0.14 -3.34 8.34
C MET A 128 -1.25 -2.73 8.36
N PHE A 129 -2.19 -3.46 8.96
CA PHE A 129 -3.57 -3.00 9.04
C PHE A 129 -3.68 -1.70 9.83
N ARG A 130 -2.75 -1.50 10.76
CA ARG A 130 -2.74 -0.29 11.57
C ARG A 130 -2.65 0.93 10.67
N LEU A 131 -1.79 0.85 9.66
CA LEU A 131 -1.61 1.92 8.70
C LEU A 131 -2.73 1.88 7.67
N LEU A 132 -2.97 0.69 7.14
CA LEU A 132 -4.00 0.46 6.14
C LEU A 132 -5.32 1.14 6.50
N SER A 133 -5.86 0.77 7.66
CA SER A 133 -7.12 1.34 8.11
C SER A 133 -6.97 2.81 8.49
N ALA A 134 -5.75 3.23 8.77
CA ALA A 134 -5.50 4.62 9.12
C ALA A 134 -5.58 5.50 7.90
N PHE A 135 -5.20 4.95 6.74
CA PHE A 135 -5.27 5.67 5.49
C PHE A 135 -6.70 5.58 4.96
N ILE A 136 -7.29 4.42 5.17
CA ILE A 136 -8.66 4.16 4.77
C ILE A 136 -9.60 5.05 5.57
N ALA A 137 -9.22 5.29 6.82
CA ALA A 137 -10.00 6.09 7.74
C ALA A 137 -9.70 7.58 7.64
N ASP A 138 -8.44 7.93 7.85
CA ASP A 138 -8.02 9.33 7.83
C ASP A 138 -7.44 9.74 6.48
N GLY A 139 -6.72 8.83 5.84
CA GLY A 139 -6.11 9.12 4.55
C GLY A 139 -5.46 10.49 4.49
N GLY A 140 -4.65 10.81 5.51
CA GLY A 140 -3.98 12.09 5.54
C GLY A 140 -4.36 12.92 6.75
N ARG A 141 -3.39 13.18 7.61
CA ARG A 141 -3.63 13.98 8.82
C ARG A 141 -2.40 14.80 9.19
N TYR A 142 -2.46 16.09 8.91
CA TYR A 142 -1.37 17.00 9.20
C TYR A 142 -1.05 17.02 10.69
N CYS A 143 0.06 17.67 11.04
CA CYS A 143 0.50 17.77 12.43
C CYS A 143 -0.60 18.37 13.32
N LEU A 144 -1.05 19.57 12.97
CA LEU A 144 -2.09 20.26 13.73
C LEU A 144 -3.27 19.33 14.05
N PRO A 145 -3.85 19.47 15.25
CA PRO A 145 -4.99 18.66 15.67
C PRO A 145 -6.29 19.07 14.98
N GLU A 146 -7.35 18.31 15.21
CA GLU A 146 -8.64 18.60 14.61
C GLU A 146 -9.79 18.23 15.57
N PRO A 147 -10.00 19.04 16.62
CA PRO A 147 -11.04 18.80 17.60
C PRO A 147 -12.42 19.26 17.11
N LEU A 148 -13.15 18.35 16.50
CA LEU A 148 -14.48 18.65 15.98
C LEU A 148 -15.45 17.51 16.25
N1 FMN B . 6.61 -0.50 -9.24
C2 FMN B . 6.67 -1.71 -8.59
O2 FMN B . 7.30 -2.66 -8.98
N3 FMN B . 5.95 -1.87 -7.34
C4 FMN B . 5.20 -0.91 -6.76
O4 FMN B . 4.62 -1.13 -5.69
C4A FMN B . 5.12 0.38 -7.46
N5 FMN B . 4.41 1.40 -6.97
C5A FMN B . 4.36 2.59 -7.65
C6 FMN B . 3.57 3.69 -7.11
C7 FMN B . 3.46 4.91 -7.73
C7M FMN B . 2.63 6.06 -7.15
C8 FMN B . 4.19 5.13 -9.02
C8M FMN B . 4.12 6.45 -9.75
C9 FMN B . 4.95 4.08 -9.55
C9A FMN B . 5.06 2.82 -8.91
N10 FMN B . 5.82 1.71 -9.41
C10 FMN B . 5.89 0.49 -8.75
C1' FMN B . 6.58 1.83 -10.68
C2' FMN B . 5.69 1.54 -11.89
O2' FMN B . 5.42 0.14 -11.93
C3' FMN B . 6.18 2.07 -13.22
O3' FMN B . 7.35 2.86 -12.99
C4' FMN B . 5.14 2.80 -14.06
O4' FMN B . 4.24 3.63 -13.35
C5' FMN B . 5.24 2.93 -15.56
O5' FMN B . 6.43 2.27 -16.05
P FMN B . 7.59 3.07 -16.75
O1P FMN B . 8.17 4.02 -15.75
O2P FMN B . 7.05 3.73 -17.99
O3P FMN B . 8.65 1.94 -17.07
HN3 FMN B . 5.96 -2.76 -6.92
H6 FMN B . 2.96 3.52 -6.23
HM71 FMN B . 2.48 5.89 -6.09
HM72 FMN B . 1.68 6.12 -7.65
HM73 FMN B . 3.16 7.00 -7.28
HM81 FMN B . 4.81 6.44 -10.57
HM82 FMN B . 3.12 6.60 -10.13
HM83 FMN B . 4.37 7.25 -9.08
H9 FMN B . 5.50 4.25 -10.46
H1'1 FMN B . 7.40 1.13 -10.66
H1'2 FMN B . 6.97 2.84 -10.76
H2' FMN B . 4.74 2.02 -11.70
HO2' FMN B . 6.18 -0.33 -11.59
H3' FMN B . 6.49 1.22 -13.79
HO3' FMN B . 7.13 3.79 -13.07
H4' FMN B . 4.47 1.96 -14.10
HO4' FMN B . 3.44 3.13 -13.14
H5'1 FMN B . 5.28 3.97 -15.83
H5'2 FMN B . 4.37 2.47 -16.01
N GLY A 1 18.13 -14.11 10.62
CA GLY A 1 18.11 -13.44 9.29
C GLY A 1 17.66 -14.36 8.17
N GLU A 2 18.62 -14.85 7.39
CA GLU A 2 18.33 -15.75 6.28
C GLU A 2 17.32 -15.14 5.33
N PHE A 3 16.77 -15.96 4.44
CA PHE A 3 15.78 -15.50 3.47
C PHE A 3 14.37 -15.61 4.04
N MET A 4 13.85 -14.48 4.49
CA MET A 4 12.51 -14.42 5.06
C MET A 4 11.72 -13.26 4.50
N LEU A 5 10.41 -13.31 4.70
CA LEU A 5 9.51 -12.26 4.22
C LEU A 5 9.52 -11.06 5.14
N THR A 6 8.93 -9.98 4.65
CA THR A 6 8.86 -8.74 5.39
C THR A 6 7.71 -7.89 4.86
N THR A 7 7.19 -6.99 5.68
CA THR A 7 6.11 -6.12 5.25
C THR A 7 6.49 -4.67 5.39
N LEU A 8 6.99 -4.09 4.32
CA LEU A 8 7.34 -2.69 4.32
C LEU A 8 6.16 -1.91 3.78
N ILE A 9 5.85 -0.80 4.40
CA ILE A 9 4.73 0.00 3.96
C ILE A 9 5.15 1.46 3.91
N TYR A 10 4.57 2.23 2.99
CA TYR A 10 4.92 3.63 2.87
C TYR A 10 3.78 4.41 2.25
N ARG A 11 3.82 5.71 2.39
CA ARG A 11 2.78 6.55 1.83
C ARG A 11 3.37 7.86 1.30
N SER A 12 2.93 8.22 0.10
CA SER A 12 3.41 9.44 -0.54
C SER A 12 2.24 10.34 -0.86
N GLN A 13 2.46 11.25 -1.79
CA GLN A 13 1.41 12.15 -2.22
C GLN A 13 1.19 12.04 -3.71
N VAL A 14 1.01 13.18 -4.34
CA VAL A 14 0.77 13.24 -5.78
C VAL A 14 0.89 14.69 -6.25
N HIS A 15 0.61 14.93 -7.52
CA HIS A 15 0.67 16.28 -8.07
C HIS A 15 -0.71 16.94 -8.06
N PRO A 16 -1.02 17.73 -7.02
CA PRO A 16 -2.31 18.42 -6.92
C PRO A 16 -2.61 19.29 -8.13
N ASP A 17 -1.55 19.64 -8.84
CA ASP A 17 -1.67 20.47 -10.03
C ASP A 17 -1.99 19.63 -11.25
N ARG A 18 -1.21 18.56 -11.45
CA ARG A 18 -1.39 17.66 -12.58
C ARG A 18 -2.74 16.95 -12.50
N PRO A 19 -3.15 16.24 -13.57
CA PRO A 19 -4.42 15.52 -13.60
C PRO A 19 -4.36 14.21 -12.82
N PRO A 20 -5.48 13.47 -12.73
CA PRO A 20 -5.54 12.20 -11.99
C PRO A 20 -4.47 11.21 -12.42
N VAL A 21 -4.23 10.22 -11.58
CA VAL A 21 -3.23 9.18 -11.85
C VAL A 21 -3.83 8.02 -12.63
N ASP A 22 -2.97 7.34 -13.38
CA ASP A 22 -3.40 6.18 -14.14
C ASP A 22 -3.40 4.95 -13.24
N LEU A 23 -4.17 5.05 -12.17
CA LEU A 23 -4.31 4.01 -11.16
C LEU A 23 -4.65 2.64 -11.74
N ASP A 24 -4.72 2.54 -13.04
CA ASP A 24 -4.98 1.27 -13.70
C ASP A 24 -3.67 0.75 -14.25
N ALA A 25 -2.95 1.67 -14.85
CA ALA A 25 -1.66 1.41 -15.44
C ALA A 25 -0.54 1.52 -14.39
N LEU A 26 -0.82 2.29 -13.35
CA LEU A 26 0.12 2.54 -12.28
C LEU A 26 0.33 1.29 -11.45
N VAL A 27 -0.76 0.58 -11.21
CA VAL A 27 -0.72 -0.65 -10.42
C VAL A 27 -0.35 -1.85 -11.30
N HIS A 28 -0.79 -1.82 -12.55
CA HIS A 28 -0.52 -2.91 -13.48
C HIS A 28 0.98 -3.17 -13.59
N ARG A 29 1.74 -2.15 -13.97
CA ARG A 29 3.18 -2.27 -14.11
C ARG A 29 3.85 -2.64 -12.79
N ALA A 30 3.17 -2.34 -11.68
CA ALA A 30 3.72 -2.65 -10.37
C ALA A 30 3.58 -4.13 -10.06
N SER A 31 2.34 -4.59 -9.96
CA SER A 31 2.06 -5.98 -9.66
C SER A 31 2.80 -6.90 -10.62
N SER A 32 3.09 -6.37 -11.81
CA SER A 32 3.79 -7.15 -12.83
C SER A 32 5.26 -7.35 -12.46
N LYS A 33 5.85 -6.36 -11.81
CA LYS A 33 7.25 -6.45 -11.40
C LYS A 33 7.39 -7.15 -10.05
N ASN A 34 6.48 -6.84 -9.14
CA ASN A 34 6.50 -7.42 -7.79
C ASN A 34 6.13 -8.89 -7.81
N LEU A 35 5.31 -9.30 -8.78
CA LEU A 35 4.89 -10.70 -8.87
C LEU A 35 6.09 -11.63 -8.97
N PRO A 36 6.91 -11.51 -10.03
CA PRO A 36 8.09 -12.36 -10.22
C PRO A 36 9.15 -12.10 -9.17
N LEU A 37 9.14 -10.90 -8.62
CA LEU A 37 10.09 -10.49 -7.61
C LEU A 37 9.82 -11.19 -6.28
N GLY A 38 8.58 -11.66 -6.12
CA GLY A 38 8.20 -12.34 -4.90
C GLY A 38 7.53 -11.39 -3.94
N ILE A 39 7.34 -10.16 -4.39
CA ILE A 39 6.72 -9.12 -3.60
C ILE A 39 5.21 -9.13 -3.78
N THR A 40 4.50 -8.74 -2.73
CA THR A 40 3.05 -8.70 -2.75
C THR A 40 2.56 -7.46 -2.01
N GLY A 41 1.33 -7.02 -2.30
CA GLY A 41 0.84 -5.85 -1.62
C GLY A 41 -0.35 -5.20 -2.28
N ILE A 42 -0.59 -3.96 -1.90
CA ILE A 42 -1.71 -3.18 -2.41
C ILE A 42 -1.39 -1.68 -2.38
N LEU A 43 -2.06 -0.92 -3.24
CA LEU A 43 -1.86 0.52 -3.30
C LEU A 43 -3.15 1.24 -2.99
N LEU A 44 -3.04 2.53 -2.65
CA LEU A 44 -4.21 3.33 -2.32
C LEU A 44 -4.07 4.75 -2.84
N PHE A 45 -5.21 5.39 -3.06
CA PHE A 45 -5.24 6.77 -3.55
C PHE A 45 -6.48 7.46 -3.01
N ASN A 46 -6.32 8.67 -2.49
CA ASN A 46 -7.44 9.41 -1.94
C ASN A 46 -7.59 10.74 -2.66
N GLY A 47 -6.83 10.89 -3.74
CA GLY A 47 -6.89 12.13 -4.50
C GLY A 47 -5.72 13.03 -4.22
N LEU A 48 -4.83 12.58 -3.34
CA LEU A 48 -3.65 13.36 -2.98
C LEU A 48 -2.49 12.48 -2.56
N GLN A 49 -2.78 11.41 -1.82
CA GLN A 49 -1.73 10.53 -1.34
C GLN A 49 -1.79 9.12 -1.94
N PHE A 50 -0.71 8.38 -1.74
CA PHE A 50 -0.59 7.01 -2.22
C PHE A 50 -0.10 6.10 -1.12
N PHE A 51 -1.01 5.31 -0.54
CA PHE A 51 -0.63 4.39 0.51
C PHE A 51 -0.24 3.05 -0.12
N GLN A 52 0.95 2.55 0.17
CA GLN A 52 1.41 1.33 -0.48
C GLN A 52 1.87 0.27 0.50
N VAL A 53 1.11 -0.80 0.58
CA VAL A 53 1.45 -1.94 1.42
C VAL A 53 2.33 -2.89 0.64
N LEU A 54 3.56 -3.08 1.10
CA LEU A 54 4.49 -3.96 0.41
C LEU A 54 4.85 -5.17 1.25
N GLU A 55 4.96 -6.31 0.58
CA GLU A 55 5.31 -7.57 1.23
C GLU A 55 6.47 -8.24 0.51
N GLY A 56 7.26 -9.00 1.24
CA GLY A 56 8.40 -9.68 0.64
C GLY A 56 9.68 -9.43 1.40
N THR A 57 10.78 -10.01 0.91
CA THR A 57 12.08 -9.86 1.55
C THR A 57 12.41 -8.40 1.79
N GLU A 58 12.99 -8.11 2.94
CA GLU A 58 13.37 -6.74 3.29
C GLU A 58 14.27 -6.15 2.20
N GLU A 59 15.01 -7.02 1.54
CA GLU A 59 15.91 -6.59 0.46
C GLU A 59 15.11 -6.08 -0.72
N ALA A 60 14.00 -6.72 -0.98
CA ALA A 60 13.11 -6.34 -2.08
C ALA A 60 12.32 -5.10 -1.72
N LEU A 61 11.86 -5.06 -0.46
CA LEU A 61 11.08 -3.92 0.03
C LEU A 61 11.87 -2.63 -0.11
N GLU A 62 13.06 -2.62 0.46
CA GLU A 62 13.92 -1.44 0.43
C GLU A 62 14.21 -0.98 -0.99
N SER A 63 14.82 -1.87 -1.76
CA SER A 63 15.18 -1.57 -3.14
C SER A 63 14.02 -0.99 -3.92
N LEU A 64 12.88 -1.66 -3.85
CA LEU A 64 11.69 -1.22 -4.56
C LEU A 64 11.23 0.11 -4.03
N PHE A 65 10.84 0.10 -2.79
CA PHE A 65 10.39 1.30 -2.10
C PHE A 65 11.36 2.46 -2.34
N SER A 66 12.64 2.14 -2.52
CA SER A 66 13.65 3.16 -2.76
C SER A 66 13.52 3.69 -4.19
N GLU A 67 12.98 2.84 -5.06
CA GLU A 67 12.76 3.21 -6.45
C GLU A 67 11.56 4.12 -6.51
N ILE A 68 10.67 3.91 -5.55
CA ILE A 68 9.45 4.68 -5.42
C ILE A 68 9.76 6.15 -5.16
N GLN A 69 10.55 6.43 -4.13
CA GLN A 69 10.89 7.80 -3.81
C GLN A 69 11.61 8.49 -4.96
N SER A 70 12.02 7.71 -5.95
CA SER A 70 12.72 8.23 -7.12
C SER A 70 11.75 8.50 -8.26
N ASP A 71 10.46 8.48 -7.94
CA ASP A 71 9.41 8.72 -8.93
C ASP A 71 8.94 10.17 -8.91
N PRO A 72 8.49 10.71 -10.06
CA PRO A 72 8.03 12.10 -10.16
C PRO A 72 6.55 12.29 -9.83
N ARG A 73 5.73 11.28 -10.09
CA ARG A 73 4.29 11.37 -9.82
C ARG A 73 4.04 11.84 -8.38
N HIS A 74 4.13 10.91 -7.43
CA HIS A 74 3.94 11.25 -6.02
C HIS A 74 5.06 12.18 -5.57
N ARG A 75 5.32 12.25 -4.26
CA ARG A 75 6.39 13.13 -3.79
C ARG A 75 6.87 12.80 -2.36
N ASP A 76 5.96 12.89 -1.39
CA ASP A 76 6.33 12.67 0.01
C ASP A 76 6.18 11.22 0.46
N VAL A 77 6.83 10.32 -0.24
CA VAL A 77 6.82 8.90 0.13
C VAL A 77 7.77 8.66 1.29
N VAL A 78 7.23 8.14 2.37
CA VAL A 78 8.01 7.85 3.56
C VAL A 78 7.69 6.45 4.10
N GLU A 79 8.72 5.74 4.54
CA GLU A 79 8.54 4.40 5.07
C GLU A 79 7.64 4.42 6.31
N LEU A 80 6.44 3.89 6.15
CA LEU A 80 5.48 3.82 7.22
C LEU A 80 5.67 2.55 8.04
N MET A 81 6.16 1.52 7.38
CA MET A 81 6.36 0.24 8.02
C MET A 81 7.46 -0.57 7.36
N ARG A 82 7.78 -1.66 8.05
CA ARG A 82 8.77 -2.62 7.64
C ARG A 82 9.05 -3.57 8.78
N ASP A 83 8.30 -4.65 8.79
CA ASP A 83 8.40 -5.66 9.84
C ASP A 83 8.59 -7.06 9.27
N TYR A 84 9.33 -7.88 9.98
CA TYR A 84 9.59 -9.25 9.56
C TYR A 84 8.31 -10.07 9.49
N SER A 85 8.22 -10.92 8.48
CA SER A 85 7.06 -11.78 8.29
C SER A 85 7.46 -13.11 7.68
N ALA A 86 6.51 -14.03 7.58
CA ALA A 86 6.77 -15.35 7.04
C ALA A 86 5.65 -15.84 6.14
N TYR A 87 4.69 -14.97 5.86
CA TYR A 87 3.56 -15.33 5.02
C TYR A 87 3.07 -14.16 4.18
N ARG A 88 2.52 -14.47 3.01
CA ARG A 88 2.01 -13.45 2.09
C ARG A 88 0.50 -13.30 2.24
N ARG A 89 0.06 -12.10 2.59
CA ARG A 89 -1.36 -11.83 2.77
C ARG A 89 -2.06 -11.67 1.41
N PHE A 90 -1.35 -11.09 0.45
CA PHE A 90 -1.89 -10.88 -0.88
C PHE A 90 -1.28 -11.88 -1.88
N HIS A 91 -1.26 -13.14 -1.48
CA HIS A 91 -0.70 -14.20 -2.32
C HIS A 91 -1.39 -14.27 -3.68
N GLY A 92 -2.56 -13.65 -3.77
CA GLY A 92 -3.30 -13.65 -5.02
C GLY A 92 -3.09 -12.40 -5.84
N THR A 93 -2.53 -11.37 -5.22
CA THR A 93 -2.28 -10.11 -5.92
C THR A 93 -0.94 -9.49 -5.52
N GLY A 94 -0.08 -9.28 -6.52
CA GLY A 94 1.22 -8.68 -6.25
C GLY A 94 1.12 -7.21 -5.90
N MET A 95 0.10 -6.55 -6.44
CA MET A 95 -0.14 -5.13 -6.19
C MET A 95 -1.49 -4.72 -6.77
N ARG A 96 -2.26 -3.95 -6.02
CA ARG A 96 -3.58 -3.53 -6.48
C ARG A 96 -4.00 -2.21 -5.83
N ILE A 97 -3.95 -1.12 -6.61
CA ILE A 97 -4.33 0.19 -6.11
C ILE A 97 -5.79 0.22 -5.65
N LEU A 98 -6.10 1.21 -4.84
CA LEU A 98 -7.45 1.36 -4.33
C LEU A 98 -7.88 2.83 -4.33
N ASP A 99 -8.53 3.24 -5.42
CA ASP A 99 -9.02 4.61 -5.52
C ASP A 99 -10.06 4.85 -4.45
N LEU A 100 -9.61 5.26 -3.27
CA LEU A 100 -10.52 5.50 -2.17
C LEU A 100 -11.58 6.53 -2.55
N ARG A 101 -11.28 7.34 -3.56
CA ARG A 101 -12.22 8.34 -4.03
C ARG A 101 -13.51 7.65 -4.46
N LEU A 102 -13.44 6.33 -4.63
CA LEU A 102 -14.59 5.54 -5.04
C LEU A 102 -15.31 4.98 -3.83
N PHE A 103 -14.54 4.46 -2.86
CA PHE A 103 -15.13 3.87 -1.66
C PHE A 103 -15.00 4.80 -0.46
N GLU A 104 -14.98 4.20 0.73
CA GLU A 104 -14.85 4.94 1.97
C GLU A 104 -13.95 4.19 2.93
N THR A 105 -14.09 4.49 4.21
CA THR A 105 -13.29 3.81 5.23
C THR A 105 -13.59 2.31 5.24
N ASP A 106 -14.86 1.97 5.47
CA ASP A 106 -15.28 0.59 5.51
C ASP A 106 -15.42 0.02 4.10
N GLY A 107 -15.64 0.91 3.14
CA GLY A 107 -15.79 0.50 1.76
C GLY A 107 -14.48 0.06 1.16
N ALA A 108 -13.43 0.85 1.37
CA ALA A 108 -12.11 0.55 0.87
C ALA A 108 -11.52 -0.65 1.59
N LEU A 109 -11.57 -0.62 2.91
CA LEU A 109 -11.05 -1.73 3.71
C LEU A 109 -11.65 -3.05 3.24
N GLU A 110 -12.95 -3.02 2.93
CA GLU A 110 -13.63 -4.20 2.45
C GLU A 110 -13.04 -4.65 1.12
N GLU A 111 -12.71 -3.66 0.27
CA GLU A 111 -12.11 -3.95 -1.03
C GLU A 111 -10.93 -4.90 -0.86
N ILE A 112 -9.97 -4.46 -0.05
CA ILE A 112 -8.80 -5.26 0.24
C ILE A 112 -9.19 -6.69 0.56
N LEU A 113 -10.01 -6.85 1.59
CA LEU A 113 -10.48 -8.17 2.01
C LEU A 113 -11.06 -8.96 0.84
N ARG A 114 -11.81 -8.27 0.00
CA ARG A 114 -12.47 -8.88 -1.16
C ARG A 114 -11.46 -9.54 -2.11
N PHE A 115 -10.26 -8.97 -2.24
CA PHE A 115 -9.25 -9.54 -3.13
C PHE A 115 -7.99 -9.87 -2.38
N SER A 116 -8.12 -10.02 -1.08
CA SER A 116 -6.99 -10.34 -0.23
C SER A 116 -7.34 -11.50 0.69
N THR A 117 -6.45 -12.48 0.75
CA THR A 117 -6.66 -13.65 1.58
C THR A 117 -5.85 -13.55 2.86
N PHE A 118 -6.34 -12.73 3.78
CA PHE A 118 -5.69 -12.50 5.05
C PHE A 118 -6.00 -13.61 6.05
N GLY A 119 -5.60 -14.83 5.71
CA GLY A 119 -5.84 -15.96 6.58
C GLY A 119 -4.84 -16.00 7.73
N VAL A 120 -4.26 -14.84 8.04
CA VAL A 120 -3.30 -14.72 9.11
C VAL A 120 -3.92 -15.01 10.48
N THR A 121 -3.15 -14.77 11.53
CA THR A 121 -3.62 -14.99 12.89
C THR A 121 -4.73 -14.00 13.23
N GLU A 122 -4.37 -12.72 13.25
CA GLU A 122 -5.33 -11.66 13.57
C GLU A 122 -4.98 -10.37 12.84
N PRO A 123 -5.77 -10.00 11.81
CA PRO A 123 -5.53 -8.77 11.05
C PRO A 123 -5.82 -7.52 11.88
N VAL A 124 -6.36 -7.73 13.06
CA VAL A 124 -6.70 -6.64 13.97
C VAL A 124 -5.47 -5.83 14.35
N ASN A 125 -4.65 -6.38 15.24
CA ASN A 125 -3.44 -5.71 15.70
C ASN A 125 -2.32 -5.83 14.69
N ASP A 126 -2.68 -6.14 13.44
CA ASP A 126 -1.69 -6.29 12.37
C ASP A 126 -1.03 -4.94 12.07
N ARG A 127 0.29 -4.88 12.25
CA ARG A 127 1.06 -3.67 12.00
C ARG A 127 0.69 -3.02 10.67
N MET A 128 0.57 -3.84 9.63
CA MET A 128 0.22 -3.33 8.31
C MET A 128 -1.16 -2.68 8.36
N PHE A 129 -2.07 -3.35 9.02
CA PHE A 129 -3.44 -2.88 9.14
C PHE A 129 -3.51 -1.57 9.92
N ARG A 130 -2.52 -1.34 10.79
CA ARG A 130 -2.47 -0.11 11.57
C ARG A 130 -2.46 1.10 10.64
N LEU A 131 -1.61 1.02 9.62
CA LEU A 131 -1.47 2.08 8.63
C LEU A 131 -2.60 1.98 7.61
N LEU A 132 -2.80 0.76 7.12
CA LEU A 132 -3.84 0.48 6.13
C LEU A 132 -5.17 1.12 6.49
N SER A 133 -5.70 0.78 7.66
CA SER A 133 -6.97 1.31 8.11
C SER A 133 -6.86 2.78 8.50
N ALA A 134 -5.65 3.23 8.78
CA ALA A 134 -5.43 4.63 9.15
C ALA A 134 -5.51 5.52 7.92
N PHE A 135 -5.11 4.98 6.79
CA PHE A 135 -5.15 5.72 5.53
C PHE A 135 -6.56 5.63 4.98
N ILE A 136 -7.17 4.47 5.20
CA ILE A 136 -8.52 4.19 4.76
C ILE A 136 -9.50 5.05 5.56
N ALA A 137 -9.15 5.26 6.83
CA ALA A 137 -9.97 6.01 7.76
C ALA A 137 -9.67 7.51 7.71
N ASP A 138 -8.41 7.89 7.88
CA ASP A 138 -8.02 9.29 7.90
C ASP A 138 -7.40 9.74 6.58
N GLY A 139 -6.69 8.84 5.91
CA GLY A 139 -6.05 9.20 4.65
C GLY A 139 -5.21 10.45 4.77
N GLY A 140 -4.29 10.46 5.73
CA GLY A 140 -3.43 11.62 5.94
C GLY A 140 -2.50 11.44 7.12
N ARG A 141 -3.03 11.63 8.32
CA ARG A 141 -2.26 11.50 9.56
C ARG A 141 -0.95 12.27 9.50
N TYR A 142 -0.95 13.46 10.09
CA TYR A 142 0.23 14.31 10.12
C TYR A 142 1.34 13.66 10.93
N CYS A 143 1.01 13.21 12.15
CA CYS A 143 1.98 12.57 13.03
C CYS A 143 3.18 13.47 13.29
N LEU A 144 3.00 14.75 13.00
CA LEU A 144 4.05 15.75 13.18
C LEU A 144 4.71 15.62 14.56
N PRO A 145 3.93 15.69 15.66
CA PRO A 145 4.49 15.57 17.01
C PRO A 145 4.83 14.14 17.38
N GLU A 146 5.91 13.97 18.14
CA GLU A 146 6.36 12.65 18.56
C GLU A 146 5.40 12.07 19.61
N PRO A 147 4.96 10.82 19.43
CA PRO A 147 4.04 10.16 20.38
C PRO A 147 4.71 9.72 21.66
N LEU A 148 6.04 9.64 21.64
CA LEU A 148 6.80 9.24 22.82
C LEU A 148 8.28 9.57 22.65
N1 FMN B . 6.62 -0.51 -9.35
C2 FMN B . 6.76 -1.67 -8.64
O2 FMN B . 7.37 -2.63 -9.05
N3 FMN B . 6.15 -1.78 -7.34
C4 FMN B . 5.42 -0.80 -6.74
O4 FMN B . 4.93 -0.99 -5.62
C4A FMN B . 5.26 0.44 -7.51
N5 FMN B . 4.56 1.46 -7.01
C5A FMN B . 4.42 2.61 -7.75
C6 FMN B . 3.63 3.72 -7.19
C7 FMN B . 3.46 4.90 -7.87
C7M FMN B . 2.63 6.07 -7.28
C8 FMN B . 4.08 5.08 -9.21
C8M FMN B . 3.91 6.36 -10.00
C9 FMN B . 4.82 4.02 -9.75
C9A FMN B . 5.02 2.80 -9.07
N10 FMN B . 5.76 1.69 -9.57
C10 FMN B . 5.92 0.51 -8.85
C1' FMN B . 6.42 1.74 -10.91
C2' FMN B . 7.90 2.10 -10.77
O2' FMN B . 8.02 3.31 -10.04
C3' FMN B . 8.68 2.14 -12.07
O3' FMN B . 7.79 1.91 -13.15
C4' FMN B . 9.91 1.25 -12.13
O4' FMN B . 9.70 -0.12 -11.82
C5' FMN B . 11.22 1.68 -12.76
O5' FMN B . 11.12 3.01 -13.28
P FMN B . 11.79 4.25 -12.56
O1P FMN B . 11.27 4.28 -11.14
O2P FMN B . 11.50 5.49 -13.35
O3P FMN B . 13.31 3.87 -12.54
HN3 FMN B . 6.10 -2.68 -6.94
H6 FMN B . 3.02 3.52 -6.33
HM71 FMN B . 2.52 5.92 -6.21
HM72 FMN B . 1.65 6.09 -7.73
HM73 FMN B . 3.14 7.00 -7.46
HM81 FMN B . 4.35 7.18 -9.45
HM82 FMN B . 4.41 6.27 -10.95
HM83 FMN B . 2.86 6.55 -10.15
H9 FMN B . 5.30 4.16 -10.71
H1'1 FMN B . 5.93 2.49 -11.50
H1'2 FMN B . 6.33 0.79 -11.38
H2' FMN B . 8.35 1.33 -10.17
HO2' FMN B . 8.80 3.79 -10.33
H3' FMN B . 9.04 3.16 -12.18
HO3' FMN B . 7.93 1.03 -13.51
H4' FMN B . 10.23 1.51 -11.13
HO4' FMN B . 10.39 -0.65 -12.23
H5'1 FMN B . 11.46 1.00 -13.56
H5'2 FMN B . 12.00 1.65 -12.02
N GLY A 1 22.16 -17.30 8.52
CA GLY A 1 21.61 -15.94 8.35
C GLY A 1 20.69 -15.82 7.16
N GLU A 2 19.55 -16.50 7.22
CA GLU A 2 18.58 -16.47 6.14
C GLU A 2 17.49 -15.45 6.43
N PHE A 3 17.27 -14.56 5.47
CA PHE A 3 16.26 -13.52 5.61
C PHE A 3 14.88 -14.05 5.28
N MET A 4 13.90 -13.65 6.07
CA MET A 4 12.52 -14.06 5.88
C MET A 4 11.73 -12.96 5.20
N LEU A 5 10.46 -13.22 4.93
CA LEU A 5 9.58 -12.23 4.31
C LEU A 5 9.55 -10.96 5.13
N THR A 6 9.00 -9.91 4.56
CA THR A 6 8.93 -8.63 5.24
C THR A 6 7.79 -7.79 4.66
N THR A 7 7.30 -6.84 5.46
CA THR A 7 6.20 -5.99 5.02
C THR A 7 6.54 -4.52 5.15
N LEU A 8 7.03 -3.92 4.07
CA LEU A 8 7.34 -2.52 4.06
C LEU A 8 6.13 -1.77 3.56
N ILE A 9 5.75 -0.72 4.26
CA ILE A 9 4.60 0.06 3.86
C ILE A 9 4.98 1.54 3.86
N TYR A 10 4.41 2.31 2.94
CA TYR A 10 4.72 3.73 2.89
C TYR A 10 3.54 4.53 2.36
N ARG A 11 3.65 5.84 2.47
CA ARG A 11 2.61 6.72 1.98
C ARG A 11 3.23 7.99 1.42
N SER A 12 2.81 8.34 0.22
CA SER A 12 3.30 9.53 -0.44
C SER A 12 2.13 10.42 -0.80
N GLN A 13 2.38 11.34 -1.69
CA GLN A 13 1.34 12.24 -2.16
C GLN A 13 1.49 12.44 -3.65
N VAL A 14 0.57 13.20 -4.20
CA VAL A 14 0.55 13.46 -5.63
C VAL A 14 0.72 14.95 -5.88
N HIS A 15 0.62 15.35 -7.14
CA HIS A 15 0.75 16.74 -7.52
C HIS A 15 -0.62 17.39 -7.61
N PRO A 16 -1.06 18.09 -6.54
CA PRO A 16 -2.36 18.75 -6.49
C PRO A 16 -2.65 19.57 -7.74
N ASP A 17 -1.60 19.99 -8.39
CA ASP A 17 -1.70 20.78 -9.60
C ASP A 17 -1.94 19.90 -10.82
N ARG A 18 -1.15 18.83 -10.93
CA ARG A 18 -1.27 17.89 -12.03
C ARG A 18 -2.64 17.20 -12.08
N PRO A 19 -2.91 16.41 -13.14
CA PRO A 19 -4.17 15.69 -13.30
C PRO A 19 -4.16 14.35 -12.56
N PRO A 20 -5.29 13.62 -12.56
CA PRO A 20 -5.42 12.32 -11.88
C PRO A 20 -4.32 11.33 -12.29
N VAL A 21 -4.22 10.24 -11.53
CA VAL A 21 -3.23 9.21 -11.80
C VAL A 21 -3.81 8.06 -12.61
N ASP A 22 -2.95 7.38 -13.36
CA ASP A 22 -3.37 6.23 -14.14
C ASP A 22 -3.34 4.99 -13.26
N LEU A 23 -4.12 5.06 -12.19
CA LEU A 23 -4.24 4.01 -11.19
C LEU A 23 -4.55 2.63 -11.79
N ASP A 24 -4.62 2.55 -13.09
CA ASP A 24 -4.85 1.28 -13.76
C ASP A 24 -3.54 0.80 -14.32
N ALA A 25 -2.84 1.76 -14.92
CA ALA A 25 -1.54 1.55 -15.52
C ALA A 25 -0.43 1.66 -14.48
N LEU A 26 -0.74 2.39 -13.41
CA LEU A 26 0.20 2.63 -12.32
C LEU A 26 0.44 1.35 -11.53
N VAL A 27 -0.64 0.62 -11.27
CA VAL A 27 -0.57 -0.62 -10.53
C VAL A 27 -0.18 -1.78 -11.44
N HIS A 28 -0.61 -1.71 -12.69
CA HIS A 28 -0.30 -2.76 -13.67
C HIS A 28 1.20 -2.99 -13.76
N ARG A 29 1.93 -1.92 -14.06
CA ARG A 29 3.39 -2.00 -14.19
C ARG A 29 4.03 -2.48 -12.89
N ALA A 30 3.40 -2.20 -11.76
CA ALA A 30 3.92 -2.61 -10.46
C ALA A 30 3.77 -4.11 -10.25
N SER A 31 2.51 -4.57 -10.22
CA SER A 31 2.22 -5.99 -10.03
C SER A 31 3.00 -6.86 -11.00
N SER A 32 3.33 -6.31 -12.16
CA SER A 32 4.07 -7.04 -13.17
C SER A 32 5.54 -7.24 -12.78
N LYS A 33 6.11 -6.24 -12.12
CA LYS A 33 7.50 -6.32 -11.68
C LYS A 33 7.63 -7.05 -10.35
N ASN A 34 6.72 -6.75 -9.44
CA ASN A 34 6.70 -7.35 -8.12
C ASN A 34 6.41 -8.85 -8.17
N LEU A 35 5.59 -9.25 -9.14
CA LEU A 35 5.22 -10.66 -9.28
C LEU A 35 6.46 -11.55 -9.35
N PRO A 36 7.31 -11.36 -10.37
CA PRO A 36 8.52 -12.17 -10.55
C PRO A 36 9.55 -11.89 -9.47
N LEU A 37 9.45 -10.71 -8.88
CA LEU A 37 10.36 -10.28 -7.82
C LEU A 37 10.04 -10.98 -6.51
N GLY A 38 8.81 -11.43 -6.38
CA GLY A 38 8.38 -12.11 -5.18
C GLY A 38 7.68 -11.17 -4.23
N ILE A 39 7.47 -9.94 -4.69
CA ILE A 39 6.83 -8.91 -3.91
C ILE A 39 5.31 -8.96 -4.11
N THR A 40 4.58 -8.63 -3.06
CA THR A 40 3.12 -8.62 -3.12
C THR A 40 2.56 -7.50 -2.28
N GLY A 41 1.37 -7.02 -2.61
CA GLY A 41 0.79 -5.94 -1.84
C GLY A 41 -0.42 -5.30 -2.48
N ILE A 42 -0.68 -4.06 -2.07
CA ILE A 42 -1.81 -3.29 -2.54
C ILE A 42 -1.50 -1.80 -2.47
N LEU A 43 -2.18 -1.02 -3.28
CA LEU A 43 -1.98 0.42 -3.30
C LEU A 43 -3.27 1.15 -2.96
N LEU A 44 -3.15 2.43 -2.63
CA LEU A 44 -4.30 3.24 -2.28
C LEU A 44 -4.15 4.67 -2.81
N PHE A 45 -5.28 5.32 -3.05
CA PHE A 45 -5.30 6.69 -3.53
C PHE A 45 -6.56 7.38 -3.03
N ASN A 46 -6.41 8.58 -2.49
CA ASN A 46 -7.54 9.32 -1.95
C ASN A 46 -7.69 10.65 -2.66
N GLY A 47 -7.02 10.76 -3.80
CA GLY A 47 -7.09 11.98 -4.56
C GLY A 47 -5.87 12.87 -4.34
N LEU A 48 -5.04 12.48 -3.38
CA LEU A 48 -3.84 13.24 -3.08
C LEU A 48 -2.68 12.32 -2.68
N GLN A 49 -2.94 11.42 -1.74
CA GLN A 49 -1.88 10.53 -1.27
C GLN A 49 -1.93 9.14 -1.88
N PHE A 50 -0.85 8.39 -1.65
CA PHE A 50 -0.71 7.02 -2.14
C PHE A 50 -0.22 6.11 -1.02
N PHE A 51 -1.09 5.25 -0.52
CA PHE A 51 -0.72 4.33 0.54
C PHE A 51 -0.41 2.97 -0.08
N GLN A 52 0.79 2.45 0.16
CA GLN A 52 1.16 1.18 -0.45
C GLN A 52 1.62 0.15 0.56
N VAL A 53 0.87 -0.93 0.63
CA VAL A 53 1.21 -2.04 1.48
C VAL A 53 2.11 -2.97 0.70
N LEU A 54 3.40 -2.87 0.95
CA LEU A 54 4.36 -3.69 0.23
C LEU A 54 4.84 -4.85 1.09
N GLU A 55 4.96 -6.01 0.46
CA GLU A 55 5.39 -7.22 1.14
C GLU A 55 6.52 -7.89 0.37
N GLY A 56 7.20 -8.82 1.01
CA GLY A 56 8.30 -9.50 0.37
C GLY A 56 9.59 -9.41 1.16
N THR A 57 10.64 -10.03 0.64
CA THR A 57 11.93 -10.01 1.32
C THR A 57 12.40 -8.59 1.57
N GLU A 58 12.96 -8.37 2.75
CA GLU A 58 13.46 -7.06 3.14
C GLU A 58 14.40 -6.48 2.09
N GLU A 59 15.06 -7.35 1.35
CA GLU A 59 15.99 -6.92 0.31
C GLU A 59 15.26 -6.34 -0.88
N ALA A 60 14.09 -6.88 -1.17
CA ALA A 60 13.26 -6.42 -2.27
C ALA A 60 12.53 -5.13 -1.88
N LEU A 61 12.04 -5.09 -0.64
CA LEU A 61 11.30 -3.94 -0.15
C LEU A 61 12.17 -2.69 -0.15
N GLU A 62 13.38 -2.80 0.38
CA GLU A 62 14.28 -1.67 0.44
C GLU A 62 14.60 -1.11 -0.94
N SER A 63 15.14 -1.96 -1.80
CA SER A 63 15.50 -1.56 -3.16
C SER A 63 14.32 -1.02 -3.93
N LEU A 64 13.19 -1.70 -3.85
CA LEU A 64 12.00 -1.30 -4.56
C LEU A 64 11.49 0.02 -4.03
N PHE A 65 11.13 0.02 -2.78
CA PHE A 65 10.64 1.21 -2.11
C PHE A 65 11.57 2.39 -2.37
N SER A 66 12.86 2.11 -2.58
CA SER A 66 13.82 3.17 -2.85
C SER A 66 13.65 3.67 -4.27
N GLU A 67 13.13 2.80 -5.14
CA GLU A 67 12.87 3.14 -6.52
C GLU A 67 11.64 4.02 -6.56
N ILE A 68 10.77 3.80 -5.58
CA ILE A 68 9.53 4.54 -5.42
C ILE A 68 9.82 6.00 -5.20
N GLN A 69 10.55 6.33 -4.14
CA GLN A 69 10.85 7.71 -3.84
C GLN A 69 11.58 8.40 -4.99
N SER A 70 12.02 7.59 -5.96
CA SER A 70 12.72 8.11 -7.13
C SER A 70 11.76 8.30 -8.31
N ASP A 71 10.47 8.26 -8.01
CA ASP A 71 9.43 8.41 -9.04
C ASP A 71 9.00 9.88 -9.14
N PRO A 72 8.57 10.32 -10.35
CA PRO A 72 8.15 11.70 -10.59
C PRO A 72 6.69 11.99 -10.23
N ARG A 73 5.82 11.01 -10.41
CA ARG A 73 4.40 11.20 -10.11
C ARG A 73 4.19 11.68 -8.67
N HIS A 74 4.26 10.74 -7.72
CA HIS A 74 4.07 11.11 -6.32
C HIS A 74 5.19 12.05 -5.88
N ARG A 75 5.36 12.25 -4.57
CA ARG A 75 6.41 13.16 -4.12
C ARG A 75 6.92 12.89 -2.70
N ASP A 76 6.04 13.03 -1.72
CA ASP A 76 6.42 12.88 -0.32
C ASP A 76 6.23 11.48 0.25
N VAL A 77 6.86 10.50 -0.37
CA VAL A 77 6.78 9.13 0.13
C VAL A 77 7.61 9.00 1.39
N VAL A 78 7.07 8.28 2.36
CA VAL A 78 7.74 8.04 3.63
C VAL A 78 7.47 6.63 4.14
N GLU A 79 8.53 5.94 4.55
CA GLU A 79 8.40 4.57 5.05
C GLU A 79 7.51 4.54 6.29
N LEU A 80 6.33 3.98 6.12
CA LEU A 80 5.36 3.86 7.21
C LEU A 80 5.61 2.59 8.00
N MET A 81 6.08 1.56 7.31
CA MET A 81 6.34 0.28 7.93
C MET A 81 7.40 -0.52 7.22
N ARG A 82 7.78 -1.60 7.87
CA ARG A 82 8.76 -2.54 7.38
C ARG A 82 9.14 -3.49 8.49
N ASP A 83 8.42 -4.59 8.52
CA ASP A 83 8.60 -5.61 9.56
C ASP A 83 8.75 -6.99 8.96
N TYR A 84 9.52 -7.83 9.63
CA TYR A 84 9.74 -9.20 9.17
C TYR A 84 8.43 -9.97 9.13
N SER A 85 8.43 -11.12 8.46
CA SER A 85 7.23 -11.93 8.34
C SER A 85 7.59 -13.39 8.07
N ALA A 86 6.59 -14.26 8.22
CA ALA A 86 6.78 -15.69 8.02
C ALA A 86 5.73 -16.26 7.09
N TYR A 87 4.88 -15.38 6.56
CA TYR A 87 3.82 -15.80 5.65
C TYR A 87 3.37 -14.65 4.75
N ARG A 88 2.45 -14.96 3.85
CA ARG A 88 1.94 -13.96 2.90
C ARG A 88 0.45 -13.73 3.11
N ARG A 89 0.03 -12.47 2.94
CA ARG A 89 -1.37 -12.09 3.12
C ARG A 89 -2.06 -11.83 1.78
N PHE A 90 -1.31 -11.26 0.83
CA PHE A 90 -1.86 -10.95 -0.49
C PHE A 90 -1.34 -11.93 -1.54
N HIS A 91 -1.17 -13.18 -1.14
CA HIS A 91 -0.68 -14.21 -2.04
C HIS A 91 -1.59 -14.36 -3.26
N GLY A 92 -1.17 -13.79 -4.38
CA GLY A 92 -1.95 -13.87 -5.60
C GLY A 92 -2.21 -12.52 -6.23
N THR A 93 -1.73 -11.45 -5.58
CA THR A 93 -1.92 -10.11 -6.09
C THR A 93 -0.64 -9.27 -5.93
N GLY A 94 0.24 -9.36 -6.92
CA GLY A 94 1.49 -8.62 -6.88
C GLY A 94 1.31 -7.18 -6.46
N MET A 95 0.23 -6.56 -6.91
CA MET A 95 -0.08 -5.17 -6.60
C MET A 95 -1.47 -4.81 -7.08
N ARG A 96 -2.21 -4.05 -6.28
CA ARG A 96 -3.56 -3.66 -6.64
C ARG A 96 -3.96 -2.34 -5.97
N ILE A 97 -4.00 -1.26 -6.75
CA ILE A 97 -4.36 0.05 -6.21
C ILE A 97 -5.81 0.06 -5.74
N LEU A 98 -6.11 1.04 -4.90
CA LEU A 98 -7.44 1.21 -4.35
C LEU A 98 -7.88 2.66 -4.39
N ASP A 99 -8.52 3.05 -5.48
CA ASP A 99 -9.02 4.41 -5.61
C ASP A 99 -10.06 4.68 -4.54
N LEU A 100 -9.62 5.11 -3.37
CA LEU A 100 -10.53 5.39 -2.27
C LEU A 100 -11.58 6.40 -2.68
N ARG A 101 -11.26 7.20 -3.70
CA ARG A 101 -12.18 8.20 -4.21
C ARG A 101 -13.49 7.53 -4.63
N LEU A 102 -13.44 6.20 -4.75
CA LEU A 102 -14.60 5.42 -5.13
C LEU A 102 -15.33 4.88 -3.90
N PHE A 103 -14.57 4.36 -2.94
CA PHE A 103 -15.16 3.81 -1.72
C PHE A 103 -15.03 4.78 -0.55
N GLU A 104 -14.95 4.23 0.65
CA GLU A 104 -14.83 5.01 1.87
C GLU A 104 -14.00 4.27 2.89
N THR A 105 -14.14 4.61 4.15
CA THR A 105 -13.40 3.95 5.20
C THR A 105 -13.70 2.46 5.25
N ASP A 106 -14.97 2.12 5.46
CA ASP A 106 -15.38 0.72 5.53
C ASP A 106 -15.49 0.12 4.14
N GLY A 107 -15.77 0.97 3.16
CA GLY A 107 -15.90 0.51 1.79
C GLY A 107 -14.57 0.06 1.21
N ALA A 108 -13.55 0.88 1.41
CA ALA A 108 -12.21 0.57 0.91
C ALA A 108 -11.61 -0.62 1.65
N LEU A 109 -11.64 -0.56 2.99
CA LEU A 109 -11.11 -1.66 3.78
C LEU A 109 -11.74 -2.96 3.34
N GLU A 110 -13.04 -2.92 3.11
CA GLU A 110 -13.79 -4.09 2.65
C GLU A 110 -13.22 -4.57 1.31
N GLU A 111 -12.88 -3.62 0.44
CA GLU A 111 -12.31 -3.95 -0.87
C GLU A 111 -11.15 -4.92 -0.69
N ILE A 112 -10.17 -4.49 0.10
CA ILE A 112 -9.02 -5.33 0.37
C ILE A 112 -9.46 -6.75 0.71
N LEU A 113 -10.27 -6.86 1.75
CA LEU A 113 -10.78 -8.16 2.19
C LEU A 113 -11.39 -8.94 1.02
N ARG A 114 -12.14 -8.24 0.18
CA ARG A 114 -12.79 -8.84 -0.98
C ARG A 114 -11.81 -9.59 -1.87
N PHE A 115 -10.59 -9.08 -2.00
CA PHE A 115 -9.58 -9.72 -2.84
C PHE A 115 -8.36 -10.07 -2.03
N SER A 116 -8.53 -10.12 -0.72
CA SER A 116 -7.45 -10.45 0.18
C SER A 116 -7.85 -11.63 1.07
N THR A 117 -6.99 -12.62 1.13
CA THR A 117 -7.25 -13.80 1.93
C THR A 117 -6.44 -13.76 3.22
N PHE A 118 -6.82 -12.83 4.09
CA PHE A 118 -6.16 -12.64 5.36
C PHE A 118 -6.47 -13.78 6.33
N GLY A 119 -5.87 -14.93 6.07
CA GLY A 119 -6.08 -16.08 6.94
C GLY A 119 -5.16 -16.02 8.14
N VAL A 120 -4.53 -14.87 8.33
CA VAL A 120 -3.61 -14.65 9.43
C VAL A 120 -4.30 -14.87 10.77
N THR A 121 -3.53 -14.83 11.86
CA THR A 121 -4.07 -15.02 13.20
C THR A 121 -5.18 -14.01 13.46
N GLU A 122 -4.82 -12.73 13.52
CA GLU A 122 -5.78 -11.67 13.77
C GLU A 122 -5.33 -10.37 13.11
N PRO A 123 -6.03 -9.92 12.05
CA PRO A 123 -5.69 -8.67 11.37
C PRO A 123 -5.86 -7.46 12.29
N VAL A 124 -6.36 -7.73 13.49
CA VAL A 124 -6.58 -6.69 14.49
C VAL A 124 -5.29 -5.94 14.81
N ASN A 125 -4.41 -6.60 15.58
CA ASN A 125 -3.15 -6.00 15.98
C ASN A 125 -2.11 -6.10 14.85
N ASP A 126 -2.59 -6.15 13.61
CA ASP A 126 -1.71 -6.24 12.46
C ASP A 126 -1.11 -4.87 12.15
N ARG A 127 0.21 -4.78 12.25
CA ARG A 127 0.93 -3.53 11.99
C ARG A 127 0.56 -2.94 10.64
N MET A 128 0.51 -3.77 9.61
CA MET A 128 0.15 -3.31 8.27
C MET A 128 -1.24 -2.71 8.29
N PHE A 129 -2.12 -3.31 9.08
CA PHE A 129 -3.50 -2.85 9.19
C PHE A 129 -3.58 -1.54 9.96
N ARG A 130 -2.62 -1.31 10.86
CA ARG A 130 -2.60 -0.08 11.63
C ARG A 130 -2.55 1.12 10.69
N LEU A 131 -1.73 1.00 9.65
CA LEU A 131 -1.58 2.03 8.65
C LEU A 131 -2.71 1.94 7.65
N LEU A 132 -2.91 0.73 7.12
CA LEU A 132 -3.95 0.45 6.15
C LEU A 132 -5.28 1.10 6.51
N SER A 133 -5.79 0.78 7.69
CA SER A 133 -7.07 1.32 8.15
C SER A 133 -6.95 2.80 8.52
N ALA A 134 -5.73 3.25 8.81
CA ALA A 134 -5.52 4.65 9.17
C ALA A 134 -5.60 5.52 7.94
N PHE A 135 -5.22 4.98 6.79
CA PHE A 135 -5.28 5.69 5.54
C PHE A 135 -6.69 5.61 5.00
N ILE A 136 -7.30 4.46 5.23
CA ILE A 136 -8.66 4.20 4.80
C ILE A 136 -9.62 5.06 5.62
N ALA A 137 -9.25 5.27 6.88
CA ALA A 137 -10.05 6.04 7.81
C ALA A 137 -9.77 7.54 7.74
N ASP A 138 -8.51 7.90 7.92
CA ASP A 138 -8.12 9.30 7.92
C ASP A 138 -7.58 9.76 6.58
N GLY A 139 -6.87 8.89 5.88
CA GLY A 139 -6.30 9.24 4.60
C GLY A 139 -5.55 10.56 4.64
N GLY A 140 -4.99 10.88 5.81
CA GLY A 140 -4.25 12.12 5.98
C GLY A 140 -3.56 12.20 7.31
N ARG A 141 -4.09 13.03 8.21
CA ARG A 141 -3.53 13.22 9.54
C ARG A 141 -2.01 13.27 9.51
N TYR A 142 -1.47 14.42 9.12
CA TYR A 142 -0.04 14.61 9.02
C TYR A 142 0.63 14.52 10.40
N CYS A 143 1.94 14.34 10.41
CA CYS A 143 2.71 14.23 11.65
C CYS A 143 4.20 14.15 11.36
N LEU A 144 4.53 14.18 10.07
CA LEU A 144 5.91 14.10 9.63
C LEU A 144 6.74 15.29 10.13
N PRO A 145 6.24 16.53 9.96
CA PRO A 145 6.97 17.74 10.40
C PRO A 145 7.28 17.73 11.88
N GLU A 146 8.44 18.27 12.24
CA GLU A 146 8.86 18.33 13.63
C GLU A 146 9.78 19.54 13.85
N PRO A 147 9.21 20.69 14.25
CA PRO A 147 9.98 21.91 14.51
C PRO A 147 11.19 21.67 15.40
N LEU A 148 12.38 21.79 14.82
CA LEU A 148 13.62 21.58 15.56
C LEU A 148 13.92 22.76 16.46
N1 FMN B . 6.71 -0.30 -9.17
C2 FMN B . 6.90 -1.51 -8.53
O2 FMN B . 7.57 -2.40 -8.97
N3 FMN B . 6.26 -1.73 -7.26
C4 FMN B . 5.47 -0.82 -6.63
O4 FMN B . 4.96 -1.09 -5.52
C4A FMN B . 5.26 0.47 -7.31
N5 FMN B . 4.51 1.41 -6.77
C5A FMN B . 4.32 2.59 -7.44
C6 FMN B . 3.48 3.64 -6.84
C7 FMN B . 3.25 4.85 -7.46
C7M FMN B . 2.36 5.93 -6.81
C8 FMN B . 3.90 5.13 -8.76
C8M FMN B . 3.68 6.44 -9.47
C9 FMN B . 4.71 4.15 -9.35
C9A FMN B . 4.94 2.89 -8.73
N10 FMN B . 5.76 1.85 -9.28
C10 FMN B . 5.95 0.64 -8.63
C1' FMN B . 6.43 2.04 -10.58
C2' FMN B . 5.49 1.72 -11.74
O2' FMN B . 5.14 0.34 -11.69
C3' FMN B . 5.98 2.13 -13.12
O3' FMN B . 7.23 1.49 -13.38
C4' FMN B . 6.03 3.62 -13.39
O4' FMN B . 4.77 4.27 -13.54
C5' FMN B . 7.27 4.47 -13.19
O5' FMN B . 8.37 3.68 -12.72
P FMN B . 9.77 3.69 -13.45
O1P FMN B . 9.54 3.35 -14.90
O2P FMN B . 10.69 2.74 -12.73
O3P FMN B . 10.23 5.19 -13.33
HN3 FMN B . 6.25 -2.65 -6.91
H6 FMN B . 2.81 3.34 -6.04
HM71 FMN B . 2.16 5.67 -5.78
HM72 FMN B . 1.42 5.99 -7.36
HM73 FMN B . 2.86 6.88 -6.86
HM81 FMN B . 4.08 7.24 -8.86
HM82 FMN B . 4.20 6.43 -10.42
HM83 FMN B . 2.63 6.60 -9.64
H9 FMN B . 5.21 4.37 -10.27
H1'1 FMN B . 7.29 1.38 -10.63
H1'2 FMN B . 6.76 3.06 -10.67
H2' FMN B . 4.58 2.28 -11.57
HO2' FMN B . 5.28 -0.07 -12.54
H3' FMN B . 5.28 1.72 -13.82
HO3' FMN B . 7.06 0.64 -13.82
H4' FMN B . 6.19 3.50 -14.45
HO4' FMN B . 4.62 4.87 -12.81
H5'1 FMN B . 7.05 5.24 -12.45
H5'2 FMN B . 7.53 4.93 -14.13
N GLY A 1 18.09 -19.25 10.61
CA GLY A 1 18.62 -19.38 9.22
C GLY A 1 18.90 -18.05 8.58
N GLU A 2 18.40 -17.85 7.37
CA GLU A 2 18.61 -16.60 6.64
C GLU A 2 17.50 -15.60 6.95
N PHE A 3 17.48 -14.51 6.18
CA PHE A 3 16.50 -13.47 6.35
C PHE A 3 15.11 -13.93 5.87
N MET A 4 14.09 -13.61 6.65
CA MET A 4 12.73 -14.00 6.30
C MET A 4 12.03 -12.86 5.55
N LEU A 5 10.76 -13.07 5.24
CA LEU A 5 9.98 -12.06 4.53
C LEU A 5 9.92 -10.77 5.32
N THR A 6 9.34 -9.74 4.73
CA THR A 6 9.22 -8.44 5.39
C THR A 6 8.09 -7.64 4.77
N THR A 7 7.54 -6.69 5.52
CA THR A 7 6.44 -5.87 5.04
C THR A 7 6.75 -4.39 5.14
N LEU A 8 7.23 -3.82 4.04
CA LEU A 8 7.51 -2.42 3.97
C LEU A 8 6.27 -1.66 3.58
N ILE A 9 5.96 -0.62 4.32
CA ILE A 9 4.80 0.17 4.02
C ILE A 9 5.21 1.64 3.97
N TYR A 10 4.50 2.41 3.17
CA TYR A 10 4.80 3.83 3.02
C TYR A 10 3.61 4.60 2.50
N ARG A 11 3.71 5.92 2.55
CA ARG A 11 2.66 6.77 2.05
C ARG A 11 3.24 8.05 1.49
N SER A 12 2.78 8.43 0.32
CA SER A 12 3.27 9.61 -0.36
C SER A 12 2.11 10.52 -0.70
N GLN A 13 2.33 11.37 -1.69
CA GLN A 13 1.29 12.27 -2.15
C GLN A 13 1.12 12.15 -3.65
N VAL A 14 0.98 13.28 -4.29
CA VAL A 14 0.81 13.36 -5.73
C VAL A 14 0.95 14.80 -6.18
N HIS A 15 0.71 15.07 -7.46
CA HIS A 15 0.80 16.41 -7.99
C HIS A 15 -0.57 17.07 -8.01
N PRO A 16 -0.93 17.85 -6.97
CA PRO A 16 -2.23 18.54 -6.89
C PRO A 16 -2.48 19.41 -8.10
N ASP A 17 -1.41 19.70 -8.83
CA ASP A 17 -1.49 20.53 -10.02
C ASP A 17 -1.73 19.68 -11.28
N ARG A 18 -1.24 18.44 -11.26
CA ARG A 18 -1.40 17.54 -12.39
C ARG A 18 -2.78 16.87 -12.37
N PRO A 19 -3.16 16.15 -13.44
CA PRO A 19 -4.45 15.47 -13.53
C PRO A 19 -4.45 14.13 -12.78
N PRO A 20 -5.59 13.41 -12.77
CA PRO A 20 -5.70 12.12 -12.09
C PRO A 20 -4.61 11.14 -12.50
N VAL A 21 -4.40 10.13 -11.67
CA VAL A 21 -3.38 9.12 -11.92
C VAL A 21 -3.96 7.95 -12.71
N ASP A 22 -3.09 7.25 -13.44
CA ASP A 22 -3.50 6.08 -14.19
C ASP A 22 -3.45 4.86 -13.29
N LEU A 23 -4.20 4.96 -12.20
CA LEU A 23 -4.28 3.91 -11.18
C LEU A 23 -4.61 2.53 -11.72
N ASP A 24 -4.73 2.41 -13.03
CA ASP A 24 -4.97 1.13 -13.65
C ASP A 24 -3.67 0.64 -14.24
N ALA A 25 -3.00 1.57 -14.89
CA ALA A 25 -1.72 1.34 -15.52
C ALA A 25 -0.57 1.49 -14.52
N LEU A 26 -0.84 2.28 -13.49
CA LEU A 26 0.14 2.57 -12.44
C LEU A 26 0.43 1.32 -11.63
N VAL A 27 -0.63 0.58 -11.33
CA VAL A 27 -0.53 -0.65 -10.55
C VAL A 27 -0.18 -1.84 -11.44
N HIS A 28 -0.71 -1.83 -12.66
CA HIS A 28 -0.47 -2.93 -13.61
C HIS A 28 1.01 -3.18 -13.81
N ARG A 29 1.75 -2.13 -14.18
CA ARG A 29 3.18 -2.26 -14.41
C ARG A 29 3.91 -2.72 -13.16
N ALA A 30 3.31 -2.48 -12.01
CA ALA A 30 3.91 -2.87 -10.74
C ALA A 30 3.70 -4.36 -10.47
N SER A 31 2.45 -4.79 -10.59
CA SER A 31 2.09 -6.19 -10.36
C SER A 31 2.98 -7.14 -11.16
N SER A 32 3.18 -6.81 -12.43
CA SER A 32 3.99 -7.62 -13.31
C SER A 32 5.43 -7.77 -12.81
N LYS A 33 5.92 -6.75 -12.10
CA LYS A 33 7.29 -6.78 -11.57
C LYS A 33 7.36 -7.48 -10.22
N ASN A 34 6.46 -7.10 -9.33
CA ASN A 34 6.41 -7.65 -7.97
C ASN A 34 6.12 -9.14 -7.97
N LEU A 35 5.15 -9.56 -8.79
CA LEU A 35 4.76 -10.96 -8.86
C LEU A 35 5.96 -11.90 -8.98
N PRO A 36 6.77 -11.75 -10.05
CA PRO A 36 7.93 -12.59 -10.27
C PRO A 36 9.03 -12.34 -9.25
N LEU A 37 9.00 -11.15 -8.68
CA LEU A 37 9.97 -10.73 -7.67
C LEU A 37 9.67 -11.36 -6.32
N GLY A 38 8.42 -11.78 -6.16
CA GLY A 38 7.99 -12.40 -4.92
C GLY A 38 7.33 -11.40 -4.00
N ILE A 39 7.21 -10.17 -4.48
CA ILE A 39 6.59 -9.09 -3.73
C ILE A 39 5.08 -9.10 -3.89
N THR A 40 4.38 -8.73 -2.82
CA THR A 40 2.93 -8.69 -2.82
C THR A 40 2.44 -7.51 -2.00
N GLY A 41 1.29 -6.95 -2.37
CA GLY A 41 0.77 -5.83 -1.61
C GLY A 41 -0.41 -5.15 -2.25
N ILE A 42 -0.62 -3.90 -1.85
CA ILE A 42 -1.73 -3.09 -2.35
C ILE A 42 -1.38 -1.62 -2.31
N LEU A 43 -2.01 -0.85 -3.18
CA LEU A 43 -1.80 0.58 -3.24
C LEU A 43 -3.10 1.32 -2.96
N LEU A 44 -3.00 2.59 -2.63
CA LEU A 44 -4.17 3.40 -2.34
C LEU A 44 -4.02 4.81 -2.86
N PHE A 45 -5.15 5.43 -3.13
CA PHE A 45 -5.18 6.81 -3.61
C PHE A 45 -6.47 7.48 -3.13
N ASN A 46 -6.34 8.68 -2.59
CA ASN A 46 -7.51 9.39 -2.08
C ASN A 46 -7.69 10.71 -2.83
N GLY A 47 -6.87 10.89 -3.86
CA GLY A 47 -6.94 12.10 -4.63
C GLY A 47 -5.80 13.05 -4.34
N LEU A 48 -4.90 12.61 -3.46
CA LEU A 48 -3.76 13.43 -3.09
C LEU A 48 -2.59 12.57 -2.63
N GLN A 49 -2.90 11.50 -1.90
CA GLN A 49 -1.84 10.63 -1.38
C GLN A 49 -1.88 9.21 -1.96
N PHE A 50 -0.75 8.51 -1.81
CA PHE A 50 -0.60 7.14 -2.26
C PHE A 50 -0.09 6.26 -1.13
N PHE A 51 -0.96 5.40 -0.63
CA PHE A 51 -0.57 4.50 0.46
C PHE A 51 -0.21 3.14 -0.12
N GLN A 52 0.78 2.46 0.44
CA GLN A 52 1.16 1.18 -0.11
C GLN A 52 1.62 0.18 0.93
N VAL A 53 0.99 -0.98 0.87
CA VAL A 53 1.36 -2.09 1.74
C VAL A 53 2.23 -3.03 0.92
N LEU A 54 3.52 -3.05 1.21
CA LEU A 54 4.44 -3.88 0.45
C LEU A 54 4.95 -5.07 1.27
N GLU A 55 4.94 -6.23 0.64
CA GLU A 55 5.40 -7.46 1.28
C GLU A 55 6.56 -8.07 0.50
N GLY A 56 7.40 -8.84 1.19
CA GLY A 56 8.54 -9.46 0.54
C GLY A 56 9.81 -9.29 1.31
N THR A 57 10.89 -9.92 0.85
CA THR A 57 12.18 -9.83 1.52
C THR A 57 12.59 -8.37 1.73
N GLU A 58 13.16 -8.10 2.89
CA GLU A 58 13.60 -6.76 3.25
C GLU A 58 14.50 -6.17 2.17
N GLU A 59 15.15 -7.03 1.41
CA GLU A 59 16.04 -6.60 0.34
C GLU A 59 15.25 -6.06 -0.85
N ALA A 60 14.12 -6.69 -1.10
CA ALA A 60 13.26 -6.30 -2.21
C ALA A 60 12.51 -5.03 -1.86
N LEU A 61 12.03 -4.95 -0.62
CA LEU A 61 11.29 -3.79 -0.15
C LEU A 61 12.16 -2.54 -0.16
N GLU A 62 13.37 -2.65 0.35
CA GLU A 62 14.28 -1.52 0.40
C GLU A 62 14.45 -0.90 -0.99
N SER A 63 14.91 -1.72 -1.92
CA SER A 63 15.14 -1.28 -3.29
C SER A 63 13.87 -0.73 -3.94
N LEU A 64 12.76 -1.46 -3.79
CA LEU A 64 11.49 -1.07 -4.38
C LEU A 64 11.04 0.27 -3.83
N PHE A 65 10.87 0.29 -2.52
CA PHE A 65 10.44 1.49 -1.82
C PHE A 65 11.36 2.66 -2.15
N SER A 66 12.62 2.35 -2.46
CA SER A 66 13.59 3.37 -2.83
C SER A 66 13.37 3.80 -4.27
N GLU A 67 12.79 2.90 -5.07
CA GLU A 67 12.51 3.20 -6.46
C GLU A 67 11.31 4.13 -6.52
N ILE A 68 10.45 3.96 -5.52
CA ILE A 68 9.26 4.75 -5.38
C ILE A 68 9.59 6.20 -5.15
N GLN A 69 10.36 6.49 -4.09
CA GLN A 69 10.70 7.87 -3.79
C GLN A 69 11.42 8.54 -4.97
N SER A 70 11.80 7.74 -5.96
CA SER A 70 12.48 8.25 -7.14
C SER A 70 11.50 8.43 -8.30
N ASP A 71 10.21 8.40 -7.97
CA ASP A 71 9.15 8.55 -8.98
C ASP A 71 8.75 10.02 -9.12
N PRO A 72 8.28 10.42 -10.32
CA PRO A 72 7.88 11.80 -10.60
C PRO A 72 6.40 12.08 -10.34
N ARG A 73 5.65 11.07 -9.90
CA ARG A 73 4.22 11.26 -9.64
C ARG A 73 3.99 11.76 -8.22
N HIS A 74 4.08 10.86 -7.24
CA HIS A 74 3.88 11.23 -5.85
C HIS A 74 5.00 12.17 -5.41
N ARG A 75 5.25 12.28 -4.10
CA ARG A 75 6.30 13.17 -3.62
C ARG A 75 6.76 12.86 -2.19
N ASP A 76 5.83 12.95 -1.24
CA ASP A 76 6.16 12.74 0.17
C ASP A 76 6.08 11.29 0.62
N VAL A 77 6.66 10.39 -0.15
CA VAL A 77 6.65 8.99 0.23
C VAL A 77 7.56 8.79 1.43
N VAL A 78 6.95 8.38 2.53
CA VAL A 78 7.66 8.16 3.77
C VAL A 78 7.39 6.76 4.29
N GLU A 79 8.43 6.10 4.78
CA GLU A 79 8.29 4.76 5.31
C GLU A 79 7.37 4.75 6.53
N LEU A 80 6.27 4.03 6.39
CA LEU A 80 5.28 3.92 7.44
C LEU A 80 5.52 2.67 8.28
N MET A 81 5.91 1.61 7.60
CA MET A 81 6.15 0.34 8.28
C MET A 81 7.23 -0.49 7.62
N ARG A 82 7.68 -1.49 8.35
CA ARG A 82 8.69 -2.43 7.88
C ARG A 82 8.98 -3.43 8.96
N ASP A 83 8.34 -4.57 8.81
CA ASP A 83 8.47 -5.66 9.78
C ASP A 83 8.68 -7.01 9.11
N TYR A 84 9.46 -7.86 9.77
CA TYR A 84 9.74 -9.19 9.26
C TYR A 84 8.47 -10.02 9.19
N SER A 85 8.49 -11.08 8.39
CA SER A 85 7.33 -11.94 8.24
C SER A 85 7.75 -13.33 7.77
N ALA A 86 6.80 -14.26 7.83
CA ALA A 86 7.06 -15.63 7.42
C ALA A 86 5.99 -16.12 6.46
N TYR A 87 5.10 -15.23 6.06
CA TYR A 87 4.02 -15.58 5.15
C TYR A 87 3.51 -14.36 4.39
N ARG A 88 3.04 -14.59 3.17
CA ARG A 88 2.51 -13.51 2.34
C ARG A 88 1.00 -13.39 2.49
N ARG A 89 0.56 -12.30 3.12
CA ARG A 89 -0.87 -12.06 3.32
C ARG A 89 -1.62 -12.02 2.00
N PHE A 90 -1.06 -11.31 1.02
CA PHE A 90 -1.68 -11.20 -0.29
C PHE A 90 -1.17 -12.32 -1.21
N HIS A 91 -2.09 -13.16 -1.68
CA HIS A 91 -1.74 -14.26 -2.56
C HIS A 91 -2.39 -14.10 -3.92
N GLY A 92 -1.57 -14.03 -4.97
CA GLY A 92 -2.09 -13.88 -6.31
C GLY A 92 -2.30 -12.43 -6.69
N THR A 93 -1.92 -11.52 -5.79
CA THR A 93 -2.08 -10.09 -6.04
C THR A 93 -0.79 -9.35 -5.71
N GLY A 94 0.13 -9.30 -6.67
CA GLY A 94 1.39 -8.61 -6.46
C GLY A 94 1.20 -7.16 -6.06
N MET A 95 0.38 -6.45 -6.83
CA MET A 95 0.09 -5.05 -6.56
C MET A 95 -1.34 -4.72 -7.00
N ARG A 96 -2.05 -3.96 -6.18
CA ARG A 96 -3.43 -3.59 -6.50
C ARG A 96 -3.81 -2.28 -5.82
N ILE A 97 -3.86 -1.20 -6.59
CA ILE A 97 -4.21 0.11 -6.08
C ILE A 97 -5.68 0.14 -5.61
N LEU A 98 -6.00 1.13 -4.79
CA LEU A 98 -7.33 1.30 -4.27
C LEU A 98 -7.77 2.75 -4.32
N ASP A 99 -8.42 3.14 -5.41
CA ASP A 99 -8.91 4.51 -5.54
C ASP A 99 -9.96 4.78 -4.46
N LEU A 100 -9.49 5.21 -3.30
CA LEU A 100 -10.39 5.49 -2.20
C LEU A 100 -11.43 6.53 -2.60
N ARG A 101 -11.11 7.31 -3.63
CA ARG A 101 -12.03 8.32 -4.13
C ARG A 101 -13.35 7.66 -4.52
N LEU A 102 -13.30 6.34 -4.66
CA LEU A 102 -14.47 5.56 -5.03
C LEU A 102 -15.20 5.03 -3.79
N PHE A 103 -14.43 4.50 -2.83
CA PHE A 103 -15.03 3.93 -1.62
C PHE A 103 -14.93 4.90 -0.45
N GLU A 104 -14.88 4.34 0.76
CA GLU A 104 -14.78 5.12 1.98
C GLU A 104 -13.90 4.42 2.99
N THR A 105 -14.05 4.77 4.25
CA THR A 105 -13.25 4.15 5.30
C THR A 105 -13.55 2.66 5.44
N ASP A 106 -14.80 2.33 5.73
CA ASP A 106 -15.20 0.95 5.88
C ASP A 106 -15.31 0.27 4.53
N GLY A 107 -15.54 1.08 3.50
CA GLY A 107 -15.66 0.56 2.16
C GLY A 107 -14.34 0.09 1.62
N ALA A 108 -13.42 1.03 1.45
CA ALA A 108 -12.09 0.73 0.95
C ALA A 108 -11.46 -0.44 1.70
N LEU A 109 -11.57 -0.40 3.02
CA LEU A 109 -11.02 -1.46 3.86
C LEU A 109 -11.59 -2.80 3.41
N GLU A 110 -12.90 -2.83 3.20
CA GLU A 110 -13.57 -4.04 2.75
C GLU A 110 -12.95 -4.53 1.44
N GLU A 111 -12.72 -3.60 0.51
CA GLU A 111 -12.11 -3.93 -0.77
C GLU A 111 -10.92 -4.84 -0.57
N ILE A 112 -9.96 -4.35 0.20
CA ILE A 112 -8.76 -5.11 0.51
C ILE A 112 -9.13 -6.53 0.89
N LEU A 113 -9.97 -6.67 1.91
CA LEU A 113 -10.40 -7.98 2.37
C LEU A 113 -10.90 -8.84 1.22
N ARG A 114 -11.72 -8.25 0.36
CA ARG A 114 -12.28 -8.96 -0.79
C ARG A 114 -11.21 -9.70 -1.59
N PHE A 115 -10.06 -9.06 -1.81
CA PHE A 115 -8.98 -9.69 -2.58
C PHE A 115 -7.73 -9.92 -1.75
N SER A 116 -7.85 -9.73 -0.45
CA SER A 116 -6.70 -9.90 0.44
C SER A 116 -6.49 -11.37 0.80
N THR A 117 -7.59 -12.13 0.84
CA THR A 117 -7.55 -13.54 1.17
C THR A 117 -6.87 -13.76 2.51
N PHE A 118 -6.80 -12.68 3.29
CA PHE A 118 -6.17 -12.70 4.61
C PHE A 118 -6.67 -13.89 5.44
N GLY A 119 -5.75 -14.80 5.74
CA GLY A 119 -6.08 -15.97 6.53
C GLY A 119 -5.26 -16.05 7.80
N VAL A 120 -4.60 -14.94 8.13
CA VAL A 120 -3.77 -14.86 9.32
C VAL A 120 -4.60 -15.02 10.59
N THR A 121 -3.96 -14.80 11.74
CA THR A 121 -4.63 -14.92 13.03
C THR A 121 -5.82 -13.96 13.10
N GLU A 122 -5.55 -12.69 12.88
CA GLU A 122 -6.58 -11.65 12.90
C GLU A 122 -6.03 -10.35 12.34
N PRO A 123 -6.72 -9.77 11.32
CA PRO A 123 -6.27 -8.52 10.70
C PRO A 123 -6.35 -7.34 11.66
N VAL A 124 -6.91 -7.59 12.84
CA VAL A 124 -7.06 -6.56 13.86
C VAL A 124 -5.72 -5.96 14.25
N ASN A 125 -4.98 -6.66 15.11
CA ASN A 125 -3.69 -6.19 15.59
C ASN A 125 -2.58 -6.48 14.58
N ASP A 126 -2.89 -6.29 13.30
CA ASP A 126 -1.91 -6.53 12.23
C ASP A 126 -1.09 -5.27 11.96
N ARG A 127 0.22 -5.38 12.14
CA ARG A 127 1.12 -4.25 11.91
C ARG A 127 0.83 -3.53 10.60
N MET A 128 0.67 -4.30 9.52
CA MET A 128 0.38 -3.72 8.22
C MET A 128 -0.93 -2.95 8.26
N PHE A 129 -1.96 -3.63 8.74
CA PHE A 129 -3.30 -3.05 8.84
C PHE A 129 -3.28 -1.74 9.64
N ARG A 130 -2.30 -1.59 10.52
CA ARG A 130 -2.18 -0.38 11.33
C ARG A 130 -2.13 0.85 10.44
N LEU A 131 -1.32 0.78 9.38
CA LEU A 131 -1.19 1.89 8.45
C LEU A 131 -2.35 1.86 7.46
N LEU A 132 -2.66 0.66 6.99
CA LEU A 132 -3.72 0.44 6.02
C LEU A 132 -5.02 1.13 6.43
N SER A 133 -5.54 0.76 7.59
CA SER A 133 -6.79 1.34 8.08
C SER A 133 -6.60 2.80 8.48
N ALA A 134 -5.37 3.19 8.74
CA ALA A 134 -5.09 4.57 9.10
C ALA A 134 -5.22 5.49 7.89
N PHE A 135 -4.94 4.94 6.71
CA PHE A 135 -5.06 5.71 5.47
C PHE A 135 -6.50 5.66 5.00
N ILE A 136 -7.14 4.54 5.26
CA ILE A 136 -8.52 4.34 4.90
C ILE A 136 -9.41 5.21 5.80
N ALA A 137 -8.92 5.41 7.03
CA ALA A 137 -9.61 6.19 8.03
C ALA A 137 -9.29 7.68 7.95
N ASP A 138 -8.01 7.99 8.07
CA ASP A 138 -7.55 9.38 8.07
C ASP A 138 -6.99 9.81 6.72
N GLY A 139 -6.45 8.86 5.98
CA GLY A 139 -5.88 9.18 4.67
C GLY A 139 -6.94 9.53 3.64
N GLY A 140 -8.20 9.40 4.02
CA GLY A 140 -9.29 9.70 3.11
C GLY A 140 -9.69 11.16 3.16
N ARG A 141 -8.73 12.03 3.42
CA ARG A 141 -8.98 13.46 3.50
C ARG A 141 -10.02 13.78 4.56
N TYR A 142 -11.28 13.67 4.18
CA TYR A 142 -12.38 13.94 5.06
C TYR A 142 -13.48 12.89 4.91
N CYS A 143 -14.23 12.66 5.98
CA CYS A 143 -15.32 11.69 5.95
C CYS A 143 -16.47 12.21 5.12
N LEU A 144 -16.88 11.42 4.13
CA LEU A 144 -17.98 11.81 3.24
C LEU A 144 -19.22 12.19 4.04
N PRO A 145 -20.04 13.13 3.51
CA PRO A 145 -21.27 13.59 4.17
C PRO A 145 -22.13 12.43 4.65
N GLU A 146 -22.75 12.61 5.81
CA GLU A 146 -23.61 11.59 6.40
C GLU A 146 -24.78 12.22 7.16
N PRO A 147 -25.80 12.71 6.43
CA PRO A 147 -26.97 13.33 7.04
C PRO A 147 -27.90 12.32 7.72
N LEU A 148 -28.47 12.72 8.84
CA LEU A 148 -29.38 11.86 9.59
C LEU A 148 -28.68 10.56 10.00
N1 FMN B . 6.63 -0.32 -9.36
C2 FMN B . 6.74 -1.51 -8.67
O2 FMN B . 7.39 -2.43 -9.05
N3 FMN B . 6.05 -1.66 -7.41
C4 FMN B . 5.27 -0.70 -6.84
O4 FMN B . 4.71 -0.92 -5.77
C4A FMN B . 5.15 0.57 -7.58
N5 FMN B . 4.40 1.56 -7.10
C5A FMN B . 4.30 2.74 -7.82
C6 FMN B . 3.49 3.84 -7.30
C7 FMN B . 3.34 5.04 -7.95
C7M FMN B . 2.48 6.18 -7.38
C8 FMN B . 4.04 5.24 -9.25
C8M FMN B . 3.92 6.53 -10.02
C9 FMN B . 4.83 4.19 -9.76
C9A FMN B . 4.99 2.96 -9.10
N10 FMN B . 5.78 1.87 -9.58
C10 FMN B . 5.89 0.67 -8.88
C1' FMN B . 6.51 1.97 -10.86
C2' FMN B . 5.60 1.66 -12.06
O2' FMN B . 5.05 0.36 -11.90
C3' FMN B . 6.24 1.85 -13.42
O3' FMN B . 7.64 2.03 -13.26
C4' FMN B . 5.61 2.93 -14.29
O4' FMN B . 5.43 4.20 -13.68
C5' FMN B . 5.46 2.80 -15.79
O5' FMN B . 5.99 1.54 -16.24
P FMN B . 7.30 1.44 -17.11
O1P FMN B . 8.45 1.93 -16.26
O2P FMN B . 7.10 2.23 -18.38
O3P FMN B . 7.45 -0.10 -17.36
HN3 FMN B . 6.08 -2.52 -6.97
H6 FMN B . 2.92 3.67 -6.40
HM71 FMN B . 2.40 6.06 -6.31
HM72 FMN B . 1.49 6.15 -7.83
HM73 FMN B . 2.94 7.12 -7.60
HM81 FMN B . 4.34 7.33 -9.43
HM82 FMN B . 4.44 6.44 -10.96
HM83 FMN B . 2.87 6.73 -10.21
H9 FMN B . 5.35 4.36 -10.70
H1'1 FMN B . 7.33 1.27 -10.85
H1'2 FMN B . 6.89 2.98 -10.95
H2' FMN B . 4.78 2.36 -12.01
HO2' FMN B . 4.64 0.09 -12.72
H3' FMN B . 6.10 0.92 -13.95
HO3' FMN B . 8.08 1.17 -13.31
H4' FMN B . 4.60 2.61 -14.10
HO4' FMN B . 6.05 4.30 -12.96
H5'1 FMN B . 6.01 3.60 -16.27
H5'2 FMN B . 4.41 2.86 -16.05
N GLY A 1 19.13 -18.60 10.54
CA GLY A 1 20.09 -17.89 9.65
C GLY A 1 19.54 -17.72 8.25
N GLU A 2 18.22 -17.88 8.10
CA GLU A 2 17.58 -17.73 6.80
C GLU A 2 17.00 -16.33 6.63
N PHE A 3 16.53 -16.04 5.42
CA PHE A 3 15.95 -14.73 5.12
C PHE A 3 14.45 -14.86 4.87
N MET A 4 13.66 -14.54 5.88
CA MET A 4 12.21 -14.63 5.78
C MET A 4 11.63 -13.45 5.02
N LEU A 5 10.30 -13.44 4.89
CA LEU A 5 9.60 -12.36 4.20
C LEU A 5 9.60 -11.11 5.05
N THR A 6 9.04 -10.04 4.50
CA THR A 6 8.98 -8.76 5.19
C THR A 6 7.86 -7.90 4.62
N THR A 7 7.36 -6.95 5.41
CA THR A 7 6.28 -6.09 4.96
C THR A 7 6.59 -4.61 5.13
N LEU A 8 7.03 -3.97 4.05
CA LEU A 8 7.32 -2.55 4.07
C LEU A 8 6.11 -1.79 3.61
N ILE A 9 5.69 -0.80 4.37
CA ILE A 9 4.53 -0.01 4.02
C ILE A 9 4.88 1.46 4.07
N TYR A 10 4.41 2.25 3.10
CA TYR A 10 4.74 3.67 3.08
C TYR A 10 3.56 4.53 2.61
N ARG A 11 3.72 5.83 2.81
CA ARG A 11 2.72 6.80 2.39
C ARG A 11 3.37 7.98 1.70
N SER A 12 2.83 8.32 0.56
CA SER A 12 3.35 9.44 -0.20
C SER A 12 2.21 10.40 -0.51
N GLN A 13 2.41 11.23 -1.51
CA GLN A 13 1.39 12.17 -1.92
C GLN A 13 1.18 12.13 -3.41
N VAL A 14 1.08 13.30 -4.01
CA VAL A 14 0.86 13.43 -5.44
C VAL A 14 0.98 14.90 -5.83
N HIS A 15 0.75 15.21 -7.09
CA HIS A 15 0.81 16.58 -7.55
C HIS A 15 -0.57 17.23 -7.51
N PRO A 16 -0.89 17.98 -6.44
CA PRO A 16 -2.18 18.65 -6.30
C PRO A 16 -2.54 19.52 -7.51
N ASP A 17 -1.64 19.58 -8.47
CA ASP A 17 -1.85 20.39 -9.67
C ASP A 17 -1.99 19.56 -10.96
N ARG A 18 -1.48 18.32 -10.97
CA ARG A 18 -1.56 17.49 -12.15
C ARG A 18 -2.90 16.76 -12.25
N PRO A 19 -3.16 16.10 -13.40
CA PRO A 19 -4.40 15.36 -13.61
C PRO A 19 -4.42 14.05 -12.83
N PRO A 20 -5.55 13.32 -12.85
CA PRO A 20 -5.68 12.05 -12.12
C PRO A 20 -4.61 11.04 -12.51
N VAL A 21 -4.36 10.08 -11.62
CA VAL A 21 -3.36 9.05 -11.86
C VAL A 21 -3.93 7.90 -12.66
N ASP A 22 -3.07 7.23 -13.42
CA ASP A 22 -3.48 6.09 -14.20
C ASP A 22 -3.43 4.85 -13.32
N LEU A 23 -4.20 4.92 -12.24
CA LEU A 23 -4.30 3.88 -11.23
C LEU A 23 -4.62 2.51 -11.81
N ASP A 24 -4.72 2.42 -13.11
CA ASP A 24 -4.97 1.16 -13.77
C ASP A 24 -3.66 0.65 -14.33
N ALA A 25 -2.96 1.59 -14.94
CA ALA A 25 -1.68 1.35 -15.56
C ALA A 25 -0.55 1.47 -14.53
N LEU A 26 -0.83 2.23 -13.48
CA LEU A 26 0.12 2.49 -12.41
C LEU A 26 0.38 1.23 -11.60
N VAL A 27 -0.69 0.50 -11.34
CA VAL A 27 -0.60 -0.74 -10.58
C VAL A 27 -0.25 -1.92 -11.48
N HIS A 28 -0.71 -1.87 -12.73
CA HIS A 28 -0.43 -2.94 -13.69
C HIS A 28 1.06 -3.18 -13.80
N ARG A 29 1.79 -2.13 -14.18
CA ARG A 29 3.24 -2.23 -14.35
C ARG A 29 3.90 -2.66 -13.05
N ALA A 30 3.22 -2.44 -11.94
CA ALA A 30 3.75 -2.82 -10.63
C ALA A 30 3.61 -4.31 -10.40
N SER A 31 2.36 -4.77 -10.40
CA SER A 31 2.05 -6.19 -10.18
C SER A 31 2.91 -7.06 -11.09
N SER A 32 3.36 -6.50 -12.20
CA SER A 32 4.19 -7.25 -13.15
C SER A 32 5.63 -7.35 -12.69
N LYS A 33 6.13 -6.30 -12.03
CA LYS A 33 7.51 -6.30 -11.54
C LYS A 33 7.61 -6.97 -10.17
N ASN A 34 6.67 -6.64 -9.30
CA ASN A 34 6.64 -7.17 -7.93
C ASN A 34 6.38 -8.67 -7.92
N LEU A 35 5.54 -9.13 -8.83
CA LEU A 35 5.16 -10.52 -8.90
C LEU A 35 6.38 -11.44 -8.98
N PRO A 36 7.17 -11.35 -10.07
CA PRO A 36 8.36 -12.17 -10.26
C PRO A 36 9.41 -11.88 -9.20
N LEU A 37 9.33 -10.69 -8.63
CA LEU A 37 10.25 -10.24 -7.60
C LEU A 37 9.99 -10.91 -6.27
N GLY A 38 8.78 -11.41 -6.12
CA GLY A 38 8.40 -12.06 -4.87
C GLY A 38 7.65 -11.13 -3.96
N ILE A 39 7.41 -9.93 -4.47
CA ILE A 39 6.70 -8.89 -3.74
C ILE A 39 5.19 -9.04 -3.89
N THR A 40 4.47 -8.59 -2.87
CA THR A 40 3.02 -8.64 -2.89
C THR A 40 2.46 -7.47 -2.10
N GLY A 41 1.22 -7.08 -2.38
CA GLY A 41 0.66 -5.97 -1.65
C GLY A 41 -0.51 -5.30 -2.32
N ILE A 42 -0.72 -4.06 -1.94
CA ILE A 42 -1.82 -3.25 -2.45
C ILE A 42 -1.46 -1.77 -2.39
N LEU A 43 -2.09 -0.99 -3.24
CA LEU A 43 -1.85 0.44 -3.27
C LEU A 43 -3.14 1.19 -2.97
N LEU A 44 -3.01 2.46 -2.62
CA LEU A 44 -4.16 3.27 -2.28
C LEU A 44 -4.00 4.70 -2.79
N PHE A 45 -5.12 5.35 -3.07
CA PHE A 45 -5.12 6.72 -3.53
C PHE A 45 -6.40 7.42 -3.05
N ASN A 46 -6.26 8.63 -2.51
CA ASN A 46 -7.40 9.35 -1.99
C ASN A 46 -7.53 10.69 -2.71
N GLY A 47 -6.78 10.84 -3.79
CA GLY A 47 -6.82 12.07 -4.54
C GLY A 47 -5.67 12.99 -4.21
N LEU A 48 -4.82 12.57 -3.29
CA LEU A 48 -3.68 13.37 -2.89
C LEU A 48 -2.51 12.50 -2.45
N GLN A 49 -2.80 11.39 -1.77
CA GLN A 49 -1.74 10.52 -1.28
C GLN A 49 -1.81 9.10 -1.85
N PHE A 50 -0.71 8.36 -1.65
CA PHE A 50 -0.59 6.98 -2.10
C PHE A 50 -0.11 6.10 -0.95
N PHE A 51 -0.98 5.23 -0.47
CA PHE A 51 -0.63 4.33 0.62
C PHE A 51 -0.33 2.96 0.03
N GLN A 52 0.84 2.42 0.31
CA GLN A 52 1.20 1.15 -0.28
C GLN A 52 1.62 0.11 0.74
N VAL A 53 0.90 -1.01 0.74
CA VAL A 53 1.23 -2.12 1.60
C VAL A 53 2.12 -3.05 0.81
N LEU A 54 3.42 -2.96 1.06
CA LEU A 54 4.37 -3.78 0.32
C LEU A 54 4.88 -4.94 1.16
N GLU A 55 4.96 -6.11 0.55
CA GLU A 55 5.45 -7.30 1.21
C GLU A 55 6.56 -7.93 0.40
N GLY A 56 7.26 -8.89 1.00
CA GLY A 56 8.35 -9.55 0.31
C GLY A 56 9.64 -9.44 1.09
N THR A 57 10.71 -10.00 0.53
CA THR A 57 12.01 -9.95 1.20
C THR A 57 12.43 -8.51 1.46
N GLU A 58 12.95 -8.28 2.66
CA GLU A 58 13.39 -6.95 3.07
C GLU A 58 14.31 -6.33 2.03
N GLU A 59 15.14 -7.17 1.39
CA GLU A 59 16.06 -6.70 0.37
C GLU A 59 15.32 -6.13 -0.83
N ALA A 60 14.19 -6.75 -1.13
CA ALA A 60 13.35 -6.33 -2.25
C ALA A 60 12.56 -5.08 -1.89
N LEU A 61 12.05 -5.04 -0.65
CA LEU A 61 11.27 -3.90 -0.18
C LEU A 61 12.10 -2.63 -0.19
N GLU A 62 13.34 -2.74 0.25
CA GLU A 62 14.24 -1.58 0.29
C GLU A 62 14.43 -0.97 -1.10
N SER A 63 14.94 -1.80 -2.01
CA SER A 63 15.18 -1.36 -3.38
C SER A 63 13.91 -0.84 -4.04
N LEU A 64 12.83 -1.60 -3.92
CA LEU A 64 11.55 -1.23 -4.51
C LEU A 64 11.12 0.11 -3.96
N PHE A 65 10.88 0.13 -2.66
CA PHE A 65 10.49 1.33 -1.95
C PHE A 65 11.42 2.50 -2.31
N SER A 66 12.67 2.17 -2.62
CA SER A 66 13.64 3.19 -3.00
C SER A 66 13.37 3.68 -4.42
N GLU A 67 12.84 2.77 -5.24
CA GLU A 67 12.49 3.11 -6.61
C GLU A 67 11.29 4.03 -6.59
N ILE A 68 10.47 3.83 -5.57
CA ILE A 68 9.27 4.60 -5.36
C ILE A 68 9.58 6.06 -5.11
N GLN A 69 10.43 6.35 -4.12
CA GLN A 69 10.76 7.73 -3.80
C GLN A 69 11.47 8.41 -4.97
N SER A 70 11.86 7.61 -5.95
CA SER A 70 12.53 8.14 -7.15
C SER A 70 11.54 8.34 -8.28
N ASP A 71 10.25 8.27 -7.95
CA ASP A 71 9.19 8.45 -8.95
C ASP A 71 8.77 9.91 -9.03
N PRO A 72 8.32 10.36 -10.22
CA PRO A 72 7.89 11.74 -10.43
C PRO A 72 6.41 11.97 -10.17
N ARG A 73 5.69 10.91 -9.81
CA ARG A 73 4.25 11.04 -9.54
C ARG A 73 4.01 11.58 -8.14
N HIS A 74 4.04 10.69 -7.14
CA HIS A 74 3.84 11.12 -5.77
C HIS A 74 5.01 11.98 -5.32
N ARG A 75 5.25 12.07 -4.01
CA ARG A 75 6.35 12.90 -3.53
C ARG A 75 6.77 12.56 -2.09
N ASP A 76 5.85 12.73 -1.16
CA ASP A 76 6.13 12.51 0.26
C ASP A 76 6.10 11.05 0.67
N VAL A 77 6.61 10.18 -0.17
CA VAL A 77 6.66 8.76 0.18
C VAL A 77 7.55 8.60 1.38
N VAL A 78 6.93 8.13 2.45
CA VAL A 78 7.61 7.97 3.70
C VAL A 78 7.39 6.57 4.28
N GLU A 79 8.48 5.93 4.71
CA GLU A 79 8.41 4.58 5.25
C GLU A 79 7.57 4.54 6.52
N LEU A 80 6.44 3.87 6.41
CA LEU A 80 5.50 3.71 7.51
C LEU A 80 5.78 2.44 8.29
N MET A 81 6.11 1.37 7.56
CA MET A 81 6.34 0.08 8.15
C MET A 81 7.45 -0.70 7.46
N ARG A 82 7.82 -1.78 8.12
CA ARG A 82 8.82 -2.71 7.65
C ARG A 82 9.11 -3.72 8.74
N ASP A 83 8.35 -4.80 8.68
CA ASP A 83 8.45 -5.87 9.66
C ASP A 83 8.60 -7.23 9.01
N TYR A 84 9.30 -8.12 9.70
CA TYR A 84 9.52 -9.47 9.21
C TYR A 84 8.19 -10.22 9.04
N SER A 85 8.23 -11.29 8.26
CA SER A 85 7.04 -12.08 8.01
C SER A 85 7.41 -13.51 7.64
N ALA A 86 6.43 -14.40 7.74
CA ALA A 86 6.64 -15.80 7.44
C ALA A 86 5.68 -16.29 6.37
N TYR A 87 4.84 -15.38 5.88
CA TYR A 87 3.86 -15.72 4.87
C TYR A 87 3.38 -14.48 4.11
N ARG A 88 2.70 -14.71 2.99
CA ARG A 88 2.18 -13.62 2.17
C ARG A 88 0.69 -13.42 2.42
N ARG A 89 0.29 -12.17 2.62
CA ARG A 89 -1.12 -11.85 2.89
C ARG A 89 -1.89 -11.59 1.60
N PHE A 90 -1.22 -11.05 0.59
CA PHE A 90 -1.86 -10.75 -0.68
C PHE A 90 -1.40 -11.71 -1.79
N HIS A 91 -1.31 -12.99 -1.45
CA HIS A 91 -0.88 -13.99 -2.42
C HIS A 91 -1.77 -13.95 -3.65
N GLY A 92 -1.14 -14.00 -4.83
CA GLY A 92 -1.89 -13.98 -6.06
C GLY A 92 -2.04 -12.58 -6.62
N THR A 93 -1.73 -11.58 -5.80
CA THR A 93 -1.83 -10.19 -6.22
C THR A 93 -0.57 -9.41 -5.82
N GLY A 94 0.39 -9.35 -6.74
CA GLY A 94 1.63 -8.65 -6.47
C GLY A 94 1.40 -7.20 -6.06
N MET A 95 0.38 -6.59 -6.63
CA MET A 95 0.04 -5.19 -6.33
C MET A 95 -1.34 -4.84 -6.88
N ARG A 96 -2.11 -4.08 -6.11
CA ARG A 96 -3.45 -3.70 -6.53
C ARG A 96 -3.86 -2.37 -5.89
N ILE A 97 -3.85 -1.29 -6.68
CA ILE A 97 -4.23 0.02 -6.17
C ILE A 97 -5.69 0.07 -5.74
N LEU A 98 -6.02 1.06 -4.93
CA LEU A 98 -7.37 1.24 -4.44
C LEU A 98 -7.78 2.70 -4.50
N ASP A 99 -8.42 3.09 -5.60
CA ASP A 99 -8.89 4.46 -5.76
C ASP A 99 -9.95 4.75 -4.71
N LEU A 100 -9.51 5.20 -3.54
CA LEU A 100 -10.43 5.50 -2.47
C LEU A 100 -11.44 6.56 -2.91
N ARG A 101 -11.09 7.30 -3.94
CA ARG A 101 -11.98 8.33 -4.48
C ARG A 101 -13.28 7.68 -4.93
N LEU A 102 -13.25 6.36 -5.05
CA LEU A 102 -14.43 5.59 -5.47
C LEU A 102 -15.18 5.06 -4.26
N PHE A 103 -14.44 4.50 -3.29
CA PHE A 103 -15.06 3.95 -2.10
C PHE A 103 -14.93 4.89 -0.91
N GLU A 104 -14.92 4.33 0.29
CA GLU A 104 -14.80 5.10 1.51
C GLU A 104 -13.95 4.35 2.52
N THR A 105 -14.11 4.70 3.79
CA THR A 105 -13.36 4.05 4.85
C THR A 105 -13.70 2.56 4.91
N ASP A 106 -14.99 2.27 5.13
CA ASP A 106 -15.44 0.88 5.20
C ASP A 106 -15.57 0.27 3.81
N GLY A 107 -15.74 1.13 2.82
CA GLY A 107 -15.88 0.66 1.44
C GLY A 107 -14.55 0.17 0.88
N ALA A 108 -13.51 0.97 1.08
CA ALA A 108 -12.18 0.63 0.60
C ALA A 108 -11.63 -0.57 1.35
N LEU A 109 -11.74 -0.56 2.67
CA LEU A 109 -11.26 -1.66 3.48
C LEU A 109 -11.88 -2.97 2.99
N GLU A 110 -13.18 -2.91 2.68
CA GLU A 110 -13.88 -4.09 2.18
C GLU A 110 -13.27 -4.55 0.87
N GLU A 111 -12.88 -3.59 0.02
CA GLU A 111 -12.25 -3.90 -1.26
C GLU A 111 -11.13 -4.88 -1.04
N ILE A 112 -10.20 -4.50 -0.17
CA ILE A 112 -9.07 -5.35 0.17
C ILE A 112 -9.56 -6.76 0.45
N LEU A 113 -10.52 -6.88 1.38
CA LEU A 113 -11.07 -8.18 1.73
C LEU A 113 -11.64 -8.90 0.51
N ARG A 114 -12.16 -8.13 -0.44
CA ARG A 114 -12.76 -8.70 -1.65
C ARG A 114 -11.73 -9.42 -2.52
N PHE A 115 -10.48 -8.95 -2.53
CA PHE A 115 -9.45 -9.57 -3.35
C PHE A 115 -8.28 -10.02 -2.51
N SER A 116 -8.48 -10.01 -1.20
CA SER A 116 -7.44 -10.42 -0.26
C SER A 116 -8.04 -11.30 0.82
N THR A 117 -7.17 -11.90 1.64
CA THR A 117 -7.62 -12.76 2.72
C THR A 117 -6.80 -12.53 3.98
N PHE A 118 -7.46 -12.06 5.03
CA PHE A 118 -6.81 -11.79 6.29
C PHE A 118 -6.67 -13.06 7.12
N GLY A 119 -6.01 -14.07 6.55
CA GLY A 119 -5.81 -15.32 7.25
C GLY A 119 -4.70 -15.24 8.26
N VAL A 120 -4.24 -14.03 8.54
CA VAL A 120 -3.16 -13.79 9.48
C VAL A 120 -3.58 -14.20 10.90
N THR A 121 -2.63 -14.14 11.83
CA THR A 121 -2.91 -14.47 13.22
C THR A 121 -4.05 -13.63 13.75
N GLU A 122 -3.86 -12.31 13.73
CA GLU A 122 -4.87 -11.37 14.20
C GLU A 122 -4.74 -10.03 13.47
N PRO A 123 -5.75 -9.65 12.67
CA PRO A 123 -5.73 -8.37 11.94
C PRO A 123 -5.69 -7.20 12.91
N VAL A 124 -5.92 -7.49 14.18
CA VAL A 124 -5.92 -6.48 15.23
C VAL A 124 -4.54 -5.85 15.36
N ASN A 125 -3.61 -6.59 15.93
CA ASN A 125 -2.26 -6.11 16.14
C ASN A 125 -1.47 -6.08 14.84
N ASP A 126 -2.15 -6.42 13.74
CA ASP A 126 -1.51 -6.43 12.43
C ASP A 126 -0.96 -5.06 12.09
N ARG A 127 0.36 -4.90 12.28
CA ARG A 127 1.03 -3.64 12.01
C ARG A 127 0.65 -3.06 10.65
N MET A 128 0.51 -3.93 9.65
CA MET A 128 0.13 -3.49 8.31
C MET A 128 -1.27 -2.91 8.32
N PHE A 129 -2.19 -3.63 8.93
CA PHE A 129 -3.58 -3.20 8.99
C PHE A 129 -3.71 -1.88 9.76
N ARG A 130 -2.85 -1.70 10.75
CA ARG A 130 -2.85 -0.48 11.54
C ARG A 130 -2.73 0.74 10.64
N LEU A 131 -1.87 0.62 9.63
CA LEU A 131 -1.67 1.68 8.67
C LEU A 131 -2.77 1.67 7.63
N LEU A 132 -3.01 0.49 7.08
CA LEU A 132 -4.04 0.28 6.07
C LEU A 132 -5.35 0.97 6.40
N SER A 133 -5.94 0.60 7.54
CA SER A 133 -7.20 1.18 7.97
C SER A 133 -7.04 2.63 8.41
N ALA A 134 -5.82 3.01 8.75
CA ALA A 134 -5.57 4.39 9.17
C ALA A 134 -5.58 5.33 7.97
N PHE A 135 -5.18 4.80 6.82
CA PHE A 135 -5.19 5.59 5.59
C PHE A 135 -6.60 5.57 5.02
N ILE A 136 -7.23 4.41 5.16
CA ILE A 136 -8.58 4.21 4.68
C ILE A 136 -9.54 5.09 5.51
N ALA A 137 -9.19 5.25 6.78
CA ALA A 137 -9.99 6.01 7.71
C ALA A 137 -9.65 7.50 7.70
N ASP A 138 -8.38 7.82 7.97
CA ASP A 138 -7.94 9.20 8.04
C ASP A 138 -7.37 9.70 6.72
N GLY A 139 -6.65 8.84 6.01
CA GLY A 139 -6.07 9.24 4.74
C GLY A 139 -4.75 9.97 4.90
N GLY A 140 -4.61 10.73 5.98
CA GLY A 140 -3.37 11.47 6.20
C GLY A 140 -3.29 12.14 7.55
N ARG A 141 -3.64 11.39 8.61
CA ARG A 141 -3.59 11.93 9.96
C ARG A 141 -2.60 11.16 10.82
N TYR A 142 -1.34 11.57 10.74
CA TYR A 142 -0.25 10.95 11.49
C TYR A 142 -0.53 10.98 12.99
N CYS A 143 0.21 10.16 13.72
CA CYS A 143 0.07 10.09 15.18
C CYS A 143 0.82 11.24 15.84
N LEU A 144 0.10 12.05 16.62
CA LEU A 144 0.69 13.18 17.31
C LEU A 144 1.84 12.76 18.21
N PRO A 145 2.77 13.69 18.49
CA PRO A 145 3.94 13.43 19.35
C PRO A 145 3.56 13.23 20.81
N GLU A 146 4.46 12.64 21.58
CA GLU A 146 4.24 12.39 22.99
C GLU A 146 5.29 13.12 23.84
N PRO A 147 4.88 14.17 24.59
CA PRO A 147 5.79 14.95 25.42
C PRO A 147 5.95 14.35 26.81
N LEU A 148 5.80 13.03 26.91
CA LEU A 148 5.94 12.34 28.19
C LEU A 148 7.38 11.92 28.42
N1 FMN B . 6.40 -0.70 -9.40
C2 FMN B . 6.57 -1.84 -8.65
O2 FMN B . 7.18 -2.81 -9.03
N3 FMN B . 6.01 -1.90 -7.32
C4 FMN B . 5.30 -0.90 -6.75
O4 FMN B . 4.85 -1.04 -5.59
C4A FMN B . 5.10 0.33 -7.54
N5 FMN B . 4.43 1.36 -7.05
C5A FMN B . 4.27 2.49 -7.83
C6 FMN B . 3.52 3.64 -7.31
C7 FMN B . 3.32 4.79 -8.02
C7M FMN B . 2.53 5.99 -7.43
C8 FMN B . 3.88 4.90 -9.39
C8M FMN B . 3.69 6.14 -10.23
C9 FMN B . 4.60 3.82 -9.92
C9A FMN B . 4.81 2.62 -9.19
N10 FMN B . 5.54 1.47 -9.67
C10 FMN B . 5.72 0.33 -8.91
C1' FMN B . 6.14 1.49 -11.03
C2' FMN B . 7.64 1.74 -10.96
O2' FMN B . 7.86 2.96 -10.26
C3' FMN B . 8.37 1.70 -12.29
O3' FMN B . 8.18 2.93 -12.96
C4' FMN B . 8.07 0.51 -13.18
O4' FMN B . 6.78 0.48 -13.78
C5' FMN B . 9.13 -0.46 -13.67
O5' FMN B . 10.42 -0.09 -13.16
P FMN B . 11.76 -0.45 -13.94
O1P FMN B . 11.74 -1.93 -14.21
O2P FMN B . 12.92 0.03 -13.12
O3P FMN B . 11.61 0.34 -15.30
HN3 FMN B . 6.07 -2.75 -6.84
H6 FMN B . 2.98 3.51 -6.38
HM71 FMN B . 2.62 5.98 -6.36
HM72 FMN B . 1.48 5.90 -7.71
HM73 FMN B . 2.92 6.91 -7.82
HM81 FMN B . 4.19 6.97 -9.75
HM82 FMN B . 4.11 5.98 -11.22
HM83 FMN B . 2.64 6.36 -10.32
H9 FMN B . 5.01 3.90 -10.91
H1'1 FMN B . 5.66 2.24 -11.63
H1'2 FMN B . 5.97 0.52 -11.48
H2' FMN B . 8.07 0.96 -10.35
HO2' FMN B . 7.77 2.82 -9.33
H3' FMN B . 9.43 1.64 -12.05
HO3' FMN B . 7.65 3.52 -12.40
H4' FMN B . 7.78 -0.13 -12.35
HO4' FMN B . 6.74 -0.24 -14.42
H5'1 FMN B . 9.15 -0.45 -14.74
H5'2 FMN B . 8.89 -1.46 -13.32
N GLY A 1 23.08 -18.31 8.86
CA GLY A 1 22.40 -17.14 8.24
C GLY A 1 20.96 -17.43 7.87
N GLU A 2 20.02 -16.76 8.55
CA GLU A 2 18.60 -16.95 8.28
C GLU A 2 17.96 -15.66 7.79
N PHE A 3 17.04 -15.80 6.84
CA PHE A 3 16.34 -14.65 6.28
C PHE A 3 14.88 -14.98 6.03
N MET A 4 13.98 -14.10 6.47
CA MET A 4 12.56 -14.32 6.30
C MET A 4 11.91 -13.19 5.52
N LEU A 5 10.63 -13.33 5.23
CA LEU A 5 9.87 -12.33 4.51
C LEU A 5 9.79 -11.05 5.32
N THR A 6 9.19 -10.03 4.72
CA THR A 6 9.06 -8.75 5.39
C THR A 6 7.90 -7.95 4.78
N THR A 7 7.33 -7.03 5.56
CA THR A 7 6.23 -6.22 5.09
C THR A 7 6.54 -4.73 5.23
N LEU A 8 7.04 -4.14 4.15
CA LEU A 8 7.34 -2.73 4.15
C LEU A 8 6.13 -1.97 3.65
N ILE A 9 5.76 -0.93 4.36
CA ILE A 9 4.62 -0.13 3.97
C ILE A 9 5.03 1.34 3.97
N TYR A 10 4.44 2.14 3.07
CA TYR A 10 4.79 3.55 3.00
C TYR A 10 3.62 4.37 2.48
N ARG A 11 3.77 5.68 2.54
CA ARG A 11 2.74 6.57 2.04
C ARG A 11 3.37 7.85 1.52
N SER A 12 2.92 8.25 0.34
CA SER A 12 3.42 9.46 -0.29
C SER A 12 2.24 10.32 -0.68
N GLN A 13 2.44 11.21 -1.63
CA GLN A 13 1.36 12.03 -2.10
C GLN A 13 1.28 12.02 -3.62
N VAL A 14 1.13 13.20 -4.16
CA VAL A 14 1.03 13.41 -5.60
C VAL A 14 1.09 14.91 -5.87
N HIS A 15 0.95 15.30 -7.13
CA HIS A 15 0.95 16.70 -7.49
C HIS A 15 -0.48 17.23 -7.54
N PRO A 16 -0.93 17.94 -6.49
CA PRO A 16 -2.30 18.50 -6.43
C PRO A 16 -2.64 19.36 -7.65
N ASP A 17 -1.62 19.71 -8.41
CA ASP A 17 -1.78 20.54 -9.59
C ASP A 17 -2.18 19.72 -10.82
N ARG A 18 -1.44 18.65 -11.09
CA ARG A 18 -1.71 17.80 -12.26
C ARG A 18 -3.05 17.06 -12.11
N PRO A 19 -3.56 16.43 -13.20
CA PRO A 19 -4.83 15.71 -13.18
C PRO A 19 -4.68 14.33 -12.52
N PRO A 20 -5.80 13.58 -12.41
CA PRO A 20 -5.79 12.25 -11.76
C PRO A 20 -4.69 11.33 -12.28
N VAL A 21 -4.36 10.31 -11.48
CA VAL A 21 -3.34 9.34 -11.82
C VAL A 21 -3.92 8.19 -12.63
N ASP A 22 -3.08 7.55 -13.43
CA ASP A 22 -3.50 6.41 -14.22
C ASP A 22 -3.42 5.15 -13.36
N LEU A 23 -4.17 5.20 -12.26
CA LEU A 23 -4.24 4.13 -11.27
C LEU A 23 -4.57 2.77 -11.87
N ASP A 24 -4.69 2.70 -13.17
CA ASP A 24 -4.94 1.45 -13.83
C ASP A 24 -3.64 0.96 -14.44
N ALA A 25 -2.96 1.91 -15.04
CA ALA A 25 -1.68 1.70 -15.69
C ALA A 25 -0.54 1.79 -14.67
N LEU A 26 -0.79 2.55 -13.62
CA LEU A 26 0.19 2.80 -12.57
C LEU A 26 0.46 1.53 -11.79
N VAL A 27 -0.60 0.79 -11.51
CA VAL A 27 -0.50 -0.45 -10.76
C VAL A 27 -0.16 -1.62 -11.69
N HIS A 28 -0.67 -1.56 -12.91
CA HIS A 28 -0.43 -2.61 -13.89
C HIS A 28 1.06 -2.88 -14.06
N ARG A 29 1.81 -1.86 -14.42
CA ARG A 29 3.25 -1.98 -14.62
C ARG A 29 3.95 -2.41 -13.33
N ALA A 30 3.31 -2.16 -12.19
CA ALA A 30 3.88 -2.51 -10.90
C ALA A 30 3.72 -4.00 -10.61
N SER A 31 2.48 -4.46 -10.59
CA SER A 31 2.19 -5.87 -10.33
C SER A 31 3.00 -6.78 -11.24
N SER A 32 3.29 -6.29 -12.45
CA SER A 32 4.06 -7.05 -13.42
C SER A 32 5.50 -7.23 -12.96
N LYS A 33 6.02 -6.24 -12.23
CA LYS A 33 7.38 -6.30 -11.72
C LYS A 33 7.46 -7.06 -10.40
N ASN A 34 6.52 -6.77 -9.50
CA ASN A 34 6.48 -7.40 -8.19
C ASN A 34 6.20 -8.89 -8.28
N LEU A 35 5.35 -9.29 -9.21
CA LEU A 35 4.98 -10.68 -9.38
C LEU A 35 6.22 -11.58 -9.50
N PRO A 36 7.06 -11.36 -10.53
CA PRO A 36 8.27 -12.15 -10.74
C PRO A 36 9.30 -11.93 -9.65
N LEU A 37 9.19 -10.77 -9.01
CA LEU A 37 10.09 -10.39 -7.93
C LEU A 37 9.75 -11.12 -6.64
N GLY A 38 8.52 -11.59 -6.57
CA GLY A 38 8.06 -12.30 -5.40
C GLY A 38 7.39 -11.37 -4.40
N ILE A 39 7.26 -10.12 -4.82
CA ILE A 39 6.65 -9.08 -3.99
C ILE A 39 5.14 -9.07 -4.16
N THR A 40 4.43 -8.76 -3.08
CA THR A 40 2.98 -8.69 -3.11
C THR A 40 2.50 -7.52 -2.27
N GLY A 41 1.32 -7.02 -2.58
CA GLY A 41 0.80 -5.90 -1.81
C GLY A 41 -0.39 -5.22 -2.46
N ILE A 42 -0.61 -3.97 -2.05
CA ILE A 42 -1.71 -3.18 -2.56
C ILE A 42 -1.38 -1.69 -2.48
N LEU A 43 -1.99 -0.91 -3.36
CA LEU A 43 -1.77 0.53 -3.38
C LEU A 43 -3.06 1.27 -3.08
N LEU A 44 -2.94 2.55 -2.73
CA LEU A 44 -4.09 3.36 -2.40
C LEU A 44 -3.94 4.79 -2.89
N PHE A 45 -5.08 5.41 -3.17
CA PHE A 45 -5.11 6.80 -3.61
C PHE A 45 -6.43 7.42 -3.15
N ASN A 46 -6.35 8.59 -2.55
CA ASN A 46 -7.54 9.26 -2.04
C ASN A 46 -7.75 10.59 -2.73
N GLY A 47 -6.92 10.85 -3.75
CA GLY A 47 -7.02 12.09 -4.48
C GLY A 47 -5.79 12.95 -4.33
N LEU A 48 -4.82 12.46 -3.56
CA LEU A 48 -3.60 13.20 -3.36
C LEU A 48 -2.50 12.35 -2.76
N GLN A 49 -2.86 11.38 -1.94
CA GLN A 49 -1.86 10.53 -1.30
C GLN A 49 -1.88 9.09 -1.78
N PHE A 50 -0.69 8.50 -1.88
CA PHE A 50 -0.55 7.10 -2.28
C PHE A 50 -0.07 6.24 -1.11
N PHE A 51 -0.91 5.31 -0.66
CA PHE A 51 -0.54 4.42 0.44
C PHE A 51 -0.25 3.04 -0.12
N GLN A 52 0.86 2.44 0.26
CA GLN A 52 1.19 1.13 -0.28
C GLN A 52 1.62 0.12 0.76
N VAL A 53 0.93 -1.02 0.72
CA VAL A 53 1.26 -2.14 1.58
C VAL A 53 2.13 -3.09 0.78
N LEU A 54 3.42 -3.09 1.06
CA LEU A 54 4.34 -3.93 0.32
C LEU A 54 4.82 -5.11 1.15
N GLU A 55 4.88 -6.28 0.51
CA GLU A 55 5.31 -7.51 1.16
C GLU A 55 6.46 -8.15 0.40
N GLY A 56 7.25 -8.96 1.09
CA GLY A 56 8.36 -9.62 0.43
C GLY A 56 9.65 -9.51 1.23
N THR A 57 10.71 -10.11 0.70
CA THR A 57 12.02 -10.07 1.36
C THR A 57 12.47 -8.64 1.59
N GLU A 58 13.06 -8.42 2.76
CA GLU A 58 13.53 -7.09 3.15
C GLU A 58 14.46 -6.50 2.09
N GLU A 59 15.08 -7.36 1.29
CA GLU A 59 15.99 -6.91 0.24
C GLU A 59 15.22 -6.31 -0.93
N ALA A 60 14.08 -6.90 -1.23
CA ALA A 60 13.23 -6.43 -2.31
C ALA A 60 12.45 -5.19 -1.90
N LEU A 61 11.99 -5.19 -0.64
CA LEU A 61 11.24 -4.06 -0.12
C LEU A 61 12.05 -2.78 -0.13
N GLU A 62 13.27 -2.85 0.37
CA GLU A 62 14.15 -1.68 0.41
C GLU A 62 14.37 -1.11 -0.98
N SER A 63 14.90 -1.94 -1.86
CA SER A 63 15.18 -1.54 -3.24
C SER A 63 13.94 -0.98 -3.94
N LEU A 64 12.84 -1.71 -3.85
CA LEU A 64 11.58 -1.32 -4.46
C LEU A 64 11.13 0.02 -3.90
N PHE A 65 10.87 0.02 -2.62
CA PHE A 65 10.47 1.21 -1.90
C PHE A 65 11.39 2.38 -2.25
N SER A 66 12.66 2.07 -2.50
CA SER A 66 13.63 3.10 -2.86
C SER A 66 13.35 3.60 -4.28
N GLU A 67 12.87 2.70 -5.13
CA GLU A 67 12.53 3.05 -6.49
C GLU A 67 11.35 4.01 -6.46
N ILE A 68 10.49 3.80 -5.46
CA ILE A 68 9.31 4.62 -5.28
C ILE A 68 9.68 6.07 -5.04
N GLN A 69 10.47 6.32 -4.01
CA GLN A 69 10.86 7.67 -3.68
C GLN A 69 11.61 8.34 -4.83
N SER A 70 11.98 7.54 -5.82
CA SER A 70 12.69 8.05 -6.99
C SER A 70 11.71 8.35 -8.13
N ASP A 71 10.42 8.32 -7.82
CA ASP A 71 9.38 8.58 -8.80
C ASP A 71 8.95 10.05 -8.75
N PRO A 72 8.58 10.64 -9.91
CA PRO A 72 8.16 12.04 -9.99
C PRO A 72 6.69 12.26 -9.64
N ARG A 73 5.84 11.30 -9.97
CA ARG A 73 4.41 11.42 -9.70
C ARG A 73 4.14 11.77 -8.24
N HIS A 74 4.09 10.76 -7.38
CA HIS A 74 3.83 11.00 -5.96
C HIS A 74 4.96 11.81 -5.35
N ARG A 75 4.90 12.01 -4.03
CA ARG A 75 5.91 12.79 -3.35
C ARG A 75 5.90 12.55 -1.85
N ASP A 76 6.94 13.03 -1.18
CA ASP A 76 7.06 12.91 0.26
C ASP A 76 6.81 11.51 0.78
N VAL A 77 7.15 10.51 -0.01
CA VAL A 77 6.97 9.13 0.42
C VAL A 77 7.79 8.87 1.68
N VAL A 78 7.18 8.16 2.61
CA VAL A 78 7.84 7.84 3.87
C VAL A 78 7.52 6.43 4.32
N GLU A 79 8.54 5.73 4.81
CA GLU A 79 8.38 4.35 5.27
C GLU A 79 7.45 4.30 6.48
N LEU A 80 6.27 3.75 6.25
CA LEU A 80 5.26 3.61 7.30
C LEU A 80 5.49 2.34 8.10
N MET A 81 6.04 1.34 7.41
CA MET A 81 6.30 0.05 8.03
C MET A 81 7.37 -0.73 7.31
N ARG A 82 7.76 -1.82 7.97
CA ARG A 82 8.75 -2.74 7.47
C ARG A 82 9.12 -3.71 8.58
N ASP A 83 8.41 -4.81 8.60
CA ASP A 83 8.59 -5.83 9.63
C ASP A 83 8.72 -7.22 9.03
N TYR A 84 9.51 -8.06 9.68
CA TYR A 84 9.71 -9.43 9.22
C TYR A 84 8.40 -10.20 9.19
N SER A 85 8.38 -11.31 8.49
CA SER A 85 7.19 -12.14 8.38
C SER A 85 7.52 -13.53 7.88
N ALA A 86 6.53 -14.42 7.93
CA ALA A 86 6.72 -15.79 7.50
C ALA A 86 5.60 -16.23 6.56
N TYR A 87 4.76 -15.29 6.18
CA TYR A 87 3.64 -15.57 5.30
C TYR A 87 3.23 -14.35 4.50
N ARG A 88 2.55 -14.59 3.38
CA ARG A 88 2.10 -13.50 2.51
C ARG A 88 0.59 -13.35 2.57
N ARG A 89 0.13 -12.12 2.80
CA ARG A 89 -1.30 -11.84 2.89
C ARG A 89 -1.93 -11.80 1.50
N PHE A 90 -1.18 -11.26 0.53
CA PHE A 90 -1.66 -11.18 -0.84
C PHE A 90 -0.92 -12.21 -1.69
N HIS A 91 -1.68 -13.09 -2.34
CA HIS A 91 -1.07 -14.13 -3.17
C HIS A 91 -1.31 -13.87 -4.66
N GLY A 92 -2.54 -14.04 -5.10
CA GLY A 92 -2.87 -13.83 -6.49
C GLY A 92 -3.01 -12.35 -6.85
N THR A 93 -2.22 -11.52 -6.21
CA THR A 93 -2.26 -10.09 -6.47
C THR A 93 -0.95 -9.42 -6.07
N GLY A 94 -0.01 -9.33 -7.02
CA GLY A 94 1.27 -8.72 -6.75
C GLY A 94 1.14 -7.28 -6.30
N MET A 95 0.27 -6.53 -7.00
CA MET A 95 0.03 -5.13 -6.68
C MET A 95 -1.35 -4.71 -7.19
N ARG A 96 -2.09 -3.96 -6.39
CA ARG A 96 -3.42 -3.52 -6.78
C ARG A 96 -3.81 -2.22 -6.09
N ILE A 97 -3.77 -1.12 -6.83
CA ILE A 97 -4.13 0.18 -6.28
C ILE A 97 -5.59 0.19 -5.83
N LEU A 98 -5.92 1.15 -4.98
CA LEU A 98 -7.26 1.29 -4.47
C LEU A 98 -7.75 2.73 -4.55
N ASP A 99 -8.33 3.10 -5.69
CA ASP A 99 -8.86 4.44 -5.86
C ASP A 99 -9.94 4.68 -4.82
N LEU A 100 -9.52 5.14 -3.65
CA LEU A 100 -10.44 5.39 -2.55
C LEU A 100 -11.55 6.35 -2.95
N ARG A 101 -11.28 7.17 -3.97
CA ARG A 101 -12.28 8.11 -4.44
C ARG A 101 -13.53 7.36 -4.89
N LEU A 102 -13.39 6.05 -5.04
CA LEU A 102 -14.49 5.20 -5.44
C LEU A 102 -15.23 4.63 -4.24
N PHE A 103 -14.47 4.18 -3.24
CA PHE A 103 -15.07 3.59 -2.04
C PHE A 103 -15.00 4.56 -0.85
N GLU A 104 -14.98 3.98 0.35
CA GLU A 104 -14.92 4.75 1.57
C GLU A 104 -14.05 4.04 2.58
N THR A 105 -14.24 4.37 3.85
CA THR A 105 -13.47 3.73 4.91
C THR A 105 -13.76 2.24 4.98
N ASP A 106 -15.02 1.89 5.19
CA ASP A 106 -15.43 0.49 5.27
C ASP A 106 -15.52 -0.12 3.88
N GLY A 107 -15.74 0.73 2.89
CA GLY A 107 -15.84 0.25 1.51
C GLY A 107 -14.51 -0.18 0.96
N ALA A 108 -13.52 0.68 1.10
CA ALA A 108 -12.17 0.41 0.61
C ALA A 108 -11.54 -0.75 1.38
N LEU A 109 -11.60 -0.68 2.71
CA LEU A 109 -11.06 -1.74 3.53
C LEU A 109 -11.65 -3.06 3.09
N GLU A 110 -12.95 -3.03 2.80
CA GLU A 110 -13.66 -4.21 2.33
C GLU A 110 -13.04 -4.72 1.04
N GLU A 111 -12.64 -3.79 0.18
CA GLU A 111 -12.01 -4.13 -1.10
C GLU A 111 -10.85 -5.08 -0.85
N ILE A 112 -9.90 -4.63 -0.05
CA ILE A 112 -8.73 -5.43 0.30
C ILE A 112 -9.17 -6.83 0.68
N LEU A 113 -10.06 -6.93 1.66
CA LEU A 113 -10.56 -8.20 2.13
C LEU A 113 -11.09 -9.05 0.99
N ARG A 114 -11.79 -8.41 0.06
CA ARG A 114 -12.36 -9.10 -1.10
C ARG A 114 -11.30 -9.83 -1.91
N PHE A 115 -10.10 -9.26 -2.01
CA PHE A 115 -9.03 -9.89 -2.77
C PHE A 115 -7.79 -10.14 -1.92
N SER A 116 -8.02 -10.35 -0.64
CA SER A 116 -6.93 -10.59 0.28
C SER A 116 -7.18 -11.86 1.08
N THR A 117 -6.14 -12.32 1.77
CA THR A 117 -6.24 -13.51 2.59
C THR A 117 -5.62 -13.26 3.95
N PHE A 118 -6.10 -12.20 4.59
CA PHE A 118 -5.64 -11.79 5.90
C PHE A 118 -6.15 -12.71 7.01
N GLY A 119 -6.07 -14.01 6.76
CA GLY A 119 -6.52 -14.98 7.75
C GLY A 119 -5.61 -15.08 8.95
N VAL A 120 -4.87 -14.01 9.22
CA VAL A 120 -3.96 -13.97 10.36
C VAL A 120 -4.71 -14.16 11.67
N THR A 121 -3.98 -14.10 12.78
CA THR A 121 -4.57 -14.26 14.09
C THR A 121 -5.63 -13.18 14.32
N GLU A 122 -5.19 -11.93 14.29
CA GLU A 122 -6.08 -10.79 14.50
C GLU A 122 -5.53 -9.55 13.82
N PRO A 123 -6.27 -8.97 12.85
CA PRO A 123 -5.84 -7.75 12.16
C PRO A 123 -5.63 -6.62 13.16
N VAL A 124 -6.09 -6.85 14.37
CA VAL A 124 -5.99 -5.89 15.47
C VAL A 124 -4.56 -5.38 15.62
N ASN A 125 -3.68 -6.25 16.12
CA ASN A 125 -2.29 -5.90 16.36
C ASN A 125 -1.47 -5.97 15.08
N ASP A 126 -2.14 -6.08 13.93
CA ASP A 126 -1.46 -6.15 12.65
C ASP A 126 -0.92 -4.77 12.27
N ARG A 127 0.37 -4.56 12.52
CA ARG A 127 1.01 -3.29 12.23
C ARG A 127 0.68 -2.79 10.82
N MET A 128 0.54 -3.73 9.88
CA MET A 128 0.21 -3.37 8.51
C MET A 128 -1.19 -2.77 8.45
N PHE A 129 -2.17 -3.51 8.97
CA PHE A 129 -3.55 -3.08 8.98
C PHE A 129 -3.70 -1.75 9.70
N ARG A 130 -2.81 -1.48 10.66
CA ARG A 130 -2.84 -0.24 11.41
C ARG A 130 -2.73 0.94 10.44
N LEU A 131 -1.86 0.78 9.45
CA LEU A 131 -1.64 1.79 8.43
C LEU A 131 -2.73 1.73 7.38
N LEU A 132 -2.95 0.52 6.88
CA LEU A 132 -3.95 0.26 5.86
C LEU A 132 -5.28 0.92 6.20
N SER A 133 -5.80 0.62 7.39
CA SER A 133 -7.06 1.18 7.84
C SER A 133 -6.92 2.65 8.22
N ALA A 134 -5.70 3.08 8.47
CA ALA A 134 -5.45 4.47 8.82
C ALA A 134 -5.58 5.36 7.59
N PHE A 135 -5.24 4.81 6.44
CA PHE A 135 -5.36 5.54 5.18
C PHE A 135 -6.78 5.42 4.67
N ILE A 136 -7.39 4.28 4.99
CA ILE A 136 -8.76 4.02 4.60
C ILE A 136 -9.70 4.88 5.44
N ALA A 137 -9.28 5.11 6.68
CA ALA A 137 -10.03 5.90 7.64
C ALA A 137 -9.71 7.39 7.55
N ASP A 138 -8.43 7.71 7.73
CA ASP A 138 -7.98 9.09 7.72
C ASP A 138 -7.33 9.51 6.40
N GLY A 139 -6.86 8.53 5.63
CA GLY A 139 -6.22 8.86 4.36
C GLY A 139 -7.09 9.74 3.50
N GLY A 140 -8.38 9.44 3.47
CA GLY A 140 -9.32 10.23 2.69
C GLY A 140 -10.08 11.22 3.55
N ARG A 141 -9.33 12.12 4.19
CA ARG A 141 -9.93 13.12 5.06
C ARG A 141 -10.07 14.46 4.34
N TYR A 142 -11.23 14.64 3.73
CA TYR A 142 -11.55 15.85 3.00
C TYR A 142 -11.09 17.09 3.76
N CYS A 143 -10.74 18.13 3.03
CA CYS A 143 -10.29 19.38 3.62
C CYS A 143 -11.26 20.53 3.32
N LEU A 144 -12.53 20.20 3.22
CA LEU A 144 -13.57 21.19 2.95
C LEU A 144 -13.58 22.31 3.98
N PRO A 145 -13.71 21.98 5.29
CA PRO A 145 -13.73 23.01 6.34
C PRO A 145 -12.34 23.60 6.60
N GLU A 146 -12.26 24.45 7.62
CA GLU A 146 -11.00 25.10 7.97
C GLU A 146 -9.90 24.07 8.21
N PRO A 147 -8.65 24.39 7.82
CA PRO A 147 -7.51 23.49 8.01
C PRO A 147 -7.00 23.47 9.44
N LEU A 148 -6.25 22.43 9.79
CA LEU A 148 -5.71 22.30 11.14
C LEU A 148 -4.74 23.44 11.45
N1 FMN B . 6.82 -0.32 -9.37
C2 FMN B . 6.88 -1.53 -8.73
O2 FMN B . 7.54 -2.46 -9.11
N3 FMN B . 6.13 -1.73 -7.51
C4 FMN B . 5.33 -0.78 -6.95
O4 FMN B . 4.71 -1.03 -5.91
C4A FMN B . 5.25 0.51 -7.65
N5 FMN B . 4.50 1.50 -7.16
C5A FMN B . 4.44 2.70 -7.83
C6 FMN B . 3.60 3.79 -7.32
C7 FMN B . 3.51 5.02 -7.93
C7M FMN B . 2.62 6.14 -7.36
C8 FMN B . 4.27 5.26 -9.19
C8M FMN B . 4.21 6.58 -9.92
C9 FMN B . 5.07 4.23 -9.70
C9A FMN B . 5.19 2.96 -9.08
N10 FMN B . 5.99 1.89 -9.55
C10 FMN B . 6.06 0.66 -8.89
C1' FMN B . 6.79 2.03 -10.79
C2' FMN B . 5.95 1.75 -12.04
O2' FMN B . 5.29 0.50 -11.89
C3' FMN B . 6.70 1.86 -13.35
O3' FMN B . 7.72 0.87 -13.38
C4' FMN B . 7.22 3.24 -13.72
O4' FMN B . 8.12 3.83 -12.78
C5' FMN B . 7.08 3.85 -15.09
O5' FMN B . 6.39 2.95 -15.97
P FMN B . 7.09 2.34 -17.26
O1P FMN B . 6.06 1.54 -18.01
O2P FMN B . 8.29 1.54 -16.82
O3P FMN B . 7.48 3.62 -18.09
HN3 FMN B . 6.10 -2.62 -7.12
H6 FMN B . 2.97 3.59 -6.48
HM71 FMN B . 2.56 6.04 -6.29
HM72 FMN B . 1.62 6.07 -7.79
HM73 FMN B . 3.05 7.11 -7.60
HM81 FMN B . 4.35 7.39 -9.21
HM82 FMN B . 4.97 6.63 -10.67
HM83 FMN B . 3.23 6.69 -10.38
H9 FMN B . 5.66 4.43 -10.59
H1'1 FMN B . 7.61 1.33 -10.75
H1'2 FMN B . 7.18 3.03 -10.83
H2' FMN B . 5.19 2.51 -12.07
HO2' FMN B . 5.89 -0.21 -12.10
H3' FMN B . 5.99 1.59 -14.13
HO3' FMN B . 8.58 1.29 -13.28
H4' FMN B . 6.35 3.74 -13.32
HO4' FMN B . 9.00 3.85 -13.16
H5'1 FMN B . 8.06 4.06 -15.49
H5'2 FMN B . 6.51 4.77 -15.02
N GLY A 1 21.24 -16.27 2.88
CA GLY A 1 19.99 -16.89 2.37
C GLY A 1 19.17 -17.55 3.46
N GLU A 2 18.77 -16.77 4.45
CA GLU A 2 17.98 -17.30 5.57
C GLU A 2 17.08 -16.22 6.15
N PHE A 3 17.04 -15.10 5.46
CA PHE A 3 16.24 -13.97 5.87
C PHE A 3 14.75 -14.27 5.70
N MET A 4 13.95 -13.86 6.67
CA MET A 4 12.52 -14.08 6.63
C MET A 4 11.84 -12.99 5.80
N LEU A 5 10.57 -13.21 5.48
CA LEU A 5 9.81 -12.24 4.72
C LEU A 5 9.68 -10.94 5.50
N THR A 6 9.11 -9.94 4.86
CA THR A 6 8.95 -8.64 5.49
C THR A 6 7.82 -7.84 4.84
N THR A 7 7.24 -6.92 5.59
CA THR A 7 6.15 -6.09 5.09
C THR A 7 6.49 -4.62 5.24
N LEU A 8 6.97 -3.99 4.16
CA LEU A 8 7.30 -2.60 4.20
C LEU A 8 6.11 -1.79 3.71
N ILE A 9 5.75 -0.79 4.46
CA ILE A 9 4.65 0.06 4.10
C ILE A 9 5.08 1.51 4.05
N TYR A 10 4.42 2.31 3.23
CA TYR A 10 4.75 3.73 3.09
C TYR A 10 3.57 4.51 2.55
N ARG A 11 3.70 5.82 2.58
CA ARG A 11 2.66 6.69 2.05
C ARG A 11 3.27 7.98 1.50
N SER A 12 2.83 8.34 0.31
CA SER A 12 3.32 9.54 -0.35
C SER A 12 2.18 10.47 -0.66
N GLN A 13 2.38 11.35 -1.62
CA GLN A 13 1.36 12.27 -2.02
C GLN A 13 1.12 12.18 -3.53
N VAL A 14 1.01 13.34 -4.15
CA VAL A 14 0.78 13.44 -5.58
C VAL A 14 0.89 14.89 -6.01
N HIS A 15 0.64 15.17 -7.27
CA HIS A 15 0.69 16.52 -7.79
C HIS A 15 -0.70 17.15 -7.83
N PRO A 16 -1.09 17.87 -6.76
CA PRO A 16 -2.40 18.52 -6.69
C PRO A 16 -2.66 19.45 -7.87
N ASP A 17 -1.58 19.79 -8.55
CA ASP A 17 -1.65 20.68 -9.71
C ASP A 17 -1.84 19.87 -11.00
N ARG A 18 -1.34 18.65 -11.01
CA ARG A 18 -1.47 17.78 -12.19
C ARG A 18 -2.80 17.04 -12.18
N PRO A 19 -3.14 16.32 -13.28
CA PRO A 19 -4.40 15.58 -13.37
C PRO A 19 -4.34 14.23 -12.64
N PRO A 20 -5.45 13.47 -12.62
CA PRO A 20 -5.52 12.17 -11.93
C PRO A 20 -4.42 11.20 -12.39
N VAL A 21 -4.20 10.17 -11.59
CA VAL A 21 -3.18 9.16 -11.88
C VAL A 21 -3.78 7.99 -12.66
N ASP A 22 -2.94 7.35 -13.46
CA ASP A 22 -3.36 6.19 -14.22
C ASP A 22 -3.31 4.95 -13.34
N LEU A 23 -4.08 5.01 -12.26
CA LEU A 23 -4.18 3.95 -11.27
C LEU A 23 -4.50 2.59 -11.86
N ASP A 24 -4.58 2.51 -13.17
CA ASP A 24 -4.83 1.27 -13.84
C ASP A 24 -3.51 0.76 -14.39
N ALA A 25 -2.81 1.71 -15.00
CA ALA A 25 -1.52 1.47 -15.60
C ALA A 25 -0.40 1.56 -14.56
N LEU A 26 -0.65 2.35 -13.54
CA LEU A 26 0.29 2.60 -12.46
C LEU A 26 0.53 1.32 -11.67
N VAL A 27 -0.54 0.61 -11.40
CA VAL A 27 -0.48 -0.63 -10.66
C VAL A 27 -0.16 -1.82 -11.56
N HIS A 28 -0.59 -1.72 -12.82
CA HIS A 28 -0.36 -2.79 -13.79
C HIS A 28 1.12 -3.12 -13.89
N ARG A 29 1.93 -2.12 -14.23
CA ARG A 29 3.37 -2.29 -14.38
C ARG A 29 4.00 -2.72 -13.06
N ALA A 30 3.33 -2.43 -11.97
CA ALA A 30 3.86 -2.79 -10.65
C ALA A 30 3.65 -4.27 -10.35
N SER A 31 2.39 -4.70 -10.32
CA SER A 31 2.06 -6.09 -10.04
C SER A 31 2.82 -7.03 -10.96
N SER A 32 3.17 -6.55 -12.15
CA SER A 32 3.90 -7.35 -13.12
C SER A 32 5.37 -7.51 -12.71
N LYS A 33 5.90 -6.52 -12.00
CA LYS A 33 7.28 -6.56 -11.54
C LYS A 33 7.41 -7.29 -10.22
N ASN A 34 6.54 -6.96 -9.28
CA ASN A 34 6.57 -7.57 -7.94
C ASN A 34 6.26 -9.06 -7.99
N LEU A 35 5.34 -9.46 -8.87
CA LEU A 35 4.96 -10.86 -8.98
C LEU A 35 6.17 -11.78 -9.12
N PRO A 36 6.97 -11.60 -10.19
CA PRO A 36 8.15 -12.42 -10.43
C PRO A 36 9.24 -12.16 -9.39
N LEU A 37 9.21 -10.98 -8.82
CA LEU A 37 10.17 -10.56 -7.81
C LEU A 37 9.91 -11.25 -6.48
N GLY A 38 8.68 -11.68 -6.29
CA GLY A 38 8.29 -12.35 -5.06
C GLY A 38 7.64 -11.39 -4.09
N ILE A 39 7.45 -10.16 -4.56
CA ILE A 39 6.83 -9.11 -3.75
C ILE A 39 5.31 -9.13 -3.91
N THR A 40 4.63 -8.70 -2.86
CA THR A 40 3.17 -8.65 -2.88
C THR A 40 2.68 -7.43 -2.12
N GLY A 41 1.45 -7.01 -2.39
CA GLY A 41 0.93 -5.86 -1.70
C GLY A 41 -0.27 -5.22 -2.34
N ILE A 42 -0.53 -3.98 -1.92
CA ILE A 42 -1.66 -3.21 -2.42
C ILE A 42 -1.36 -1.71 -2.37
N LEU A 43 -1.98 -0.97 -3.27
CA LEU A 43 -1.79 0.47 -3.32
C LEU A 43 -3.09 1.20 -3.04
N LEU A 44 -2.98 2.48 -2.71
CA LEU A 44 -4.15 3.29 -2.41
C LEU A 44 -3.99 4.71 -2.93
N PHE A 45 -5.12 5.36 -3.17
CA PHE A 45 -5.14 6.73 -3.63
C PHE A 45 -6.40 7.43 -3.13
N ASN A 46 -6.24 8.63 -2.58
CA ASN A 46 -7.38 9.36 -2.05
C ASN A 46 -7.53 10.69 -2.77
N GLY A 47 -6.81 10.83 -3.87
CA GLY A 47 -6.87 12.04 -4.63
C GLY A 47 -5.72 12.99 -4.30
N LEU A 48 -4.88 12.57 -3.37
CA LEU A 48 -3.75 13.39 -2.96
C LEU A 48 -2.56 12.53 -2.55
N GLN A 49 -2.82 11.41 -1.87
CA GLN A 49 -1.74 10.55 -1.40
C GLN A 49 -1.79 9.14 -1.99
N PHE A 50 -0.68 8.42 -1.81
CA PHE A 50 -0.55 7.04 -2.28
C PHE A 50 -0.06 6.16 -1.14
N PHE A 51 -0.93 5.30 -0.65
CA PHE A 51 -0.55 4.39 0.42
C PHE A 51 -0.20 3.03 -0.16
N GLN A 52 0.85 2.39 0.34
CA GLN A 52 1.23 1.11 -0.22
C GLN A 52 1.66 0.10 0.83
N VAL A 53 0.98 -1.04 0.81
CA VAL A 53 1.31 -2.13 1.70
C VAL A 53 2.19 -3.11 0.93
N LEU A 54 3.48 -3.06 1.16
CA LEU A 54 4.40 -3.94 0.45
C LEU A 54 4.83 -5.10 1.32
N GLU A 55 4.98 -6.26 0.69
CA GLU A 55 5.41 -7.47 1.38
C GLU A 55 6.52 -8.16 0.59
N GLY A 56 7.29 -8.99 1.27
CA GLY A 56 8.38 -9.69 0.61
C GLY A 56 9.68 -9.54 1.37
N THR A 57 10.76 -10.08 0.83
CA THR A 57 12.06 -10.00 1.48
C THR A 57 12.48 -8.55 1.69
N GLU A 58 13.07 -8.28 2.85
CA GLU A 58 13.50 -6.94 3.21
C GLU A 58 14.40 -6.33 2.14
N GLU A 59 15.09 -7.18 1.39
CA GLU A 59 15.97 -6.71 0.32
C GLU A 59 15.17 -6.18 -0.85
N ALA A 60 14.03 -6.80 -1.10
CA ALA A 60 13.15 -6.39 -2.18
C ALA A 60 12.38 -5.14 -1.80
N LEU A 61 11.93 -5.09 -0.55
CA LEU A 61 11.16 -3.94 -0.06
C LEU A 61 12.00 -2.67 -0.09
N GLU A 62 13.24 -2.77 0.37
CA GLU A 62 14.14 -1.62 0.40
C GLU A 62 14.34 -1.04 -0.99
N SER A 63 14.86 -1.86 -1.89
CA SER A 63 15.13 -1.45 -3.26
C SER A 63 13.87 -0.89 -3.94
N LEU A 64 12.78 -1.61 -3.80
CA LEU A 64 11.51 -1.22 -4.40
C LEU A 64 11.09 0.12 -3.86
N PHE A 65 10.84 0.14 -2.56
CA PHE A 65 10.45 1.34 -1.85
C PHE A 65 11.37 2.51 -2.21
N SER A 66 12.64 2.21 -2.49
CA SER A 66 13.60 3.23 -2.86
C SER A 66 13.32 3.71 -4.28
N GLU A 67 12.79 2.82 -5.10
CA GLU A 67 12.45 3.17 -6.47
C GLU A 67 11.23 4.08 -6.46
N ILE A 68 10.40 3.87 -5.44
CA ILE A 68 9.19 4.63 -5.24
C ILE A 68 9.49 6.10 -4.98
N GLN A 69 10.35 6.38 -4.00
CA GLN A 69 10.67 7.76 -3.67
C GLN A 69 11.34 8.46 -4.85
N SER A 70 11.71 7.69 -5.87
CA SER A 70 12.35 8.24 -7.05
C SER A 70 11.36 8.32 -8.21
N ASP A 71 10.07 8.16 -7.88
CA ASP A 71 9.02 8.21 -8.88
C ASP A 71 8.64 9.66 -9.21
N PRO A 72 8.28 9.94 -10.48
CA PRO A 72 7.89 11.27 -10.92
C PRO A 72 6.39 11.55 -10.81
N ARG A 73 5.71 10.88 -9.88
CA ARG A 73 4.28 11.08 -9.70
C ARG A 73 3.99 11.66 -8.32
N HIS A 74 4.10 10.81 -7.29
CA HIS A 74 3.85 11.26 -5.92
C HIS A 74 5.00 12.18 -5.48
N ARG A 75 5.26 12.27 -4.18
CA ARG A 75 6.33 13.14 -3.72
C ARG A 75 6.78 12.85 -2.28
N ASP A 76 5.87 12.98 -1.34
CA ASP A 76 6.18 12.81 0.08
C ASP A 76 6.06 11.39 0.58
N VAL A 77 6.69 10.46 -0.11
CA VAL A 77 6.67 9.07 0.32
C VAL A 77 7.49 8.92 1.60
N VAL A 78 6.91 8.23 2.56
CA VAL A 78 7.57 8.01 3.85
C VAL A 78 7.32 6.59 4.34
N GLU A 79 8.37 5.93 4.81
CA GLU A 79 8.24 4.56 5.30
C GLU A 79 7.33 4.51 6.52
N LEU A 80 6.16 3.92 6.34
CA LEU A 80 5.19 3.79 7.41
C LEU A 80 5.44 2.54 8.21
N MET A 81 5.81 1.47 7.51
CA MET A 81 6.06 0.20 8.16
C MET A 81 7.17 -0.58 7.50
N ARG A 82 7.58 -1.63 8.17
CA ARG A 82 8.62 -2.54 7.72
C ARG A 82 8.91 -3.53 8.82
N ASP A 83 8.25 -4.67 8.72
CA ASP A 83 8.38 -5.72 9.73
C ASP A 83 8.54 -7.10 9.11
N TYR A 84 9.31 -7.94 9.79
CA TYR A 84 9.55 -9.29 9.30
C TYR A 84 8.25 -10.08 9.21
N SER A 85 8.31 -11.24 8.56
CA SER A 85 7.13 -12.08 8.38
C SER A 85 7.52 -13.44 7.85
N ALA A 86 6.53 -14.32 7.70
CA ALA A 86 6.78 -15.67 7.21
C ALA A 86 5.71 -16.11 6.22
N TYR A 87 4.87 -15.18 5.80
CA TYR A 87 3.80 -15.49 4.87
C TYR A 87 3.38 -14.26 4.06
N ARG A 88 2.81 -14.51 2.89
CA ARG A 88 2.35 -13.44 2.01
C ARG A 88 0.83 -13.37 2.00
N ARG A 89 0.30 -12.22 2.42
CA ARG A 89 -1.15 -12.02 2.47
C ARG A 89 -1.73 -11.97 1.06
N PHE A 90 -1.23 -11.06 0.24
CA PHE A 90 -1.73 -10.90 -1.13
C PHE A 90 -0.98 -11.83 -2.09
N HIS A 91 -0.78 -13.07 -1.66
CA HIS A 91 -0.08 -14.07 -2.48
C HIS A 91 -0.77 -14.26 -3.83
N GLY A 92 -1.98 -13.72 -3.96
CA GLY A 92 -2.72 -13.85 -5.19
C GLY A 92 -2.61 -12.60 -6.06
N THR A 93 -2.29 -11.47 -5.44
CA THR A 93 -2.15 -10.21 -6.15
C THR A 93 -0.87 -9.50 -5.76
N GLY A 94 0.07 -9.39 -6.71
CA GLY A 94 1.34 -8.74 -6.45
C GLY A 94 1.17 -7.28 -6.08
N MET A 95 0.26 -6.60 -6.76
CA MET A 95 -0.01 -5.18 -6.51
C MET A 95 -1.38 -4.80 -7.04
N ARG A 96 -2.14 -4.04 -6.25
CA ARG A 96 -3.48 -3.62 -6.67
C ARG A 96 -3.87 -2.32 -5.98
N ILE A 97 -3.85 -1.22 -6.74
CA ILE A 97 -4.21 0.08 -6.20
C ILE A 97 -5.67 0.12 -5.74
N LEU A 98 -5.96 1.09 -4.89
CA LEU A 98 -7.30 1.27 -4.37
C LEU A 98 -7.72 2.73 -4.42
N ASP A 99 -8.35 3.13 -5.51
CA ASP A 99 -8.83 4.50 -5.64
C ASP A 99 -9.89 4.76 -4.58
N LEU A 100 -9.45 5.18 -3.41
CA LEU A 100 -10.36 5.45 -2.31
C LEU A 100 -11.41 6.48 -2.73
N ARG A 101 -11.08 7.28 -3.73
CA ARG A 101 -12.01 8.29 -4.23
C ARG A 101 -13.31 7.62 -4.65
N LEU A 102 -13.25 6.30 -4.80
CA LEU A 102 -14.41 5.51 -5.20
C LEU A 102 -15.16 5.00 -3.97
N PHE A 103 -14.41 4.49 -3.00
CA PHE A 103 -15.01 3.94 -1.79
C PHE A 103 -14.93 4.94 -0.63
N GLU A 104 -14.84 4.40 0.58
CA GLU A 104 -14.75 5.20 1.78
C GLU A 104 -13.92 4.47 2.82
N THR A 105 -14.08 4.84 4.08
CA THR A 105 -13.32 4.19 5.14
C THR A 105 -13.68 2.71 5.23
N ASP A 106 -14.95 2.42 5.46
CA ASP A 106 -15.42 1.04 5.56
C ASP A 106 -15.56 0.40 4.19
N GLY A 107 -15.71 1.24 3.18
CA GLY A 107 -15.84 0.76 1.82
C GLY A 107 -14.51 0.28 1.26
N ALA A 108 -13.51 1.14 1.31
CA ALA A 108 -12.18 0.82 0.81
C ALA A 108 -11.59 -0.35 1.60
N LEU A 109 -11.62 -0.25 2.92
CA LEU A 109 -11.10 -1.31 3.77
C LEU A 109 -11.72 -2.64 3.36
N GLU A 110 -13.03 -2.64 3.22
CA GLU A 110 -13.76 -3.84 2.81
C GLU A 110 -13.25 -4.34 1.48
N GLU A 111 -12.85 -3.42 0.59
CA GLU A 111 -12.32 -3.81 -0.71
C GLU A 111 -11.20 -4.80 -0.50
N ILE A 112 -10.23 -4.39 0.29
CA ILE A 112 -9.10 -5.24 0.64
C ILE A 112 -9.61 -6.61 1.07
N LEU A 113 -10.67 -6.62 1.88
CA LEU A 113 -11.28 -7.86 2.34
C LEU A 113 -11.93 -8.63 1.19
N ARG A 114 -12.38 -7.92 0.15
CA ARG A 114 -12.97 -8.60 -1.00
C ARG A 114 -11.96 -9.60 -1.52
N PHE A 115 -10.73 -9.13 -1.67
CA PHE A 115 -9.62 -9.98 -2.08
C PHE A 115 -8.75 -10.21 -0.86
N SER A 116 -9.42 -10.30 0.26
CA SER A 116 -8.80 -10.49 1.58
C SER A 116 -7.58 -11.39 1.55
N THR A 117 -7.81 -12.69 1.61
CA THR A 117 -6.72 -13.65 1.64
C THR A 117 -5.83 -13.36 2.84
N PHE A 118 -6.41 -12.68 3.82
CA PHE A 118 -5.71 -12.31 5.05
C PHE A 118 -5.17 -13.55 5.76
N GLY A 119 -3.93 -13.90 5.48
CA GLY A 119 -3.32 -15.05 6.09
C GLY A 119 -2.76 -14.76 7.46
N VAL A 120 -3.04 -13.57 7.97
CA VAL A 120 -2.57 -13.16 9.27
C VAL A 120 -3.39 -13.80 10.38
N THR A 121 -2.95 -13.63 11.62
CA THR A 121 -3.66 -14.18 12.76
C THR A 121 -5.04 -13.56 12.88
N GLU A 122 -5.06 -12.24 13.03
CA GLU A 122 -6.31 -11.49 13.14
C GLU A 122 -6.09 -10.05 12.67
N PRO A 123 -7.06 -9.49 11.94
CA PRO A 123 -6.95 -8.11 11.42
C PRO A 123 -6.78 -7.08 12.53
N VAL A 124 -6.97 -7.53 13.78
CA VAL A 124 -6.85 -6.65 14.93
C VAL A 124 -5.42 -6.13 15.10
N ASN A 125 -4.56 -6.97 15.68
CA ASN A 125 -3.18 -6.61 15.93
C ASN A 125 -2.32 -6.79 14.68
N ASP A 126 -2.87 -6.47 13.52
CA ASP A 126 -2.13 -6.61 12.27
C ASP A 126 -1.32 -5.35 11.97
N ARG A 127 0.00 -5.47 12.07
CA ARG A 127 0.92 -4.36 11.83
C ARG A 127 0.61 -3.63 10.53
N MET A 128 0.38 -4.38 9.45
CA MET A 128 0.07 -3.78 8.16
C MET A 128 -1.23 -3.01 8.22
N PHE A 129 -2.24 -3.65 8.79
CA PHE A 129 -3.56 -3.06 8.91
C PHE A 129 -3.50 -1.75 9.70
N ARG A 130 -2.49 -1.62 10.55
CA ARG A 130 -2.30 -0.41 11.33
C ARG A 130 -2.27 0.80 10.41
N LEU A 131 -1.46 0.71 9.37
CA LEU A 131 -1.34 1.79 8.40
C LEU A 131 -2.50 1.74 7.41
N LEU A 132 -2.77 0.54 6.92
CA LEU A 132 -3.83 0.31 5.94
C LEU A 132 -5.12 1.01 6.33
N SER A 133 -5.63 0.65 7.50
CA SER A 133 -6.88 1.22 8.01
C SER A 133 -6.71 2.67 8.41
N ALA A 134 -5.48 3.09 8.67
CA ALA A 134 -5.20 4.46 9.04
C ALA A 134 -5.31 5.39 7.84
N PHE A 135 -5.03 4.85 6.66
CA PHE A 135 -5.14 5.61 5.43
C PHE A 135 -6.56 5.59 4.94
N ILE A 136 -7.22 4.47 5.18
CA ILE A 136 -8.61 4.27 4.82
C ILE A 136 -9.49 5.13 5.72
N ALA A 137 -9.02 5.29 6.94
CA ALA A 137 -9.73 6.06 7.96
C ALA A 137 -9.39 7.55 7.91
N ASP A 138 -8.12 7.86 8.04
CA ASP A 138 -7.66 9.24 8.06
C ASP A 138 -7.11 9.69 6.72
N GLY A 139 -6.54 8.77 5.96
CA GLY A 139 -5.97 9.13 4.67
C GLY A 139 -5.04 10.32 4.76
N GLY A 140 -4.11 10.27 5.71
CA GLY A 140 -3.16 11.36 5.88
C GLY A 140 -3.81 12.59 6.49
N ARG A 141 -4.46 12.41 7.64
CA ARG A 141 -5.13 13.51 8.34
C ARG A 141 -5.88 14.41 7.36
N TYR A 142 -7.12 14.03 7.05
CA TYR A 142 -7.93 14.79 6.12
C TYR A 142 -8.08 16.25 6.54
N CYS A 143 -8.57 16.47 7.77
CA CYS A 143 -8.76 17.82 8.27
C CYS A 143 -8.64 17.89 9.79
N LEU A 144 -9.74 18.28 10.45
CA LEU A 144 -9.76 18.42 11.90
C LEU A 144 -10.37 17.22 12.63
N PRO A 145 -11.57 16.74 12.21
CA PRO A 145 -12.24 15.62 12.87
C PRO A 145 -11.32 14.42 13.13
N GLU A 146 -11.65 13.65 14.15
CA GLU A 146 -10.88 12.47 14.53
C GLU A 146 -9.40 12.82 14.74
N PRO A 147 -9.05 13.27 15.96
CA PRO A 147 -7.69 13.65 16.30
C PRO A 147 -6.90 12.49 16.92
N LEU A 148 -5.78 12.15 16.29
CA LEU A 148 -4.94 11.06 16.78
C LEU A 148 -3.61 11.60 17.31
N1 FMN B . 6.54 -0.52 -9.43
C2 FMN B . 6.70 -1.68 -8.71
O2 FMN B . 7.31 -2.64 -9.11
N3 FMN B . 6.09 -1.78 -7.41
C4 FMN B . 5.37 -0.80 -6.82
O4 FMN B . 4.89 -0.98 -5.68
C4A FMN B . 5.19 0.45 -7.58
N5 FMN B . 4.50 1.47 -7.09
C5A FMN B . 4.36 2.62 -7.84
C6 FMN B . 3.59 3.75 -7.30
C7 FMN B . 3.41 4.91 -7.99
C7M FMN B . 2.61 6.09 -7.40
C8 FMN B . 4.01 5.06 -9.35
C8M FMN B . 3.85 6.33 -10.15
C9 FMN B . 4.75 4.00 -9.87
C9A FMN B . 4.94 2.78 -9.18
N10 FMN B . 5.69 1.66 -9.67
C10 FMN B . 5.84 0.50 -8.94
C1' FMN B . 6.32 1.71 -11.01
C2' FMN B . 7.80 2.06 -10.90
O2' FMN B . 7.94 3.31 -10.24
C3' FMN B . 8.59 2.02 -12.20
O3' FMN B . 7.74 1.53 -13.23
C4' FMN B . 9.92 1.28 -12.15
O4' FMN B . 9.87 -0.06 -11.69
C5' FMN B . 11.17 1.80 -12.82
O5' FMN B . 10.91 3.04 -13.49
P FMN B . 11.06 3.20 -15.05
O1P FMN B . 10.77 4.64 -15.39
O2P FMN B . 10.16 2.21 -15.72
O3P FMN B . 12.58 2.90 -15.31
HN3 FMN B . 6.12 -2.65 -6.96
H6 FMN B . 3.06 3.61 -6.37
HM71 FMN B . 2.56 5.99 -6.33
HM72 FMN B . 1.60 6.09 -7.81
HM73 FMN B . 3.09 7.03 -7.65
HM81 FMN B . 4.28 7.16 -9.61
HM82 FMN B . 4.35 6.22 -11.10
HM83 FMN B . 2.80 6.51 -10.32
H9 FMN B . 5.19 4.11 -10.85
H1'1 FMN B . 5.82 2.45 -11.61
H1'2 FMN B . 6.22 0.73 -11.47
H2' FMN B . 8.25 1.32 -10.26
HO2' FMN B . 7.74 4.02 -10.85
H3' FMN B . 8.81 3.04 -12.45
HO3' FMN B . 7.88 0.58 -13.34
H4' FMN B . 10.18 1.70 -11.19
HO4' FMN B . 10.47 -0.15 -10.94
H5'1 FMN B . 11.51 1.06 -13.54
H5'2 FMN B . 11.93 1.95 -12.07
N GLY A 1 16.41 -19.01 -1.67
CA GLY A 1 16.26 -17.64 -2.23
C GLY A 1 15.05 -16.91 -1.65
N GLU A 2 14.49 -17.46 -0.58
CA GLU A 2 13.33 -16.86 0.06
C GLU A 2 13.52 -16.80 1.58
N PHE A 3 14.67 -16.31 2.01
CA PHE A 3 14.98 -16.20 3.42
C PHE A 3 13.97 -15.31 4.14
N MET A 4 12.92 -15.91 4.66
CA MET A 4 11.87 -15.19 5.38
C MET A 4 11.30 -14.05 4.53
N LEU A 5 10.31 -13.36 5.08
CA LEU A 5 9.67 -12.25 4.40
C LEU A 5 9.65 -11.01 5.26
N THR A 6 9.05 -9.95 4.74
CA THR A 6 8.95 -8.68 5.42
C THR A 6 7.80 -7.86 4.85
N THR A 7 7.28 -6.91 5.60
CA THR A 7 6.17 -6.09 5.12
C THR A 7 6.49 -4.61 5.29
N LEU A 8 7.03 -4.00 4.23
CA LEU A 8 7.33 -2.60 4.26
C LEU A 8 6.14 -1.84 3.72
N ILE A 9 5.69 -0.86 4.46
CA ILE A 9 4.55 -0.07 4.04
C ILE A 9 4.95 1.39 4.01
N TYR A 10 4.37 2.17 3.11
CA TYR A 10 4.73 3.57 3.00
C TYR A 10 3.64 4.37 2.33
N ARG A 11 3.48 5.61 2.78
CA ARG A 11 2.48 6.49 2.20
C ARG A 11 3.12 7.72 1.60
N SER A 12 2.74 8.03 0.39
CA SER A 12 3.27 9.19 -0.31
C SER A 12 2.14 10.13 -0.61
N GLN A 13 2.37 11.04 -1.54
CA GLN A 13 1.32 11.95 -1.92
C GLN A 13 1.14 11.96 -3.42
N VAL A 14 1.07 13.15 -3.96
CA VAL A 14 0.88 13.36 -5.39
C VAL A 14 1.01 14.84 -5.71
N HIS A 15 0.78 15.20 -6.96
CA HIS A 15 0.85 16.59 -7.37
C HIS A 15 -0.54 17.20 -7.40
N PRO A 16 -0.94 17.90 -6.32
CA PRO A 16 -2.26 18.55 -6.24
C PRO A 16 -2.50 19.52 -7.38
N ASP A 17 -1.45 19.80 -8.13
CA ASP A 17 -1.52 20.72 -9.26
C ASP A 17 -1.64 19.99 -10.60
N ARG A 18 -1.12 18.77 -10.69
CA ARG A 18 -1.17 18.00 -11.92
C ARG A 18 -2.52 17.27 -12.05
N PRO A 19 -2.75 16.50 -13.14
CA PRO A 19 -4.00 15.77 -13.35
C PRO A 19 -4.01 14.41 -12.64
N PRO A 20 -5.14 13.69 -12.71
CA PRO A 20 -5.28 12.37 -12.06
C PRO A 20 -4.21 11.37 -12.50
N VAL A 21 -4.11 10.27 -11.77
CA VAL A 21 -3.13 9.23 -12.05
C VAL A 21 -3.76 8.07 -12.82
N ASP A 22 -2.92 7.36 -13.58
CA ASP A 22 -3.39 6.21 -14.33
C ASP A 22 -3.37 4.99 -13.43
N LEU A 23 -4.14 5.07 -12.36
CA LEU A 23 -4.25 4.02 -11.35
C LEU A 23 -4.59 2.65 -11.93
N ASP A 24 -4.70 2.56 -13.24
CA ASP A 24 -4.96 1.30 -13.89
C ASP A 24 -3.67 0.79 -14.48
N ALA A 25 -2.97 1.73 -15.09
CA ALA A 25 -1.69 1.49 -15.72
C ALA A 25 -0.55 1.56 -14.70
N LEU A 26 -0.77 2.36 -13.66
CA LEU A 26 0.20 2.59 -12.62
C LEU A 26 0.43 1.33 -11.78
N VAL A 27 -0.66 0.63 -11.51
CA VAL A 27 -0.62 -0.58 -10.72
C VAL A 27 -0.30 -1.80 -11.58
N HIS A 28 -0.86 -1.84 -12.78
CA HIS A 28 -0.65 -2.96 -13.69
C HIS A 28 0.84 -3.22 -13.91
N ARG A 29 1.56 -2.19 -14.33
CA ARG A 29 3.00 -2.34 -14.57
C ARG A 29 3.75 -2.66 -13.29
N ALA A 30 3.15 -2.32 -12.15
CA ALA A 30 3.76 -2.58 -10.86
C ALA A 30 3.69 -4.05 -10.50
N SER A 31 2.47 -4.56 -10.40
CA SER A 31 2.24 -5.97 -10.07
C SER A 31 3.07 -6.87 -10.97
N SER A 32 3.27 -6.44 -12.21
CA SER A 32 4.04 -7.21 -13.18
C SER A 32 5.50 -7.37 -12.74
N LYS A 33 6.01 -6.37 -12.02
CA LYS A 33 7.38 -6.39 -11.54
C LYS A 33 7.50 -7.14 -10.20
N ASN A 34 6.58 -6.86 -9.29
CA ASN A 34 6.58 -7.47 -7.96
C ASN A 34 6.26 -8.96 -8.01
N LEU A 35 5.34 -9.34 -8.88
CA LEU A 35 4.93 -10.73 -8.99
C LEU A 35 6.13 -11.67 -9.15
N PRO A 36 6.93 -11.50 -10.22
CA PRO A 36 8.10 -12.34 -10.47
C PRO A 36 9.18 -12.12 -9.42
N LEU A 37 9.17 -10.93 -8.84
CA LEU A 37 10.13 -10.55 -7.82
C LEU A 37 9.85 -11.26 -6.51
N GLY A 38 8.61 -11.70 -6.36
CA GLY A 38 8.20 -12.39 -5.15
C GLY A 38 7.55 -11.44 -4.16
N ILE A 39 7.41 -10.19 -4.58
CA ILE A 39 6.80 -9.16 -3.75
C ILE A 39 5.28 -9.18 -3.88
N THR A 40 4.61 -8.69 -2.86
CA THR A 40 3.16 -8.63 -2.85
C THR A 40 2.67 -7.40 -2.11
N GLY A 41 1.44 -6.98 -2.37
CA GLY A 41 0.92 -5.82 -1.69
C GLY A 41 -0.27 -5.19 -2.36
N ILE A 42 -0.53 -3.96 -1.98
CA ILE A 42 -1.66 -3.19 -2.51
C ILE A 42 -1.36 -1.70 -2.46
N LEU A 43 -1.98 -0.95 -3.34
CA LEU A 43 -1.79 0.48 -3.39
C LEU A 43 -3.10 1.20 -3.10
N LEU A 44 -3.01 2.47 -2.74
CA LEU A 44 -4.19 3.27 -2.43
C LEU A 44 -4.05 4.70 -2.93
N PHE A 45 -5.17 5.33 -3.18
CA PHE A 45 -5.20 6.71 -3.65
C PHE A 45 -6.47 7.38 -3.16
N ASN A 46 -6.35 8.58 -2.60
CA ASN A 46 -7.51 9.30 -2.09
C ASN A 46 -7.65 10.64 -2.81
N GLY A 47 -6.81 10.84 -3.80
CA GLY A 47 -6.84 12.07 -4.55
C GLY A 47 -5.70 12.99 -4.18
N LEU A 48 -4.85 12.53 -3.28
CA LEU A 48 -3.71 13.32 -2.84
C LEU A 48 -2.57 12.43 -2.38
N GLN A 49 -2.89 11.33 -1.71
CA GLN A 49 -1.85 10.44 -1.20
C GLN A 49 -1.93 9.02 -1.75
N PHE A 50 -0.76 8.40 -1.90
CA PHE A 50 -0.64 7.02 -2.36
C PHE A 50 -0.16 6.12 -1.22
N PHE A 51 -1.06 5.34 -0.65
CA PHE A 51 -0.70 4.43 0.43
C PHE A 51 -0.31 3.09 -0.17
N GLN A 52 0.86 2.56 0.18
CA GLN A 52 1.30 1.32 -0.41
C GLN A 52 1.74 0.28 0.60
N VAL A 53 0.99 -0.80 0.64
CA VAL A 53 1.31 -1.93 1.51
C VAL A 53 2.20 -2.89 0.75
N LEU A 54 3.45 -2.94 1.12
CA LEU A 54 4.39 -3.83 0.45
C LEU A 54 4.81 -4.95 1.38
N GLU A 55 4.86 -6.16 0.85
CA GLU A 55 5.23 -7.32 1.66
C GLU A 55 5.99 -8.35 0.83
N GLY A 56 7.25 -8.54 1.21
CA GLY A 56 8.12 -9.49 0.57
C GLY A 56 9.50 -9.47 1.20
N THR A 57 10.48 -10.12 0.58
CA THR A 57 11.82 -10.14 1.11
C THR A 57 12.30 -8.71 1.40
N GLU A 58 12.89 -8.54 2.58
CA GLU A 58 13.39 -7.23 3.01
C GLU A 58 14.27 -6.58 1.96
N GLU A 59 15.00 -7.40 1.21
CA GLU A 59 15.89 -6.89 0.17
C GLU A 59 15.09 -6.30 -0.98
N ALA A 60 13.93 -6.88 -1.23
CA ALA A 60 13.06 -6.44 -2.31
C ALA A 60 12.29 -5.18 -1.89
N LEU A 61 11.87 -5.14 -0.64
CA LEU A 61 11.11 -4.00 -0.13
C LEU A 61 11.96 -2.73 -0.18
N GLU A 62 13.21 -2.84 0.25
CA GLU A 62 14.11 -1.69 0.23
C GLU A 62 14.25 -1.13 -1.18
N SER A 63 14.69 -1.98 -2.09
CA SER A 63 14.88 -1.60 -3.49
C SER A 63 13.62 -1.01 -4.09
N LEU A 64 12.51 -1.72 -3.95
CA LEU A 64 11.22 -1.31 -4.48
C LEU A 64 10.86 0.06 -3.92
N PHE A 65 10.73 0.09 -2.61
CA PHE A 65 10.41 1.29 -1.88
C PHE A 65 11.33 2.44 -2.30
N SER A 66 12.57 2.11 -2.62
CA SER A 66 13.53 3.12 -3.05
C SER A 66 13.17 3.61 -4.45
N GLU A 67 12.57 2.72 -5.25
CA GLU A 67 12.15 3.07 -6.59
C GLU A 67 10.98 4.03 -6.51
N ILE A 68 10.23 3.88 -5.44
CA ILE A 68 9.06 4.68 -5.15
C ILE A 68 9.42 6.14 -4.90
N GLN A 69 10.35 6.37 -3.98
CA GLN A 69 10.74 7.72 -3.67
C GLN A 69 11.53 8.35 -4.81
N SER A 70 11.91 7.52 -5.78
CA SER A 70 12.65 8.01 -6.94
C SER A 70 11.70 8.28 -8.10
N ASP A 71 10.42 8.10 -7.85
CA ASP A 71 9.40 8.34 -8.87
C ASP A 71 9.03 9.81 -8.95
N PRO A 72 8.65 10.30 -10.15
CA PRO A 72 8.29 11.70 -10.36
C PRO A 72 6.81 11.98 -10.12
N ARG A 73 5.99 10.93 -10.04
CA ARG A 73 4.56 11.12 -9.81
C ARG A 73 4.27 11.55 -8.37
N HIS A 74 4.10 10.58 -7.48
CA HIS A 74 3.81 10.90 -6.08
C HIS A 74 4.98 11.63 -5.44
N ARG A 75 4.85 11.91 -4.15
CA ARG A 75 5.88 12.62 -3.42
C ARG A 75 5.79 12.31 -1.93
N ASP A 76 6.59 13.02 -1.16
CA ASP A 76 6.62 12.90 0.29
C ASP A 76 6.40 11.48 0.78
N VAL A 77 6.88 10.50 0.04
CA VAL A 77 6.75 9.11 0.47
C VAL A 77 7.51 8.90 1.77
N VAL A 78 6.85 8.27 2.73
CA VAL A 78 7.47 8.02 4.03
C VAL A 78 7.22 6.59 4.49
N GLU A 79 8.31 5.88 4.79
CA GLU A 79 8.21 4.50 5.26
C GLU A 79 7.31 4.43 6.47
N LEU A 80 6.13 3.84 6.29
CA LEU A 80 5.18 3.70 7.38
C LEU A 80 5.47 2.46 8.19
N MET A 81 5.96 1.45 7.51
CA MET A 81 6.27 0.17 8.14
C MET A 81 7.33 -0.62 7.44
N ARG A 82 7.70 -1.69 8.11
CA ARG A 82 8.70 -2.63 7.64
C ARG A 82 8.98 -3.62 8.75
N ASP A 83 8.21 -4.67 8.75
CA ASP A 83 8.30 -5.72 9.77
C ASP A 83 8.53 -7.09 9.14
N TYR A 84 9.22 -7.96 9.87
CA TYR A 84 9.49 -9.30 9.39
C TYR A 84 8.20 -10.12 9.29
N SER A 85 8.17 -11.07 8.35
CA SER A 85 6.99 -11.90 8.15
C SER A 85 7.38 -13.26 7.61
N ALA A 86 6.38 -14.14 7.50
CA ALA A 86 6.61 -15.49 7.00
C ALA A 86 5.53 -15.93 6.02
N TYR A 87 4.67 -15.00 5.65
CA TYR A 87 3.58 -15.29 4.74
C TYR A 87 3.16 -14.06 3.94
N ARG A 88 2.54 -14.29 2.79
CA ARG A 88 2.07 -13.20 1.93
C ARG A 88 0.54 -13.10 1.95
N ARG A 89 0.05 -12.00 2.51
CA ARG A 89 -1.39 -11.78 2.61
C ARG A 89 -2.03 -11.66 1.22
N PHE A 90 -1.32 -11.05 0.29
CA PHE A 90 -1.81 -10.87 -1.07
C PHE A 90 -1.09 -11.82 -2.04
N HIS A 91 -0.95 -13.07 -1.65
CA HIS A 91 -0.28 -14.06 -2.48
C HIS A 91 -0.93 -14.19 -3.86
N GLY A 92 -2.14 -13.65 -3.99
CA GLY A 92 -2.85 -13.71 -5.25
C GLY A 92 -2.66 -12.46 -6.09
N THR A 93 -2.29 -11.37 -5.44
CA THR A 93 -2.08 -10.10 -6.14
C THR A 93 -0.78 -9.43 -5.69
N GLY A 94 0.16 -9.31 -6.63
CA GLY A 94 1.44 -8.68 -6.34
C GLY A 94 1.29 -7.22 -5.99
N MET A 95 0.32 -6.56 -6.63
CA MET A 95 0.06 -5.14 -6.40
C MET A 95 -1.31 -4.77 -6.96
N ARG A 96 -2.06 -3.98 -6.21
CA ARG A 96 -3.40 -3.57 -6.64
C ARG A 96 -3.81 -2.24 -6.02
N ILE A 97 -3.79 -1.18 -6.82
CA ILE A 97 -4.16 0.13 -6.33
C ILE A 97 -5.62 0.15 -5.86
N LEU A 98 -5.95 1.12 -5.03
CA LEU A 98 -7.30 1.27 -4.52
C LEU A 98 -7.75 2.72 -4.56
N ASP A 99 -8.36 3.12 -5.65
CA ASP A 99 -8.88 4.48 -5.77
C ASP A 99 -9.96 4.70 -4.73
N LEU A 100 -9.55 5.10 -3.54
CA LEU A 100 -10.50 5.33 -2.46
C LEU A 100 -11.56 6.34 -2.87
N ARG A 101 -11.23 7.18 -3.84
CA ARG A 101 -12.17 8.17 -4.33
C ARG A 101 -13.44 7.48 -4.81
N LEU A 102 -13.35 6.16 -4.99
CA LEU A 102 -14.46 5.35 -5.43
C LEU A 102 -15.22 4.77 -4.23
N PHE A 103 -14.48 4.26 -3.25
CA PHE A 103 -15.10 3.67 -2.06
C PHE A 103 -15.05 4.65 -0.88
N GLU A 104 -14.98 4.08 0.32
CA GLU A 104 -14.92 4.86 1.54
C GLU A 104 -14.07 4.15 2.57
N THR A 105 -14.26 4.49 3.84
CA THR A 105 -13.49 3.85 4.89
C THR A 105 -13.76 2.35 4.93
N ASP A 106 -15.01 1.97 5.15
CA ASP A 106 -15.39 0.57 5.21
C ASP A 106 -15.50 -0.03 3.81
N GLY A 107 -15.77 0.84 2.84
CA GLY A 107 -15.88 0.38 1.46
C GLY A 107 -14.54 -0.05 0.90
N ALA A 108 -13.54 0.80 1.07
CA ALA A 108 -12.20 0.51 0.59
C ALA A 108 -11.59 -0.64 1.38
N LEU A 109 -11.63 -0.54 2.70
CA LEU A 109 -11.10 -1.59 3.56
C LEU A 109 -11.65 -2.93 3.11
N GLU A 110 -12.96 -2.97 2.88
CA GLU A 110 -13.62 -4.19 2.42
C GLU A 110 -13.00 -4.68 1.13
N GLU A 111 -12.72 -3.74 0.21
CA GLU A 111 -12.10 -4.09 -1.07
C GLU A 111 -10.93 -5.02 -0.83
N ILE A 112 -10.00 -4.56 -0.02
CA ILE A 112 -8.83 -5.33 0.33
C ILE A 112 -9.23 -6.76 0.73
N LEU A 113 -10.09 -6.86 1.75
CA LEU A 113 -10.56 -8.16 2.21
C LEU A 113 -11.02 -9.02 1.04
N ARG A 114 -11.83 -8.44 0.18
CA ARG A 114 -12.37 -9.14 -0.99
C ARG A 114 -11.30 -9.87 -1.77
N PHE A 115 -10.11 -9.28 -1.89
CA PHE A 115 -9.03 -9.92 -2.65
C PHE A 115 -7.78 -10.13 -1.80
N SER A 116 -7.94 -10.03 -0.50
CA SER A 116 -6.80 -10.19 0.40
C SER A 116 -6.95 -11.42 1.30
N THR A 117 -8.12 -11.59 1.90
CA THR A 117 -8.37 -12.71 2.80
C THR A 117 -7.25 -12.80 3.85
N PHE A 118 -7.29 -11.88 4.80
CA PHE A 118 -6.28 -11.82 5.86
C PHE A 118 -6.07 -13.18 6.50
N GLY A 119 -4.91 -13.78 6.23
CA GLY A 119 -4.58 -15.07 6.78
C GLY A 119 -3.71 -14.94 8.01
N VAL A 120 -3.50 -13.70 8.44
CA VAL A 120 -2.70 -13.41 9.61
C VAL A 120 -3.38 -13.88 10.88
N THR A 121 -2.72 -13.70 12.02
CA THR A 121 -3.28 -14.11 13.29
C THR A 121 -4.49 -13.24 13.64
N GLU A 122 -4.23 -11.96 13.88
CA GLU A 122 -5.29 -11.01 14.22
C GLU A 122 -5.07 -9.69 13.47
N PRO A 123 -6.11 -9.19 12.78
CA PRO A 123 -6.00 -7.93 12.02
C PRO A 123 -5.81 -6.72 12.93
N VAL A 124 -6.21 -6.86 14.18
CA VAL A 124 -6.10 -5.81 15.15
C VAL A 124 -4.65 -5.50 15.51
N ASN A 125 -3.82 -6.54 15.61
CA ASN A 125 -2.43 -6.37 15.96
C ASN A 125 -1.54 -6.32 14.72
N ASP A 126 -2.14 -6.47 13.55
CA ASP A 126 -1.40 -6.44 12.29
C ASP A 126 -0.85 -5.06 12.01
N ARG A 127 0.48 -4.94 12.09
CA ARG A 127 1.17 -3.68 11.85
C ARG A 127 0.74 -3.04 10.51
N MET A 128 0.38 -3.89 9.56
CA MET A 128 -0.04 -3.42 8.25
C MET A 128 -1.43 -2.80 8.31
N PHE A 129 -2.35 -3.52 8.92
CA PHE A 129 -3.73 -3.03 9.03
C PHE A 129 -3.76 -1.72 9.81
N ARG A 130 -2.77 -1.51 10.66
CA ARG A 130 -2.70 -0.28 11.45
C ARG A 130 -2.68 0.92 10.51
N LEU A 131 -1.81 0.84 9.51
CA LEU A 131 -1.67 1.89 8.51
C LEU A 131 -2.78 1.79 7.48
N LEU A 132 -3.01 0.57 7.01
CA LEU A 132 -4.04 0.29 6.02
C LEU A 132 -5.36 0.96 6.36
N SER A 133 -5.90 0.62 7.52
CA SER A 133 -7.16 1.19 7.97
C SER A 133 -7.02 2.65 8.35
N ALA A 134 -5.80 3.07 8.65
CA ALA A 134 -5.54 4.46 9.01
C ALA A 134 -5.61 5.36 7.79
N PHE A 135 -5.27 4.80 6.64
CA PHE A 135 -5.33 5.54 5.39
C PHE A 135 -6.74 5.46 4.84
N ILE A 136 -7.38 4.34 5.10
CA ILE A 136 -8.75 4.11 4.68
C ILE A 136 -9.68 4.98 5.50
N ALA A 137 -9.27 5.19 6.75
CA ALA A 137 -10.03 5.99 7.70
C ALA A 137 -9.70 7.47 7.63
N ASP A 138 -8.43 7.78 7.85
CA ASP A 138 -7.96 9.16 7.86
C ASP A 138 -7.32 9.59 6.55
N GLY A 139 -6.81 8.63 5.79
CA GLY A 139 -6.17 8.96 4.52
C GLY A 139 -7.09 9.72 3.61
N GLY A 140 -8.40 9.54 3.81
CA GLY A 140 -9.39 10.23 3.00
C GLY A 140 -10.39 10.97 3.86
N ARG A 141 -9.98 12.10 4.41
CA ARG A 141 -10.85 12.90 5.27
C ARG A 141 -11.35 14.14 4.54
N TYR A 142 -12.43 13.97 3.78
CA TYR A 142 -13.04 15.07 3.04
C TYR A 142 -13.57 16.15 3.99
N CYS A 143 -13.77 15.75 5.25
CA CYS A 143 -14.28 16.65 6.27
C CYS A 143 -15.75 17.00 6.00
N LEU A 144 -15.98 17.87 5.03
CA LEU A 144 -17.33 18.27 4.66
C LEU A 144 -17.70 17.74 3.27
N PRO A 145 -18.94 17.24 3.11
CA PRO A 145 -19.41 16.70 1.82
C PRO A 145 -19.63 17.79 0.78
N GLU A 146 -19.43 17.43 -0.49
CA GLU A 146 -19.62 18.38 -1.59
C GLU A 146 -21.09 18.45 -2.00
N PRO A 147 -21.72 19.64 -1.90
CA PRO A 147 -23.13 19.82 -2.26
C PRO A 147 -23.32 19.97 -3.77
N LEU A 148 -22.24 19.82 -4.52
CA LEU A 148 -22.29 19.94 -5.97
C LEU A 148 -22.38 18.56 -6.63
N1 FMN B . 6.56 -0.47 -9.61
C2 FMN B . 6.71 -1.66 -8.92
O2 FMN B . 7.33 -2.60 -9.32
N3 FMN B . 6.09 -1.80 -7.62
C4 FMN B . 5.35 -0.83 -7.02
O4 FMN B . 4.86 -1.03 -5.90
C4A FMN B . 5.20 0.44 -7.75
N5 FMN B . 4.49 1.43 -7.24
C5A FMN B . 4.35 2.60 -7.94
C6 FMN B . 3.56 3.69 -7.36
C7 FMN B . 3.37 4.89 -8.01
C7M FMN B . 2.54 6.03 -7.39
C8 FMN B . 3.98 5.09 -9.36
C8M FMN B . 3.81 6.38 -10.12
C9 FMN B . 4.75 4.05 -9.91
C9A FMN B . 4.94 2.82 -9.27
N10 FMN B . 5.71 1.72 -9.78
C10 FMN B . 5.86 0.53 -9.08
C1' FMN B . 6.36 1.83 -11.10
C2' FMN B . 5.41 1.44 -12.22
O2' FMN B . 5.35 0.02 -12.30
C3' FMN B . 5.68 2.07 -13.58
O3' FMN B . 4.67 1.64 -14.49
C4' FMN B . 7.08 1.87 -14.13
O4' FMN B . 7.57 0.55 -14.16
C5' FMN B . 7.83 2.95 -14.90
O5' FMN B . 7.02 4.14 -15.01
P FMN B . 6.85 4.92 -16.37
O1P FMN B . 6.16 3.99 -17.34
O2P FMN B . 8.20 5.40 -16.82
O3P FMN B . 5.87 6.10 -15.99
HN3 FMN B . 6.12 -2.68 -7.19
H6 FMN B . 2.97 3.49 -6.49
HM71 FMN B . 2.47 5.90 -6.32
HM72 FMN B . 1.54 6.03 -7.82
HM73 FMN B . 3.02 6.97 -7.61
HM81 FMN B . 2.77 6.66 -10.11
HM82 FMN B . 4.39 7.16 -9.64
HM83 FMN B . 4.15 6.25 -11.13
H9 FMN B . 5.20 4.21 -10.88
H1'1 FMN B . 7.22 1.17 -11.12
H1'2 FMN B . 6.68 2.85 -11.26
H2' FMN B . 4.42 1.77 -11.93
HO2' FMN B . 4.88 -0.25 -13.10
H3' FMN B . 5.55 3.14 -13.45
HO3' FMN B . 5.05 0.97 -15.08
H4' FMN B . 7.56 2.12 -13.20
HO4' FMN B . 8.53 0.55 -14.06
H5'1 FMN B . 8.05 2.59 -15.89
H5'2 FMN B . 8.74 3.20 -14.37
N GLY A 1 20.46 -14.99 9.15
CA GLY A 1 21.06 -14.68 7.81
C GLY A 1 20.49 -15.56 6.71
N GLU A 2 19.17 -15.75 6.74
CA GLU A 2 18.51 -16.58 5.74
C GLU A 2 17.44 -15.79 4.98
N PHE A 3 16.80 -16.44 4.02
CA PHE A 3 15.76 -15.81 3.22
C PHE A 3 14.45 -15.70 4.02
N MET A 4 14.06 -14.48 4.34
CA MET A 4 12.85 -14.23 5.08
C MET A 4 12.04 -13.12 4.43
N LEU A 5 10.75 -13.11 4.69
CA LEU A 5 9.85 -12.11 4.14
C LEU A 5 9.80 -10.89 5.03
N THR A 6 9.22 -9.83 4.51
CA THR A 6 9.09 -8.58 5.23
C THR A 6 7.95 -7.75 4.67
N THR A 7 7.39 -6.86 5.47
CA THR A 7 6.30 -6.02 5.03
C THR A 7 6.63 -4.54 5.15
N LEU A 8 7.06 -3.94 4.05
CA LEU A 8 7.40 -2.55 4.00
C LEU A 8 6.17 -1.77 3.59
N ILE A 9 5.79 -0.77 4.36
CA ILE A 9 4.60 0.01 4.05
C ILE A 9 4.92 1.49 4.11
N TYR A 10 4.58 2.23 3.06
CA TYR A 10 4.88 3.65 3.01
C TYR A 10 3.68 4.45 2.53
N ARG A 11 3.80 5.76 2.62
CA ARG A 11 2.76 6.65 2.16
C ARG A 11 3.35 7.92 1.59
N SER A 12 2.90 8.27 0.40
CA SER A 12 3.37 9.45 -0.28
C SER A 12 2.19 10.33 -0.65
N GLN A 13 2.41 11.26 -1.55
CA GLN A 13 1.32 12.10 -2.00
C GLN A 13 1.14 11.99 -3.51
N VAL A 14 0.96 13.13 -4.13
CA VAL A 14 0.76 13.22 -5.56
C VAL A 14 0.91 14.66 -6.01
N HIS A 15 0.61 14.94 -7.27
CA HIS A 15 0.69 16.29 -7.79
C HIS A 15 -0.68 16.98 -7.75
N PRO A 16 -0.96 17.75 -6.68
CA PRO A 16 -2.24 18.45 -6.53
C PRO A 16 -2.52 19.36 -7.71
N ASP A 17 -1.49 19.62 -8.49
CA ASP A 17 -1.60 20.49 -9.66
C ASP A 17 -1.89 19.68 -10.93
N ARG A 18 -1.29 18.51 -11.04
CA ARG A 18 -1.48 17.66 -12.21
C ARG A 18 -2.86 16.99 -12.18
N PRO A 19 -3.21 16.15 -13.20
CA PRO A 19 -4.51 15.49 -13.28
C PRO A 19 -4.50 14.13 -12.56
N PRO A 20 -5.65 13.42 -12.55
CA PRO A 20 -5.76 12.11 -11.90
C PRO A 20 -4.68 11.14 -12.34
N VAL A 21 -4.50 10.07 -11.56
CA VAL A 21 -3.49 9.05 -11.86
C VAL A 21 -4.08 7.90 -12.66
N ASP A 22 -3.22 7.24 -13.43
CA ASP A 22 -3.62 6.08 -14.20
C ASP A 22 -3.55 4.85 -13.32
N LEU A 23 -4.28 4.91 -12.22
CA LEU A 23 -4.35 3.85 -11.21
C LEU A 23 -4.66 2.47 -11.79
N ASP A 24 -4.79 2.37 -13.10
CA ASP A 24 -5.02 1.10 -13.75
C ASP A 24 -3.71 0.63 -14.34
N ALA A 25 -3.06 1.59 -14.97
CA ALA A 25 -1.77 1.38 -15.61
C ALA A 25 -0.64 1.52 -14.60
N LEU A 26 -0.92 2.26 -13.54
CA LEU A 26 0.04 2.52 -12.48
C LEU A 26 0.33 1.26 -11.68
N VAL A 27 -0.72 0.53 -11.37
CA VAL A 27 -0.60 -0.70 -10.61
C VAL A 27 -0.23 -1.87 -11.52
N HIS A 28 -0.66 -1.79 -12.77
CA HIS A 28 -0.38 -2.84 -13.75
C HIS A 28 1.13 -3.06 -13.88
N ARG A 29 1.86 -2.00 -14.20
CA ARG A 29 3.31 -2.08 -14.36
C ARG A 29 3.97 -2.60 -13.10
N ALA A 30 3.33 -2.40 -11.96
CA ALA A 30 3.86 -2.87 -10.69
C ALA A 30 3.62 -4.36 -10.52
N SER A 31 2.39 -4.77 -10.78
CA SER A 31 2.00 -6.17 -10.66
C SER A 31 2.90 -7.05 -11.51
N SER A 32 3.47 -6.46 -12.56
CA SER A 32 4.36 -7.19 -13.45
C SER A 32 5.78 -7.29 -12.90
N LYS A 33 6.18 -6.28 -12.12
CA LYS A 33 7.53 -6.26 -11.54
C LYS A 33 7.60 -7.01 -10.21
N ASN A 34 6.73 -6.63 -9.29
CA ASN A 34 6.70 -7.22 -7.95
C ASN A 34 6.40 -8.72 -8.00
N LEU A 35 5.42 -9.09 -8.79
CA LEU A 35 5.00 -10.48 -8.91
C LEU A 35 6.17 -11.45 -9.08
N PRO A 36 6.93 -11.29 -10.17
CA PRO A 36 8.09 -12.15 -10.46
C PRO A 36 9.19 -11.95 -9.44
N LEU A 37 9.16 -10.80 -8.80
CA LEU A 37 10.13 -10.44 -7.78
C LEU A 37 9.84 -11.13 -6.45
N GLY A 38 8.59 -11.55 -6.30
CA GLY A 38 8.18 -12.22 -5.09
C GLY A 38 7.49 -11.26 -4.14
N ILE A 39 7.32 -10.03 -4.59
CA ILE A 39 6.70 -8.97 -3.81
C ILE A 39 5.18 -9.00 -3.97
N THR A 40 4.48 -8.83 -2.85
CA THR A 40 3.03 -8.79 -2.87
C THR A 40 2.53 -7.58 -2.08
N GLY A 41 1.32 -7.13 -2.36
CA GLY A 41 0.83 -5.98 -1.64
C GLY A 41 -0.36 -5.31 -2.29
N ILE A 42 -0.58 -4.06 -1.89
CA ILE A 42 -1.68 -3.26 -2.39
C ILE A 42 -1.32 -1.77 -2.33
N LEU A 43 -1.96 -0.99 -3.18
CA LEU A 43 -1.73 0.44 -3.23
C LEU A 43 -3.01 1.20 -2.91
N LEU A 44 -2.88 2.47 -2.60
CA LEU A 44 -4.03 3.30 -2.26
C LEU A 44 -3.89 4.71 -2.79
N PHE A 45 -5.03 5.33 -3.06
CA PHE A 45 -5.08 6.69 -3.55
C PHE A 45 -6.36 7.36 -3.06
N ASN A 46 -6.23 8.57 -2.53
CA ASN A 46 -7.39 9.29 -2.02
C ASN A 46 -7.51 10.62 -2.74
N GLY A 47 -6.78 10.76 -3.82
CA GLY A 47 -6.81 11.98 -4.59
C GLY A 47 -5.68 12.92 -4.23
N LEU A 48 -4.84 12.48 -3.30
CA LEU A 48 -3.71 13.30 -2.88
C LEU A 48 -2.55 12.42 -2.40
N GLN A 49 -2.86 11.35 -1.69
CA GLN A 49 -1.81 10.48 -1.16
C GLN A 49 -1.86 9.05 -1.66
N PHE A 50 -0.66 8.48 -1.84
CA PHE A 50 -0.51 7.09 -2.27
C PHE A 50 0.02 6.24 -1.12
N PHE A 51 -0.84 5.38 -0.58
CA PHE A 51 -0.43 4.50 0.53
C PHE A 51 -0.16 3.10 -0.01
N GLN A 52 0.96 2.50 0.34
CA GLN A 52 1.28 1.18 -0.20
C GLN A 52 1.68 0.16 0.86
N VAL A 53 1.02 -0.98 0.79
CA VAL A 53 1.32 -2.11 1.66
C VAL A 53 2.17 -3.08 0.87
N LEU A 54 3.46 -3.10 1.14
CA LEU A 54 4.37 -3.96 0.41
C LEU A 54 4.84 -5.15 1.23
N GLU A 55 5.01 -6.29 0.55
CA GLU A 55 5.45 -7.52 1.18
C GLU A 55 6.59 -8.15 0.37
N GLY A 56 7.45 -8.89 1.05
CA GLY A 56 8.57 -9.52 0.37
C GLY A 56 9.87 -9.36 1.13
N THR A 57 10.94 -9.97 0.63
CA THR A 57 12.24 -9.88 1.27
C THR A 57 12.61 -8.44 1.57
N GLU A 58 13.16 -8.22 2.76
CA GLU A 58 13.56 -6.88 3.19
C GLU A 58 14.47 -6.22 2.16
N GLU A 59 15.18 -7.03 1.39
CA GLU A 59 16.08 -6.51 0.36
C GLU A 59 15.31 -5.97 -0.83
N ALA A 60 14.21 -6.63 -1.15
CA ALA A 60 13.37 -6.24 -2.27
C ALA A 60 12.56 -5.01 -1.92
N LEU A 61 12.04 -4.98 -0.70
CA LEU A 61 11.23 -3.85 -0.25
C LEU A 61 12.06 -2.57 -0.23
N GLU A 62 13.31 -2.69 0.20
CA GLU A 62 14.21 -1.54 0.27
C GLU A 62 14.40 -0.90 -1.09
N SER A 63 14.91 -1.71 -2.01
CA SER A 63 15.16 -1.26 -3.38
C SER A 63 13.91 -0.70 -4.03
N LEU A 64 12.82 -1.42 -3.88
CA LEU A 64 11.53 -1.04 -4.45
C LEU A 64 11.11 0.31 -3.89
N PHE A 65 10.91 0.33 -2.59
CA PHE A 65 10.53 1.53 -1.88
C PHE A 65 11.46 2.69 -2.23
N SER A 66 12.71 2.36 -2.57
CA SER A 66 13.67 3.38 -2.95
C SER A 66 13.39 3.87 -4.37
N GLU A 67 12.82 2.99 -5.18
CA GLU A 67 12.47 3.32 -6.54
C GLU A 67 11.27 4.26 -6.50
N ILE A 68 10.47 4.06 -5.46
CA ILE A 68 9.28 4.84 -5.23
C ILE A 68 9.60 6.30 -4.98
N GLN A 69 10.43 6.58 -4.00
CA GLN A 69 10.77 7.96 -3.68
C GLN A 69 11.44 8.66 -4.87
N SER A 70 11.81 7.89 -5.88
CA SER A 70 12.45 8.43 -7.08
C SER A 70 11.42 8.61 -8.19
N ASP A 71 10.15 8.54 -7.82
CA ASP A 71 9.04 8.67 -8.77
C ASP A 71 8.60 10.13 -8.90
N PRO A 72 8.23 10.56 -10.12
CA PRO A 72 7.78 11.93 -10.37
C PRO A 72 6.30 12.14 -10.05
N ARG A 73 5.52 11.05 -10.05
CA ARG A 73 4.09 11.15 -9.76
C ARG A 73 3.83 11.51 -8.31
N HIS A 74 3.95 10.53 -7.40
CA HIS A 74 3.72 10.82 -5.99
C HIS A 74 4.86 11.64 -5.42
N ARG A 75 4.84 11.87 -4.12
CA ARG A 75 5.89 12.67 -3.50
C ARG A 75 5.89 12.49 -1.98
N ASP A 76 6.83 13.15 -1.35
CA ASP A 76 6.96 13.12 0.10
C ASP A 76 6.76 11.75 0.70
N VAL A 77 7.13 10.71 -0.04
CA VAL A 77 6.99 9.34 0.46
C VAL A 77 7.83 9.15 1.72
N VAL A 78 7.25 8.47 2.68
CA VAL A 78 7.92 8.18 3.95
C VAL A 78 7.62 6.77 4.40
N GLU A 79 8.63 6.06 4.86
CA GLU A 79 8.44 4.69 5.32
C GLU A 79 7.58 4.65 6.56
N LEU A 80 6.53 3.86 6.48
CA LEU A 80 5.57 3.70 7.57
C LEU A 80 5.80 2.41 8.33
N MET A 81 6.23 1.37 7.61
CA MET A 81 6.45 0.07 8.23
C MET A 81 7.50 -0.76 7.51
N ARG A 82 7.91 -1.81 8.19
CA ARG A 82 8.88 -2.75 7.68
C ARG A 82 9.18 -3.79 8.75
N ASP A 83 8.41 -4.86 8.69
CA ASP A 83 8.53 -5.94 9.66
C ASP A 83 8.71 -7.28 8.99
N TYR A 84 9.49 -8.15 9.62
CA TYR A 84 9.76 -9.47 9.08
C TYR A 84 8.48 -10.31 9.02
N SER A 85 8.52 -11.36 8.21
CA SER A 85 7.36 -12.25 8.05
C SER A 85 7.78 -13.59 7.46
N ALA A 86 6.85 -14.53 7.48
CA ALA A 86 7.09 -15.86 6.96
C ALA A 86 5.96 -16.35 6.08
N TYR A 87 5.00 -15.46 5.83
CA TYR A 87 3.85 -15.81 5.00
C TYR A 87 3.33 -14.59 4.23
N ARG A 88 2.74 -14.85 3.07
CA ARG A 88 2.20 -13.79 2.22
C ARG A 88 0.68 -13.70 2.35
N ARG A 89 0.19 -12.60 2.90
CA ARG A 89 -1.25 -12.39 3.06
C ARG A 89 -1.92 -12.20 1.70
N PHE A 90 -1.34 -11.33 0.87
CA PHE A 90 -1.89 -11.05 -0.45
C PHE A 90 -1.37 -12.06 -1.48
N HIS A 91 -1.26 -13.31 -1.07
CA HIS A 91 -0.78 -14.37 -1.96
C HIS A 91 -1.64 -14.45 -3.21
N GLY A 92 -1.10 -14.00 -4.34
CA GLY A 92 -1.83 -14.04 -5.59
C GLY A 92 -1.88 -12.67 -6.27
N THR A 93 -1.88 -11.62 -5.46
CA THR A 93 -1.93 -10.25 -5.97
C THR A 93 -0.64 -9.51 -5.69
N GLY A 94 0.26 -9.48 -6.68
CA GLY A 94 1.53 -8.81 -6.51
C GLY A 94 1.37 -7.35 -6.10
N MET A 95 0.38 -6.68 -6.70
CA MET A 95 0.10 -5.28 -6.39
C MET A 95 -1.28 -4.89 -6.92
N ARG A 96 -2.02 -4.13 -6.13
CA ARG A 96 -3.37 -3.72 -6.54
C ARG A 96 -3.76 -2.39 -5.88
N ILE A 97 -3.75 -1.32 -6.65
CA ILE A 97 -4.12 -0.01 -6.13
C ILE A 97 -5.57 0.02 -5.68
N LEU A 98 -5.90 1.01 -4.86
CA LEU A 98 -7.25 1.17 -4.36
C LEU A 98 -7.68 2.63 -4.40
N ASP A 99 -8.29 3.03 -5.51
CA ASP A 99 -8.77 4.39 -5.66
C ASP A 99 -9.84 4.66 -4.61
N LEU A 100 -9.41 5.10 -3.44
CA LEU A 100 -10.35 5.39 -2.36
C LEU A 100 -11.38 6.41 -2.81
N ARG A 101 -11.05 7.16 -3.85
CA ARG A 101 -11.96 8.15 -4.39
C ARG A 101 -13.25 7.48 -4.83
N LEU A 102 -13.18 6.16 -4.96
CA LEU A 102 -14.32 5.36 -5.36
C LEU A 102 -15.07 4.81 -4.15
N PHE A 103 -14.33 4.30 -3.17
CA PHE A 103 -14.92 3.74 -1.97
C PHE A 103 -14.81 4.69 -0.78
N GLU A 104 -14.78 4.12 0.42
CA GLU A 104 -14.66 4.90 1.64
C GLU A 104 -13.81 4.15 2.66
N THR A 105 -13.98 4.49 3.92
CA THR A 105 -13.24 3.84 4.98
C THR A 105 -13.57 2.36 5.04
N ASP A 106 -14.86 2.05 5.25
CA ASP A 106 -15.30 0.67 5.32
C ASP A 106 -15.40 0.06 3.94
N GLY A 107 -15.59 0.90 2.94
CA GLY A 107 -15.70 0.44 1.57
C GLY A 107 -14.37 -0.04 1.02
N ALA A 108 -13.34 0.78 1.18
CA ALA A 108 -12.01 0.45 0.71
C ALA A 108 -11.46 -0.75 1.45
N LEU A 109 -11.60 -0.76 2.77
CA LEU A 109 -11.12 -1.87 3.57
C LEU A 109 -11.76 -3.16 3.08
N GLU A 110 -13.03 -3.07 2.70
CA GLU A 110 -13.77 -4.23 2.19
C GLU A 110 -13.15 -4.70 0.89
N GLU A 111 -12.66 -3.74 0.09
CA GLU A 111 -12.01 -4.05 -1.17
C GLU A 111 -10.86 -5.02 -0.94
N ILE A 112 -9.93 -4.61 -0.08
CA ILE A 112 -8.79 -5.45 0.25
C ILE A 112 -9.26 -6.86 0.53
N LEU A 113 -10.26 -7.01 1.40
CA LEU A 113 -10.80 -8.32 1.71
C LEU A 113 -11.28 -9.04 0.46
N ARG A 114 -11.97 -8.30 -0.41
CA ARG A 114 -12.50 -8.86 -1.65
C ARG A 114 -11.45 -9.61 -2.46
N PHE A 115 -10.20 -9.14 -2.42
CA PHE A 115 -9.14 -9.79 -3.19
C PHE A 115 -7.98 -10.24 -2.31
N SER A 116 -8.13 -10.07 -1.00
CA SER A 116 -7.08 -10.46 -0.07
C SER A 116 -7.61 -11.41 1.00
N THR A 117 -8.76 -11.09 1.56
CA THR A 117 -9.38 -11.90 2.60
C THR A 117 -8.38 -12.24 3.70
N PHE A 118 -7.87 -11.22 4.38
CA PHE A 118 -6.90 -11.45 5.44
C PHE A 118 -7.54 -12.22 6.59
N GLY A 119 -7.25 -13.51 6.62
CA GLY A 119 -7.77 -14.37 7.66
C GLY A 119 -6.69 -14.84 8.60
N VAL A 120 -5.64 -14.03 8.72
CA VAL A 120 -4.52 -14.34 9.59
C VAL A 120 -4.97 -14.43 11.05
N THR A 121 -4.02 -14.43 11.97
CA THR A 121 -4.33 -14.51 13.39
C THR A 121 -5.38 -13.46 13.75
N GLU A 122 -5.07 -12.21 13.41
CA GLU A 122 -5.97 -11.10 13.68
C GLU A 122 -5.37 -9.81 13.10
N PRO A 123 -6.11 -9.12 12.20
CA PRO A 123 -5.64 -7.87 11.59
C PRO A 123 -5.42 -6.79 12.64
N VAL A 124 -5.84 -7.09 13.86
CA VAL A 124 -5.71 -6.16 14.98
C VAL A 124 -4.27 -5.69 15.16
N ASN A 125 -3.44 -6.52 15.79
CA ASN A 125 -2.06 -6.17 16.04
C ASN A 125 -1.27 -6.09 14.74
N ASP A 126 -1.89 -6.46 13.63
CA ASP A 126 -1.24 -6.43 12.33
C ASP A 126 -0.80 -5.00 12.02
N ARG A 127 0.46 -4.71 12.29
CA ARG A 127 1.01 -3.38 12.06
C ARG A 127 0.77 -2.91 10.62
N MET A 128 0.73 -3.85 9.68
CA MET A 128 0.51 -3.52 8.29
C MET A 128 -0.92 -3.02 8.06
N PHE A 129 -1.86 -3.58 8.81
CA PHE A 129 -3.25 -3.19 8.69
C PHE A 129 -3.52 -1.91 9.47
N ARG A 130 -2.71 -1.68 10.50
CA ARG A 130 -2.86 -0.47 11.31
C ARG A 130 -2.77 0.76 10.42
N LEU A 131 -1.78 0.76 9.53
CA LEU A 131 -1.59 1.85 8.60
C LEU A 131 -2.67 1.82 7.53
N LEU A 132 -2.87 0.64 6.95
CA LEU A 132 -3.85 0.43 5.91
C LEU A 132 -5.22 1.02 6.29
N SER A 133 -5.68 0.69 7.49
CA SER A 133 -6.97 1.17 7.98
C SER A 133 -6.88 2.62 8.46
N ALA A 134 -5.67 3.07 8.79
CA ALA A 134 -5.47 4.43 9.24
C ALA A 134 -5.50 5.39 8.05
N PHE A 135 -5.10 4.87 6.89
CA PHE A 135 -5.11 5.64 5.66
C PHE A 135 -6.51 5.59 5.08
N ILE A 136 -7.12 4.43 5.22
CA ILE A 136 -8.47 4.18 4.75
C ILE A 136 -9.46 5.02 5.56
N ALA A 137 -9.13 5.16 6.84
CA ALA A 137 -9.96 5.89 7.79
C ALA A 137 -9.65 7.40 7.80
N ASP A 138 -8.37 7.73 8.00
CA ASP A 138 -7.97 9.14 8.07
C ASP A 138 -7.30 9.62 6.78
N GLY A 139 -6.54 8.74 6.15
CA GLY A 139 -5.85 9.11 4.93
C GLY A 139 -5.16 10.46 5.03
N GLY A 140 -4.34 10.62 6.08
CA GLY A 140 -3.63 11.88 6.26
C GLY A 140 -2.54 11.79 7.32
N ARG A 141 -2.93 11.91 8.58
CA ARG A 141 -2.00 11.86 9.70
C ARG A 141 -0.76 12.70 9.41
N TYR A 142 -0.89 14.00 9.62
CA TYR A 142 0.19 14.93 9.39
C TYR A 142 0.91 15.26 10.71
N CYS A 143 0.20 15.95 11.59
CA CYS A 143 0.76 16.33 12.89
C CYS A 143 -0.35 16.78 13.84
N LEU A 144 -1.30 17.55 13.30
CA LEU A 144 -2.41 18.05 14.08
C LEU A 144 -3.24 16.91 14.69
N PRO A 145 -3.70 15.95 13.86
CA PRO A 145 -4.50 14.81 14.34
C PRO A 145 -3.86 14.10 15.53
N GLU A 146 -4.68 13.39 16.30
CA GLU A 146 -4.21 12.67 17.48
C GLU A 146 -3.01 11.78 17.14
N PRO A 147 -1.80 12.15 17.61
CA PRO A 147 -0.59 11.38 17.36
C PRO A 147 -0.73 9.91 17.76
N LEU A 148 -1.60 9.65 18.74
CA LEU A 148 -1.83 8.29 19.22
C LEU A 148 -3.06 8.24 20.12
N1 FMN B . 6.49 -0.55 -9.48
C2 FMN B . 6.67 -1.68 -8.72
O2 FMN B . 7.29 -2.64 -9.09
N3 FMN B . 6.08 -1.75 -7.40
C4 FMN B . 5.35 -0.76 -6.83
O4 FMN B . 4.89 -0.92 -5.70
C4A FMN B . 5.17 0.45 -7.63
N5 FMN B . 4.46 1.48 -7.15
C5A FMN B . 4.30 2.61 -7.92
C6 FMN B . 3.53 3.75 -7.40
C7 FMN B . 3.32 4.89 -8.12
C7M FMN B . 2.51 6.08 -7.53
C8 FMN B . 3.89 5.02 -9.49
C8M FMN B . 3.70 6.25 -10.33
C9 FMN B . 4.64 3.94 -10.00
C9A FMN B . 4.86 2.75 -9.28
N10 FMN B . 5.60 1.63 -9.75
C10 FMN B . 5.79 0.48 -8.99
C1' FMN B . 6.22 1.65 -11.10
C2' FMN B . 7.71 1.99 -11.02
O2' FMN B . 7.88 3.17 -10.25
C3' FMN B . 8.44 2.07 -12.35
O3' FMN B . 8.02 3.26 -13.03
C4' FMN B . 8.33 0.83 -13.24
O4' FMN B . 7.03 0.48 -13.67
C5' FMN B . 9.54 0.18 -13.89
O5' FMN B . 10.74 0.88 -13.54
P FMN B . 11.68 1.51 -14.65
O1P FMN B . 12.01 0.42 -15.64
O2P FMN B . 12.87 2.12 -13.97
O3P FMN B . 10.76 2.59 -15.34
HN3 FMN B . 6.13 -2.61 -6.93
H6 FMN B . 2.99 3.62 -6.47
HM71 FMN B . 2.65 6.11 -6.46
HM72 FMN B . 1.46 5.93 -7.75
HM73 FMN B . 2.85 7.00 -7.98
HM81 FMN B . 4.00 7.12 -9.75
HM82 FMN B . 4.29 6.18 -11.22
HM83 FMN B . 2.66 6.35 -10.59
H9 FMN B . 5.04 4.02 -11.00
H1'1 FMN B . 5.71 2.39 -11.70
H1'2 FMN B . 6.10 0.68 -11.54
H2' FMN B . 8.18 1.19 -10.47
HO2' FMN B . 8.58 3.04 -9.60
H3' FMN B . 9.48 2.19 -12.12
HO3' FMN B . 8.11 4.00 -12.43
H4' FMN B . 8.33 0.14 -12.40
HO4' FMN B . 6.45 1.24 -13.63
H5'1 FMN B . 9.40 0.19 -14.96
H5'2 FMN B . 9.61 -0.84 -13.54
N GLY A 1 21.07 -12.88 9.82
CA GLY A 1 19.73 -12.91 9.17
C GLY A 1 19.72 -13.75 7.90
N GLU A 2 18.73 -14.63 7.78
CA GLU A 2 18.61 -15.49 6.61
C GLU A 2 17.59 -14.93 5.62
N PHE A 3 17.21 -15.76 4.65
CA PHE A 3 16.24 -15.36 3.64
C PHE A 3 14.83 -15.34 4.22
N MET A 4 14.42 -14.20 4.75
CA MET A 4 13.11 -14.05 5.33
C MET A 4 12.29 -13.00 4.60
N LEU A 5 10.97 -13.06 4.78
CA LEU A 5 10.07 -12.11 4.15
C LEU A 5 9.90 -10.90 5.05
N THR A 6 9.29 -9.86 4.51
CA THR A 6 9.08 -8.62 5.25
C THR A 6 7.92 -7.83 4.65
N THR A 7 7.31 -6.98 5.46
CA THR A 7 6.21 -6.15 4.99
C THR A 7 6.51 -4.68 5.17
N LEU A 8 7.04 -4.05 4.13
CA LEU A 8 7.34 -2.65 4.18
C LEU A 8 6.13 -1.88 3.69
N ILE A 9 5.77 -0.85 4.41
CA ILE A 9 4.65 -0.02 4.03
C ILE A 9 5.09 1.43 3.98
N TYR A 10 4.43 2.22 3.15
CA TYR A 10 4.76 3.64 3.01
C TYR A 10 3.60 4.43 2.46
N ARG A 11 3.72 5.74 2.51
CA ARG A 11 2.69 6.62 1.99
C ARG A 11 3.30 7.89 1.44
N SER A 12 2.89 8.24 0.23
CA SER A 12 3.38 9.42 -0.44
C SER A 12 2.22 10.34 -0.78
N GLN A 13 2.43 11.19 -1.78
CA GLN A 13 1.38 12.09 -2.22
C GLN A 13 1.16 11.97 -3.73
N VAL A 14 1.03 13.13 -4.36
CA VAL A 14 0.81 13.22 -5.79
C VAL A 14 0.93 14.68 -6.23
N HIS A 15 0.66 14.94 -7.50
CA HIS A 15 0.75 16.29 -8.02
C HIS A 15 -0.62 16.97 -8.00
N PRO A 16 -0.93 17.75 -6.95
CA PRO A 16 -2.20 18.46 -6.83
C PRO A 16 -2.46 19.35 -8.04
N ASP A 17 -1.41 19.61 -8.78
CA ASP A 17 -1.49 20.45 -9.98
C ASP A 17 -1.77 19.62 -11.23
N ARG A 18 -1.22 18.41 -11.27
CA ARG A 18 -1.42 17.52 -12.41
C ARG A 18 -2.79 16.85 -12.35
N PRO A 19 -3.21 16.12 -13.42
CA PRO A 19 -4.50 15.44 -13.47
C PRO A 19 -4.47 14.09 -12.74
N PRO A 20 -5.62 13.36 -12.70
CA PRO A 20 -5.70 12.06 -12.03
C PRO A 20 -4.61 11.09 -12.46
N VAL A 21 -4.40 10.07 -11.62
CA VAL A 21 -3.38 9.05 -11.89
C VAL A 21 -3.96 7.89 -12.69
N ASP A 22 -3.08 7.20 -13.41
CA ASP A 22 -3.48 6.04 -14.18
C ASP A 22 -3.47 4.82 -13.29
N LEU A 23 -4.23 4.91 -12.21
CA LEU A 23 -4.37 3.87 -11.20
C LEU A 23 -4.69 2.50 -11.77
N ASP A 24 -4.79 2.39 -13.08
CA ASP A 24 -5.04 1.12 -13.72
C ASP A 24 -3.73 0.61 -14.29
N ALA A 25 -3.04 1.55 -14.90
CA ALA A 25 -1.74 1.31 -15.51
C ALA A 25 -0.62 1.43 -14.48
N LEU A 26 -0.90 2.18 -13.42
CA LEU A 26 0.05 2.43 -12.34
C LEU A 26 0.28 1.17 -11.53
N VAL A 27 -0.80 0.43 -11.29
CA VAL A 27 -0.73 -0.80 -10.53
C VAL A 27 -0.34 -1.98 -11.40
N HIS A 28 -0.82 -1.97 -12.65
CA HIS A 28 -0.53 -3.04 -13.59
C HIS A 28 0.98 -3.24 -13.73
N ARG A 29 1.68 -2.19 -14.11
CA ARG A 29 3.13 -2.25 -14.28
C ARG A 29 3.83 -2.63 -12.98
N ALA A 30 3.17 -2.38 -11.86
CA ALA A 30 3.75 -2.68 -10.55
C ALA A 30 3.65 -4.16 -10.22
N SER A 31 2.42 -4.67 -10.14
CA SER A 31 2.18 -6.08 -9.84
C SER A 31 3.04 -6.97 -10.72
N SER A 32 3.24 -6.54 -11.96
CA SER A 32 4.04 -7.28 -12.91
C SER A 32 5.49 -7.42 -12.47
N LYS A 33 6.00 -6.39 -11.79
CA LYS A 33 7.36 -6.40 -11.30
C LYS A 33 7.47 -7.08 -9.93
N ASN A 34 6.48 -6.84 -9.08
CA ASN A 34 6.45 -7.41 -7.73
C ASN A 34 6.08 -8.89 -7.75
N LEU A 35 5.38 -9.30 -8.80
CA LEU A 35 4.94 -10.68 -8.91
C LEU A 35 6.12 -11.63 -8.96
N PRO A 36 6.93 -11.58 -10.04
CA PRO A 36 8.09 -12.44 -10.20
C PRO A 36 9.13 -12.21 -9.09
N LEU A 37 9.09 -11.00 -8.55
CA LEU A 37 10.01 -10.59 -7.50
C LEU A 37 9.70 -11.30 -6.18
N GLY A 38 8.45 -11.73 -6.04
CA GLY A 38 8.04 -12.41 -4.84
C GLY A 38 7.39 -11.45 -3.86
N ILE A 39 7.24 -10.22 -4.32
CA ILE A 39 6.64 -9.15 -3.54
C ILE A 39 5.12 -9.19 -3.63
N THR A 40 4.46 -8.97 -2.51
CA THR A 40 3.01 -8.96 -2.46
C THR A 40 2.55 -7.63 -1.89
N GLY A 41 1.31 -7.22 -2.17
CA GLY A 41 0.87 -5.96 -1.62
C GLY A 41 -0.38 -5.39 -2.26
N ILE A 42 -0.64 -4.14 -1.89
CA ILE A 42 -1.78 -3.39 -2.38
C ILE A 42 -1.47 -1.89 -2.34
N LEU A 43 -2.07 -1.14 -3.25
CA LEU A 43 -1.86 0.30 -3.31
C LEU A 43 -3.15 1.05 -3.01
N LEU A 44 -3.02 2.33 -2.68
CA LEU A 44 -4.18 3.16 -2.37
C LEU A 44 -4.01 4.58 -2.89
N PHE A 45 -5.13 5.23 -3.16
CA PHE A 45 -5.14 6.60 -3.63
C PHE A 45 -6.42 7.30 -3.16
N ASN A 46 -6.27 8.50 -2.61
CA ASN A 46 -7.43 9.22 -2.10
C ASN A 46 -7.61 10.53 -2.84
N GLY A 47 -6.79 10.72 -3.87
CA GLY A 47 -6.85 11.94 -4.64
C GLY A 47 -5.71 12.88 -4.35
N LEU A 48 -4.83 12.46 -3.45
CA LEU A 48 -3.69 13.27 -3.08
C LEU A 48 -2.52 12.40 -2.64
N GLN A 49 -2.81 11.33 -1.90
CA GLN A 49 -1.75 10.46 -1.40
C GLN A 49 -1.82 9.04 -1.97
N PHE A 50 -0.70 8.34 -1.83
CA PHE A 50 -0.57 6.95 -2.28
C PHE A 50 -0.08 6.06 -1.15
N PHE A 51 -0.95 5.22 -0.65
CA PHE A 51 -0.58 4.32 0.43
C PHE A 51 -0.25 2.95 -0.15
N GLN A 52 0.81 2.31 0.34
CA GLN A 52 1.19 1.03 -0.23
C GLN A 52 1.62 0.00 0.81
N VAL A 53 0.91 -1.11 0.82
CA VAL A 53 1.26 -2.22 1.69
C VAL A 53 2.15 -3.16 0.89
N LEU A 54 3.44 -3.05 1.09
CA LEU A 54 4.38 -3.88 0.35
C LEU A 54 4.91 -5.04 1.20
N GLU A 55 5.08 -6.19 0.56
CA GLU A 55 5.58 -7.37 1.25
C GLU A 55 6.72 -8.00 0.45
N GLY A 56 7.49 -8.88 1.09
CA GLY A 56 8.59 -9.53 0.42
C GLY A 56 9.89 -9.36 1.19
N THR A 57 10.97 -9.96 0.68
CA THR A 57 12.27 -9.86 1.33
C THR A 57 12.65 -8.41 1.59
N GLU A 58 13.21 -8.17 2.78
CA GLU A 58 13.61 -6.82 3.19
C GLU A 58 14.50 -6.18 2.15
N GLU A 59 15.24 -6.99 1.40
CA GLU A 59 16.15 -6.49 0.37
C GLU A 59 15.37 -5.96 -0.83
N ALA A 60 14.26 -6.62 -1.12
CA ALA A 60 13.41 -6.24 -2.24
C ALA A 60 12.58 -5.01 -1.88
N LEU A 61 12.08 -4.98 -0.64
CA LEU A 61 11.27 -3.86 -0.18
C LEU A 61 12.08 -2.57 -0.16
N GLU A 62 13.28 -2.64 0.38
CA GLU A 62 14.15 -1.47 0.47
C GLU A 62 14.38 -0.85 -0.91
N SER A 63 14.91 -1.65 -1.81
CA SER A 63 15.19 -1.20 -3.18
C SER A 63 13.93 -0.65 -3.87
N LEU A 64 12.86 -1.43 -3.80
CA LEU A 64 11.59 -1.06 -4.41
C LEU A 64 11.13 0.28 -3.87
N PHE A 65 10.85 0.27 -2.58
CA PHE A 65 10.40 1.45 -1.86
C PHE A 65 11.31 2.64 -2.15
N SER A 66 12.60 2.37 -2.35
CA SER A 66 13.55 3.44 -2.64
C SER A 66 13.36 3.91 -4.08
N GLU A 67 12.90 3.00 -4.95
CA GLU A 67 12.66 3.34 -6.33
C GLU A 67 11.44 4.26 -6.38
N ILE A 68 10.57 4.04 -5.41
CA ILE A 68 9.35 4.80 -5.26
C ILE A 68 9.64 6.27 -5.00
N GLN A 69 10.43 6.56 -3.98
CA GLN A 69 10.75 7.95 -3.67
C GLN A 69 11.49 8.62 -4.83
N SER A 70 11.91 7.82 -5.80
CA SER A 70 12.62 8.33 -6.97
C SER A 70 11.65 8.57 -8.13
N ASP A 71 10.37 8.56 -7.82
CA ASP A 71 9.33 8.76 -8.82
C ASP A 71 8.83 10.20 -8.82
N PRO A 72 8.31 10.69 -9.96
CA PRO A 72 7.82 12.07 -10.09
C PRO A 72 6.35 12.23 -9.72
N ARG A 73 5.53 11.20 -9.98
CA ARG A 73 4.10 11.27 -9.67
C ARG A 73 3.88 11.71 -8.22
N HIS A 74 3.99 10.76 -7.28
CA HIS A 74 3.81 11.10 -5.87
C HIS A 74 4.98 11.98 -5.43
N ARG A 75 5.27 12.05 -4.13
CA ARG A 75 6.37 12.89 -3.68
C ARG A 75 6.80 12.63 -2.23
N ASP A 76 5.89 12.85 -1.29
CA ASP A 76 6.21 12.71 0.12
C ASP A 76 6.11 11.28 0.63
N VAL A 77 6.75 10.37 -0.08
CA VAL A 77 6.76 8.97 0.34
C VAL A 77 7.60 8.81 1.60
N VAL A 78 7.02 8.14 2.57
CA VAL A 78 7.69 7.90 3.84
C VAL A 78 7.40 6.48 4.33
N GLU A 79 8.42 5.82 4.84
CA GLU A 79 8.27 4.46 5.35
C GLU A 79 7.34 4.41 6.55
N LEU A 80 6.17 3.82 6.35
CA LEU A 80 5.18 3.68 7.41
C LEU A 80 5.42 2.41 8.19
N MET A 81 5.81 1.36 7.49
CA MET A 81 6.05 0.07 8.12
C MET A 81 7.16 -0.70 7.45
N ARG A 82 7.54 -1.78 8.12
CA ARG A 82 8.57 -2.69 7.65
C ARG A 82 8.87 -3.70 8.74
N ASP A 83 8.17 -4.82 8.68
CA ASP A 83 8.31 -5.88 9.68
C ASP A 83 8.59 -7.23 9.03
N TYR A 84 9.37 -8.05 9.71
CA TYR A 84 9.72 -9.36 9.20
C TYR A 84 8.48 -10.25 9.08
N SER A 85 8.60 -11.28 8.25
CA SER A 85 7.49 -12.22 8.04
C SER A 85 8.01 -13.53 7.49
N ALA A 86 7.09 -14.47 7.28
CA ALA A 86 7.45 -15.79 6.77
C ALA A 86 6.45 -16.32 5.77
N TYR A 87 5.47 -15.50 5.40
CA TYR A 87 4.45 -15.92 4.45
C TYR A 87 3.84 -14.74 3.69
N ARG A 88 3.47 -14.99 2.44
CA ARG A 88 2.86 -13.96 1.60
C ARG A 88 1.35 -13.93 1.77
N ARG A 89 0.84 -12.82 2.31
CA ARG A 89 -0.59 -12.68 2.55
C ARG A 89 -1.35 -12.41 1.24
N PHE A 90 -0.92 -11.40 0.49
CA PHE A 90 -1.58 -11.06 -0.76
C PHE A 90 -1.13 -11.98 -1.90
N HIS A 91 -1.03 -13.28 -1.61
CA HIS A 91 -0.62 -14.25 -2.60
C HIS A 91 -1.56 -14.21 -3.81
N GLY A 92 -0.98 -14.01 -4.99
CA GLY A 92 -1.79 -13.94 -6.20
C GLY A 92 -1.99 -12.52 -6.67
N THR A 93 -1.84 -11.57 -5.75
CA THR A 93 -1.99 -10.15 -6.07
C THR A 93 -0.74 -9.38 -5.66
N GLY A 94 0.24 -9.36 -6.55
CA GLY A 94 1.49 -8.66 -6.28
C GLY A 94 1.28 -7.21 -5.89
N MET A 95 0.30 -6.56 -6.53
CA MET A 95 -0.01 -5.17 -6.25
C MET A 95 -1.38 -4.80 -6.83
N ARG A 96 -2.18 -4.07 -6.04
CA ARG A 96 -3.52 -3.69 -6.48
C ARG A 96 -3.93 -2.36 -5.86
N ILE A 97 -3.92 -1.30 -6.64
CA ILE A 97 -4.29 0.01 -6.15
C ILE A 97 -5.75 0.06 -5.69
N LEU A 98 -6.06 1.05 -4.86
CA LEU A 98 -7.40 1.23 -4.35
C LEU A 98 -7.81 2.69 -4.41
N ASP A 99 -8.45 3.09 -5.51
CA ASP A 99 -8.92 4.46 -5.66
C ASP A 99 -9.96 4.77 -4.60
N LEU A 100 -9.50 5.17 -3.43
CA LEU A 100 -10.40 5.49 -2.33
C LEU A 100 -11.39 6.56 -2.75
N ARG A 101 -11.04 7.30 -3.81
CA ARG A 101 -11.91 8.34 -4.33
C ARG A 101 -13.24 7.73 -4.72
N LEU A 102 -13.24 6.41 -4.87
CA LEU A 102 -14.43 5.66 -5.24
C LEU A 102 -15.17 5.14 -4.00
N PHE A 103 -14.42 4.55 -3.07
CA PHE A 103 -15.03 3.99 -1.86
C PHE A 103 -14.89 4.97 -0.69
N GLU A 104 -14.83 4.41 0.52
CA GLU A 104 -14.71 5.21 1.73
C GLU A 104 -13.87 4.47 2.75
N THR A 105 -14.01 4.83 4.01
CA THR A 105 -13.25 4.18 5.07
C THR A 105 -13.58 2.69 5.14
N ASP A 106 -14.85 2.37 5.36
CA ASP A 106 -15.28 0.98 5.46
C ASP A 106 -15.41 0.38 4.07
N GLY A 107 -15.67 1.23 3.08
CA GLY A 107 -15.80 0.77 1.71
C GLY A 107 -14.49 0.27 1.17
N ALA A 108 -13.48 1.13 1.19
CA ALA A 108 -12.16 0.77 0.71
C ALA A 108 -11.65 -0.45 1.45
N LEU A 109 -11.88 -0.48 2.76
CA LEU A 109 -11.46 -1.60 3.56
C LEU A 109 -12.20 -2.86 3.09
N GLU A 110 -13.46 -2.68 2.71
CA GLU A 110 -14.27 -3.79 2.23
C GLU A 110 -13.68 -4.32 0.94
N GLU A 111 -12.89 -3.48 0.27
CA GLU A 111 -12.22 -3.86 -0.97
C GLU A 111 -11.08 -4.83 -0.65
N ILE A 112 -10.14 -4.38 0.17
CA ILE A 112 -9.02 -5.22 0.57
C ILE A 112 -9.53 -6.60 0.99
N LEU A 113 -10.73 -6.62 1.57
CA LEU A 113 -11.35 -7.85 2.01
C LEU A 113 -12.06 -8.59 0.87
N ARG A 114 -12.65 -7.83 -0.05
CA ARG A 114 -13.34 -8.44 -1.19
C ARG A 114 -12.44 -9.50 -1.81
N PHE A 115 -11.14 -9.17 -1.91
CA PHE A 115 -10.17 -10.14 -2.40
C PHE A 115 -9.45 -10.73 -1.19
N SER A 116 -9.66 -10.07 -0.05
CA SER A 116 -9.13 -10.48 1.25
C SER A 116 -7.63 -10.77 1.22
N THR A 117 -7.27 -12.05 1.31
CA THR A 117 -5.89 -12.50 1.35
C THR A 117 -5.25 -12.10 2.68
N PHE A 118 -6.06 -11.62 3.61
CA PHE A 118 -5.60 -11.22 4.91
C PHE A 118 -5.95 -12.26 5.97
N GLY A 119 -5.75 -13.53 5.62
CA GLY A 119 -6.05 -14.61 6.53
C GLY A 119 -5.02 -14.75 7.64
N VAL A 120 -4.41 -13.63 8.01
CA VAL A 120 -3.39 -13.62 9.06
C VAL A 120 -4.00 -14.01 10.40
N THR A 121 -3.19 -13.92 11.45
CA THR A 121 -3.65 -14.27 12.80
C THR A 121 -4.92 -13.50 13.15
N GLU A 122 -4.83 -12.18 13.11
CA GLU A 122 -5.98 -11.31 13.39
C GLU A 122 -5.71 -9.89 12.91
N PRO A 123 -6.70 -9.26 12.25
CA PRO A 123 -6.57 -7.89 11.73
C PRO A 123 -6.34 -6.88 12.85
N VAL A 124 -6.58 -7.31 14.08
CA VAL A 124 -6.42 -6.45 15.24
C VAL A 124 -4.98 -5.92 15.36
N ASN A 125 -4.09 -6.76 15.88
CA ASN A 125 -2.69 -6.38 16.05
C ASN A 125 -1.91 -6.50 14.75
N ASP A 126 -2.62 -6.52 13.62
CA ASP A 126 -1.97 -6.63 12.32
C ASP A 126 -1.19 -5.35 12.01
N ARG A 127 0.12 -5.43 12.18
CA ARG A 127 1.01 -4.30 11.95
C ARG A 127 0.69 -3.58 10.64
N MET A 128 0.43 -4.35 9.57
CA MET A 128 0.12 -3.77 8.27
C MET A 128 -1.21 -3.02 8.34
N PHE A 129 -2.21 -3.68 8.90
CA PHE A 129 -3.53 -3.09 9.03
C PHE A 129 -3.49 -1.78 9.80
N ARG A 130 -2.48 -1.64 10.64
CA ARG A 130 -2.30 -0.43 11.43
C ARG A 130 -2.23 0.79 10.49
N LEU A 131 -1.47 0.64 9.41
CA LEU A 131 -1.34 1.70 8.44
C LEU A 131 -2.52 1.68 7.46
N LEU A 132 -2.81 0.48 6.95
CA LEU A 132 -3.91 0.28 6.01
C LEU A 132 -5.17 1.00 6.42
N SER A 133 -5.67 0.65 7.60
CA SER A 133 -6.89 1.24 8.11
C SER A 133 -6.70 2.70 8.49
N ALA A 134 -5.46 3.10 8.73
CA ALA A 134 -5.17 4.48 9.08
C ALA A 134 -5.29 5.38 7.85
N PHE A 135 -4.99 4.82 6.68
CA PHE A 135 -5.10 5.57 5.44
C PHE A 135 -6.54 5.57 4.98
N ILE A 136 -7.21 4.45 5.24
CA ILE A 136 -8.60 4.28 4.90
C ILE A 136 -9.46 5.17 5.77
N ALA A 137 -9.00 5.34 7.01
CA ALA A 137 -9.70 6.12 8.01
C ALA A 137 -9.38 7.60 7.91
N ASP A 138 -8.09 7.92 7.94
CA ASP A 138 -7.63 9.31 7.89
C ASP A 138 -7.15 9.72 6.51
N GLY A 139 -6.45 8.82 5.83
CA GLY A 139 -5.93 9.12 4.51
C GLY A 139 -5.36 10.53 4.40
N GLY A 140 -4.75 10.99 5.49
CA GLY A 140 -4.16 12.32 5.51
C GLY A 140 -5.11 13.38 4.95
N ARG A 141 -6.06 13.82 5.79
CA ARG A 141 -7.03 14.81 5.37
C ARG A 141 -7.20 15.89 6.43
N TYR A 142 -6.55 17.03 6.22
CA TYR A 142 -6.61 18.14 7.14
C TYR A 142 -8.07 18.52 7.46
N CYS A 143 -8.31 18.93 8.70
CA CYS A 143 -9.64 19.32 9.13
C CYS A 143 -10.15 20.50 8.31
N LEU A 144 -11.28 20.33 7.66
CA LEU A 144 -11.88 21.38 6.84
C LEU A 144 -12.05 22.68 7.62
N PRO A 145 -11.79 23.83 6.98
CA PRO A 145 -11.92 25.15 7.62
C PRO A 145 -13.37 25.47 7.97
N GLU A 146 -13.55 26.17 9.10
CA GLU A 146 -14.88 26.56 9.56
C GLU A 146 -15.80 25.34 9.66
N PRO A 147 -15.68 24.56 10.76
CA PRO A 147 -16.51 23.37 10.98
C PRO A 147 -17.86 23.72 11.59
N LEU A 148 -18.53 22.71 12.14
CA LEU A 148 -19.84 22.90 12.76
C LEU A 148 -19.75 23.90 13.91
N1 FMN B . 6.68 -0.39 -9.36
C2 FMN B . 6.81 -1.58 -8.68
O2 FMN B . 7.47 -2.50 -9.08
N3 FMN B . 6.13 -1.75 -7.42
C4 FMN B . 5.36 -0.80 -6.83
O4 FMN B . 4.81 -1.03 -5.74
C4A FMN B . 5.21 0.47 -7.55
N5 FMN B . 4.46 1.46 -7.07
C5A FMN B . 4.35 2.64 -7.77
C6 FMN B . 3.53 3.73 -7.23
C7 FMN B . 3.37 4.92 -7.88
C7M FMN B . 2.51 6.06 -7.30
C8 FMN B . 4.06 5.15 -9.18
C8M FMN B . 3.92 6.44 -9.94
C9 FMN B . 4.84 4.11 -9.71
C9A FMN B . 5.02 2.87 -9.05
N10 FMN B . 5.81 1.78 -9.55
C10 FMN B . 5.93 0.59 -8.86
C1' FMN B . 6.52 1.91 -10.83
C2' FMN B . 7.99 2.29 -10.63
O2' FMN B . 8.08 3.28 -9.62
C3' FMN B . 8.75 2.69 -11.89
O3' FMN B . 7.82 3.17 -12.85
C4' FMN B . 9.67 1.64 -12.45
O4' FMN B . 9.11 0.36 -12.71
C5' FMN B . 11.05 1.96 -13.02
O5' FMN B . 11.30 3.37 -12.92
P FMN B . 12.69 4.00 -13.32
O1P FMN B . 12.62 5.48 -13.04
O2P FMN B . 12.98 3.66 -14.75
O3P FMN B . 13.71 3.33 -12.32
HN3 FMN B . 6.21 -2.61 -6.97
H6 FMN B . 2.93 3.53 -6.35
HM71 FMN B . 2.39 5.92 -6.23
HM72 FMN B . 1.52 6.05 -7.76
HM73 FMN B . 2.97 7.01 -7.48
HM81 FMN B . 4.26 7.25 -9.32
HM82 FMN B . 4.52 6.40 -10.83
HM83 FMN B . 2.89 6.59 -10.21
H9 FMN B . 5.36 4.28 -10.64
H1'1 FMN B . 6.04 2.65 -11.45
H1'2 FMN B . 6.48 0.94 -11.34
H2' FMN B . 8.49 1.41 -10.25
HO2' FMN B . 7.98 2.86 -8.75
H3' FMN B . 9.36 3.52 -11.61
HO3' FMN B . 8.23 3.20 -13.71
H4' FMN B . 10.07 1.35 -11.49
HO4' FMN B . 8.51 0.12 -12.00
H5'1 FMN B . 11.09 1.67 -14.05
H5'2 FMN B . 11.80 1.43 -12.45
N GLY A 1 17.45 -20.51 8.16
CA GLY A 1 18.49 -20.11 7.17
C GLY A 1 18.81 -18.63 7.22
N GLU A 2 18.46 -17.92 6.15
CA GLU A 2 18.72 -16.49 6.07
C GLU A 2 17.48 -15.68 6.50
N PHE A 3 17.46 -14.41 6.13
CA PHE A 3 16.36 -13.54 6.47
C PHE A 3 15.05 -14.02 5.84
N MET A 4 13.95 -13.81 6.53
CA MET A 4 12.64 -14.22 6.05
C MET A 4 11.97 -13.07 5.32
N LEU A 5 10.68 -13.23 5.02
CA LEU A 5 9.92 -12.21 4.34
C LEU A 5 9.86 -10.94 5.18
N THR A 6 9.26 -9.91 4.62
CA THR A 6 9.14 -8.63 5.32
C THR A 6 7.99 -7.82 4.73
N THR A 7 7.44 -6.90 5.51
CA THR A 7 6.33 -6.08 5.04
C THR A 7 6.66 -4.59 5.11
N LEU A 8 7.06 -4.03 3.98
CA LEU A 8 7.38 -2.64 3.88
C LEU A 8 6.13 -1.87 3.51
N ILE A 9 5.78 -0.88 4.29
CA ILE A 9 4.58 -0.09 4.00
C ILE A 9 4.92 1.38 4.04
N TYR A 10 4.45 2.13 3.05
CA TYR A 10 4.75 3.55 2.99
C TYR A 10 3.54 4.35 2.50
N ARG A 11 3.65 5.67 2.60
CA ARG A 11 2.58 6.56 2.13
C ARG A 11 3.17 7.84 1.59
N SER A 12 2.69 8.26 0.44
CA SER A 12 3.16 9.47 -0.20
C SER A 12 1.98 10.36 -0.57
N GLN A 13 2.23 11.29 -1.46
CA GLN A 13 1.18 12.18 -1.91
C GLN A 13 0.95 12.01 -3.42
N VAL A 14 0.80 13.13 -4.10
CA VAL A 14 0.56 13.14 -5.54
C VAL A 14 0.65 14.57 -6.08
N HIS A 15 0.19 14.76 -7.31
CA HIS A 15 0.20 16.08 -7.93
C HIS A 15 -1.12 16.80 -7.72
N PRO A 16 -1.24 17.62 -6.65
CA PRO A 16 -2.46 18.38 -6.38
C PRO A 16 -2.80 19.38 -7.47
N ASP A 17 -1.85 19.58 -8.36
CA ASP A 17 -2.02 20.52 -9.47
C ASP A 17 -2.16 19.79 -10.81
N ARG A 18 -1.38 18.74 -11.01
CA ARG A 18 -1.43 17.98 -12.26
C ARG A 18 -2.69 17.10 -12.30
N PRO A 19 -3.01 16.51 -13.48
CA PRO A 19 -4.21 15.68 -13.62
C PRO A 19 -4.15 14.39 -12.80
N PRO A 20 -5.26 13.63 -12.76
CA PRO A 20 -5.33 12.38 -11.98
C PRO A 20 -4.28 11.36 -12.39
N VAL A 21 -4.13 10.32 -11.56
CA VAL A 21 -3.16 9.26 -11.82
C VAL A 21 -3.77 8.12 -12.62
N ASP A 22 -2.94 7.43 -13.38
CA ASP A 22 -3.38 6.29 -14.15
C ASP A 22 -3.33 5.05 -13.29
N LEU A 23 -4.09 5.09 -12.21
CA LEU A 23 -4.18 4.00 -11.23
C LEU A 23 -4.46 2.64 -11.86
N ASP A 24 -4.56 2.59 -13.17
CA ASP A 24 -4.77 1.33 -13.86
C ASP A 24 -3.45 0.90 -14.46
N ALA A 25 -2.79 1.88 -15.03
CA ALA A 25 -1.49 1.71 -15.66
C ALA A 25 -0.37 1.82 -14.63
N LEU A 26 -0.65 2.53 -13.55
CA LEU A 26 0.30 2.77 -12.48
C LEU A 26 0.59 1.48 -11.72
N VAL A 27 -0.47 0.72 -11.48
CA VAL A 27 -0.37 -0.55 -10.77
C VAL A 27 -0.01 -1.69 -11.72
N HIS A 28 -0.37 -1.52 -12.99
CA HIS A 28 -0.09 -2.55 -14.00
C HIS A 28 1.41 -2.80 -14.13
N ARG A 29 2.17 -1.74 -14.41
CA ARG A 29 3.61 -1.86 -14.57
C ARG A 29 4.28 -2.41 -13.31
N ALA A 30 3.66 -2.21 -12.15
CA ALA A 30 4.22 -2.70 -10.90
C ALA A 30 3.96 -4.19 -10.71
N SER A 31 2.70 -4.58 -10.85
CA SER A 31 2.30 -5.97 -10.68
C SER A 31 3.17 -6.91 -11.50
N SER A 32 3.47 -6.53 -12.74
CA SER A 32 4.27 -7.34 -13.62
C SER A 32 5.69 -7.51 -13.10
N LYS A 33 6.18 -6.53 -12.36
CA LYS A 33 7.54 -6.58 -11.81
C LYS A 33 7.61 -7.33 -10.47
N ASN A 34 6.67 -7.02 -9.58
CA ASN A 34 6.63 -7.65 -8.26
C ASN A 34 6.29 -9.13 -8.33
N LEU A 35 5.38 -9.49 -9.23
CA LEU A 35 4.95 -10.87 -9.38
C LEU A 35 6.14 -11.82 -9.49
N PRO A 36 7.01 -11.65 -10.51
CA PRO A 36 8.17 -12.51 -10.71
C PRO A 36 9.21 -12.32 -9.61
N LEU A 37 9.20 -11.14 -9.01
CA LEU A 37 10.14 -10.80 -7.95
C LEU A 37 9.76 -11.51 -6.65
N GLY A 38 8.50 -11.90 -6.57
CA GLY A 38 8.01 -12.58 -5.38
C GLY A 38 7.36 -11.61 -4.42
N ILE A 39 7.24 -10.36 -4.85
CA ILE A 39 6.64 -9.32 -4.04
C ILE A 39 5.13 -9.26 -4.25
N THR A 40 4.42 -8.88 -3.21
CA THR A 40 2.97 -8.77 -3.27
C THR A 40 2.49 -7.61 -2.43
N GLY A 41 1.33 -7.04 -2.76
CA GLY A 41 0.84 -5.94 -1.99
C GLY A 41 -0.36 -5.25 -2.60
N ILE A 42 -0.58 -4.02 -2.16
CA ILE A 42 -1.71 -3.22 -2.62
C ILE A 42 -1.40 -1.74 -2.52
N LEU A 43 -2.07 -0.94 -3.33
CA LEU A 43 -1.88 0.50 -3.33
C LEU A 43 -3.17 1.20 -2.98
N LEU A 44 -3.07 2.47 -2.65
CA LEU A 44 -4.22 3.27 -2.29
C LEU A 44 -4.10 4.68 -2.82
N PHE A 45 -5.25 5.30 -3.08
CA PHE A 45 -5.29 6.67 -3.58
C PHE A 45 -6.57 7.32 -3.08
N ASN A 46 -6.44 8.52 -2.53
CA ASN A 46 -7.59 9.23 -2.00
C ASN A 46 -7.76 10.56 -2.70
N GLY A 47 -6.96 10.76 -3.75
CA GLY A 47 -7.03 11.99 -4.50
C GLY A 47 -5.89 12.94 -4.16
N LEU A 48 -5.03 12.50 -3.24
CA LEU A 48 -3.91 13.33 -2.83
C LEU A 48 -2.72 12.47 -2.38
N GLN A 49 -3.00 11.32 -1.79
CA GLN A 49 -1.93 10.46 -1.29
C GLN A 49 -1.95 9.06 -1.90
N PHE A 50 -0.87 8.31 -1.64
CA PHE A 50 -0.70 6.93 -2.11
C PHE A 50 -0.19 6.06 -0.98
N PHE A 51 -1.02 5.12 -0.52
CA PHE A 51 -0.63 4.21 0.54
C PHE A 51 -0.34 2.84 -0.04
N GLN A 52 0.82 2.27 0.27
CA GLN A 52 1.16 0.97 -0.30
C GLN A 52 1.60 -0.03 0.74
N VAL A 53 1.00 -1.20 0.64
CA VAL A 53 1.34 -2.32 1.50
C VAL A 53 2.23 -3.26 0.71
N LEU A 54 3.50 -3.30 1.06
CA LEU A 54 4.44 -4.15 0.34
C LEU A 54 4.82 -5.39 1.13
N GLU A 55 4.87 -6.51 0.44
CA GLU A 55 5.22 -7.78 1.04
C GLU A 55 6.34 -8.45 0.26
N GLY A 56 7.39 -8.86 0.96
CA GLY A 56 8.51 -9.50 0.31
C GLY A 56 9.78 -9.40 1.12
N THR A 57 10.84 -10.04 0.64
CA THR A 57 12.12 -10.01 1.33
C THR A 57 12.58 -8.57 1.57
N GLU A 58 13.15 -8.34 2.74
CA GLU A 58 13.65 -7.02 3.11
C GLU A 58 14.55 -6.43 2.03
N GLU A 59 15.22 -7.29 1.29
CA GLU A 59 16.12 -6.85 0.23
C GLU A 59 15.33 -6.25 -0.93
N ALA A 60 14.19 -6.83 -1.21
CA ALA A 60 13.32 -6.36 -2.28
C ALA A 60 12.57 -5.11 -1.87
N LEU A 61 12.12 -5.08 -0.62
CA LEU A 61 11.38 -3.93 -0.10
C LEU A 61 12.24 -2.68 -0.08
N GLU A 62 13.49 -2.82 0.37
CA GLU A 62 14.41 -1.70 0.44
C GLU A 62 14.57 -1.05 -0.93
N SER A 63 15.01 -1.84 -1.89
CA SER A 63 15.22 -1.38 -3.25
C SER A 63 13.94 -0.84 -3.88
N LEU A 64 12.86 -1.60 -3.75
CA LEU A 64 11.57 -1.23 -4.33
C LEU A 64 11.13 0.10 -3.77
N PHE A 65 10.99 0.12 -2.46
CA PHE A 65 10.59 1.31 -1.75
C PHE A 65 11.48 2.50 -2.12
N SER A 66 12.75 2.20 -2.39
CA SER A 66 13.69 3.23 -2.77
C SER A 66 13.44 3.68 -4.21
N GLU A 67 12.83 2.81 -4.99
CA GLU A 67 12.51 3.12 -6.37
C GLU A 67 11.30 4.04 -6.39
N ILE A 68 10.47 3.86 -5.37
CA ILE A 68 9.26 4.62 -5.19
C ILE A 68 9.57 6.08 -4.93
N GLN A 69 10.39 6.36 -3.92
CA GLN A 69 10.71 7.75 -3.59
C GLN A 69 11.44 8.43 -4.75
N SER A 70 11.85 7.64 -5.74
CA SER A 70 12.55 8.18 -6.90
C SER A 70 11.56 8.46 -8.03
N ASP A 71 10.27 8.46 -7.69
CA ASP A 71 9.22 8.69 -8.67
C ASP A 71 8.78 10.16 -8.64
N PRO A 72 8.44 10.74 -9.81
CA PRO A 72 8.02 12.14 -9.92
C PRO A 72 6.52 12.33 -9.66
N ARG A 73 5.74 11.26 -9.78
CA ARG A 73 4.29 11.35 -9.56
C ARG A 73 3.99 11.82 -8.14
N HIS A 74 4.03 10.90 -7.17
CA HIS A 74 3.78 11.27 -5.77
C HIS A 74 4.90 12.17 -5.28
N ARG A 75 5.13 12.21 -3.96
CA ARG A 75 6.19 13.07 -3.44
C ARG A 75 6.59 12.75 -2.00
N ASP A 76 5.64 12.84 -1.09
CA ASP A 76 5.91 12.63 0.33
C ASP A 76 5.88 11.16 0.77
N VAL A 77 6.49 10.29 0.00
CA VAL A 77 6.54 8.88 0.35
C VAL A 77 7.46 8.68 1.54
N VAL A 78 6.89 8.17 2.63
CA VAL A 78 7.65 7.93 3.84
C VAL A 78 7.39 6.53 4.35
N GLU A 79 8.46 5.86 4.79
CA GLU A 79 8.33 4.50 5.29
C GLU A 79 7.44 4.46 6.51
N LEU A 80 6.28 3.85 6.34
CA LEU A 80 5.31 3.73 7.41
C LEU A 80 5.65 2.53 8.29
N MET A 81 6.07 1.46 7.63
CA MET A 81 6.40 0.23 8.31
C MET A 81 7.44 -0.60 7.59
N ARG A 82 7.85 -1.65 8.28
CA ARG A 82 8.82 -2.59 7.78
C ARG A 82 9.11 -3.63 8.84
N ASP A 83 8.31 -4.67 8.81
CA ASP A 83 8.41 -5.75 9.80
C ASP A 83 8.67 -7.09 9.14
N TYR A 84 9.42 -7.94 9.83
CA TYR A 84 9.74 -9.27 9.33
C TYR A 84 8.49 -10.15 9.31
N SER A 85 8.33 -10.91 8.23
CA SER A 85 7.19 -11.81 8.08
C SER A 85 7.64 -13.19 7.66
N ALA A 86 6.71 -14.14 7.75
CA ALA A 86 7.01 -15.52 7.39
C ALA A 86 5.99 -16.06 6.40
N TYR A 87 5.07 -15.20 5.97
CA TYR A 87 4.04 -15.60 5.03
C TYR A 87 3.50 -14.39 4.27
N ARG A 88 3.02 -14.65 3.05
CA ARG A 88 2.47 -13.60 2.19
C ARG A 88 0.96 -13.48 2.36
N ARG A 89 0.51 -12.31 2.79
CA ARG A 89 -0.92 -12.06 2.97
C ARG A 89 -1.61 -11.98 1.62
N PHE A 90 -0.93 -11.38 0.65
CA PHE A 90 -1.46 -11.25 -0.70
C PHE A 90 -0.80 -12.29 -1.61
N HIS A 91 -1.61 -13.16 -2.22
CA HIS A 91 -1.08 -14.20 -3.09
C HIS A 91 -1.36 -13.89 -4.55
N GLY A 92 -2.61 -14.04 -4.97
CA GLY A 92 -2.98 -13.78 -6.34
C GLY A 92 -3.15 -12.30 -6.63
N THR A 93 -2.25 -11.49 -6.09
CA THR A 93 -2.31 -10.05 -6.30
C THR A 93 -0.95 -9.40 -6.06
N GLY A 94 -0.13 -9.34 -7.10
CA GLY A 94 1.19 -8.74 -6.98
C GLY A 94 1.11 -7.26 -6.65
N MET A 95 0.21 -6.56 -7.34
CA MET A 95 0.02 -5.12 -7.13
C MET A 95 -1.42 -4.76 -7.49
N ARG A 96 -2.08 -4.00 -6.61
CA ARG A 96 -3.47 -3.60 -6.88
C ARG A 96 -3.82 -2.31 -6.15
N ILE A 97 -3.88 -1.22 -6.90
CA ILE A 97 -4.23 0.06 -6.34
C ILE A 97 -5.66 0.09 -5.83
N LEU A 98 -5.95 1.02 -4.94
CA LEU A 98 -7.28 1.17 -4.38
C LEU A 98 -7.77 2.59 -4.51
N ASP A 99 -8.39 2.89 -5.64
CA ASP A 99 -8.94 4.20 -5.89
C ASP A 99 -10.01 4.53 -4.85
N LEU A 100 -9.57 5.01 -3.69
CA LEU A 100 -10.47 5.34 -2.61
C LEU A 100 -11.51 6.37 -3.06
N ARG A 101 -11.18 7.14 -4.09
CA ARG A 101 -12.08 8.14 -4.61
C ARG A 101 -13.40 7.48 -4.97
N LEU A 102 -13.38 6.16 -5.06
CA LEU A 102 -14.56 5.38 -5.39
C LEU A 102 -15.22 4.82 -4.14
N PHE A 103 -14.42 4.30 -3.21
CA PHE A 103 -14.97 3.72 -1.99
C PHE A 103 -14.89 4.73 -0.83
N GLU A 104 -14.83 4.19 0.39
CA GLU A 104 -14.76 5.00 1.58
C GLU A 104 -13.94 4.29 2.64
N THR A 105 -14.12 4.68 3.88
CA THR A 105 -13.40 4.05 4.98
C THR A 105 -13.74 2.56 5.06
N ASP A 106 -15.02 2.26 5.22
CA ASP A 106 -15.47 0.88 5.31
C ASP A 106 -15.58 0.25 3.93
N GLY A 107 -15.74 1.09 2.92
CA GLY A 107 -15.85 0.61 1.56
C GLY A 107 -14.53 0.12 1.02
N ALA A 108 -13.50 0.94 1.19
CA ALA A 108 -12.15 0.60 0.74
C ALA A 108 -11.60 -0.58 1.51
N LEU A 109 -11.63 -0.50 2.83
CA LEU A 109 -11.15 -1.58 3.67
C LEU A 109 -11.77 -2.89 3.21
N GLU A 110 -13.07 -2.82 2.95
CA GLU A 110 -13.82 -3.99 2.47
C GLU A 110 -13.21 -4.51 1.17
N GLU A 111 -12.78 -3.59 0.31
CA GLU A 111 -12.16 -3.96 -0.96
C GLU A 111 -11.03 -4.94 -0.71
N ILE A 112 -10.06 -4.51 0.09
CA ILE A 112 -8.92 -5.35 0.43
C ILE A 112 -9.38 -6.75 0.81
N LEU A 113 -10.25 -6.82 1.81
CA LEU A 113 -10.78 -8.08 2.29
C LEU A 113 -11.36 -8.92 1.15
N ARG A 114 -12.03 -8.24 0.23
CA ARG A 114 -12.65 -8.90 -0.91
C ARG A 114 -11.64 -9.61 -1.82
N PHE A 115 -10.44 -9.07 -1.95
CA PHE A 115 -9.44 -9.68 -2.81
C PHE A 115 -8.17 -10.01 -2.04
N SER A 116 -8.33 -10.25 -0.75
CA SER A 116 -7.21 -10.57 0.11
C SER A 116 -7.50 -11.80 0.93
N THR A 117 -6.48 -12.27 1.64
CA THR A 117 -6.63 -13.45 2.48
C THR A 117 -5.95 -13.21 3.84
N PHE A 118 -6.46 -12.22 4.53
CA PHE A 118 -5.97 -11.83 5.83
C PHE A 118 -6.44 -12.79 6.93
N GLY A 119 -6.30 -14.08 6.66
CA GLY A 119 -6.72 -15.09 7.62
C GLY A 119 -5.84 -15.14 8.85
N VAL A 120 -5.10 -14.06 9.10
CA VAL A 120 -4.23 -13.98 10.26
C VAL A 120 -5.02 -14.15 11.56
N THR A 121 -4.31 -14.12 12.68
CA THR A 121 -4.95 -14.26 13.97
C THR A 121 -5.94 -13.13 14.21
N GLU A 122 -5.44 -11.91 14.10
CA GLU A 122 -6.27 -10.72 14.27
C GLU A 122 -5.58 -9.50 13.67
N PRO A 123 -6.24 -8.81 12.70
CA PRO A 123 -5.67 -7.63 12.06
C PRO A 123 -5.42 -6.49 13.03
N VAL A 124 -5.84 -6.69 14.27
CA VAL A 124 -5.68 -5.69 15.32
C VAL A 124 -4.21 -5.25 15.45
N ASN A 125 -3.39 -6.11 16.04
CA ASN A 125 -1.98 -5.80 16.25
C ASN A 125 -1.20 -5.85 14.95
N ASP A 126 -1.88 -6.21 13.86
CA ASP A 126 -1.24 -6.30 12.55
C ASP A 126 -0.67 -4.93 12.14
N ARG A 127 0.65 -4.80 12.25
CA ARG A 127 1.34 -3.55 11.90
C ARG A 127 0.90 -3.01 10.55
N MET A 128 0.57 -3.91 9.62
CA MET A 128 0.15 -3.50 8.29
C MET A 128 -1.25 -2.92 8.32
N PHE A 129 -2.15 -3.59 9.02
CA PHE A 129 -3.54 -3.13 9.11
C PHE A 129 -3.62 -1.81 9.86
N ARG A 130 -2.70 -1.58 10.78
CA ARG A 130 -2.67 -0.33 11.54
C ARG A 130 -2.60 0.85 10.60
N LEU A 131 -1.76 0.72 9.58
CA LEU A 131 -1.57 1.74 8.57
C LEU A 131 -2.68 1.68 7.54
N LEU A 132 -2.89 0.48 7.02
CA LEU A 132 -3.92 0.23 6.01
C LEU A 132 -5.24 0.92 6.38
N SER A 133 -5.76 0.60 7.56
CA SER A 133 -7.01 1.19 8.03
C SER A 133 -6.82 2.65 8.39
N ALA A 134 -5.59 3.06 8.64
CA ALA A 134 -5.30 4.45 8.98
C ALA A 134 -5.42 5.35 7.76
N PHE A 135 -5.16 4.79 6.58
CA PHE A 135 -5.27 5.55 5.34
C PHE A 135 -6.71 5.52 4.87
N ILE A 136 -7.37 4.40 5.17
CA ILE A 136 -8.76 4.21 4.83
C ILE A 136 -9.62 5.09 5.72
N ALA A 137 -9.15 5.25 6.95
CA ALA A 137 -9.85 6.04 7.96
C ALA A 137 -9.47 7.51 7.93
N ASP A 138 -8.18 7.79 8.07
CA ASP A 138 -7.67 9.15 8.11
C ASP A 138 -7.08 9.61 6.77
N GLY A 139 -6.70 8.66 5.93
CA GLY A 139 -6.12 9.01 4.65
C GLY A 139 -7.10 9.73 3.74
N GLY A 140 -8.31 9.97 4.23
CA GLY A 140 -9.32 10.64 3.44
C GLY A 140 -9.03 12.12 3.23
N ARG A 141 -8.52 12.76 4.29
CA ARG A 141 -8.20 14.18 4.25
C ARG A 141 -9.38 15.02 3.78
N TYR A 142 -10.06 15.64 4.72
CA TYR A 142 -11.22 16.47 4.42
C TYR A 142 -10.85 17.93 4.23
N CYS A 143 -11.83 18.72 3.79
CA CYS A 143 -11.62 20.15 3.55
C CYS A 143 -12.94 20.88 3.36
N LEU A 144 -14.04 20.14 3.37
CA LEU A 144 -15.36 20.75 3.20
C LEU A 144 -16.43 20.10 4.09
N PRO A 145 -16.69 18.78 3.97
CA PRO A 145 -17.69 18.11 4.79
C PRO A 145 -17.24 17.92 6.23
N GLU A 146 -18.13 18.24 7.18
CA GLU A 146 -17.81 18.11 8.60
C GLU A 146 -18.46 16.84 9.17
N PRO A 147 -17.67 15.98 9.83
CA PRO A 147 -18.18 14.74 10.43
C PRO A 147 -18.92 14.98 11.74
N LEU A 148 -18.78 16.19 12.28
CA LEU A 148 -19.44 16.54 13.53
C LEU A 148 -20.95 16.61 13.34
N1 FMN B . 6.81 -0.17 -9.30
C2 FMN B . 7.01 -1.38 -8.69
O2 FMN B . 7.68 -2.25 -9.13
N3 FMN B . 6.34 -1.64 -7.43
C4 FMN B . 5.53 -0.75 -6.80
O4 FMN B . 5.00 -1.06 -5.72
C4A FMN B . 5.32 0.55 -7.45
N5 FMN B . 4.54 1.47 -6.91
C5A FMN B . 4.37 2.67 -7.56
C6 FMN B . 3.51 3.71 -6.96
C7 FMN B . 3.30 4.92 -7.55
C7M FMN B . 2.39 5.99 -6.91
C8 FMN B . 3.95 5.23 -8.84
C8M FMN B . 3.76 6.55 -9.53
C9 FMN B . 4.78 4.26 -9.42
C9A FMN B . 5.01 3.00 -8.84
N10 FMN B . 5.84 1.98 -9.39
C10 FMN B . 6.04 0.75 -8.76
C1' FMN B . 6.55 2.19 -10.67
C2' FMN B . 5.64 1.88 -11.87
O2' FMN B . 5.23 0.52 -11.78
C3' FMN B . 6.22 2.22 -13.22
O3' FMN B . 7.61 1.90 -13.24
C4' FMN B . 5.93 3.62 -13.72
O4' FMN B . 6.12 4.66 -12.77
C5' FMN B . 5.76 3.98 -15.18
O5' FMN B . 5.91 2.81 -16.00
P FMN B . 6.85 2.80 -17.27
O1P FMN B . 8.26 3.02 -16.79
O2P FMN B . 6.36 3.83 -18.24
O3P FMN B . 6.71 1.33 -17.82
HN3 FMN B . 6.37 -2.55 -7.07
H6 FMN B . 2.89 3.42 -6.12
HM71 FMN B . 2.25 5.76 -5.86
HM72 FMN B . 1.42 5.98 -7.41
HM73 FMN B . 2.84 6.96 -7.01
HM81 FMN B . 4.51 6.66 -10.30
HM82 FMN B . 2.78 6.57 -9.99
HM83 FMN B . 3.85 7.34 -8.82
H9 FMN B . 5.29 4.50 -10.35
H1'1 FMN B . 7.42 1.55 -10.71
H1'2 FMN B . 6.86 3.22 -10.73
H2' FMN B . 4.75 2.47 -11.75
HO2' FMN B . 4.36 0.41 -12.17
H3' FMN B . 5.75 1.54 -13.94
HO3' FMN B . 8.10 2.66 -13.55
H4' FMN B . 4.87 3.54 -13.55
HO4' FMN B . 6.66 5.36 -13.16
H5'1 FMN B . 6.51 4.70 -15.46
H5'2 FMN B . 4.77 4.39 -15.33
#